data_4H73
#
_entry.id   4H73
#
_cell.length_a   164.210
_cell.length_b   183.770
_cell.length_c   206.470
_cell.angle_alpha   90.00
_cell.angle_beta   90.00
_cell.angle_gamma   90.00
#
_symmetry.space_group_name_H-M   'P 2 21 21'
#
loop_
_entity.id
_entity.type
_entity.pdbx_description
1 polymer 'Aldehyde dehydrogenase'
2 non-polymer 'NADPH DIHYDRO-NICOTINAMIDE-ADENINE-DINUCLEOTIDE PHOSPHATE'
3 non-polymer 'NICKEL (II) ION'
4 water water
#
_entity_poly.entity_id   1
_entity_poly.type   'polypeptide(L)'
_entity_poly.pdbx_seq_one_letter_code
;MIDLNIMKVANYINGEFKEPSTGAFQVKTSPVDGSKIAEVPRSGREDAREAIDSAFEALKAWANIPAIRRAEYLYKMLEV
FRQMKEDFMKILTVEGGGTYRKVWGEVVFTERLIQNAAELARHYQGRVLQSDSESTISVVFKRSKGVVGVITPWNYPLSI
SMKKIAHTLAVGNTVVYKPASDTPVTGWLIAQMVAKAGLPKGVFNLVIGPGPVVGEEIVTHKRVAHVTFTGESSTGREIA
AKAAGTLKTVTLELGGSDPLIILDDVDVDYAARLAVFASLFHQGQICTSAKRIIVHKAVADKFIERYVHYVKMLRIDDPR
KDEKVDLGPLINERQVALMKEFVDDAVSRGGRLLIGGRSWGNFFEPAIFVDVDRNFRIMREEVFGPVRPIVVVENDDQAV
EVANDTDYGLSGAVLTNNVNRAFRIAEAVESGMFHINDVTFLEESHVPFGGIKASGVGREGGEWSFHETTYDRWVTVTLR
TRRFPIPSALK
;
_entity_poly.pdbx_strand_id   A,B,C,D,E,F,G,H
#
loop_
_chem_comp.id
_chem_comp.type
_chem_comp.name
_chem_comp.formula
NDP non-polymer 'NADPH DIHYDRO-NICOTINAMIDE-ADENINE-DINUCLEOTIDE PHOSPHATE' 'C21 H30 N7 O17 P3'
NI non-polymer 'NICKEL (II) ION' 'Ni 2'
#
# COMPACT_ATOMS: atom_id res chain seq x y z
N VAL A 9 -21.59 2.72 -18.39
CA VAL A 9 -20.33 2.30 -17.78
C VAL A 9 -20.41 0.85 -17.30
N ALA A 10 -20.52 -0.07 -18.24
CA ALA A 10 -20.23 -1.46 -17.93
C ALA A 10 -21.13 -2.20 -16.92
N ASN A 11 -22.22 -2.78 -17.42
CA ASN A 11 -22.79 -3.94 -16.74
C ASN A 11 -21.67 -4.98 -16.56
N TYR A 12 -21.76 -5.80 -15.51
CA TYR A 12 -20.82 -6.91 -15.35
C TYR A 12 -21.57 -8.24 -15.44
N ILE A 13 -21.27 -9.01 -16.48
CA ILE A 13 -22.00 -10.25 -16.72
C ILE A 13 -21.06 -11.36 -17.14
N ASN A 14 -21.20 -12.51 -16.48
CA ASN A 14 -20.41 -13.68 -16.78
C ASN A 14 -18.93 -13.34 -16.92
N GLY A 15 -18.41 -12.60 -15.95
CA GLY A 15 -16.99 -12.45 -15.81
C GLY A 15 -16.40 -11.31 -16.60
N GLU A 16 -17.20 -10.74 -17.49
CA GLU A 16 -16.73 -9.61 -18.28
C GLU A 16 -17.59 -8.35 -18.09
N PHE A 17 -16.94 -7.19 -18.13
CA PHE A 17 -17.64 -5.90 -18.20
C PHE A 17 -18.07 -5.67 -19.63
N LYS A 18 -19.30 -5.21 -19.82
CA LYS A 18 -19.83 -5.00 -21.16
C LYS A 18 -20.98 -4.02 -21.21
N GLU A 19 -21.25 -3.54 -22.42
CA GLU A 19 -22.38 -2.68 -22.76
C GLU A 19 -23.69 -3.42 -22.55
N PRO A 20 -24.77 -2.67 -22.35
CA PRO A 20 -26.09 -3.30 -22.44
C PRO A 20 -26.37 -3.66 -23.90
N SER A 21 -27.22 -4.66 -24.12
CA SER A 21 -27.50 -5.13 -25.47
C SER A 21 -28.27 -4.07 -26.25
N THR A 22 -28.96 -3.18 -25.56
CA THR A 22 -29.69 -2.10 -26.21
C THR A 22 -28.71 -1.03 -26.66
N GLY A 23 -27.57 -0.97 -25.99
CA GLY A 23 -26.63 0.11 -26.20
C GLY A 23 -27.07 1.40 -25.53
N ALA A 24 -28.33 1.44 -25.06
CA ALA A 24 -28.86 2.65 -24.45
C ALA A 24 -28.11 3.00 -23.17
N PHE A 25 -27.55 4.21 -23.15
CA PHE A 25 -26.89 4.73 -21.95
C PHE A 25 -27.76 5.83 -21.35
N GLN A 26 -27.28 6.40 -20.24
CA GLN A 26 -28.03 7.38 -19.47
C GLN A 26 -27.03 8.24 -18.70
N VAL A 27 -27.33 9.51 -18.50
CA VAL A 27 -26.41 10.35 -17.76
C VAL A 27 -26.82 10.36 -16.30
N LYS A 28 -25.88 10.16 -15.41
CA LYS A 28 -26.17 10.26 -13.98
C LYS A 28 -25.45 11.47 -13.41
N THR A 29 -26.14 12.20 -12.55
CA THR A 29 -25.63 13.47 -12.07
C THR A 29 -25.58 13.54 -10.54
N SER A 30 -24.59 14.25 -10.03
CA SER A 30 -24.44 14.49 -8.60
C SER A 30 -25.67 15.20 -8.02
N PRO A 31 -26.20 14.68 -6.91
CA PRO A 31 -27.25 15.44 -6.20
C PRO A 31 -26.67 16.70 -5.57
N VAL A 32 -25.36 16.76 -5.41
CA VAL A 32 -24.75 17.89 -4.70
C VAL A 32 -24.75 19.20 -5.50
N ASP A 33 -23.96 19.27 -6.58
CA ASP A 33 -24.02 20.40 -7.50
C ASP A 33 -24.72 20.13 -8.83
N GLY A 34 -25.20 18.93 -9.05
CA GLY A 34 -25.86 18.62 -10.32
C GLY A 34 -24.91 18.32 -11.47
N SER A 35 -23.63 18.27 -11.19
CA SER A 35 -22.64 17.98 -12.24
C SER A 35 -22.76 16.56 -12.79
N LYS A 36 -22.26 16.35 -14.00
CA LYS A 36 -22.21 15.02 -14.61
C LYS A 36 -21.24 14.12 -13.86
N ILE A 37 -21.69 12.92 -13.53
CA ILE A 37 -20.83 11.97 -12.85
C ILE A 37 -20.36 10.85 -13.79
N ALA A 38 -21.30 10.09 -14.33
CA ALA A 38 -20.96 9.09 -15.35
C ALA A 38 -22.14 8.78 -16.29
N GLU A 39 -21.82 8.23 -17.46
CA GLU A 39 -22.84 7.64 -18.30
C GLU A 39 -22.94 6.18 -17.86
N VAL A 40 -24.16 5.66 -17.75
CA VAL A 40 -24.38 4.35 -17.19
C VAL A 40 -25.40 3.62 -18.06
N PRO A 41 -25.35 2.29 -18.09
CA PRO A 41 -26.30 1.54 -18.94
C PRO A 41 -27.76 1.82 -18.64
N ARG A 42 -28.61 1.82 -19.66
CA ARG A 42 -30.02 1.59 -19.42
C ARG A 42 -30.30 0.21 -19.99
N SER A 43 -30.32 -0.78 -19.09
CA SER A 43 -30.39 -2.17 -19.50
C SER A 43 -31.83 -2.63 -19.76
N GLY A 44 -31.98 -3.62 -20.62
CA GLY A 44 -33.30 -4.18 -20.90
C GLY A 44 -33.50 -5.58 -20.35
N ARG A 45 -34.59 -6.23 -20.75
CA ARG A 45 -34.90 -7.58 -20.28
C ARG A 45 -33.78 -8.52 -20.66
N GLU A 46 -33.25 -8.37 -21.87
CA GLU A 46 -32.25 -9.30 -22.38
C GLU A 46 -30.98 -9.29 -21.53
N ASP A 47 -30.55 -8.09 -21.12
CA ASP A 47 -29.39 -7.94 -20.26
C ASP A 47 -29.57 -8.74 -18.96
N ALA A 48 -30.73 -8.55 -18.33
CA ALA A 48 -31.05 -9.27 -17.11
C ALA A 48 -31.04 -10.79 -17.35
N ARG A 49 -31.72 -11.23 -18.40
CA ARG A 49 -31.81 -12.65 -18.74
C ARG A 49 -30.42 -13.24 -18.93
N GLU A 50 -29.52 -12.47 -19.53
CA GLU A 50 -28.18 -12.95 -19.76
C GLU A 50 -27.44 -13.08 -18.42
N ALA A 51 -27.60 -12.09 -17.55
CA ALA A 51 -26.96 -12.15 -16.24
C ALA A 51 -27.48 -13.36 -15.46
N ILE A 52 -28.77 -13.61 -15.61
CA ILE A 52 -29.46 -14.69 -14.91
C ILE A 52 -29.02 -16.07 -15.39
N ASP A 53 -28.99 -16.25 -16.70
CA ASP A 53 -28.53 -17.51 -17.27
C ASP A 53 -27.06 -17.77 -16.91
N SER A 54 -26.27 -16.70 -16.84
CA SER A 54 -24.86 -16.84 -16.47
C SER A 54 -24.72 -17.31 -15.02
N ALA A 55 -25.49 -16.67 -14.14
CA ALA A 55 -25.58 -17.02 -12.73
C ALA A 55 -25.99 -18.47 -12.56
N PHE A 56 -26.99 -18.87 -13.33
CA PHE A 56 -27.56 -20.20 -13.29
C PHE A 56 -26.57 -21.26 -13.71
N GLU A 57 -25.83 -20.97 -14.78
CA GLU A 57 -24.78 -21.88 -15.23
C GLU A 57 -23.64 -21.99 -14.21
N ALA A 58 -23.23 -20.87 -13.64
CA ALA A 58 -22.16 -20.86 -12.65
C ALA A 58 -22.58 -21.55 -11.35
N LEU A 59 -23.88 -21.70 -11.19
CA LEU A 59 -24.45 -22.17 -9.92
C LEU A 59 -23.88 -23.49 -9.38
N LYS A 60 -23.92 -24.54 -10.19
CA LYS A 60 -23.52 -25.86 -9.68
C LYS A 60 -22.05 -25.90 -9.24
N ALA A 61 -21.20 -25.26 -10.02
CA ALA A 61 -19.79 -25.16 -9.71
C ALA A 61 -19.59 -24.39 -8.40
N TRP A 62 -20.25 -23.25 -8.27
CA TRP A 62 -20.08 -22.39 -7.09
C TRP A 62 -20.62 -23.02 -5.79
N ALA A 63 -21.80 -23.63 -5.89
CA ALA A 63 -22.45 -24.25 -4.75
C ALA A 63 -21.69 -25.47 -4.29
N ASN A 64 -21.20 -26.26 -5.24
CA ASN A 64 -20.63 -27.57 -4.91
C ASN A 64 -19.26 -27.55 -4.27
N ILE A 65 -18.47 -26.51 -4.51
CA ILE A 65 -17.15 -26.47 -3.91
C ILE A 65 -17.26 -26.35 -2.40
N PRO A 66 -16.22 -26.77 -1.67
CA PRO A 66 -16.25 -26.59 -0.21
C PRO A 66 -16.38 -25.11 0.18
N ALA A 67 -16.99 -24.86 1.33
CA ALA A 67 -17.27 -23.52 1.81
C ALA A 67 -15.99 -22.72 2.00
N ILE A 68 -14.91 -23.41 2.35
CA ILE A 68 -13.64 -22.76 2.60
C ILE A 68 -13.16 -22.03 1.34
N ARG A 69 -13.43 -22.61 0.16
CA ARG A 69 -13.03 -21.97 -1.10
C ARG A 69 -13.81 -20.67 -1.38
N ARG A 70 -15.10 -20.68 -1.08
CA ARG A 70 -15.91 -19.47 -1.18
C ARG A 70 -15.42 -18.44 -0.16
N ALA A 71 -15.09 -18.90 1.04
CA ALA A 71 -14.59 -18.02 2.09
C ALA A 71 -13.31 -17.35 1.62
N GLU A 72 -12.46 -18.13 0.97
CA GLU A 72 -11.24 -17.61 0.37
C GLU A 72 -11.56 -16.51 -0.61
N TYR A 73 -12.56 -16.76 -1.45
CA TYR A 73 -12.97 -15.76 -2.43
C TYR A 73 -13.44 -14.46 -1.76
N LEU A 74 -14.15 -14.60 -0.63
CA LEU A 74 -14.62 -13.44 0.10
C LEU A 74 -13.50 -12.70 0.79
N TYR A 75 -12.48 -13.43 1.24
CA TYR A 75 -11.32 -12.80 1.86
C TYR A 75 -10.53 -11.99 0.82
N LYS A 76 -10.48 -12.50 -0.40
CA LYS A 76 -9.93 -11.75 -1.53
C LYS A 76 -10.76 -10.48 -1.77
N MET A 77 -12.08 -10.62 -1.78
CA MET A 77 -12.96 -9.44 -1.89
C MET A 77 -12.67 -8.44 -0.78
N LEU A 78 -12.40 -8.94 0.42
CA LEU A 78 -12.11 -8.10 1.56
C LEU A 78 -10.85 -7.27 1.26
N GLU A 79 -9.79 -7.98 0.87
CA GLU A 79 -8.50 -7.36 0.57
C GLU A 79 -8.65 -6.27 -0.49
N VAL A 80 -9.41 -6.59 -1.54
CA VAL A 80 -9.65 -5.63 -2.61
C VAL A 80 -10.44 -4.42 -2.10
N PHE A 81 -11.48 -4.66 -1.32
CA PHE A 81 -12.30 -3.60 -0.77
C PHE A 81 -11.43 -2.64 0.01
N ARG A 82 -10.57 -3.22 0.85
CA ARG A 82 -9.63 -2.43 1.62
C ARG A 82 -8.79 -1.55 0.72
N GLN A 83 -8.40 -2.08 -0.45
CA GLN A 83 -7.69 -1.22 -1.43
C GLN A 83 -8.58 -0.14 -2.04
N MET A 84 -9.88 -0.42 -2.17
CA MET A 84 -10.80 0.46 -2.90
C MET A 84 -11.57 1.44 -2.01
N LYS A 85 -11.21 1.47 -0.73
CA LYS A 85 -11.93 2.23 0.27
C LYS A 85 -12.20 3.69 -0.11
N GLU A 86 -11.16 4.41 -0.48
CA GLU A 86 -11.34 5.82 -0.81
C GLU A 86 -12.14 6.01 -2.10
N ASP A 87 -12.05 5.07 -3.03
CA ASP A 87 -12.89 5.14 -4.23
C ASP A 87 -14.34 5.07 -3.80
N PHE A 88 -14.66 4.10 -2.96
CA PHE A 88 -16.02 3.95 -2.48
C PHE A 88 -16.50 5.16 -1.71
N MET A 89 -15.64 5.72 -0.88
CA MET A 89 -16.00 6.91 -0.13
C MET A 89 -16.34 8.07 -1.06
N LYS A 90 -15.42 8.33 -1.99
CA LYS A 90 -15.57 9.36 -3.00
C LYS A 90 -16.91 9.25 -3.69
N ILE A 91 -17.19 8.07 -4.24
CA ILE A 91 -18.44 7.88 -4.98
C ILE A 91 -19.66 8.00 -4.09
N LEU A 92 -19.56 7.51 -2.86
CA LEU A 92 -20.71 7.58 -1.98
C LEU A 92 -21.07 9.03 -1.73
N THR A 93 -20.04 9.87 -1.57
CA THR A 93 -20.24 11.30 -1.40
C THR A 93 -20.83 11.96 -2.64
N VAL A 94 -20.14 11.84 -3.78
CA VAL A 94 -20.53 12.60 -4.96
C VAL A 94 -21.83 12.12 -5.58
N GLU A 95 -21.97 10.81 -5.71
CA GLU A 95 -23.21 10.27 -6.28
C GLU A 95 -24.33 10.13 -5.25
N GLY A 96 -23.96 9.91 -3.99
CA GLY A 96 -24.95 9.65 -2.97
C GLY A 96 -25.29 10.79 -2.04
N GLY A 97 -24.41 11.79 -1.99
CA GLY A 97 -24.66 12.96 -1.17
C GLY A 97 -24.31 12.72 0.29
N GLY A 98 -23.57 11.66 0.54
CA GLY A 98 -23.19 11.34 1.91
C GLY A 98 -22.06 12.21 2.42
N THR A 99 -22.16 12.61 3.67
CA THR A 99 -21.08 13.34 4.30
C THR A 99 -19.90 12.40 4.53
N TYR A 100 -18.72 12.98 4.73
CA TYR A 100 -17.55 12.21 5.07
C TYR A 100 -17.76 11.23 6.23
N ARG A 101 -18.36 11.68 7.33
CA ARG A 101 -18.56 10.79 8.48
C ARG A 101 -19.49 9.62 8.11
N LYS A 102 -20.48 9.88 7.27
CA LYS A 102 -21.44 8.86 6.93
C LYS A 102 -20.86 7.85 5.94
N VAL A 103 -20.11 8.33 4.95
CA VAL A 103 -19.54 7.41 3.98
C VAL A 103 -18.40 6.63 4.62
N TRP A 104 -17.66 7.28 5.52
CA TRP A 104 -16.63 6.58 6.29
C TRP A 104 -17.29 5.46 7.09
N GLY A 105 -18.38 5.79 7.77
CA GLY A 105 -19.15 4.76 8.45
C GLY A 105 -19.59 3.62 7.53
N GLU A 106 -20.16 3.93 6.37
CA GLU A 106 -20.67 2.90 5.48
C GLU A 106 -19.54 1.99 4.99
N VAL A 107 -18.40 2.58 4.71
CA VAL A 107 -17.27 1.82 4.24
C VAL A 107 -16.75 0.91 5.34
N VAL A 108 -16.62 1.44 6.55
CA VAL A 108 -16.11 0.65 7.65
C VAL A 108 -17.04 -0.54 7.91
N PHE A 109 -18.33 -0.27 7.79
CA PHE A 109 -19.33 -1.28 8.03
C PHE A 109 -19.36 -2.34 6.92
N THR A 110 -19.14 -1.91 5.68
CA THR A 110 -19.11 -2.81 4.53
C THR A 110 -17.92 -3.76 4.63
N GLU A 111 -16.79 -3.21 5.03
CA GLU A 111 -15.64 -4.04 5.31
C GLU A 111 -16.03 -5.10 6.38
N ARG A 112 -16.61 -4.65 7.48
CA ARG A 112 -17.02 -5.62 8.49
C ARG A 112 -18.03 -6.66 7.96
N LEU A 113 -18.89 -6.24 7.03
CA LEU A 113 -19.88 -7.14 6.44
C LEU A 113 -19.25 -8.25 5.59
N ILE A 114 -18.33 -7.85 4.71
CA ILE A 114 -17.66 -8.82 3.87
C ILE A 114 -16.84 -9.80 4.72
N GLN A 115 -16.10 -9.24 5.68
CA GLN A 115 -15.35 -10.08 6.60
C GLN A 115 -16.27 -11.05 7.32
N ASN A 116 -17.44 -10.59 7.74
CA ASN A 116 -18.41 -11.42 8.45
C ASN A 116 -18.96 -12.58 7.59
N ALA A 117 -19.30 -12.29 6.33
CA ALA A 117 -19.75 -13.34 5.41
C ALA A 117 -18.66 -14.42 5.26
N ALA A 118 -17.44 -13.96 4.97
CA ALA A 118 -16.29 -14.86 4.84
C ALA A 118 -16.11 -15.71 6.09
N GLU A 119 -16.11 -15.07 7.26
CA GLU A 119 -15.95 -15.75 8.55
C GLU A 119 -16.93 -16.87 8.73
N LEU A 120 -18.20 -16.60 8.42
CA LEU A 120 -19.25 -17.54 8.75
C LEU A 120 -19.46 -18.62 7.69
N ALA A 121 -18.87 -18.46 6.51
CA ALA A 121 -19.17 -19.36 5.40
C ALA A 121 -18.97 -20.84 5.77
N ARG A 122 -17.86 -21.13 6.44
CA ARG A 122 -17.51 -22.51 6.77
C ARG A 122 -18.34 -23.07 7.91
N HIS A 123 -19.13 -22.22 8.55
CA HIS A 123 -19.77 -22.59 9.80
C HIS A 123 -21.27 -22.88 9.83
N TYR A 124 -21.92 -22.79 8.68
CA TYR A 124 -23.36 -22.86 8.69
C TYR A 124 -23.79 -24.33 8.75
N GLN A 125 -24.43 -24.70 9.85
CA GLN A 125 -24.61 -26.11 10.21
C GLN A 125 -26.02 -26.63 9.98
N GLY A 126 -26.12 -27.89 9.56
CA GLY A 126 -27.41 -28.55 9.57
C GLY A 126 -27.58 -29.21 10.92
N ARG A 127 -28.48 -30.17 11.03
CA ARG A 127 -28.70 -30.81 12.31
C ARG A 127 -28.64 -32.33 12.20
N VAL A 128 -28.21 -33.00 13.26
CA VAL A 128 -28.44 -34.44 13.33
C VAL A 128 -29.61 -34.71 14.25
N LEU A 129 -30.60 -35.42 13.75
CA LEU A 129 -31.88 -35.62 14.45
C LEU A 129 -32.00 -36.99 15.08
N GLN A 130 -32.74 -37.06 16.17
CA GLN A 130 -33.15 -38.33 16.72
C GLN A 130 -34.34 -38.83 15.90
N SER A 131 -34.32 -40.11 15.54
CA SER A 131 -35.44 -40.66 14.80
C SER A 131 -36.37 -41.44 15.71
N ASP A 132 -37.68 -41.33 15.45
CA ASP A 132 -38.70 -42.11 16.17
C ASP A 132 -38.78 -43.56 15.63
N SER A 133 -38.06 -43.85 14.54
CA SER A 133 -38.02 -45.19 13.98
C SER A 133 -36.71 -45.92 14.33
N GLU A 134 -36.79 -47.24 14.48
CA GLU A 134 -35.61 -48.07 14.71
C GLU A 134 -34.72 -47.94 13.49
N SER A 135 -33.41 -48.06 13.67
CA SER A 135 -32.50 -48.34 12.55
C SER A 135 -32.51 -47.28 11.46
N THR A 136 -32.64 -46.03 11.86
CA THR A 136 -32.57 -44.98 10.86
C THR A 136 -31.76 -43.80 11.32
N ILE A 137 -30.82 -43.38 10.48
CA ILE A 137 -30.10 -42.15 10.76
C ILE A 137 -30.85 -41.01 10.02
N SER A 138 -30.94 -39.87 10.68
CA SER A 138 -31.78 -38.77 10.21
C SER A 138 -31.06 -37.44 10.37
N VAL A 139 -30.77 -36.77 9.27
CA VAL A 139 -30.02 -35.53 9.36
C VAL A 139 -30.66 -34.47 8.47
N VAL A 140 -30.21 -33.24 8.64
CA VAL A 140 -30.69 -32.11 7.85
C VAL A 140 -29.48 -31.33 7.37
N PHE A 141 -29.43 -31.08 6.06
CA PHE A 141 -28.31 -30.40 5.41
C PHE A 141 -28.74 -29.00 5.01
N LYS A 142 -27.78 -28.09 4.90
CA LYS A 142 -28.08 -26.78 4.34
C LYS A 142 -27.72 -26.81 2.87
N ARG A 143 -28.54 -26.16 2.05
CA ARG A 143 -28.25 -26.06 0.61
C ARG A 143 -28.57 -24.67 0.08
N SER A 144 -27.71 -24.19 -0.81
CA SER A 144 -27.94 -22.90 -1.40
C SER A 144 -29.23 -22.88 -2.20
N LYS A 145 -29.92 -21.75 -2.21
CA LYS A 145 -31.18 -21.68 -2.90
C LYS A 145 -31.04 -21.72 -4.42
N GLY A 146 -30.01 -21.08 -4.95
CA GLY A 146 -29.97 -20.91 -6.39
C GLY A 146 -29.29 -19.64 -6.81
N VAL A 147 -29.73 -19.11 -7.95
CA VAL A 147 -29.43 -17.73 -8.27
C VAL A 147 -30.36 -16.81 -7.47
N VAL A 148 -29.79 -15.73 -6.94
CA VAL A 148 -30.52 -14.82 -6.06
C VAL A 148 -30.42 -13.44 -6.64
N GLY A 149 -31.57 -12.81 -6.85
CA GLY A 149 -31.63 -11.42 -7.23
C GLY A 149 -31.40 -10.50 -6.04
N VAL A 150 -30.55 -9.50 -6.20
CA VAL A 150 -30.38 -8.51 -5.14
C VAL A 150 -30.68 -7.10 -5.65
N ILE A 151 -31.73 -6.50 -5.08
CA ILE A 151 -32.20 -5.20 -5.52
C ILE A 151 -32.16 -4.20 -4.36
N THR A 152 -31.39 -3.13 -4.53
CA THR A 152 -30.99 -2.27 -3.43
C THR A 152 -31.40 -0.80 -3.59
N PRO A 153 -31.39 -0.06 -2.48
CA PRO A 153 -31.71 1.37 -2.51
C PRO A 153 -30.50 2.28 -2.70
N TRP A 154 -30.76 3.59 -2.70
CA TRP A 154 -29.73 4.61 -2.88
C TRP A 154 -29.14 5.25 -1.61
N ASN A 155 -29.75 5.00 -0.45
CA ASN A 155 -29.38 5.73 0.77
C ASN A 155 -28.11 5.20 1.43
N TYR A 156 -28.02 3.88 1.59
CA TYR A 156 -26.79 3.23 2.01
C TYR A 156 -26.47 2.15 0.97
N PRO A 157 -26.18 2.56 -0.27
CA PRO A 157 -26.15 1.59 -1.38
C PRO A 157 -24.99 0.59 -1.26
N LEU A 158 -23.86 1.04 -0.71
CA LEU A 158 -22.72 0.15 -0.53
C LEU A 158 -22.99 -0.90 0.56
N SER A 159 -23.13 -0.47 1.81
CA SER A 159 -23.32 -1.42 2.92
C SER A 159 -24.55 -2.33 2.77
N ILE A 160 -25.66 -1.78 2.31
CA ILE A 160 -26.83 -2.63 2.07
C ILE A 160 -26.56 -3.65 0.96
N SER A 161 -26.05 -3.16 -0.19
CA SER A 161 -25.73 -4.08 -1.28
C SER A 161 -24.77 -5.18 -0.81
N MET A 162 -23.76 -4.80 -0.03
CA MET A 162 -22.74 -5.76 0.33
C MET A 162 -23.22 -6.74 1.39
N LYS A 163 -24.06 -6.29 2.32
CA LYS A 163 -24.66 -7.25 3.25
C LYS A 163 -25.35 -8.35 2.45
N LYS A 164 -26.24 -7.93 1.53
CA LYS A 164 -26.95 -8.91 0.70
C LYS A 164 -25.99 -9.80 -0.13
N ILE A 165 -25.17 -9.15 -0.94
CA ILE A 165 -24.27 -9.81 -1.88
C ILE A 165 -23.32 -10.79 -1.20
N ALA A 166 -22.46 -10.26 -0.33
CA ALA A 166 -21.48 -11.09 0.37
C ALA A 166 -22.13 -12.26 1.08
N HIS A 167 -23.20 -12.01 1.83
CA HIS A 167 -23.70 -13.18 2.58
C HIS A 167 -24.30 -14.23 1.65
N THR A 168 -24.97 -13.76 0.60
CA THR A 168 -25.58 -14.67 -0.35
C THR A 168 -24.52 -15.54 -1.02
N LEU A 169 -23.40 -14.90 -1.36
CA LEU A 169 -22.29 -15.58 -2.02
C LEU A 169 -21.63 -16.62 -1.11
N ALA A 170 -21.41 -16.25 0.13
CA ALA A 170 -20.69 -17.10 1.10
C ALA A 170 -21.25 -18.50 1.18
N VAL A 171 -22.55 -18.59 1.06
CA VAL A 171 -23.25 -19.81 1.36
C VAL A 171 -23.57 -20.63 0.10
N GLY A 172 -23.06 -20.16 -1.04
CA GLY A 172 -23.16 -20.94 -2.27
C GLY A 172 -24.19 -20.56 -3.32
N ASN A 173 -24.67 -19.33 -3.25
CA ASN A 173 -25.64 -18.80 -4.22
C ASN A 173 -24.95 -17.89 -5.21
N THR A 174 -25.53 -17.79 -6.40
CA THR A 174 -25.05 -16.88 -7.43
C THR A 174 -25.97 -15.65 -7.44
N VAL A 175 -25.41 -14.50 -7.83
CA VAL A 175 -26.11 -13.25 -7.65
C VAL A 175 -26.35 -12.50 -8.96
N VAL A 176 -27.55 -11.96 -9.11
CA VAL A 176 -27.82 -10.96 -10.14
C VAL A 176 -28.30 -9.70 -9.43
N TYR A 177 -27.54 -8.64 -9.64
CA TYR A 177 -27.58 -7.44 -8.83
C TYR A 177 -27.90 -6.25 -9.69
N LYS A 178 -28.96 -5.55 -9.28
CA LYS A 178 -29.44 -4.33 -9.92
C LYS A 178 -29.54 -3.22 -8.88
N PRO A 179 -28.51 -2.38 -8.78
CA PRO A 179 -28.40 -1.29 -7.80
C PRO A 179 -29.50 -0.28 -8.01
N ALA A 180 -29.77 0.55 -7.01
CA ALA A 180 -30.66 1.70 -7.21
C ALA A 180 -30.16 2.56 -8.38
N SER A 181 -31.08 2.99 -9.23
CA SER A 181 -30.72 3.81 -10.38
C SER A 181 -30.04 5.12 -9.96
N ASP A 182 -30.31 5.57 -8.74
CA ASP A 182 -29.72 6.83 -8.27
C ASP A 182 -28.29 6.64 -7.77
N THR A 183 -27.89 5.38 -7.62
CA THR A 183 -26.53 5.04 -7.22
C THR A 183 -25.91 3.94 -8.09
N PRO A 184 -25.89 4.14 -9.42
CA PRO A 184 -25.38 3.05 -10.27
C PRO A 184 -23.86 2.90 -10.20
N VAL A 185 -23.16 3.98 -9.95
CA VAL A 185 -21.70 3.97 -9.95
C VAL A 185 -21.16 3.17 -8.78
N THR A 186 -21.86 3.23 -7.65
CA THR A 186 -21.49 2.40 -6.50
C THR A 186 -21.64 0.92 -6.87
N GLY A 187 -22.74 0.58 -7.56
CA GLY A 187 -22.91 -0.78 -8.07
C GLY A 187 -21.73 -1.25 -8.90
N TRP A 188 -21.34 -0.40 -9.84
CA TRP A 188 -20.19 -0.63 -10.72
C TRP A 188 -18.90 -0.86 -9.94
N LEU A 189 -18.64 -0.02 -8.94
CA LEU A 189 -17.45 -0.20 -8.11
C LEU A 189 -17.46 -1.56 -7.39
N ILE A 190 -18.63 -1.98 -6.91
CA ILE A 190 -18.75 -3.31 -6.33
C ILE A 190 -18.34 -4.38 -7.33
N ALA A 191 -18.91 -4.32 -8.54
CA ALA A 191 -18.56 -5.24 -9.63
C ALA A 191 -17.07 -5.20 -9.91
N GLN A 192 -16.52 -3.99 -9.93
CA GLN A 192 -15.07 -3.80 -10.03
C GLN A 192 -14.32 -4.58 -8.95
N MET A 193 -14.79 -4.48 -7.71
CA MET A 193 -14.18 -5.19 -6.58
C MET A 193 -14.28 -6.71 -6.74
N VAL A 194 -15.47 -7.19 -7.06
CA VAL A 194 -15.69 -8.60 -7.29
C VAL A 194 -14.80 -9.12 -8.41
N ALA A 195 -14.75 -8.39 -9.52
CA ALA A 195 -13.92 -8.78 -10.66
C ALA A 195 -12.43 -8.84 -10.29
N LYS A 196 -11.94 -7.86 -9.53
CA LYS A 196 -10.55 -7.89 -9.11
C LYS A 196 -10.27 -9.00 -8.12
N ALA A 197 -11.28 -9.36 -7.33
CA ALA A 197 -11.17 -10.52 -6.45
C ALA A 197 -11.12 -11.84 -7.25
N GLY A 198 -11.66 -11.80 -8.46
CA GLY A 198 -11.52 -12.94 -9.36
C GLY A 198 -12.48 -14.07 -9.11
N LEU A 199 -13.72 -13.76 -8.76
CA LEU A 199 -14.70 -14.83 -8.58
C LEU A 199 -14.97 -15.45 -9.95
N PRO A 200 -15.36 -16.73 -9.98
CA PRO A 200 -15.65 -17.42 -11.24
C PRO A 200 -16.74 -16.69 -12.02
N LYS A 201 -16.64 -16.68 -13.34
CA LYS A 201 -17.61 -15.97 -14.15
C LYS A 201 -19.03 -16.47 -13.85
N GLY A 202 -19.99 -15.56 -13.89
CA GLY A 202 -21.38 -15.92 -13.62
C GLY A 202 -21.75 -15.97 -12.14
N VAL A 203 -20.76 -16.05 -11.25
CA VAL A 203 -21.04 -16.13 -9.82
C VAL A 203 -21.70 -14.83 -9.33
N PHE A 204 -21.18 -13.71 -9.80
CA PHE A 204 -21.75 -12.42 -9.49
C PHE A 204 -21.97 -11.62 -10.77
N ASN A 205 -23.15 -11.03 -10.92
CA ASN A 205 -23.46 -10.24 -12.11
C ASN A 205 -24.11 -8.90 -11.78
N LEU A 206 -23.64 -7.84 -12.42
CA LEU A 206 -24.21 -6.51 -12.22
C LEU A 206 -24.93 -6.04 -13.48
N VAL A 207 -26.21 -5.75 -13.37
CA VAL A 207 -26.88 -5.08 -14.49
C VAL A 207 -27.60 -3.80 -14.07
N ILE A 208 -27.23 -2.71 -14.72
CA ILE A 208 -27.69 -1.39 -14.36
C ILE A 208 -28.77 -0.94 -15.32
N GLY A 209 -30.00 -0.89 -14.84
CA GLY A 209 -31.12 -0.50 -15.66
C GLY A 209 -32.27 -0.10 -14.78
N PRO A 210 -33.40 0.27 -15.39
CA PRO A 210 -34.58 0.69 -14.64
C PRO A 210 -35.27 -0.48 -13.93
N GLY A 211 -35.87 -0.19 -12.77
CA GLY A 211 -36.56 -1.20 -11.99
C GLY A 211 -37.64 -1.97 -12.74
N PRO A 212 -38.63 -1.27 -13.31
CA PRO A 212 -39.73 -1.91 -14.04
C PRO A 212 -39.29 -2.76 -15.23
N VAL A 213 -38.04 -2.64 -15.68
CA VAL A 213 -37.56 -3.48 -16.77
C VAL A 213 -36.63 -4.59 -16.25
N VAL A 214 -35.44 -4.20 -15.82
CA VAL A 214 -34.44 -5.13 -15.31
C VAL A 214 -34.92 -5.87 -14.05
N GLY A 215 -35.45 -5.10 -13.11
CA GLY A 215 -35.93 -5.65 -11.87
C GLY A 215 -37.10 -6.57 -12.10
N GLU A 216 -38.01 -6.16 -12.98
CA GLU A 216 -39.16 -6.98 -13.31
C GLU A 216 -38.69 -8.33 -13.88
N GLU A 217 -37.66 -8.27 -14.72
CA GLU A 217 -37.13 -9.49 -15.30
C GLU A 217 -36.57 -10.39 -14.22
N ILE A 218 -35.81 -9.80 -13.30
CA ILE A 218 -35.23 -10.54 -12.19
C ILE A 218 -36.30 -11.23 -11.33
N VAL A 219 -37.36 -10.51 -11.04
CA VAL A 219 -38.38 -10.97 -10.10
C VAL A 219 -39.37 -11.98 -10.70
N THR A 220 -39.61 -11.88 -12.00
CA THR A 220 -40.53 -12.83 -12.63
C THR A 220 -39.88 -14.07 -13.26
N HIS A 221 -38.55 -14.04 -13.39
CA HIS A 221 -37.82 -15.07 -14.14
C HIS A 221 -37.79 -16.45 -13.49
N LYS A 222 -37.80 -17.49 -14.32
CA LYS A 222 -37.82 -18.90 -13.91
C LYS A 222 -36.64 -19.31 -13.04
N ARG A 223 -35.44 -18.88 -13.42
CA ARG A 223 -34.24 -19.47 -12.86
C ARG A 223 -33.72 -18.71 -11.64
N VAL A 224 -34.43 -17.65 -11.27
CA VAL A 224 -34.13 -16.94 -10.04
C VAL A 224 -34.86 -17.61 -8.90
N ALA A 225 -34.11 -18.09 -7.92
CA ALA A 225 -34.68 -18.81 -6.80
C ALA A 225 -35.22 -17.87 -5.71
N HIS A 226 -34.59 -16.71 -5.56
CA HIS A 226 -34.89 -15.85 -4.44
C HIS A 226 -34.57 -14.39 -4.80
N VAL A 227 -35.36 -13.48 -4.24
CA VAL A 227 -35.07 -12.04 -4.38
C VAL A 227 -34.96 -11.40 -3.00
N THR A 228 -33.83 -10.78 -2.71
CA THR A 228 -33.74 -9.91 -1.54
C THR A 228 -33.77 -8.45 -1.99
N PHE A 229 -34.72 -7.73 -1.42
CA PHE A 229 -35.07 -6.39 -1.87
C PHE A 229 -35.12 -5.38 -0.74
N THR A 230 -34.54 -4.21 -0.99
CA THR A 230 -34.64 -3.11 -0.06
C THR A 230 -35.08 -1.87 -0.82
N GLY A 231 -36.25 -1.34 -0.47
CA GLY A 231 -36.83 -0.19 -1.16
C GLY A 231 -38.22 0.22 -0.69
N GLU A 232 -38.94 0.90 -1.57
CA GLU A 232 -40.28 1.37 -1.27
C GLU A 232 -41.22 0.24 -0.89
N SER A 233 -42.02 0.47 0.15
CA SER A 233 -43.02 -0.49 0.61
C SER A 233 -43.98 -0.93 -0.51
N SER A 234 -44.37 0.00 -1.37
CA SER A 234 -45.27 -0.33 -2.48
C SER A 234 -44.59 -1.26 -3.51
N THR A 235 -43.39 -0.87 -3.90
CA THR A 235 -42.57 -1.68 -4.80
C THR A 235 -42.37 -3.08 -4.21
N GLY A 236 -42.02 -3.12 -2.92
CA GLY A 236 -41.88 -4.37 -2.21
C GLY A 236 -43.11 -5.25 -2.30
N ARG A 237 -44.29 -4.64 -2.10
CA ARG A 237 -45.55 -5.36 -2.22
C ARG A 237 -45.70 -5.97 -3.62
N GLU A 238 -45.39 -5.17 -4.64
CA GLU A 238 -45.50 -5.65 -6.02
C GLU A 238 -44.60 -6.86 -6.24
N ILE A 239 -43.35 -6.71 -5.82
CA ILE A 239 -42.34 -7.75 -6.00
C ILE A 239 -42.76 -9.03 -5.30
N ALA A 240 -43.32 -8.89 -4.10
CA ALA A 240 -43.81 -10.03 -3.35
C ALA A 240 -44.92 -10.76 -4.11
N ALA A 241 -45.81 -9.99 -4.73
CA ALA A 241 -46.90 -10.58 -5.49
C ALA A 241 -46.44 -11.26 -6.78
N LYS A 242 -45.57 -10.58 -7.54
CA LYS A 242 -45.06 -11.12 -8.79
C LYS A 242 -44.17 -12.32 -8.55
N ALA A 243 -43.58 -12.39 -7.36
CA ALA A 243 -42.73 -13.51 -6.98
C ALA A 243 -43.52 -14.81 -6.95
N ALA A 244 -44.79 -14.71 -6.60
CA ALA A 244 -45.65 -15.88 -6.42
C ALA A 244 -45.68 -16.75 -7.67
N GLY A 245 -45.69 -16.11 -8.83
CA GLY A 245 -45.81 -16.80 -10.09
C GLY A 245 -44.85 -17.95 -10.26
N THR A 246 -43.58 -17.71 -9.93
CA THR A 246 -42.57 -18.77 -9.96
C THR A 246 -42.28 -19.44 -8.60
N LEU A 247 -43.03 -19.08 -7.56
CA LEU A 247 -42.82 -19.63 -6.21
C LEU A 247 -41.43 -19.32 -5.66
N LYS A 248 -40.86 -18.19 -6.06
CA LYS A 248 -39.55 -17.81 -5.52
C LYS A 248 -39.74 -17.09 -4.19
N THR A 249 -38.83 -17.33 -3.25
CA THR A 249 -38.87 -16.68 -1.95
C THR A 249 -38.34 -15.25 -2.01
N VAL A 250 -38.78 -14.41 -1.08
CA VAL A 250 -38.31 -13.03 -1.03
C VAL A 250 -37.86 -12.64 0.37
N THR A 251 -36.83 -11.81 0.46
CA THR A 251 -36.50 -11.06 1.69
C THR A 251 -36.88 -9.62 1.36
N LEU A 252 -37.64 -8.94 2.22
CA LEU A 252 -38.11 -7.58 1.93
C LEU A 252 -37.88 -6.61 3.08
N GLU A 253 -37.06 -5.59 2.83
CA GLU A 253 -36.85 -4.53 3.80
C GLU A 253 -37.54 -3.28 3.27
N LEU A 254 -38.67 -2.95 3.89
CA LEU A 254 -39.56 -1.88 3.45
C LEU A 254 -39.50 -0.55 4.22
N GLY A 255 -38.54 -0.40 5.11
CA GLY A 255 -38.37 0.86 5.82
C GLY A 255 -39.19 0.92 7.09
N GLY A 256 -39.13 2.04 7.80
CA GLY A 256 -39.85 2.19 9.04
C GLY A 256 -40.18 3.63 9.39
N SER A 257 -41.07 3.80 10.37
CA SER A 257 -41.12 5.06 11.08
C SER A 257 -40.80 4.71 12.52
N ASP A 258 -39.54 4.78 12.91
CA ASP A 258 -39.14 4.17 14.19
C ASP A 258 -39.43 5.14 15.32
N PRO A 259 -40.05 4.66 16.41
CA PRO A 259 -40.23 5.52 17.59
C PRO A 259 -38.92 5.64 18.38
N LEU A 260 -38.63 6.84 18.84
CA LEU A 260 -37.58 7.03 19.82
C LEU A 260 -38.29 7.60 21.03
N ILE A 261 -38.37 6.81 22.09
CA ILE A 261 -39.12 7.16 23.29
C ILE A 261 -38.17 7.64 24.37
N ILE A 262 -38.36 8.87 24.86
CA ILE A 262 -37.47 9.44 25.87
C ILE A 262 -38.22 9.61 27.19
N LEU A 263 -37.80 8.92 28.24
CA LEU A 263 -38.52 9.03 29.52
C LEU A 263 -37.96 10.13 30.43
N ASP A 264 -38.59 10.32 31.57
CA ASP A 264 -38.34 11.48 32.39
C ASP A 264 -37.11 11.38 33.30
N ASP A 265 -36.57 10.18 33.43
CA ASP A 265 -35.41 9.97 34.30
C ASP A 265 -34.07 10.07 33.57
N VAL A 266 -34.11 10.47 32.30
CA VAL A 266 -32.90 10.54 31.48
C VAL A 266 -32.02 11.77 31.70
N ASP A 267 -30.77 11.63 31.32
CA ASP A 267 -29.93 12.80 31.16
C ASP A 267 -30.49 13.40 29.89
N VAL A 268 -31.02 14.62 30.03
CA VAL A 268 -31.79 15.27 28.97
C VAL A 268 -30.89 15.77 27.86
N ASP A 269 -29.76 16.37 28.23
CA ASP A 269 -28.81 16.86 27.26
C ASP A 269 -28.37 15.71 26.36
N TYR A 270 -27.99 14.62 27.01
CA TYR A 270 -27.53 13.44 26.31
C TYR A 270 -28.64 12.91 25.41
N ALA A 271 -29.86 12.91 25.94
CA ALA A 271 -31.01 12.37 25.23
C ALA A 271 -31.20 13.17 23.96
N ALA A 272 -30.89 14.45 24.03
CA ALA A 272 -31.03 15.33 22.88
C ALA A 272 -29.96 15.08 21.83
N ARG A 273 -28.71 14.96 22.26
CA ARG A 273 -27.63 14.67 21.31
C ARG A 273 -27.90 13.35 20.56
N LEU A 274 -28.30 12.36 21.35
CA LEU A 274 -28.66 11.06 20.80
C LEU A 274 -29.79 11.25 19.78
N ALA A 275 -30.86 11.92 20.22
CA ALA A 275 -32.02 12.14 19.38
C ALA A 275 -31.67 12.83 18.06
N VAL A 276 -30.82 13.86 18.13
CA VAL A 276 -30.42 14.59 16.93
C VAL A 276 -29.69 13.67 15.96
N PHE A 277 -28.71 12.92 16.48
CA PHE A 277 -27.98 11.96 15.64
C PHE A 277 -28.93 10.93 15.01
N ALA A 278 -29.78 10.34 15.83
CA ALA A 278 -30.66 9.26 15.41
C ALA A 278 -31.72 9.69 14.40
N SER A 279 -32.28 10.87 14.60
CA SER A 279 -33.34 11.40 13.76
C SER A 279 -32.85 12.05 12.48
N LEU A 280 -31.71 12.73 12.55
CA LEU A 280 -31.22 13.45 11.38
C LEU A 280 -30.02 12.92 10.60
N PHE A 281 -29.34 11.89 11.10
CA PHE A 281 -28.14 11.46 10.42
C PHE A 281 -28.42 11.03 8.98
N HIS A 282 -27.49 11.31 8.09
CA HIS A 282 -27.68 11.16 6.66
C HIS A 282 -29.03 11.77 6.19
N GLN A 283 -29.29 13.00 6.67
CA GLN A 283 -30.49 13.79 6.34
C GLN A 283 -31.76 13.02 6.65
N GLY A 284 -31.67 12.17 7.68
CA GLY A 284 -32.76 11.28 7.98
C GLY A 284 -33.13 10.24 6.91
N GLN A 285 -32.28 10.01 5.89
CA GLN A 285 -32.70 8.98 4.94
C GLN A 285 -32.01 7.67 5.32
N ILE A 286 -32.66 6.96 6.24
CA ILE A 286 -32.13 5.76 6.86
C ILE A 286 -33.38 5.02 7.29
N CYS A 287 -33.42 3.71 7.08
CA CYS A 287 -34.68 2.97 7.26
C CYS A 287 -35.01 2.91 8.74
N THR A 288 -33.96 2.88 9.54
CA THR A 288 -34.05 2.84 10.98
C THR A 288 -33.94 4.20 11.66
N SER A 289 -33.98 5.27 10.87
CA SER A 289 -33.88 6.63 11.41
C SER A 289 -34.92 6.85 12.52
N ALA A 290 -34.63 7.69 13.49
CA ALA A 290 -35.63 7.85 14.53
C ALA A 290 -36.55 8.91 13.95
N LYS A 291 -37.66 8.45 13.38
CA LYS A 291 -38.56 9.30 12.61
C LYS A 291 -39.65 9.99 13.42
N ARG A 292 -40.00 9.41 14.56
CA ARG A 292 -41.02 9.99 15.43
C ARG A 292 -40.50 10.04 16.85
N ILE A 293 -40.23 11.23 17.34
CA ILE A 293 -39.63 11.34 18.67
C ILE A 293 -40.73 11.50 19.71
N ILE A 294 -40.64 10.74 20.80
CA ILE A 294 -41.69 10.72 21.80
C ILE A 294 -41.13 11.06 23.18
N VAL A 295 -41.52 12.19 23.74
CA VAL A 295 -40.94 12.63 25.03
C VAL A 295 -41.96 12.59 26.13
N HIS A 296 -41.51 12.24 27.31
CA HIS A 296 -42.34 12.30 28.50
C HIS A 296 -42.54 13.77 28.90
N LYS A 297 -43.77 14.13 29.28
CA LYS A 297 -44.12 15.52 29.61
C LYS A 297 -43.13 16.20 30.57
N ALA A 298 -42.69 15.47 31.59
CA ALA A 298 -41.84 16.02 32.63
C ALA A 298 -40.48 16.50 32.14
N VAL A 299 -39.91 15.85 31.14
CA VAL A 299 -38.69 16.38 30.55
C VAL A 299 -38.88 17.10 29.22
N ALA A 300 -40.11 17.13 28.74
CA ALA A 300 -40.39 17.53 27.34
C ALA A 300 -39.83 18.90 26.95
N ASP A 301 -40.08 19.91 27.78
CA ASP A 301 -39.69 21.28 27.46
C ASP A 301 -38.18 21.49 27.34
N LYS A 302 -37.44 20.98 28.32
CA LYS A 302 -35.99 21.08 28.33
C LYS A 302 -35.39 20.21 27.20
N PHE A 303 -36.03 19.05 26.97
CA PHE A 303 -35.62 18.20 25.87
C PHE A 303 -35.74 18.94 24.54
N ILE A 304 -36.90 19.52 24.30
CA ILE A 304 -37.15 20.21 23.04
C ILE A 304 -36.13 21.35 22.87
N GLU A 305 -36.00 22.13 23.92
CA GLU A 305 -35.03 23.23 23.97
C GLU A 305 -33.65 22.75 23.54
N ARG A 306 -33.20 21.65 24.13
CA ARG A 306 -31.84 21.18 23.88
C ARG A 306 -31.68 20.55 22.49
N TYR A 307 -32.70 19.79 22.08
CA TYR A 307 -32.71 19.14 20.76
C TYR A 307 -32.58 20.21 19.69
N VAL A 308 -33.45 21.21 19.76
CA VAL A 308 -33.41 22.35 18.85
C VAL A 308 -32.04 23.03 18.91
N HIS A 309 -31.54 23.21 20.13
CA HIS A 309 -30.23 23.83 20.31
C HIS A 309 -29.14 23.14 19.49
N TYR A 310 -29.15 21.81 19.48
CA TYR A 310 -28.15 21.08 18.73
C TYR A 310 -28.44 21.04 17.23
N VAL A 311 -29.73 20.94 16.88
CA VAL A 311 -30.13 21.03 15.48
C VAL A 311 -29.58 22.33 14.86
N LYS A 312 -29.62 23.41 15.63
CA LYS A 312 -29.10 24.72 15.24
C LYS A 312 -27.66 24.65 14.78
N MET A 313 -26.92 23.70 15.33
CA MET A 313 -25.47 23.62 15.10
C MET A 313 -25.11 22.82 13.84
N LEU A 314 -26.11 22.22 13.21
CA LEU A 314 -25.82 21.31 12.12
C LEU A 314 -25.41 22.06 10.87
N ARG A 315 -24.19 21.79 10.41
CA ARG A 315 -23.72 22.35 9.15
C ARG A 315 -24.28 21.55 7.96
N ILE A 316 -24.99 22.24 7.08
CA ILE A 316 -25.36 21.69 5.80
C ILE A 316 -24.45 22.33 4.78
N ASP A 317 -23.86 21.53 3.90
CA ASP A 317 -22.94 22.07 2.91
C ASP A 317 -22.67 21.00 1.84
N ASP A 318 -21.87 21.37 0.84
CA ASP A 318 -21.32 20.41 -0.11
C ASP A 318 -20.55 19.43 0.74
N PRO A 319 -20.97 18.15 0.77
CA PRO A 319 -20.31 17.15 1.61
C PRO A 319 -18.85 16.95 1.18
N ARG A 320 -18.53 17.35 -0.04
CA ARG A 320 -17.15 17.38 -0.51
C ARG A 320 -16.31 18.46 0.18
N LYS A 321 -16.97 19.43 0.81
CA LYS A 321 -16.26 20.62 1.30
C LYS A 321 -15.18 20.22 2.29
N ASP A 322 -15.58 19.45 3.30
CA ASP A 322 -14.65 18.96 4.30
C ASP A 322 -15.27 17.87 5.17
N GLU A 323 -14.46 17.33 6.06
CA GLU A 323 -14.83 16.14 6.83
C GLU A 323 -15.78 16.39 8.00
N LYS A 324 -16.01 17.65 8.33
CA LYS A 324 -16.89 17.95 9.46
C LYS A 324 -18.33 18.31 9.04
N VAL A 325 -18.62 18.26 7.75
CA VAL A 325 -19.97 18.60 7.28
C VAL A 325 -20.99 17.60 7.84
N ASP A 326 -22.01 18.11 8.52
CA ASP A 326 -23.04 17.27 9.13
C ASP A 326 -24.08 16.72 8.17
N LEU A 327 -24.56 17.55 7.25
CA LEU A 327 -25.58 17.10 6.32
C LEU A 327 -25.26 17.50 4.89
N GLY A 328 -25.46 16.54 3.98
CA GLY A 328 -25.36 16.80 2.55
C GLY A 328 -26.76 16.94 2.01
N PRO A 329 -26.93 16.82 0.69
CA PRO A 329 -28.24 17.03 0.10
C PRO A 329 -29.12 15.81 0.23
N LEU A 330 -30.37 15.94 -0.21
CA LEU A 330 -31.21 14.78 -0.44
C LEU A 330 -30.76 14.15 -1.74
N ILE A 331 -31.38 13.04 -2.12
CA ILE A 331 -30.89 12.32 -3.29
C ILE A 331 -31.35 12.95 -4.61
N ASN A 332 -32.58 13.45 -4.63
CA ASN A 332 -33.05 14.09 -5.85
C ASN A 332 -34.12 15.14 -5.59
N GLU A 333 -34.53 15.84 -6.64
CA GLU A 333 -35.45 16.95 -6.48
C GLU A 333 -36.80 16.45 -5.97
N ARG A 334 -37.10 15.20 -6.31
CA ARG A 334 -38.36 14.57 -5.93
C ARG A 334 -38.48 14.48 -4.39
N GLN A 335 -37.36 14.16 -3.75
CA GLN A 335 -37.33 14.03 -2.31
C GLN A 335 -37.52 15.38 -1.65
N VAL A 336 -36.90 16.41 -2.20
CA VAL A 336 -37.16 17.79 -1.75
C VAL A 336 -38.64 18.13 -1.87
N ALA A 337 -39.24 17.78 -3.00
CA ALA A 337 -40.65 18.11 -3.24
C ALA A 337 -41.52 17.44 -2.18
N LEU A 338 -41.19 16.19 -1.88
CA LEU A 338 -41.96 15.41 -0.93
C LEU A 338 -41.79 15.95 0.51
N MET A 339 -40.55 16.21 0.91
CA MET A 339 -40.27 16.86 2.19
C MET A 339 -41.05 18.16 2.32
N LYS A 340 -41.08 18.94 1.24
CA LYS A 340 -41.85 20.18 1.18
C LYS A 340 -43.32 19.93 1.48
N GLU A 341 -43.87 18.90 0.86
CA GLU A 341 -45.26 18.51 1.17
C GLU A 341 -45.47 18.16 2.65
N PHE A 342 -44.49 17.47 3.24
CA PHE A 342 -44.61 17.04 4.63
C PHE A 342 -44.63 18.24 5.55
N VAL A 343 -43.73 19.18 5.28
CA VAL A 343 -43.64 20.42 6.06
C VAL A 343 -44.90 21.26 5.91
N ASP A 344 -45.31 21.48 4.66
CA ASP A 344 -46.52 22.27 4.38
C ASP A 344 -47.76 21.66 5.01
N ASP A 345 -47.85 20.33 4.98
CA ASP A 345 -48.96 19.64 5.60
C ASP A 345 -48.93 19.84 7.12
N ALA A 346 -47.73 19.79 7.70
CA ALA A 346 -47.62 19.95 9.15
C ALA A 346 -48.01 21.35 9.59
N VAL A 347 -47.54 22.35 8.85
CA VAL A 347 -47.88 23.73 9.15
C VAL A 347 -49.38 23.95 8.95
N SER A 348 -49.89 23.48 7.82
CA SER A 348 -51.30 23.64 7.51
C SER A 348 -52.23 22.94 8.51
N ARG A 349 -51.72 21.96 9.24
CA ARG A 349 -52.54 21.28 10.24
C ARG A 349 -52.32 21.92 11.61
N GLY A 350 -51.53 22.99 11.62
CA GLY A 350 -51.30 23.73 12.84
C GLY A 350 -50.11 23.25 13.62
N GLY A 351 -49.25 22.48 12.96
CA GLY A 351 -48.01 22.06 13.57
C GLY A 351 -47.15 23.27 13.82
N ARG A 352 -46.44 23.29 14.94
CA ARG A 352 -45.55 24.39 15.22
C ARG A 352 -44.16 24.08 14.67
N LEU A 353 -43.69 24.89 13.74
CA LEU A 353 -42.37 24.67 13.17
C LEU A 353 -41.37 25.31 14.11
N LEU A 354 -40.56 24.49 14.75
CA LEU A 354 -39.63 24.97 15.76
C LEU A 354 -38.37 25.52 15.13
N ILE A 355 -38.04 25.01 13.95
CA ILE A 355 -36.81 25.37 13.29
C ILE A 355 -36.68 24.71 11.92
N GLY A 356 -35.85 25.32 11.07
CA GLY A 356 -35.60 24.87 9.72
C GLY A 356 -36.73 25.18 8.74
N GLY A 357 -36.75 24.46 7.64
CA GLY A 357 -37.73 24.66 6.58
C GLY A 357 -37.21 25.16 5.25
N ARG A 358 -35.95 25.54 5.18
CA ARG A 358 -35.42 26.04 3.92
C ARG A 358 -34.79 24.93 3.09
N SER A 359 -35.00 25.00 1.77
CA SER A 359 -34.37 24.08 0.82
C SER A 359 -33.65 24.83 -0.30
N TRP A 360 -32.58 24.25 -0.83
CA TRP A 360 -32.00 24.76 -2.06
C TRP A 360 -31.43 23.65 -2.90
N GLY A 361 -31.79 23.64 -4.19
CA GLY A 361 -31.38 22.56 -5.04
C GLY A 361 -31.84 21.27 -4.41
N ASN A 362 -30.92 20.34 -4.17
CA ASN A 362 -31.28 19.09 -3.54
C ASN A 362 -31.14 19.12 -2.03
N PHE A 363 -30.64 20.23 -1.50
CA PHE A 363 -30.48 20.34 -0.06
C PHE A 363 -31.81 20.63 0.60
N PHE A 364 -32.00 20.08 1.79
CA PHE A 364 -33.17 20.37 2.60
C PHE A 364 -32.71 20.42 4.05
N GLU A 365 -33.07 21.47 4.78
CA GLU A 365 -32.68 21.60 6.18
C GLU A 365 -33.58 20.73 7.04
N PRO A 366 -33.10 20.36 8.22
CA PRO A 366 -33.97 19.68 9.17
C PRO A 366 -35.14 20.59 9.47
N ALA A 367 -36.35 20.06 9.37
CA ALA A 367 -37.53 20.80 9.79
C ALA A 367 -38.09 20.08 11.02
N ILE A 368 -38.18 20.80 12.15
CA ILE A 368 -38.66 20.15 13.38
C ILE A 368 -40.04 20.68 13.82
N PHE A 369 -40.93 19.75 14.19
CA PHE A 369 -42.30 20.12 14.58
C PHE A 369 -42.71 19.62 15.96
N VAL A 370 -43.52 20.42 16.65
CA VAL A 370 -44.26 19.96 17.81
C VAL A 370 -45.72 20.30 17.62
N ASP A 371 -46.54 20.01 18.63
CA ASP A 371 -47.98 20.21 18.54
C ASP A 371 -48.52 19.51 17.30
N VAL A 372 -48.04 18.30 17.03
CA VAL A 372 -48.55 17.57 15.88
C VAL A 372 -49.62 16.62 16.40
N ASP A 373 -50.30 15.92 15.50
CA ASP A 373 -51.16 14.84 15.95
C ASP A 373 -51.11 13.68 14.97
N ARG A 374 -51.85 12.62 15.28
CA ARG A 374 -51.79 11.39 14.50
C ARG A 374 -52.26 11.53 13.06
N ASN A 375 -52.89 12.64 12.70
CA ASN A 375 -53.36 12.80 11.32
C ASN A 375 -52.34 13.50 10.43
N PHE A 376 -51.25 13.97 11.01
CA PHE A 376 -50.16 14.58 10.23
C PHE A 376 -49.56 13.55 9.29
N ARG A 377 -49.15 13.99 8.09
CA ARG A 377 -48.46 13.12 7.15
C ARG A 377 -47.12 12.64 7.73
N ILE A 378 -46.49 13.48 8.55
CA ILE A 378 -45.23 13.07 9.16
C ILE A 378 -45.42 12.13 10.35
N MET A 379 -46.66 11.97 10.84
CA MET A 379 -46.90 10.83 11.72
C MET A 379 -47.42 9.57 11.02
N ARG A 380 -48.03 9.75 9.85
CA ARG A 380 -48.73 8.65 9.21
C ARG A 380 -47.89 7.88 8.21
N GLU A 381 -46.78 8.48 7.79
CA GLU A 381 -46.02 7.93 6.69
C GLU A 381 -44.55 7.91 7.08
N GLU A 382 -43.77 7.08 6.40
CA GLU A 382 -42.34 7.12 6.58
C GLU A 382 -41.81 8.43 5.97
N VAL A 383 -41.18 9.25 6.78
CA VAL A 383 -40.58 10.47 6.26
C VAL A 383 -39.10 10.20 6.12
N PHE A 384 -38.68 9.95 4.89
CA PHE A 384 -37.31 9.54 4.64
C PHE A 384 -36.65 10.81 4.16
N GLY A 385 -36.12 11.55 5.12
CA GLY A 385 -35.71 12.93 4.88
C GLY A 385 -35.75 13.63 6.23
N PRO A 386 -35.23 14.86 6.30
CA PRO A 386 -35.00 15.40 7.66
C PRO A 386 -36.19 16.16 8.26
N VAL A 387 -37.40 15.62 8.20
CA VAL A 387 -38.51 16.29 8.84
C VAL A 387 -38.95 15.44 10.01
N ARG A 388 -38.93 16.00 11.21
CA ARG A 388 -39.24 15.17 12.35
C ARG A 388 -40.27 15.77 13.28
N PRO A 389 -41.27 14.98 13.66
CA PRO A 389 -42.21 15.27 14.75
C PRO A 389 -41.63 14.95 16.10
N ILE A 390 -41.86 15.84 17.06
CA ILE A 390 -41.68 15.55 18.46
C ILE A 390 -43.07 15.56 19.10
N VAL A 391 -43.39 14.50 19.82
CA VAL A 391 -44.70 14.31 20.40
C VAL A 391 -44.51 14.20 21.90
N VAL A 392 -45.27 14.97 22.67
CA VAL A 392 -45.18 14.93 24.11
C VAL A 392 -46.28 13.99 24.59
N VAL A 393 -45.99 13.18 25.62
CA VAL A 393 -46.92 12.17 26.11
C VAL A 393 -46.94 12.17 27.64
N GLU A 394 -48.07 11.76 28.22
CA GLU A 394 -48.31 11.90 29.65
C GLU A 394 -47.65 10.82 30.49
N ASN A 395 -47.48 9.63 29.89
CA ASN A 395 -46.99 8.46 30.59
C ASN A 395 -46.51 7.35 29.65
N ASP A 396 -46.02 6.27 30.24
CA ASP A 396 -45.48 5.14 29.47
C ASP A 396 -46.51 4.49 28.54
N ASP A 397 -47.72 4.23 29.04
CA ASP A 397 -48.76 3.64 28.20
C ASP A 397 -49.00 4.46 26.97
N GLN A 398 -48.91 5.78 27.13
CA GLN A 398 -49.16 6.71 26.04
C GLN A 398 -47.97 6.76 25.10
N ALA A 399 -46.77 6.73 25.69
CA ALA A 399 -45.55 6.60 24.92
C ALA A 399 -45.68 5.41 23.98
N VAL A 400 -46.14 4.28 24.53
CA VAL A 400 -46.24 3.04 23.77
C VAL A 400 -47.34 3.13 22.73
N GLU A 401 -48.46 3.75 23.11
CA GLU A 401 -49.60 3.82 22.19
C GLU A 401 -49.20 4.59 20.94
N VAL A 402 -48.55 5.74 21.15
CA VAL A 402 -48.06 6.55 20.05
C VAL A 402 -46.97 5.81 19.27
N ALA A 403 -46.05 5.16 19.99
CA ALA A 403 -44.97 4.41 19.34
C ALA A 403 -45.51 3.35 18.38
N ASN A 404 -46.53 2.62 18.83
CA ASN A 404 -47.17 1.56 18.05
C ASN A 404 -48.14 2.04 16.98
N ASP A 405 -48.55 3.32 17.04
CA ASP A 405 -49.57 3.77 16.12
C ASP A 405 -48.87 4.28 14.86
N THR A 406 -48.79 3.37 13.89
CA THR A 406 -47.97 3.50 12.68
C THR A 406 -48.06 2.16 11.96
N ASP A 407 -47.79 2.15 10.66
CA ASP A 407 -47.97 0.95 9.86
C ASP A 407 -46.69 0.17 9.89
N TYR A 408 -45.64 0.86 10.33
CA TYR A 408 -44.28 0.35 10.26
C TYR A 408 -43.86 -0.35 11.53
N GLY A 409 -43.06 -1.38 11.34
CA GLY A 409 -42.51 -2.20 12.40
C GLY A 409 -41.02 -2.35 12.55
N LEU A 410 -40.21 -1.44 12.02
CA LEU A 410 -38.80 -1.81 11.84
C LEU A 410 -38.02 -1.85 13.15
N SER A 411 -37.71 -0.68 13.68
CA SER A 411 -36.90 -0.59 14.88
C SER A 411 -37.57 0.36 15.84
N GLY A 412 -36.84 0.74 16.88
CA GLY A 412 -37.39 1.56 17.94
C GLY A 412 -36.33 1.69 19.00
N ALA A 413 -36.52 2.63 19.91
CA ALA A 413 -35.60 2.76 21.03
C ALA A 413 -36.31 3.42 22.21
N VAL A 414 -35.77 3.20 23.41
CA VAL A 414 -36.21 3.93 24.59
C VAL A 414 -35.01 4.39 25.39
N LEU A 415 -35.01 5.66 25.79
CA LEU A 415 -33.99 6.16 26.68
C LEU A 415 -34.59 6.20 28.07
N THR A 416 -33.93 5.54 29.04
CA THR A 416 -34.34 5.56 30.44
C THR A 416 -33.35 4.78 31.30
N ASN A 417 -33.31 5.09 32.60
CA ASN A 417 -32.46 4.35 33.51
C ASN A 417 -33.21 3.33 34.34
N ASN A 418 -34.52 3.30 34.20
CA ASN A 418 -35.37 2.37 34.93
C ASN A 418 -35.45 1.02 34.19
N VAL A 419 -35.03 -0.07 34.83
CA VAL A 419 -34.99 -1.38 34.17
C VAL A 419 -36.39 -1.88 33.77
N ASN A 420 -37.35 -1.74 34.69
CA ASN A 420 -38.73 -2.17 34.44
C ASN A 420 -39.41 -1.41 33.32
N ARG A 421 -39.29 -0.10 33.34
CA ARG A 421 -39.86 0.72 32.28
C ARG A 421 -39.21 0.39 30.94
N ALA A 422 -37.88 0.29 30.94
CA ALA A 422 -37.13 -0.10 29.74
C ALA A 422 -37.67 -1.41 29.14
N PHE A 423 -37.87 -2.41 30.00
CA PHE A 423 -38.26 -3.73 29.51
C PHE A 423 -39.75 -3.83 29.14
N ARG A 424 -40.60 -3.12 29.88
CA ARG A 424 -42.02 -3.03 29.54
C ARG A 424 -42.15 -2.41 28.16
N ILE A 425 -41.49 -1.28 27.96
CA ILE A 425 -41.62 -0.55 26.71
C ILE A 425 -41.05 -1.36 25.55
N ALA A 426 -39.85 -1.92 25.77
CA ALA A 426 -39.21 -2.78 24.77
C ALA A 426 -40.10 -3.95 24.34
N GLU A 427 -40.76 -4.60 25.31
CA GLU A 427 -41.66 -5.69 24.97
C GLU A 427 -42.93 -5.22 24.25
N ALA A 428 -43.45 -4.06 24.64
CA ALA A 428 -44.74 -3.61 24.12
C ALA A 428 -44.68 -2.98 22.73
N VAL A 429 -43.56 -2.38 22.40
CA VAL A 429 -43.41 -1.77 21.08
C VAL A 429 -43.39 -2.83 19.97
N GLU A 430 -44.22 -2.67 18.95
CA GLU A 430 -44.23 -3.70 17.93
C GLU A 430 -43.21 -3.37 16.85
N SER A 431 -42.06 -4.02 16.92
CA SER A 431 -40.96 -3.72 16.03
C SER A 431 -40.10 -4.96 15.91
N GLY A 432 -39.41 -5.08 14.79
CA GLY A 432 -38.55 -6.23 14.57
C GLY A 432 -37.26 -6.09 15.35
N MET A 433 -36.95 -4.85 15.75
CA MET A 433 -35.73 -4.55 16.50
C MET A 433 -36.00 -3.45 17.52
N PHE A 434 -35.25 -3.46 18.62
CA PHE A 434 -35.43 -2.43 19.65
C PHE A 434 -34.16 -2.19 20.45
N HIS A 435 -33.91 -0.94 20.83
CA HIS A 435 -32.66 -0.63 21.51
C HIS A 435 -32.89 0.24 22.74
N ILE A 436 -32.48 -0.26 23.89
CA ILE A 436 -32.56 0.50 25.13
C ILE A 436 -31.28 1.34 25.33
N ASN A 437 -31.46 2.66 25.43
CA ASN A 437 -30.37 3.63 25.61
C ASN A 437 -29.34 3.67 24.48
N ASP A 438 -29.84 3.52 23.25
CA ASP A 438 -29.01 3.73 22.06
C ASP A 438 -29.87 4.27 20.92
N VAL A 439 -29.26 4.60 19.80
CA VAL A 439 -29.99 5.02 18.62
C VAL A 439 -30.88 3.90 18.05
N THR A 440 -31.90 4.29 17.30
CA THR A 440 -32.75 3.32 16.60
C THR A 440 -32.02 2.55 15.47
N PHE A 441 -30.98 3.15 14.89
CA PHE A 441 -30.27 2.56 13.75
C PHE A 441 -29.08 1.66 14.06
N LEU A 442 -28.96 1.24 15.32
CA LEU A 442 -27.93 0.26 15.67
C LEU A 442 -28.00 -0.88 14.69
N GLU A 443 -26.86 -1.21 14.11
CA GLU A 443 -26.77 -2.33 13.19
C GLU A 443 -25.42 -3.01 13.33
N GLU A 444 -25.44 -4.33 13.48
CA GLU A 444 -24.20 -5.07 13.49
C GLU A 444 -24.27 -6.04 12.34
N SER A 445 -23.10 -6.52 11.89
CA SER A 445 -23.04 -7.30 10.67
C SER A 445 -23.63 -8.69 10.83
N HIS A 446 -23.62 -9.22 12.04
CA HIS A 446 -24.08 -10.58 12.31
C HIS A 446 -25.46 -10.74 12.94
N VAL A 447 -26.18 -9.64 13.17
CA VAL A 447 -27.49 -9.66 13.84
C VAL A 447 -28.68 -9.79 12.85
N PRO A 448 -29.85 -10.28 13.33
CA PRO A 448 -31.08 -10.39 12.54
C PRO A 448 -31.74 -9.02 12.34
N PHE A 449 -31.34 -8.37 11.24
CA PHE A 449 -31.87 -7.08 10.88
C PHE A 449 -33.16 -7.20 10.05
N GLY A 450 -34.25 -6.65 10.57
CA GLY A 450 -35.53 -6.68 9.90
C GLY A 450 -36.66 -6.25 10.81
N GLY A 451 -37.80 -5.91 10.20
CA GLY A 451 -38.97 -5.48 10.94
C GLY A 451 -40.16 -6.42 10.86
N ILE A 452 -41.28 -5.90 11.36
CA ILE A 452 -42.57 -6.58 11.25
C ILE A 452 -43.56 -5.55 10.68
N LYS A 453 -44.83 -5.93 10.60
CA LYS A 453 -45.87 -5.08 9.97
C LYS A 453 -45.47 -4.65 8.55
N ALA A 454 -45.59 -3.36 8.23
CA ALA A 454 -45.25 -2.89 6.89
C ALA A 454 -43.74 -2.78 6.64
N SER A 455 -42.94 -3.02 7.66
CA SER A 455 -41.50 -2.87 7.50
C SER A 455 -40.85 -4.02 6.70
N GLY A 456 -41.49 -5.18 6.66
CA GLY A 456 -41.05 -6.17 5.71
C GLY A 456 -41.11 -7.62 6.15
N VAL A 457 -40.37 -8.44 5.40
CA VAL A 457 -40.34 -9.87 5.60
C VAL A 457 -38.88 -10.31 5.62
N GLY A 458 -38.51 -11.12 6.61
CA GLY A 458 -37.18 -11.67 6.68
C GLY A 458 -36.18 -10.89 7.51
N ARG A 459 -34.98 -11.46 7.65
CA ARG A 459 -33.90 -10.86 8.43
C ARG A 459 -32.61 -11.02 7.64
N GLU A 460 -31.68 -10.10 7.84
CA GLU A 460 -30.40 -10.20 7.17
C GLU A 460 -29.27 -9.86 8.12
N GLY A 461 -28.07 -10.32 7.74
CA GLY A 461 -26.86 -10.28 8.54
C GLY A 461 -26.55 -11.66 9.10
N GLY A 462 -25.27 -12.01 9.02
CA GLY A 462 -24.80 -13.31 9.44
C GLY A 462 -25.60 -14.52 8.96
N GLU A 463 -25.86 -15.39 9.92
CA GLU A 463 -26.57 -16.63 9.67
C GLU A 463 -28.00 -16.35 9.24
N TRP A 464 -28.50 -15.15 9.52
CA TRP A 464 -29.86 -14.78 9.11
C TRP A 464 -29.92 -14.53 7.61
N SER A 465 -28.86 -13.94 7.08
CA SER A 465 -28.72 -13.81 5.63
C SER A 465 -28.56 -15.21 5.01
N PHE A 466 -27.69 -16.02 5.62
CA PHE A 466 -27.47 -17.37 5.11
C PHE A 466 -28.81 -18.09 5.05
N HIS A 467 -29.56 -17.90 6.12
CA HIS A 467 -30.87 -18.47 6.25
C HIS A 467 -31.86 -18.05 5.16
N GLU A 468 -31.87 -16.77 4.82
CA GLU A 468 -32.78 -16.32 3.77
C GLU A 468 -32.40 -16.98 2.45
N THR A 469 -31.10 -17.18 2.26
CA THR A 469 -30.63 -17.77 1.00
C THR A 469 -30.35 -19.29 0.93
N THR A 470 -30.76 -20.05 1.94
CA THR A 470 -30.55 -21.49 1.95
C THR A 470 -31.83 -22.21 2.30
N TYR A 471 -31.83 -23.53 2.10
CA TYR A 471 -32.92 -24.33 2.59
C TYR A 471 -32.42 -25.59 3.31
N ASP A 472 -33.30 -26.17 4.12
CA ASP A 472 -33.02 -27.40 4.82
C ASP A 472 -33.35 -28.61 3.96
N ARG A 473 -32.46 -29.61 3.98
CA ARG A 473 -32.69 -30.84 3.23
C ARG A 473 -32.67 -32.01 4.19
N TRP A 474 -33.85 -32.59 4.44
CA TRP A 474 -33.96 -33.72 5.33
C TRP A 474 -33.52 -34.98 4.58
N VAL A 475 -32.54 -35.69 5.14
CA VAL A 475 -32.05 -36.92 4.56
C VAL A 475 -32.03 -38.03 5.60
N THR A 476 -32.56 -39.20 5.22
CA THR A 476 -32.47 -40.35 6.08
C THR A 476 -31.78 -41.52 5.38
N VAL A 477 -31.24 -42.40 6.20
CA VAL A 477 -30.82 -43.70 5.73
C VAL A 477 -31.49 -44.70 6.66
N THR A 478 -32.16 -45.69 6.07
CA THR A 478 -32.83 -46.73 6.83
C THR A 478 -31.98 -47.99 6.74
N LEU A 479 -31.60 -48.55 7.90
CA LEU A 479 -30.67 -49.68 7.92
C LEU A 479 -31.31 -51.03 8.09
N ARG A 480 -32.61 -51.06 8.34
CA ARG A 480 -33.31 -52.33 8.53
C ARG A 480 -34.35 -52.47 7.45
N THR A 481 -34.60 -53.71 7.05
CA THR A 481 -35.69 -54.00 6.13
C THR A 481 -37.03 -53.89 6.87
N ARG A 482 -38.07 -53.46 6.17
CA ARG A 482 -39.38 -53.30 6.80
C ARG A 482 -40.44 -54.13 6.08
N ARG A 483 -41.53 -54.39 6.78
CA ARG A 483 -42.67 -55.12 6.23
C ARG A 483 -43.69 -54.04 5.87
N PHE A 484 -44.45 -54.24 4.80
CA PHE A 484 -45.33 -53.15 4.34
C PHE A 484 -46.82 -53.49 4.45
N PRO A 485 -47.67 -52.49 4.71
CA PRO A 485 -49.09 -52.77 4.99
C PRO A 485 -49.90 -53.22 3.76
N ILE A 486 -49.50 -52.83 2.55
CA ILE A 486 -50.12 -53.30 1.31
C ILE A 486 -49.11 -54.03 0.44
N PRO A 487 -49.56 -55.08 -0.28
CA PRO A 487 -50.90 -55.67 -0.11
C PRO A 487 -51.00 -56.52 1.17
N SER A 488 -52.14 -56.44 1.84
CA SER A 488 -52.39 -57.16 3.09
C SER A 488 -52.25 -58.67 2.93
N ALA A 489 -52.62 -59.19 1.76
CA ALA A 489 -52.54 -60.63 1.50
C ALA A 489 -51.12 -61.12 1.68
N LEU A 490 -50.17 -60.25 1.36
CA LEU A 490 -48.77 -60.61 1.34
C LEU A 490 -48.21 -60.72 2.75
N MET B 7 -75.24 -36.65 14.35
CA MET B 7 -74.19 -35.67 14.10
C MET B 7 -74.72 -34.30 13.65
N LYS B 8 -74.42 -33.27 14.44
CA LYS B 8 -74.67 -31.90 13.99
C LYS B 8 -73.35 -31.18 13.80
N VAL B 9 -72.96 -30.99 12.55
CA VAL B 9 -71.66 -30.39 12.25
C VAL B 9 -71.80 -28.88 12.13
N ALA B 10 -70.91 -28.15 12.79
CA ALA B 10 -71.00 -26.69 12.87
C ALA B 10 -69.64 -26.02 12.77
N ASN B 11 -69.63 -24.70 12.62
CA ASN B 11 -68.37 -24.00 12.81
C ASN B 11 -68.04 -24.00 14.29
N TYR B 12 -66.84 -23.54 14.63
CA TYR B 12 -66.50 -23.33 16.02
C TYR B 12 -65.77 -22.00 16.04
N ILE B 13 -66.40 -20.99 16.63
CA ILE B 13 -65.87 -19.63 16.59
C ILE B 13 -65.97 -19.01 17.96
N ASN B 14 -64.83 -18.55 18.45
CA ASN B 14 -64.74 -17.92 19.75
C ASN B 14 -65.29 -18.79 20.88
N GLY B 15 -64.94 -20.08 20.87
CA GLY B 15 -65.32 -20.97 21.95
C GLY B 15 -66.71 -21.56 21.82
N GLU B 16 -67.39 -21.26 20.72
CA GLU B 16 -68.77 -21.70 20.54
C GLU B 16 -68.98 -22.43 19.22
N PHE B 17 -69.60 -23.60 19.28
CA PHE B 17 -70.05 -24.26 18.07
C PHE B 17 -71.23 -23.47 17.53
N LYS B 18 -71.12 -23.02 16.28
CA LYS B 18 -72.02 -22.00 15.75
C LYS B 18 -72.41 -22.28 14.29
N GLU B 19 -73.65 -21.98 13.94
CA GLU B 19 -74.10 -22.08 12.56
C GLU B 19 -73.43 -21.01 11.70
N PRO B 20 -73.31 -21.27 10.39
CA PRO B 20 -72.88 -20.18 9.52
C PRO B 20 -73.92 -19.07 9.57
N SER B 21 -73.49 -17.82 9.53
CA SER B 21 -74.42 -16.70 9.56
C SER B 21 -75.45 -16.82 8.44
N THR B 22 -75.01 -17.25 7.26
CA THR B 22 -75.89 -17.47 6.11
C THR B 22 -77.02 -18.41 6.45
N GLY B 23 -76.67 -19.52 7.09
CA GLY B 23 -77.61 -20.59 7.35
C GLY B 23 -77.39 -21.69 6.31
N ALA B 24 -76.57 -21.37 5.31
CA ALA B 24 -76.28 -22.30 4.22
C ALA B 24 -75.68 -23.62 4.70
N PHE B 25 -75.96 -24.67 3.96
CA PHE B 25 -75.39 -25.99 4.24
C PHE B 25 -75.11 -26.74 2.94
N GLN B 26 -74.01 -27.48 2.92
CA GLN B 26 -73.73 -28.41 1.83
C GLN B 26 -73.99 -29.79 2.40
N VAL B 27 -74.40 -30.72 1.55
CA VAL B 27 -74.51 -32.10 1.99
C VAL B 27 -73.22 -32.85 1.65
N LYS B 28 -72.46 -33.22 2.66
CA LYS B 28 -71.26 -34.04 2.44
C LYS B 28 -71.65 -35.52 2.45
N THR B 29 -71.27 -36.19 1.35
CA THR B 29 -71.57 -37.61 1.12
C THR B 29 -70.26 -38.43 1.09
N SER B 30 -70.38 -39.74 1.29
CA SER B 30 -69.24 -40.64 1.23
C SER B 30 -68.76 -40.88 -0.20
N PRO B 31 -67.43 -40.82 -0.41
CA PRO B 31 -66.85 -41.17 -1.71
C PRO B 31 -66.98 -42.65 -2.03
N VAL B 32 -67.36 -43.45 -1.02
CA VAL B 32 -67.40 -44.91 -1.16
C VAL B 32 -68.62 -45.38 -1.94
N ASP B 33 -69.79 -45.27 -1.32
CA ASP B 33 -71.07 -45.54 -1.98
C ASP B 33 -71.89 -44.31 -2.38
N GLY B 34 -71.40 -43.12 -2.05
CA GLY B 34 -72.15 -41.92 -2.35
C GLY B 34 -73.19 -41.58 -1.29
N SER B 35 -73.27 -42.39 -0.24
CA SER B 35 -74.25 -42.18 0.83
C SER B 35 -74.01 -40.90 1.61
N LYS B 36 -75.09 -40.29 2.10
CA LYS B 36 -74.98 -39.07 2.89
C LYS B 36 -74.18 -39.30 4.18
N ILE B 37 -73.32 -38.33 4.49
CA ILE B 37 -72.54 -38.40 5.72
C ILE B 37 -73.12 -37.41 6.70
N ALA B 38 -73.08 -36.13 6.35
CA ALA B 38 -73.70 -35.14 7.20
C ALA B 38 -73.95 -33.85 6.43
N GLU B 39 -74.83 -33.01 6.95
CA GLU B 39 -74.92 -31.65 6.43
C GLU B 39 -73.85 -30.87 7.13
N VAL B 40 -73.15 -30.02 6.39
CA VAL B 40 -72.06 -29.22 6.95
C VAL B 40 -72.25 -27.77 6.56
N PRO B 41 -71.67 -26.84 7.34
CA PRO B 41 -71.80 -25.42 7.00
C PRO B 41 -71.32 -25.09 5.59
N ARG B 42 -71.96 -24.14 4.92
CA ARG B 42 -71.31 -23.47 3.81
C ARG B 42 -71.13 -22.03 4.26
N SER B 43 -69.95 -21.73 4.75
CA SER B 43 -69.68 -20.44 5.37
C SER B 43 -69.30 -19.35 4.39
N GLY B 44 -69.57 -18.11 4.77
CA GLY B 44 -69.20 -16.98 3.95
C GLY B 44 -68.07 -16.15 4.53
N ARG B 45 -68.00 -14.91 4.06
CA ARG B 45 -66.90 -14.03 4.36
C ARG B 45 -67.07 -13.51 5.78
N GLU B 46 -68.32 -13.48 6.23
CA GLU B 46 -68.60 -12.92 7.55
C GLU B 46 -68.18 -13.90 8.61
N ASP B 47 -68.42 -15.18 8.36
CA ASP B 47 -67.98 -16.21 9.29
C ASP B 47 -66.46 -16.13 9.46
N ALA B 48 -65.77 -16.10 8.33
CA ALA B 48 -64.32 -16.00 8.32
C ALA B 48 -63.87 -14.79 9.13
N ARG B 49 -64.55 -13.66 8.90
CA ARG B 49 -64.25 -12.41 9.57
C ARG B 49 -64.47 -12.50 11.09
N GLU B 50 -65.52 -13.22 11.47
CA GLU B 50 -65.87 -13.37 12.88
C GLU B 50 -64.75 -14.16 13.56
N ALA B 51 -64.38 -15.28 12.95
CA ALA B 51 -63.29 -16.10 13.49
C ALA B 51 -61.97 -15.34 13.55
N ILE B 52 -61.67 -14.60 12.49
CA ILE B 52 -60.44 -13.82 12.46
C ILE B 52 -60.38 -12.83 13.62
N ASP B 53 -61.46 -12.06 13.82
CA ASP B 53 -61.51 -11.08 14.92
C ASP B 53 -61.43 -11.75 16.30
N SER B 54 -62.11 -12.89 16.42
CA SER B 54 -62.00 -13.72 17.63
C SER B 54 -60.53 -14.08 17.90
N ALA B 55 -59.81 -14.43 16.82
CA ALA B 55 -58.42 -14.84 16.94
C ALA B 55 -57.54 -13.65 17.33
N PHE B 56 -57.86 -12.50 16.76
CA PHE B 56 -57.07 -11.30 17.00
C PHE B 56 -57.27 -10.76 18.44
N GLU B 57 -58.46 -10.98 18.98
CA GLU B 57 -58.73 -10.57 20.37
C GLU B 57 -58.15 -11.58 21.36
N ALA B 58 -58.15 -12.86 21.00
CA ALA B 58 -57.58 -13.89 21.86
C ALA B 58 -56.05 -13.84 21.89
N LEU B 59 -55.49 -13.20 20.87
CA LEU B 59 -54.05 -13.23 20.61
C LEU B 59 -53.15 -12.80 21.78
N LYS B 60 -53.42 -11.65 22.37
CA LYS B 60 -52.52 -11.16 23.41
C LYS B 60 -52.49 -12.07 24.63
N ALA B 61 -53.66 -12.38 25.17
CA ALA B 61 -53.77 -13.27 26.32
C ALA B 61 -53.03 -14.57 26.02
N TRP B 62 -53.29 -15.11 24.82
CA TRP B 62 -52.70 -16.41 24.45
C TRP B 62 -51.18 -16.40 24.28
N ALA B 63 -50.68 -15.34 23.64
CA ALA B 63 -49.26 -15.22 23.36
C ALA B 63 -48.43 -14.79 24.58
N ASN B 64 -49.06 -14.19 25.58
CA ASN B 64 -48.26 -13.70 26.71
C ASN B 64 -48.21 -14.58 27.98
N ILE B 65 -48.97 -15.66 28.01
CA ILE B 65 -48.82 -16.62 29.09
C ILE B 65 -47.53 -17.42 28.86
N PRO B 66 -46.93 -17.98 29.91
CA PRO B 66 -45.68 -18.68 29.61
C PRO B 66 -45.91 -19.94 28.75
N ALA B 67 -44.87 -20.34 28.04
CA ALA B 67 -44.90 -21.49 27.14
C ALA B 67 -45.49 -22.72 27.83
N ILE B 68 -45.08 -22.94 29.08
CA ILE B 68 -45.58 -24.07 29.85
C ILE B 68 -47.12 -24.16 29.92
N ARG B 69 -47.80 -23.03 30.04
CA ARG B 69 -49.26 -23.03 30.05
C ARG B 69 -49.87 -23.53 28.73
N ARG B 70 -49.37 -22.97 27.63
CA ARG B 70 -49.76 -23.45 26.31
C ARG B 70 -49.47 -24.94 26.15
N ALA B 71 -48.33 -25.39 26.68
CA ALA B 71 -47.99 -26.80 26.62
C ALA B 71 -48.99 -27.66 27.42
N GLU B 72 -49.49 -27.12 28.52
CA GLU B 72 -50.47 -27.84 29.30
C GLU B 72 -51.77 -27.99 28.50
N TYR B 73 -52.12 -26.93 27.80
CA TYR B 73 -53.26 -27.01 26.89
C TYR B 73 -53.09 -28.07 25.80
N LEU B 74 -51.92 -28.13 25.19
CA LEU B 74 -51.67 -29.14 24.16
C LEU B 74 -51.66 -30.54 24.74
N TYR B 75 -51.26 -30.66 26.00
CA TYR B 75 -51.23 -31.97 26.65
C TYR B 75 -52.65 -32.45 26.90
N LYS B 76 -53.48 -31.49 27.30
CA LYS B 76 -54.90 -31.75 27.47
C LYS B 76 -55.48 -32.20 26.11
N MET B 77 -55.13 -31.47 25.06
CA MET B 77 -55.55 -31.82 23.69
C MET B 77 -55.18 -33.25 23.35
N LEU B 78 -53.95 -33.64 23.68
CA LEU B 78 -53.47 -34.98 23.47
C LEU B 78 -54.37 -36.00 24.14
N GLU B 79 -54.72 -35.75 25.41
CA GLU B 79 -55.50 -36.74 26.15
C GLU B 79 -56.92 -36.84 25.58
N VAL B 80 -57.46 -35.72 25.11
CA VAL B 80 -58.76 -35.74 24.49
C VAL B 80 -58.71 -36.55 23.18
N PHE B 81 -57.69 -36.28 22.36
CA PHE B 81 -57.51 -36.95 21.09
C PHE B 81 -57.43 -38.46 21.26
N ARG B 82 -56.70 -38.89 22.29
CA ARG B 82 -56.57 -40.32 22.56
C ARG B 82 -57.92 -41.01 22.74
N GLN B 83 -58.88 -40.29 23.30
CA GLN B 83 -60.21 -40.79 23.53
C GLN B 83 -61.04 -40.75 22.25
N MET B 84 -60.64 -39.88 21.33
CA MET B 84 -61.39 -39.66 20.09
C MET B 84 -60.86 -40.44 18.90
N LYS B 85 -59.84 -41.27 19.12
CA LYS B 85 -59.17 -42.00 18.05
C LYS B 85 -60.12 -42.75 17.12
N GLU B 86 -61.00 -43.58 17.67
CA GLU B 86 -61.93 -44.39 16.86
C GLU B 86 -62.85 -43.52 16.03
N ASP B 87 -63.27 -42.40 16.60
CA ASP B 87 -64.12 -41.47 15.89
C ASP B 87 -63.39 -40.88 14.70
N PHE B 88 -62.15 -40.48 14.95
CA PHE B 88 -61.33 -39.92 13.90
C PHE B 88 -61.13 -40.91 12.78
N MET B 89 -60.88 -42.16 13.15
CA MET B 89 -60.62 -43.21 12.18
C MET B 89 -61.85 -43.44 11.32
N LYS B 90 -62.99 -43.68 11.98
CA LYS B 90 -64.25 -43.86 11.25
C LYS B 90 -64.48 -42.71 10.28
N ILE B 91 -64.40 -41.48 10.77
CA ILE B 91 -64.64 -40.36 9.85
C ILE B 91 -63.62 -40.28 8.72
N LEU B 92 -62.37 -40.61 9.00
CA LEU B 92 -61.32 -40.55 7.99
C LEU B 92 -61.61 -41.58 6.89
N THR B 93 -62.12 -42.74 7.29
CA THR B 93 -62.50 -43.78 6.35
C THR B 93 -63.77 -43.45 5.55
N VAL B 94 -64.81 -42.99 6.24
CA VAL B 94 -66.09 -42.71 5.59
C VAL B 94 -66.06 -41.47 4.69
N GLU B 95 -65.50 -40.38 5.20
CA GLU B 95 -65.41 -39.17 4.40
C GLU B 95 -64.18 -39.10 3.48
N GLY B 96 -63.08 -39.75 3.85
CA GLY B 96 -61.87 -39.59 3.07
C GLY B 96 -61.52 -40.76 2.17
N GLY B 97 -62.16 -41.90 2.40
CA GLY B 97 -61.96 -43.07 1.57
C GLY B 97 -60.75 -43.88 2.01
N GLY B 98 -60.24 -43.56 3.20
CA GLY B 98 -59.06 -44.23 3.72
C GLY B 98 -59.32 -45.63 4.23
N THR B 99 -58.35 -46.52 4.04
CA THR B 99 -58.45 -47.88 4.54
C THR B 99 -58.22 -47.87 6.04
N TYR B 100 -58.34 -49.03 6.68
CA TYR B 100 -58.12 -49.11 8.11
C TYR B 100 -56.69 -48.76 8.42
N ARG B 101 -55.78 -49.27 7.60
CA ARG B 101 -54.37 -49.01 7.82
C ARG B 101 -53.98 -47.56 7.57
N LYS B 102 -54.57 -46.94 6.54
CA LYS B 102 -54.29 -45.54 6.24
C LYS B 102 -54.69 -44.66 7.42
N VAL B 103 -55.91 -44.86 7.91
CA VAL B 103 -56.45 -44.05 8.99
C VAL B 103 -55.81 -44.34 10.35
N TRP B 104 -55.47 -45.60 10.62
CA TRP B 104 -54.77 -45.94 11.84
C TRP B 104 -53.43 -45.22 11.86
N GLY B 105 -52.67 -45.41 10.77
CA GLY B 105 -51.41 -44.69 10.61
C GLY B 105 -51.55 -43.20 10.84
N GLU B 106 -52.57 -42.59 10.23
CA GLU B 106 -52.75 -41.14 10.33
C GLU B 106 -53.12 -40.66 11.74
N VAL B 107 -53.97 -41.42 12.41
CA VAL B 107 -54.39 -41.12 13.76
C VAL B 107 -53.19 -41.22 14.74
N VAL B 108 -52.38 -42.26 14.57
CA VAL B 108 -51.18 -42.45 15.38
C VAL B 108 -50.24 -41.27 15.17
N PHE B 109 -50.00 -40.94 13.91
CA PHE B 109 -49.09 -39.87 13.59
C PHE B 109 -49.61 -38.56 14.15
N THR B 110 -50.93 -38.39 14.13
CA THR B 110 -51.54 -37.18 14.67
C THR B 110 -51.28 -37.09 16.18
N GLU B 111 -51.52 -38.18 16.89
CA GLU B 111 -51.23 -38.24 18.29
C GLU B 111 -49.78 -37.78 18.55
N ARG B 112 -48.84 -38.40 17.84
CA ARG B 112 -47.44 -37.98 17.90
C ARG B 112 -47.22 -36.49 17.61
N LEU B 113 -47.91 -35.96 16.60
CA LEU B 113 -47.75 -34.56 16.25
C LEU B 113 -48.14 -33.65 17.40
N ILE B 114 -49.29 -33.93 18.00
CA ILE B 114 -49.80 -33.12 19.08
C ILE B 114 -48.81 -33.16 20.23
N GLN B 115 -48.45 -34.37 20.62
CA GLN B 115 -47.47 -34.52 21.67
C GLN B 115 -46.21 -33.72 21.34
N ASN B 116 -45.80 -33.74 20.08
CA ASN B 116 -44.55 -33.08 19.68
C ASN B 116 -44.59 -31.59 19.92
N ALA B 117 -45.68 -30.96 19.46
CA ALA B 117 -45.86 -29.53 19.66
C ALA B 117 -45.84 -29.21 21.17
N ALA B 118 -46.52 -30.05 21.94
CA ALA B 118 -46.53 -29.92 23.39
C ALA B 118 -45.12 -29.96 23.96
N GLU B 119 -44.34 -30.93 23.52
CA GLU B 119 -43.02 -31.19 24.06
C GLU B 119 -42.08 -30.04 23.77
N LEU B 120 -42.23 -29.45 22.59
CA LEU B 120 -41.29 -28.43 22.18
C LEU B 120 -41.65 -27.04 22.66
N ALA B 121 -42.90 -26.85 23.08
CA ALA B 121 -43.39 -25.51 23.41
C ALA B 121 -42.48 -24.68 24.35
N ARG B 122 -41.95 -25.29 25.41
CA ARG B 122 -41.16 -24.53 26.40
C ARG B 122 -39.73 -24.27 25.94
N HIS B 123 -39.31 -24.99 24.91
CA HIS B 123 -37.91 -25.04 24.55
C HIS B 123 -37.45 -24.22 23.34
N TYR B 124 -38.37 -23.51 22.71
CA TYR B 124 -37.98 -22.80 21.48
C TYR B 124 -37.24 -21.54 21.89
N GLN B 125 -35.97 -21.48 21.52
CA GLN B 125 -34.99 -20.59 22.12
C GLN B 125 -34.61 -19.50 21.16
N GLY B 126 -34.23 -18.34 21.70
CA GLY B 126 -33.67 -17.27 20.90
C GLY B 126 -32.18 -17.37 21.09
N ARG B 127 -31.44 -16.36 20.69
CA ARG B 127 -29.98 -16.42 20.79
C ARG B 127 -29.42 -15.27 21.63
N VAL B 128 -28.28 -15.49 22.29
CA VAL B 128 -27.53 -14.41 22.90
C VAL B 128 -26.29 -14.19 22.06
N LEU B 129 -26.05 -12.95 21.68
CA LEU B 129 -25.10 -12.62 20.64
C LEU B 129 -23.91 -11.90 21.22
N GLN B 130 -22.80 -11.95 20.51
CA GLN B 130 -21.67 -11.10 20.80
C GLN B 130 -21.87 -9.75 20.11
N SER B 131 -21.65 -8.66 20.83
CA SER B 131 -21.68 -7.37 20.17
C SER B 131 -20.30 -6.95 19.70
N ASP B 132 -20.22 -6.41 18.50
CA ASP B 132 -18.99 -5.79 18.07
C ASP B 132 -18.76 -4.44 18.78
N SER B 133 -19.77 -3.99 19.52
CA SER B 133 -19.68 -2.71 20.25
C SER B 133 -19.36 -2.89 21.73
N GLU B 134 -18.69 -1.89 22.28
CA GLU B 134 -18.10 -1.98 23.61
C GLU B 134 -19.02 -2.43 24.74
N SER B 135 -19.97 -1.62 25.21
CA SER B 135 -20.72 -2.15 26.35
C SER B 135 -22.14 -2.34 25.95
N THR B 136 -22.42 -3.52 25.42
CA THR B 136 -23.69 -3.73 24.77
C THR B 136 -24.15 -5.16 24.97
N ILE B 137 -25.36 -5.32 25.49
CA ILE B 137 -25.99 -6.61 25.55
C ILE B 137 -26.74 -6.71 24.25
N SER B 138 -26.55 -7.82 23.53
CA SER B 138 -27.26 -8.02 22.28
C SER B 138 -27.88 -9.41 22.31
N VAL B 139 -29.21 -9.48 22.28
CA VAL B 139 -29.89 -10.77 22.28
C VAL B 139 -31.00 -10.78 21.24
N VAL B 140 -31.54 -11.96 20.93
CA VAL B 140 -32.57 -12.13 19.93
C VAL B 140 -33.66 -13.02 20.50
N PHE B 141 -34.89 -12.50 20.46
CA PHE B 141 -36.03 -13.13 21.09
C PHE B 141 -36.91 -13.74 20.02
N LYS B 142 -37.63 -14.79 20.40
CA LYS B 142 -38.63 -15.34 19.51
C LYS B 142 -39.97 -14.77 19.93
N ARG B 143 -40.66 -14.13 19.00
CA ARG B 143 -42.04 -13.71 19.27
C ARG B 143 -43.00 -14.40 18.30
N SER B 144 -44.21 -14.70 18.77
CA SER B 144 -45.20 -15.36 17.92
C SER B 144 -45.68 -14.39 16.86
N LYS B 145 -46.14 -14.91 15.72
CA LYS B 145 -46.52 -14.03 14.62
C LYS B 145 -47.87 -13.32 14.80
N GLY B 146 -48.88 -14.05 15.25
CA GLY B 146 -50.22 -13.48 15.26
C GLY B 146 -51.27 -14.54 15.03
N VAL B 147 -52.41 -14.14 14.49
CA VAL B 147 -53.36 -15.13 14.01
C VAL B 147 -52.85 -15.75 12.70
N VAL B 148 -52.86 -17.07 12.70
CA VAL B 148 -52.35 -17.83 11.60
C VAL B 148 -53.52 -18.51 10.93
N GLY B 149 -53.68 -18.26 9.62
CA GLY B 149 -54.63 -19.02 8.83
C GLY B 149 -54.06 -20.40 8.49
N VAL B 150 -54.91 -21.41 8.55
CA VAL B 150 -54.51 -22.75 8.19
C VAL B 150 -55.53 -23.38 7.25
N ILE B 151 -55.08 -23.68 6.04
CA ILE B 151 -55.91 -24.21 4.96
C ILE B 151 -55.34 -25.55 4.49
N THR B 152 -56.15 -26.61 4.61
CA THR B 152 -55.63 -27.97 4.51
C THR B 152 -56.29 -28.81 3.40
N PRO B 153 -55.64 -29.93 3.01
CA PRO B 153 -56.16 -30.75 1.92
C PRO B 153 -57.06 -31.87 2.42
N TRP B 154 -57.56 -32.69 1.49
CA TRP B 154 -58.46 -33.80 1.85
C TRP B 154 -57.76 -35.16 1.99
N ASN B 155 -56.51 -35.27 1.56
CA ASN B 155 -55.89 -36.58 1.48
C ASN B 155 -55.48 -37.13 2.84
N TYR B 156 -54.85 -36.28 3.65
CA TYR B 156 -54.53 -36.65 5.03
C TYR B 156 -54.97 -35.48 5.89
N PRO B 157 -56.28 -35.24 5.91
CA PRO B 157 -56.79 -33.98 6.46
C PRO B 157 -56.48 -33.85 7.95
N LEU B 158 -56.54 -34.97 8.67
CA LEU B 158 -56.31 -34.95 10.11
C LEU B 158 -54.88 -34.59 10.45
N SER B 159 -53.95 -35.34 9.87
CA SER B 159 -52.55 -35.26 10.31
C SER B 159 -51.91 -33.98 9.82
N ILE B 160 -52.21 -33.63 8.58
CA ILE B 160 -51.70 -32.39 7.99
C ILE B 160 -52.24 -31.20 8.76
N SER B 161 -53.58 -31.18 8.96
CA SER B 161 -54.20 -30.09 9.72
C SER B 161 -53.58 -29.97 11.11
N MET B 162 -53.41 -31.10 11.79
CA MET B 162 -52.95 -31.09 13.17
C MET B 162 -51.48 -30.71 13.28
N LYS B 163 -50.70 -31.09 12.27
CA LYS B 163 -49.29 -30.71 12.30
C LYS B 163 -49.20 -29.20 12.25
N LYS B 164 -50.02 -28.57 11.40
CA LYS B 164 -50.03 -27.11 11.40
C LYS B 164 -50.64 -26.44 12.66
N ILE B 165 -51.81 -26.92 13.05
CA ILE B 165 -52.52 -26.35 14.19
C ILE B 165 -51.75 -26.46 15.51
N ALA B 166 -51.42 -27.69 15.89
CA ALA B 166 -50.77 -27.95 17.17
C ALA B 166 -49.51 -27.10 17.36
N HIS B 167 -48.62 -27.13 16.37
CA HIS B 167 -47.38 -26.39 16.45
C HIS B 167 -47.61 -24.89 16.41
N THR B 168 -48.49 -24.43 15.54
CA THR B 168 -48.78 -23.00 15.52
C THR B 168 -49.25 -22.48 16.88
N LEU B 169 -50.17 -23.22 17.50
CA LEU B 169 -50.70 -22.89 18.83
C LEU B 169 -49.63 -22.88 19.92
N ALA B 170 -48.81 -23.92 19.93
CA ALA B 170 -47.78 -24.12 20.94
C ALA B 170 -46.93 -22.85 21.16
N VAL B 171 -46.61 -22.19 20.06
CA VAL B 171 -45.61 -21.15 20.13
C VAL B 171 -46.25 -19.76 20.32
N GLY B 172 -47.57 -19.73 20.51
CA GLY B 172 -48.23 -18.50 20.93
C GLY B 172 -49.08 -17.81 19.88
N ASN B 173 -49.18 -18.39 18.70
CA ASN B 173 -50.10 -17.89 17.69
C ASN B 173 -51.51 -18.36 17.97
N THR B 174 -52.48 -17.63 17.47
CA THR B 174 -53.82 -18.17 17.37
C THR B 174 -54.14 -18.54 15.91
N VAL B 175 -55.29 -19.16 15.72
CA VAL B 175 -55.53 -19.93 14.51
C VAL B 175 -56.96 -19.78 14.02
N VAL B 176 -57.12 -19.50 12.74
CA VAL B 176 -58.39 -19.80 12.08
C VAL B 176 -58.17 -20.76 10.91
N TYR B 177 -58.99 -21.81 10.93
CA TYR B 177 -58.73 -23.04 10.24
C TYR B 177 -59.89 -23.35 9.33
N LYS B 178 -59.58 -23.50 8.04
CA LYS B 178 -60.57 -23.92 7.06
C LYS B 178 -60.14 -25.25 6.48
N PRO B 179 -60.83 -26.34 6.84
CA PRO B 179 -60.45 -27.66 6.31
C PRO B 179 -60.80 -27.79 4.81
N ALA B 180 -60.43 -28.91 4.19
CA ALA B 180 -60.85 -29.14 2.82
C ALA B 180 -62.37 -29.33 2.71
N SER B 181 -62.95 -28.87 1.61
CA SER B 181 -64.38 -29.06 1.35
C SER B 181 -64.82 -30.52 1.30
N ASP B 182 -63.93 -31.40 0.90
CA ASP B 182 -64.23 -32.82 0.89
C ASP B 182 -64.02 -33.49 2.25
N THR B 183 -63.40 -32.79 3.19
CA THR B 183 -63.20 -33.40 4.51
C THR B 183 -63.61 -32.49 5.66
N PRO B 184 -64.88 -32.08 5.68
CA PRO B 184 -65.35 -31.12 6.69
C PRO B 184 -65.46 -31.73 8.10
N VAL B 185 -65.92 -32.97 8.18
CA VAL B 185 -66.21 -33.60 9.47
C VAL B 185 -64.93 -33.84 10.26
N THR B 186 -63.82 -34.05 9.55
CA THR B 186 -62.53 -34.15 10.21
C THR B 186 -62.22 -32.83 10.90
N GLY B 187 -62.41 -31.72 10.18
CA GLY B 187 -62.23 -30.39 10.74
C GLY B 187 -63.09 -30.17 11.97
N TRP B 188 -64.39 -30.43 11.83
CA TRP B 188 -65.33 -30.38 12.95
C TRP B 188 -64.87 -31.19 14.17
N LEU B 189 -64.36 -32.40 13.94
CA LEU B 189 -63.87 -33.25 15.01
C LEU B 189 -62.63 -32.67 15.70
N ILE B 190 -61.79 -32.00 14.90
CA ILE B 190 -60.62 -31.32 15.45
C ILE B 190 -61.11 -30.24 16.40
N ALA B 191 -62.17 -29.55 15.98
CA ALA B 191 -62.76 -28.49 16.81
C ALA B 191 -63.37 -29.05 18.09
N GLN B 192 -63.99 -30.21 18.00
CA GLN B 192 -64.49 -30.89 19.19
C GLN B 192 -63.36 -31.19 20.17
N MET B 193 -62.24 -31.63 19.62
CA MET B 193 -61.09 -31.93 20.46
C MET B 193 -60.63 -30.64 21.18
N VAL B 194 -60.44 -29.58 20.42
CA VAL B 194 -59.93 -28.34 20.98
C VAL B 194 -60.88 -27.79 22.06
N ALA B 195 -62.17 -27.84 21.76
CA ALA B 195 -63.19 -27.47 22.72
C ALA B 195 -63.10 -28.29 24.01
N LYS B 196 -63.05 -29.61 23.89
CA LYS B 196 -63.05 -30.48 25.07
C LYS B 196 -61.76 -30.28 25.87
N ALA B 197 -60.74 -29.75 25.20
CA ALA B 197 -59.47 -29.43 25.83
C ALA B 197 -59.57 -28.10 26.57
N GLY B 198 -60.58 -27.31 26.20
CA GLY B 198 -60.86 -26.07 26.90
C GLY B 198 -59.87 -24.95 26.64
N LEU B 199 -59.34 -24.85 25.43
CA LEU B 199 -58.49 -23.74 25.09
C LEU B 199 -59.31 -22.45 25.20
N PRO B 200 -58.64 -21.33 25.51
CA PRO B 200 -59.37 -20.07 25.66
C PRO B 200 -60.10 -19.70 24.37
N LYS B 201 -61.27 -19.10 24.51
CA LYS B 201 -62.09 -18.76 23.36
C LYS B 201 -61.32 -17.89 22.38
N GLY B 202 -61.51 -18.18 21.09
CA GLY B 202 -60.87 -17.42 20.03
C GLY B 202 -59.46 -17.88 19.69
N VAL B 203 -58.89 -18.80 20.46
CA VAL B 203 -57.51 -19.21 20.24
C VAL B 203 -57.45 -20.13 19.03
N PHE B 204 -58.49 -20.95 18.88
CA PHE B 204 -58.65 -21.83 17.74
C PHE B 204 -60.05 -21.74 17.16
N ASN B 205 -60.14 -21.39 15.89
CA ASN B 205 -61.44 -21.21 15.27
C ASN B 205 -61.60 -22.03 14.00
N LEU B 206 -62.73 -22.73 13.89
CA LEU B 206 -63.00 -23.56 12.72
C LEU B 206 -64.16 -22.99 11.93
N VAL B 207 -63.91 -22.69 10.65
CA VAL B 207 -64.98 -22.29 9.74
C VAL B 207 -64.98 -23.11 8.43
N ILE B 208 -66.06 -23.85 8.26
CA ILE B 208 -66.21 -24.77 7.13
C ILE B 208 -66.92 -24.05 6.00
N GLY B 209 -66.23 -23.89 4.87
CA GLY B 209 -66.76 -23.13 3.76
C GLY B 209 -65.88 -23.21 2.54
N PRO B 210 -66.40 -22.79 1.38
CA PRO B 210 -65.65 -22.91 0.12
C PRO B 210 -64.41 -22.02 0.12
N GLY B 211 -63.34 -22.56 -0.44
CA GLY B 211 -62.06 -21.88 -0.51
C GLY B 211 -62.09 -20.47 -1.08
N PRO B 212 -62.70 -20.29 -2.26
CA PRO B 212 -62.75 -18.94 -2.86
C PRO B 212 -63.47 -17.91 -2.00
N VAL B 213 -64.23 -18.36 -0.99
CA VAL B 213 -64.89 -17.43 -0.08
C VAL B 213 -64.16 -17.34 1.27
N VAL B 214 -64.22 -18.40 2.06
CA VAL B 214 -63.61 -18.38 3.38
C VAL B 214 -62.10 -18.19 3.31
N GLY B 215 -61.44 -19.09 2.57
CA GLY B 215 -60.01 -19.02 2.38
C GLY B 215 -59.57 -17.67 1.84
N GLU B 216 -60.31 -17.15 0.88
CA GLU B 216 -59.97 -15.86 0.30
C GLU B 216 -59.91 -14.79 1.37
N GLU B 217 -60.88 -14.82 2.28
CA GLU B 217 -60.95 -13.81 3.33
C GLU B 217 -59.77 -13.95 4.28
N ILE B 218 -59.51 -15.18 4.69
CA ILE B 218 -58.36 -15.51 5.54
C ILE B 218 -57.04 -15.02 4.95
N VAL B 219 -56.89 -15.22 3.65
CA VAL B 219 -55.68 -14.84 2.92
C VAL B 219 -55.54 -13.32 2.74
N THR B 220 -56.66 -12.62 2.57
CA THR B 220 -56.58 -11.16 2.38
C THR B 220 -56.78 -10.32 3.65
N HIS B 221 -57.24 -10.94 4.72
CA HIS B 221 -57.56 -10.14 5.90
C HIS B 221 -56.34 -9.40 6.48
N LYS B 222 -56.59 -8.24 7.06
CA LYS B 222 -55.51 -7.39 7.57
C LYS B 222 -54.95 -7.95 8.87
N ARG B 223 -55.78 -8.59 9.67
CA ARG B 223 -55.36 -9.05 11.00
C ARG B 223 -54.76 -10.45 10.95
N VAL B 224 -54.73 -11.07 9.77
CA VAL B 224 -54.08 -12.36 9.63
C VAL B 224 -52.58 -12.17 9.36
N ALA B 225 -51.77 -12.76 10.23
CA ALA B 225 -50.31 -12.60 10.19
C ALA B 225 -49.61 -13.53 9.19
N HIS B 226 -50.11 -14.75 9.07
CA HIS B 226 -49.44 -15.80 8.33
C HIS B 226 -50.50 -16.75 7.77
N VAL B 227 -50.22 -17.31 6.61
CA VAL B 227 -51.01 -18.44 6.15
C VAL B 227 -50.13 -19.66 5.86
N THR B 228 -50.53 -20.80 6.41
CA THR B 228 -49.93 -22.07 6.08
C THR B 228 -50.96 -22.92 5.34
N PHE B 229 -50.58 -23.38 4.16
CA PHE B 229 -51.52 -23.94 3.20
C PHE B 229 -50.93 -25.17 2.56
N THR B 230 -51.70 -26.25 2.59
CA THR B 230 -51.35 -27.45 1.87
C THR B 230 -52.48 -27.71 0.90
N GLY B 231 -52.14 -27.73 -0.38
CA GLY B 231 -53.16 -27.85 -1.42
C GLY B 231 -52.52 -27.87 -2.79
N GLU B 232 -53.29 -27.50 -3.81
CA GLU B 232 -52.78 -27.56 -5.18
C GLU B 232 -51.84 -26.40 -5.49
N SER B 233 -50.83 -26.69 -6.31
CA SER B 233 -49.74 -25.76 -6.62
C SER B 233 -50.23 -24.43 -7.20
N SER B 234 -51.23 -24.50 -8.08
CA SER B 234 -51.81 -23.28 -8.64
C SER B 234 -52.45 -22.42 -7.57
N THR B 235 -53.27 -23.06 -6.74
CA THR B 235 -53.97 -22.38 -5.65
C THR B 235 -52.97 -21.73 -4.71
N GLY B 236 -51.84 -22.41 -4.52
CA GLY B 236 -50.78 -21.91 -3.70
C GLY B 236 -50.11 -20.68 -4.30
N ARG B 237 -49.96 -20.66 -5.62
CA ARG B 237 -49.44 -19.46 -6.27
C ARG B 237 -50.41 -18.30 -6.08
N GLU B 238 -51.70 -18.60 -6.19
CA GLU B 238 -52.74 -17.59 -5.94
C GLU B 238 -52.60 -17.02 -4.53
N ILE B 239 -52.67 -17.89 -3.53
CA ILE B 239 -52.58 -17.52 -2.13
C ILE B 239 -51.32 -16.70 -1.87
N ALA B 240 -50.21 -17.17 -2.42
CA ALA B 240 -48.94 -16.46 -2.32
C ALA B 240 -49.05 -15.02 -2.83
N ALA B 241 -49.63 -14.84 -4.01
CA ALA B 241 -49.76 -13.50 -4.58
C ALA B 241 -50.72 -12.60 -3.79
N LYS B 242 -51.85 -13.14 -3.38
CA LYS B 242 -52.83 -12.37 -2.63
C LYS B 242 -52.35 -12.01 -1.22
N ALA B 243 -51.47 -12.82 -0.66
CA ALA B 243 -50.91 -12.57 0.66
C ALA B 243 -49.98 -11.35 0.64
N ALA B 244 -49.49 -11.02 -0.54
CA ALA B 244 -48.50 -9.96 -0.69
C ALA B 244 -49.08 -8.59 -0.36
N GLY B 245 -50.37 -8.43 -0.65
CA GLY B 245 -51.07 -7.18 -0.38
C GLY B 245 -50.94 -6.75 1.07
N THR B 246 -51.23 -7.67 1.98
CA THR B 246 -51.17 -7.37 3.42
C THR B 246 -49.80 -7.68 4.00
N LEU B 247 -48.88 -8.12 3.12
CA LEU B 247 -47.53 -8.49 3.52
C LEU B 247 -47.49 -9.66 4.51
N LYS B 248 -48.52 -10.50 4.52
CA LYS B 248 -48.47 -11.68 5.37
C LYS B 248 -47.57 -12.73 4.76
N THR B 249 -46.81 -13.42 5.62
CA THR B 249 -45.96 -14.53 5.21
C THR B 249 -46.76 -15.82 4.96
N VAL B 250 -46.16 -16.76 4.23
CA VAL B 250 -46.82 -18.02 3.90
C VAL B 250 -45.91 -19.25 3.96
N THR B 251 -46.50 -20.38 4.34
CA THR B 251 -45.90 -21.70 4.18
C THR B 251 -46.78 -22.43 3.16
N LEU B 252 -46.19 -22.96 2.12
CA LEU B 252 -46.97 -23.56 1.05
C LEU B 252 -46.44 -24.95 0.74
N GLU B 253 -47.26 -25.98 0.99
CA GLU B 253 -46.91 -27.32 0.55
C GLU B 253 -47.73 -27.61 -0.70
N LEU B 254 -47.07 -27.56 -1.85
CA LEU B 254 -47.72 -27.57 -3.17
C LEU B 254 -47.72 -28.90 -3.94
N GLY B 255 -47.26 -29.97 -3.29
CA GLY B 255 -47.27 -31.29 -3.90
C GLY B 255 -45.91 -31.64 -4.44
N GLY B 256 -45.78 -32.88 -4.90
CA GLY B 256 -44.54 -33.31 -5.50
C GLY B 256 -44.76 -34.31 -6.63
N SER B 257 -43.68 -34.65 -7.32
CA SER B 257 -43.68 -35.85 -8.12
C SER B 257 -42.39 -36.59 -7.75
N ASP B 258 -42.47 -37.49 -6.78
CA ASP B 258 -41.22 -37.94 -6.15
C ASP B 258 -40.62 -39.11 -6.92
N PRO B 259 -39.32 -39.00 -7.23
CA PRO B 259 -38.60 -40.14 -7.81
C PRO B 259 -38.38 -41.26 -6.79
N LEU B 260 -38.67 -42.49 -7.19
CA LEU B 260 -38.16 -43.65 -6.49
C LEU B 260 -37.22 -44.35 -7.43
N ILE B 261 -35.93 -44.29 -7.11
CA ILE B 261 -34.87 -44.78 -7.97
C ILE B 261 -34.37 -46.09 -7.42
N ILE B 262 -34.49 -47.17 -8.19
CA ILE B 262 -34.03 -48.49 -7.77
C ILE B 262 -32.80 -48.91 -8.56
N LEU B 263 -31.67 -49.11 -7.89
CA LEU B 263 -30.47 -49.47 -8.61
C LEU B 263 -30.39 -50.97 -8.80
N ASP B 264 -29.30 -51.45 -9.42
CA ASP B 264 -29.18 -52.85 -9.84
C ASP B 264 -28.66 -53.83 -8.79
N ASP B 265 -28.23 -53.33 -7.64
CA ASP B 265 -27.72 -54.20 -6.58
C ASP B 265 -28.77 -54.55 -5.52
N VAL B 266 -30.01 -54.13 -5.73
CA VAL B 266 -31.06 -54.29 -4.72
C VAL B 266 -31.62 -55.71 -4.56
N ASP B 267 -32.28 -55.93 -3.43
CA ASP B 267 -33.11 -57.10 -3.31
C ASP B 267 -34.34 -56.68 -4.14
N VAL B 268 -34.53 -57.34 -5.28
CA VAL B 268 -35.51 -56.85 -6.27
C VAL B 268 -36.94 -57.07 -5.81
N ASP B 269 -37.19 -58.22 -5.21
CA ASP B 269 -38.49 -58.47 -4.59
C ASP B 269 -38.81 -57.43 -3.50
N TYR B 270 -37.83 -57.16 -2.64
CA TYR B 270 -38.02 -56.16 -1.60
C TYR B 270 -38.26 -54.78 -2.20
N ALA B 271 -37.47 -54.45 -3.22
CA ALA B 271 -37.64 -53.20 -3.95
C ALA B 271 -39.04 -53.06 -4.55
N ALA B 272 -39.60 -54.17 -5.00
CA ALA B 272 -40.94 -54.15 -5.57
C ALA B 272 -42.00 -53.96 -4.48
N ARG B 273 -41.91 -54.73 -3.40
CA ARG B 273 -42.80 -54.51 -2.26
C ARG B 273 -42.79 -53.05 -1.79
N LEU B 274 -41.58 -52.51 -1.59
CA LEU B 274 -41.43 -51.12 -1.19
C LEU B 274 -42.07 -50.20 -2.22
N ALA B 275 -41.77 -50.44 -3.48
CA ALA B 275 -42.28 -49.61 -4.57
C ALA B 275 -43.81 -49.57 -4.57
N VAL B 276 -44.43 -50.72 -4.36
CA VAL B 276 -45.89 -50.78 -4.33
C VAL B 276 -46.46 -49.98 -3.18
N PHE B 277 -45.90 -50.19 -1.98
CA PHE B 277 -46.34 -49.40 -0.82
C PHE B 277 -46.20 -47.88 -1.08
N ALA B 278 -45.02 -47.46 -1.53
CA ALA B 278 -44.73 -46.04 -1.64
C ALA B 278 -45.48 -45.35 -2.77
N SER B 279 -45.62 -46.03 -3.89
CA SER B 279 -46.30 -45.45 -5.06
C SER B 279 -47.82 -45.51 -4.98
N LEU B 280 -48.35 -46.59 -4.38
CA LEU B 280 -49.80 -46.72 -4.36
C LEU B 280 -50.54 -46.48 -3.05
N PHE B 281 -49.82 -46.33 -1.93
CA PHE B 281 -50.52 -46.20 -0.65
C PHE B 281 -51.47 -45.01 -0.71
N HIS B 282 -52.61 -45.17 -0.03
CA HIS B 282 -53.72 -44.22 -0.12
C HIS B 282 -54.09 -43.87 -1.57
N GLN B 283 -54.05 -44.89 -2.43
CA GLN B 283 -54.41 -44.73 -3.84
C GLN B 283 -53.50 -43.72 -4.52
N GLY B 284 -52.30 -43.59 -3.98
CA GLY B 284 -51.36 -42.62 -4.52
C GLY B 284 -51.70 -41.18 -4.20
N GLN B 285 -52.65 -40.94 -3.31
CA GLN B 285 -52.91 -39.53 -3.06
C GLN B 285 -52.14 -39.21 -1.81
N ILE B 286 -50.88 -38.82 -2.03
CA ILE B 286 -49.95 -38.43 -0.98
C ILE B 286 -48.98 -37.51 -1.71
N CYS B 287 -48.62 -36.40 -1.07
CA CYS B 287 -47.75 -35.41 -1.69
C CYS B 287 -46.39 -36.05 -1.94
N THR B 288 -46.01 -36.92 -1.02
CA THR B 288 -44.75 -37.66 -1.07
C THR B 288 -44.86 -39.07 -1.65
N SER B 289 -45.99 -39.35 -2.30
CA SER B 289 -46.12 -40.62 -3.03
C SER B 289 -44.95 -40.79 -3.99
N ALA B 290 -44.55 -42.03 -4.23
CA ALA B 290 -43.50 -42.23 -5.22
C ALA B 290 -44.22 -42.29 -6.56
N LYS B 291 -44.20 -41.16 -7.27
CA LYS B 291 -45.06 -41.01 -8.43
C LYS B 291 -44.34 -41.33 -9.74
N ARG B 292 -43.03 -41.43 -9.67
CA ARG B 292 -42.25 -41.73 -10.85
C ARG B 292 -41.24 -42.79 -10.46
N ILE B 293 -41.38 -43.99 -11.01
CA ILE B 293 -40.47 -45.06 -10.64
C ILE B 293 -39.39 -45.23 -11.70
N ILE B 294 -38.14 -45.10 -11.27
CA ILE B 294 -36.97 -45.09 -12.14
C ILE B 294 -36.08 -46.31 -11.79
N VAL B 295 -35.98 -47.27 -12.71
CA VAL B 295 -35.26 -48.53 -12.44
C VAL B 295 -34.05 -48.73 -13.32
N HIS B 296 -32.98 -49.25 -12.74
CA HIS B 296 -31.80 -49.62 -13.51
C HIS B 296 -32.13 -50.80 -14.41
N LYS B 297 -31.67 -50.73 -15.67
CA LYS B 297 -31.99 -51.74 -16.68
C LYS B 297 -31.54 -53.17 -16.33
N ALA B 298 -30.55 -53.30 -15.47
CA ALA B 298 -30.07 -54.65 -15.11
C ALA B 298 -31.07 -55.40 -14.23
N VAL B 299 -31.86 -54.66 -13.46
CA VAL B 299 -32.98 -55.27 -12.74
C VAL B 299 -34.38 -54.97 -13.30
N ALA B 300 -34.44 -54.17 -14.35
CA ALA B 300 -35.71 -53.60 -14.81
C ALA B 300 -36.83 -54.59 -15.10
N ASP B 301 -36.53 -55.67 -15.83
CA ASP B 301 -37.59 -56.60 -16.23
C ASP B 301 -38.15 -57.37 -15.06
N LYS B 302 -37.24 -57.97 -14.30
CA LYS B 302 -37.58 -58.71 -13.11
C LYS B 302 -38.32 -57.77 -12.15
N PHE B 303 -37.80 -56.55 -11.99
CA PHE B 303 -38.50 -55.55 -11.15
C PHE B 303 -39.92 -55.29 -11.59
N ILE B 304 -40.08 -54.91 -12.85
CA ILE B 304 -41.39 -54.58 -13.40
C ILE B 304 -42.36 -55.73 -13.20
N GLU B 305 -41.90 -56.93 -13.49
CA GLU B 305 -42.75 -58.10 -13.36
C GLU B 305 -43.19 -58.31 -11.91
N ARG B 306 -42.26 -58.15 -10.96
CA ARG B 306 -42.58 -58.31 -9.54
C ARG B 306 -43.51 -57.23 -9.00
N TYR B 307 -43.21 -55.99 -9.38
CA TYR B 307 -43.99 -54.84 -8.97
C TYR B 307 -45.43 -55.05 -9.44
N VAL B 308 -45.59 -55.34 -10.73
CA VAL B 308 -46.92 -55.62 -11.29
C VAL B 308 -47.58 -56.79 -10.56
N HIS B 309 -46.82 -57.85 -10.25
CA HIS B 309 -47.34 -58.99 -9.52
C HIS B 309 -47.98 -58.56 -8.19
N TYR B 310 -47.25 -57.73 -7.44
CA TYR B 310 -47.77 -57.22 -6.18
C TYR B 310 -48.92 -56.22 -6.32
N VAL B 311 -48.88 -55.40 -7.37
CA VAL B 311 -49.94 -54.44 -7.60
C VAL B 311 -51.21 -55.22 -7.90
N LYS B 312 -51.05 -56.28 -8.69
CA LYS B 312 -52.16 -57.17 -9.01
C LYS B 312 -52.74 -57.70 -7.71
N MET B 313 -51.87 -58.05 -6.77
CA MET B 313 -52.35 -58.53 -5.47
C MET B 313 -53.19 -57.55 -4.64
N LEU B 314 -53.10 -56.25 -4.93
CA LEU B 314 -53.77 -55.24 -4.09
C LEU B 314 -55.26 -55.46 -4.07
N ARG B 315 -55.86 -55.34 -2.90
CA ARG B 315 -57.29 -55.53 -2.76
C ARG B 315 -58.05 -54.20 -2.63
N ILE B 316 -58.83 -53.86 -3.66
CA ILE B 316 -59.60 -52.61 -3.69
C ILE B 316 -61.07 -52.85 -3.41
N ASP B 317 -61.61 -52.09 -2.45
CA ASP B 317 -62.93 -52.39 -1.94
C ASP B 317 -63.44 -51.23 -1.10
N ASP B 318 -64.66 -51.38 -0.61
CA ASP B 318 -65.19 -50.48 0.39
C ASP B 318 -64.27 -50.53 1.62
N PRO B 319 -63.67 -49.39 1.98
CA PRO B 319 -62.75 -49.35 3.12
C PRO B 319 -63.46 -49.58 4.48
N ARG B 320 -64.79 -49.54 4.53
CA ARG B 320 -65.50 -49.89 5.76
C ARG B 320 -65.52 -51.39 6.02
N LYS B 321 -65.34 -52.19 4.97
CA LYS B 321 -65.61 -53.63 5.06
C LYS B 321 -64.86 -54.33 6.19
N ASP B 322 -63.54 -54.24 6.15
CA ASP B 322 -62.68 -54.88 7.12
C ASP B 322 -61.37 -54.13 7.15
N GLU B 323 -60.41 -54.67 7.87
CA GLU B 323 -59.18 -53.95 8.16
C GLU B 323 -58.07 -54.32 7.19
N LYS B 324 -58.35 -55.26 6.30
CA LYS B 324 -57.35 -55.72 5.34
C LYS B 324 -57.45 -55.11 3.93
N VAL B 325 -58.45 -54.28 3.70
CA VAL B 325 -58.60 -53.60 2.42
C VAL B 325 -57.36 -52.77 2.11
N ASP B 326 -56.76 -52.95 0.93
CA ASP B 326 -55.54 -52.24 0.56
C ASP B 326 -55.82 -50.83 0.04
N LEU B 327 -56.87 -50.70 -0.76
CA LEU B 327 -57.19 -49.43 -1.41
C LEU B 327 -58.69 -49.17 -1.37
N GLY B 328 -59.04 -47.96 -0.95
CA GLY B 328 -60.42 -47.51 -0.98
C GLY B 328 -60.58 -46.67 -2.23
N PRO B 329 -61.62 -45.85 -2.29
CA PRO B 329 -61.88 -45.09 -3.52
C PRO B 329 -61.03 -43.84 -3.57
N LEU B 330 -61.09 -43.12 -4.69
CA LEU B 330 -60.54 -41.76 -4.82
C LEU B 330 -61.54 -40.80 -4.20
N ILE B 331 -61.10 -39.59 -3.85
CA ILE B 331 -61.93 -38.67 -3.06
C ILE B 331 -63.21 -38.22 -3.77
N ASN B 332 -63.15 -38.09 -5.09
CA ASN B 332 -64.33 -37.70 -5.84
C ASN B 332 -64.23 -38.03 -7.33
N GLU B 333 -65.32 -37.75 -8.04
CA GLU B 333 -65.44 -38.06 -9.46
C GLU B 333 -64.39 -37.32 -10.28
N ARG B 334 -64.11 -36.09 -9.88
CA ARG B 334 -63.10 -35.27 -10.53
C ARG B 334 -61.74 -36.00 -10.59
N GLN B 335 -61.38 -36.67 -9.50
CA GLN B 335 -60.12 -37.40 -9.47
C GLN B 335 -60.11 -38.56 -10.48
N VAL B 336 -61.20 -39.30 -10.55
CA VAL B 336 -61.30 -40.41 -11.48
C VAL B 336 -61.18 -39.88 -12.91
N ALA B 337 -61.86 -38.77 -13.19
CA ALA B 337 -61.81 -38.17 -14.52
C ALA B 337 -60.37 -37.79 -14.86
N LEU B 338 -59.71 -37.08 -13.95
CA LEU B 338 -58.31 -36.69 -14.13
C LEU B 338 -57.42 -37.90 -14.40
N MET B 339 -57.60 -38.95 -13.62
CA MET B 339 -56.80 -40.16 -13.83
C MET B 339 -57.07 -40.71 -15.23
N LYS B 340 -58.34 -40.74 -15.63
CA LYS B 340 -58.70 -41.14 -16.98
C LYS B 340 -57.96 -40.28 -18.04
N GLU B 341 -57.80 -38.98 -17.78
CA GLU B 341 -57.02 -38.12 -18.68
C GLU B 341 -55.57 -38.57 -18.74
N PHE B 342 -54.99 -38.88 -17.59
CA PHE B 342 -53.59 -39.34 -17.56
C PHE B 342 -53.39 -40.64 -18.33
N VAL B 343 -54.33 -41.55 -18.14
CA VAL B 343 -54.33 -42.83 -18.83
C VAL B 343 -54.47 -42.65 -20.34
N ASP B 344 -55.43 -41.81 -20.74
CA ASP B 344 -55.70 -41.50 -22.13
C ASP B 344 -54.43 -40.94 -22.79
N ASP B 345 -53.79 -40.00 -22.10
CA ASP B 345 -52.54 -39.40 -22.57
C ASP B 345 -51.46 -40.44 -22.77
N ALA B 346 -51.23 -41.24 -21.74
CA ALA B 346 -50.18 -42.28 -21.83
C ALA B 346 -50.44 -43.29 -22.97
N VAL B 347 -51.70 -43.70 -23.12
CA VAL B 347 -52.04 -44.65 -24.17
C VAL B 347 -51.75 -44.02 -25.51
N SER B 348 -52.20 -42.78 -25.69
CA SER B 348 -52.02 -42.07 -26.94
C SER B 348 -50.55 -41.76 -27.25
N ARG B 349 -49.69 -41.80 -26.21
CA ARG B 349 -48.27 -41.53 -26.41
C ARG B 349 -47.45 -42.79 -26.54
N GLY B 350 -48.12 -43.94 -26.53
CA GLY B 350 -47.47 -45.21 -26.83
C GLY B 350 -47.08 -46.03 -25.61
N GLY B 351 -47.58 -45.63 -24.44
CA GLY B 351 -47.32 -46.39 -23.23
C GLY B 351 -48.00 -47.75 -23.21
N ARG B 352 -47.34 -48.72 -22.59
CA ARG B 352 -47.93 -50.04 -22.38
C ARG B 352 -48.70 -49.99 -21.06
N LEU B 353 -49.98 -50.34 -21.08
CA LEU B 353 -50.73 -50.41 -19.84
C LEU B 353 -50.61 -51.85 -19.36
N LEU B 354 -49.81 -52.03 -18.32
CA LEU B 354 -49.45 -53.37 -17.86
C LEU B 354 -50.56 -53.96 -17.00
N ILE B 355 -51.34 -53.08 -16.37
CA ILE B 355 -52.43 -53.49 -15.51
C ILE B 355 -53.20 -52.24 -15.03
N GLY B 356 -54.43 -52.46 -14.60
CA GLY B 356 -55.29 -51.41 -14.06
C GLY B 356 -55.89 -50.45 -15.05
N GLY B 357 -56.50 -49.40 -14.51
CA GLY B 357 -57.24 -48.42 -15.30
C GLY B 357 -58.74 -48.55 -15.13
N ARG B 358 -59.18 -49.73 -14.68
CA ARG B 358 -60.60 -49.96 -14.39
C ARG B 358 -61.08 -49.00 -13.32
N SER B 359 -62.22 -48.36 -13.55
CA SER B 359 -62.79 -47.46 -12.56
C SER B 359 -64.31 -47.57 -12.47
N TRP B 360 -64.81 -47.68 -11.26
CA TRP B 360 -66.25 -47.73 -11.04
C TRP B 360 -66.57 -46.81 -9.88
N GLY B 361 -67.43 -45.82 -10.15
CA GLY B 361 -67.71 -44.81 -9.15
C GLY B 361 -66.44 -44.04 -8.91
N ASN B 362 -66.04 -43.92 -7.64
CA ASN B 362 -64.82 -43.19 -7.30
C ASN B 362 -63.64 -44.12 -7.13
N PHE B 363 -63.89 -45.41 -7.34
CA PHE B 363 -62.84 -46.40 -7.27
C PHE B 363 -62.03 -46.46 -8.56
N PHE B 364 -60.71 -46.60 -8.40
CA PHE B 364 -59.81 -46.70 -9.54
C PHE B 364 -58.77 -47.75 -9.23
N GLU B 365 -58.67 -48.77 -10.09
CA GLU B 365 -57.65 -49.80 -9.92
C GLU B 365 -56.35 -49.28 -10.55
N PRO B 366 -55.24 -49.34 -9.80
CA PRO B 366 -54.00 -48.65 -10.20
C PRO B 366 -53.54 -49.02 -11.60
N ALA B 367 -53.32 -48.00 -12.42
CA ALA B 367 -52.88 -48.22 -13.79
C ALA B 367 -51.38 -48.02 -13.88
N ILE B 368 -50.66 -49.11 -14.19
CA ILE B 368 -49.20 -49.05 -14.34
C ILE B 368 -48.76 -48.98 -15.82
N PHE B 369 -47.84 -48.08 -16.11
CA PHE B 369 -47.37 -47.84 -17.47
C PHE B 369 -45.86 -48.03 -17.63
N VAL B 370 -45.44 -48.69 -18.70
CA VAL B 370 -44.05 -48.69 -19.12
C VAL B 370 -44.03 -48.15 -20.54
N ASP B 371 -42.85 -48.11 -21.16
CA ASP B 371 -42.66 -47.42 -22.45
C ASP B 371 -43.19 -46.00 -22.35
N VAL B 372 -42.79 -45.29 -21.30
CA VAL B 372 -43.17 -43.87 -21.17
C VAL B 372 -41.93 -43.02 -21.39
N ASP B 373 -42.14 -41.80 -21.87
CA ASP B 373 -41.04 -40.85 -21.98
C ASP B 373 -41.39 -39.54 -21.29
N ARG B 374 -40.44 -38.61 -21.33
CA ARG B 374 -40.54 -37.37 -20.57
C ARG B 374 -41.68 -36.47 -21.04
N ASN B 375 -42.33 -36.83 -22.14
CA ASN B 375 -43.41 -36.01 -22.68
C ASN B 375 -44.78 -36.43 -22.16
N PHE B 376 -44.83 -37.56 -21.48
CA PHE B 376 -46.09 -38.06 -20.96
C PHE B 376 -46.60 -37.12 -19.90
N ARG B 377 -47.92 -36.94 -19.85
CA ARG B 377 -48.52 -36.13 -18.81
C ARG B 377 -48.12 -36.62 -17.41
N ILE B 378 -47.95 -37.94 -17.28
CA ILE B 378 -47.71 -38.56 -16.00
C ILE B 378 -46.24 -38.47 -15.60
N MET B 379 -45.39 -38.04 -16.53
CA MET B 379 -44.06 -37.62 -16.12
C MET B 379 -43.93 -36.11 -15.85
N ARG B 380 -44.85 -35.32 -16.40
CA ARG B 380 -44.71 -33.87 -16.39
C ARG B 380 -45.57 -33.18 -15.34
N GLU B 381 -46.49 -33.93 -14.76
CA GLU B 381 -47.45 -33.37 -13.84
C GLU B 381 -47.48 -34.23 -12.62
N GLU B 382 -47.93 -33.67 -11.51
CA GLU B 382 -48.09 -34.49 -10.33
C GLU B 382 -49.32 -35.31 -10.58
N VAL B 383 -49.19 -36.62 -10.43
CA VAL B 383 -50.35 -37.46 -10.58
C VAL B 383 -50.83 -37.86 -9.20
N PHE B 384 -51.90 -37.23 -8.73
CA PHE B 384 -52.27 -37.47 -7.35
C PHE B 384 -53.35 -38.51 -7.43
N GLY B 385 -52.93 -39.76 -7.39
CA GLY B 385 -53.82 -40.85 -7.69
C GLY B 385 -53.07 -42.06 -8.21
N PRO B 386 -53.81 -43.15 -8.49
CA PRO B 386 -53.19 -44.44 -8.75
C PRO B 386 -52.86 -44.69 -10.23
N VAL B 387 -52.08 -43.81 -10.83
CA VAL B 387 -51.50 -44.05 -12.14
C VAL B 387 -49.99 -43.84 -12.07
N ARG B 388 -49.22 -44.91 -12.24
CA ARG B 388 -47.76 -44.87 -12.09
C ARG B 388 -46.91 -45.21 -13.33
N PRO B 389 -46.05 -44.27 -13.75
CA PRO B 389 -45.01 -44.63 -14.72
C PRO B 389 -43.82 -45.36 -14.09
N ILE B 390 -43.29 -46.32 -14.85
CA ILE B 390 -41.99 -46.90 -14.60
C ILE B 390 -41.09 -46.64 -15.82
N VAL B 391 -40.02 -45.89 -15.61
CA VAL B 391 -39.04 -45.58 -16.64
C VAL B 391 -37.78 -46.38 -16.32
N VAL B 392 -37.08 -46.80 -17.37
CA VAL B 392 -35.88 -47.61 -17.25
C VAL B 392 -34.71 -46.75 -17.64
N VAL B 393 -33.61 -46.82 -16.89
CA VAL B 393 -32.46 -46.00 -17.19
C VAL B 393 -31.21 -46.85 -17.26
N GLU B 394 -30.26 -46.43 -18.07
CA GLU B 394 -29.04 -47.21 -18.29
C GLU B 394 -28.00 -47.07 -17.17
N ASN B 395 -27.97 -45.92 -16.51
CA ASN B 395 -26.97 -45.68 -15.47
C ASN B 395 -27.45 -44.70 -14.40
N ASP B 396 -26.60 -44.49 -13.39
CA ASP B 396 -26.94 -43.60 -12.28
C ASP B 396 -27.14 -42.16 -12.74
N ASP B 397 -26.35 -41.73 -13.72
CA ASP B 397 -26.49 -40.40 -14.30
C ASP B 397 -27.86 -40.21 -14.93
N GLN B 398 -28.33 -41.21 -15.66
CA GLN B 398 -29.63 -41.12 -16.30
C GLN B 398 -30.72 -41.15 -15.25
N ALA B 399 -30.56 -42.04 -14.27
CA ALA B 399 -31.48 -42.10 -13.15
C ALA B 399 -31.65 -40.70 -12.54
N VAL B 400 -30.53 -40.03 -12.29
CA VAL B 400 -30.55 -38.71 -11.68
C VAL B 400 -31.18 -37.69 -12.61
N GLU B 401 -30.82 -37.77 -13.89
CA GLU B 401 -31.37 -36.86 -14.90
C GLU B 401 -32.90 -36.94 -14.93
N VAL B 402 -33.43 -38.17 -14.98
CA VAL B 402 -34.86 -38.41 -14.98
C VAL B 402 -35.49 -37.95 -13.67
N ALA B 403 -34.89 -38.34 -12.55
CA ALA B 403 -35.33 -37.87 -11.23
C ALA B 403 -35.51 -36.34 -11.17
N ASN B 404 -34.53 -35.59 -11.68
CA ASN B 404 -34.61 -34.14 -11.63
C ASN B 404 -35.40 -33.54 -12.78
N ASP B 405 -35.96 -34.40 -13.63
CA ASP B 405 -36.66 -33.99 -14.86
C ASP B 405 -38.11 -33.54 -14.60
N THR B 406 -38.37 -33.07 -13.39
CA THR B 406 -39.68 -32.58 -13.01
C THR B 406 -39.64 -31.10 -12.57
N ASP B 407 -40.82 -30.47 -12.50
CA ASP B 407 -40.95 -29.16 -11.89
C ASP B 407 -40.98 -29.23 -10.36
N TYR B 408 -41.28 -30.41 -9.84
CA TYR B 408 -41.41 -30.62 -8.40
C TYR B 408 -40.10 -30.86 -7.64
N GLY B 409 -40.14 -30.51 -6.36
CA GLY B 409 -39.05 -30.64 -5.42
C GLY B 409 -39.17 -31.41 -4.12
N LEU B 410 -40.14 -32.31 -3.94
CA LEU B 410 -40.52 -32.60 -2.55
C LEU B 410 -39.62 -33.61 -1.85
N SER B 411 -39.83 -34.87 -2.19
CA SER B 411 -39.07 -35.93 -1.59
C SER B 411 -38.49 -36.78 -2.70
N GLY B 412 -37.91 -37.91 -2.33
CA GLY B 412 -37.31 -38.82 -3.29
C GLY B 412 -36.62 -39.92 -2.50
N ALA B 413 -36.30 -41.01 -3.18
CA ALA B 413 -35.62 -42.11 -2.50
C ALA B 413 -34.81 -42.93 -3.48
N VAL B 414 -33.76 -43.57 -2.96
CA VAL B 414 -32.96 -44.44 -3.78
C VAL B 414 -32.77 -45.74 -3.03
N LEU B 415 -33.03 -46.84 -3.73
CA LEU B 415 -32.79 -48.17 -3.22
C LEU B 415 -31.45 -48.66 -3.78
N THR B 416 -30.52 -48.99 -2.87
CA THR B 416 -29.22 -49.55 -3.22
C THR B 416 -28.42 -49.86 -1.97
N ASN B 417 -27.46 -50.78 -2.08
CA ASN B 417 -26.57 -51.11 -0.97
C ASN B 417 -25.23 -50.41 -1.09
N ASN B 418 -25.01 -49.72 -2.20
CA ASN B 418 -23.74 -49.06 -2.44
C ASN B 418 -23.73 -47.65 -1.85
N VAL B 419 -22.83 -47.43 -0.88
CA VAL B 419 -22.81 -46.20 -0.11
C VAL B 419 -22.51 -44.97 -0.97
N ASN B 420 -21.60 -45.13 -1.92
CA ASN B 420 -21.24 -44.04 -2.83
C ASN B 420 -22.35 -43.69 -3.80
N ARG B 421 -22.96 -44.69 -4.41
CA ARG B 421 -24.05 -44.44 -5.35
C ARG B 421 -25.22 -43.83 -4.59
N ALA B 422 -25.46 -44.33 -3.38
CA ALA B 422 -26.55 -43.82 -2.55
C ALA B 422 -26.35 -42.34 -2.21
N PHE B 423 -25.15 -42.01 -1.75
CA PHE B 423 -24.85 -40.64 -1.40
C PHE B 423 -24.79 -39.70 -2.62
N ARG B 424 -24.22 -40.16 -3.72
CA ARG B 424 -24.12 -39.34 -4.94
C ARG B 424 -25.48 -39.04 -5.50
N ILE B 425 -26.35 -40.05 -5.56
CA ILE B 425 -27.70 -39.81 -6.05
C ILE B 425 -28.47 -38.90 -5.09
N ALA B 426 -28.44 -39.23 -3.78
CA ALA B 426 -29.05 -38.35 -2.78
C ALA B 426 -28.60 -36.90 -2.95
N GLU B 427 -27.29 -36.70 -3.06
CA GLU B 427 -26.73 -35.39 -3.25
C GLU B 427 -27.27 -34.72 -4.51
N ALA B 428 -27.34 -35.46 -5.61
CA ALA B 428 -27.72 -34.87 -6.90
C ALA B 428 -29.21 -34.66 -7.11
N VAL B 429 -30.04 -35.45 -6.42
CA VAL B 429 -31.48 -35.29 -6.61
C VAL B 429 -31.93 -33.97 -6.02
N GLU B 430 -32.70 -33.18 -6.76
CA GLU B 430 -33.09 -31.88 -6.22
C GLU B 430 -34.42 -32.02 -5.53
N SER B 431 -34.38 -32.15 -4.21
CA SER B 431 -35.61 -32.30 -3.43
C SER B 431 -35.36 -31.79 -2.03
N GLY B 432 -36.42 -31.37 -1.36
CA GLY B 432 -36.32 -30.87 0.00
C GLY B 432 -36.07 -32.00 0.96
N MET B 433 -36.39 -33.23 0.53
CA MET B 433 -36.27 -34.43 1.36
C MET B 433 -35.77 -35.62 0.53
N PHE B 434 -34.93 -36.45 1.12
CA PHE B 434 -34.47 -37.64 0.42
C PHE B 434 -34.26 -38.81 1.37
N HIS B 435 -34.55 -40.02 0.88
CA HIS B 435 -34.49 -41.21 1.71
C HIS B 435 -33.72 -42.37 1.09
N ILE B 436 -32.70 -42.83 1.81
CA ILE B 436 -31.93 -43.95 1.33
C ILE B 436 -32.52 -45.23 1.91
N ASN B 437 -32.96 -46.11 1.02
CA ASN B 437 -33.49 -47.41 1.38
C ASN B 437 -34.78 -47.37 2.21
N ASP B 438 -35.64 -46.41 1.88
CA ASP B 438 -36.97 -46.39 2.45
C ASP B 438 -37.94 -45.77 1.45
N VAL B 439 -39.19 -45.60 1.89
CA VAL B 439 -40.21 -45.02 1.04
C VAL B 439 -40.01 -43.51 0.87
N THR B 440 -40.51 -42.96 -0.24
CA THR B 440 -40.45 -41.52 -0.48
C THR B 440 -41.22 -40.72 0.58
N PHE B 441 -42.25 -41.33 1.17
CA PHE B 441 -43.14 -40.62 2.08
C PHE B 441 -42.78 -40.65 3.59
N LEU B 442 -41.58 -41.08 3.93
CA LEU B 442 -41.16 -41.00 5.33
C LEU B 442 -41.41 -39.59 5.89
N GLU B 443 -42.03 -39.58 7.07
CA GLU B 443 -42.36 -38.34 7.75
C GLU B 443 -42.25 -38.51 9.26
N GLU B 444 -41.63 -37.55 9.93
CA GLU B 444 -41.62 -37.58 11.39
C GLU B 444 -42.16 -36.25 11.90
N SER B 445 -42.57 -36.23 13.16
CA SER B 445 -43.24 -35.05 13.70
C SER B 445 -42.34 -33.82 13.84
N HIS B 446 -41.07 -34.07 14.12
CA HIS B 446 -40.10 -33.02 14.46
C HIS B 446 -39.11 -32.61 13.38
N VAL B 447 -39.28 -33.12 12.16
CA VAL B 447 -38.21 -32.98 11.17
C VAL B 447 -38.68 -32.00 10.11
N PRO B 448 -37.75 -31.26 9.47
CA PRO B 448 -38.25 -30.27 8.50
C PRO B 448 -38.89 -30.96 7.28
N PHE B 449 -40.15 -30.64 7.00
CA PHE B 449 -40.87 -31.30 5.92
C PHE B 449 -41.27 -30.25 4.91
N GLY B 450 -40.81 -30.41 3.67
CA GLY B 450 -41.14 -29.46 2.64
C GLY B 450 -40.26 -29.64 1.45
N GLY B 451 -40.63 -29.00 0.36
CA GLY B 451 -39.89 -29.12 -0.87
C GLY B 451 -39.15 -27.88 -1.32
N ILE B 452 -38.49 -28.02 -2.46
CA ILE B 452 -37.99 -26.91 -3.24
C ILE B 452 -38.73 -26.93 -4.58
N LYS B 453 -38.31 -26.05 -5.49
CA LYS B 453 -38.96 -25.86 -6.78
C LYS B 453 -40.48 -25.60 -6.65
N ALA B 454 -41.27 -26.21 -7.53
CA ALA B 454 -42.72 -25.98 -7.52
C ALA B 454 -43.42 -26.66 -6.33
N SER B 455 -42.67 -27.42 -5.53
CA SER B 455 -43.26 -28.16 -4.42
C SER B 455 -43.63 -27.28 -3.23
N GLY B 456 -43.03 -26.09 -3.15
CA GLY B 456 -43.49 -25.15 -2.16
C GLY B 456 -42.46 -24.27 -1.48
N VAL B 457 -42.88 -23.69 -0.37
CA VAL B 457 -42.07 -22.74 0.36
C VAL B 457 -42.16 -23.00 1.87
N GLY B 458 -41.01 -23.19 2.50
CA GLY B 458 -40.99 -23.40 3.94
C GLY B 458 -40.92 -24.85 4.38
N ARG B 459 -40.91 -25.05 5.69
CA ARG B 459 -40.81 -26.38 6.28
C ARG B 459 -41.76 -26.46 7.47
N GLU B 460 -42.31 -27.64 7.70
CA GLU B 460 -43.18 -27.87 8.85
C GLU B 460 -42.81 -29.16 9.59
N GLY B 461 -43.28 -29.23 10.82
CA GLY B 461 -42.90 -30.21 11.82
C GLY B 461 -41.94 -29.59 12.83
N GLY B 462 -42.20 -29.91 14.10
CA GLY B 462 -41.40 -29.39 15.20
C GLY B 462 -41.08 -27.92 15.19
N GLU B 463 -39.81 -27.66 15.47
CA GLU B 463 -39.29 -26.30 15.52
C GLU B 463 -39.32 -25.60 14.16
N TRP B 464 -39.34 -26.38 13.06
CA TRP B 464 -39.48 -25.77 11.74
C TRP B 464 -40.86 -25.10 11.59
N SER B 465 -41.89 -25.72 12.17
CA SER B 465 -43.21 -25.12 12.24
C SER B 465 -43.19 -23.89 13.14
N PHE B 466 -42.57 -24.05 14.33
CA PHE B 466 -42.39 -22.89 15.22
C PHE B 466 -41.78 -21.73 14.43
N HIS B 467 -40.76 -22.08 13.65
CA HIS B 467 -40.04 -21.10 12.86
C HIS B 467 -40.94 -20.40 11.84
N GLU B 468 -41.74 -21.19 11.12
CA GLU B 468 -42.67 -20.60 10.16
C GLU B 468 -43.60 -19.58 10.84
N THR B 469 -44.07 -19.91 12.04
CA THR B 469 -45.02 -19.05 12.75
C THR B 469 -44.47 -18.10 13.84
N THR B 470 -43.16 -17.88 13.86
CA THR B 470 -42.59 -16.86 14.74
C THR B 470 -41.62 -15.94 14.00
N TYR B 471 -41.06 -14.98 14.74
CA TYR B 471 -40.07 -14.10 14.16
C TYR B 471 -39.03 -13.73 15.20
N ASP B 472 -37.86 -13.34 14.69
CA ASP B 472 -36.72 -12.90 15.48
C ASP B 472 -36.89 -11.44 15.86
N ARG B 473 -36.59 -11.12 17.12
CA ARG B 473 -36.64 -9.75 17.61
C ARG B 473 -35.30 -9.42 18.23
N TRP B 474 -34.54 -8.55 17.57
CA TRP B 474 -33.21 -8.22 18.04
C TRP B 474 -33.31 -7.09 19.04
N VAL B 475 -32.84 -7.32 20.26
CA VAL B 475 -32.96 -6.31 21.31
C VAL B 475 -31.62 -6.08 21.96
N THR B 476 -31.25 -4.80 22.10
CA THR B 476 -29.99 -4.45 22.75
C THR B 476 -30.14 -3.53 23.93
N VAL B 477 -29.10 -3.55 24.78
CA VAL B 477 -29.00 -2.63 25.91
C VAL B 477 -27.60 -2.06 25.91
N THR B 478 -27.50 -0.74 25.80
CA THR B 478 -26.22 -0.07 25.77
C THR B 478 -25.97 0.53 27.14
N LEU B 479 -24.88 0.12 27.77
CA LEU B 479 -24.61 0.48 29.16
C LEU B 479 -23.70 1.68 29.32
N ARG B 480 -23.16 2.20 28.23
CA ARG B 480 -22.22 3.31 28.32
C ARG B 480 -22.65 4.41 27.39
N THR B 481 -22.22 5.62 27.72
CA THR B 481 -22.59 6.81 26.97
C THR B 481 -21.58 7.03 25.83
N ARG B 482 -22.07 7.50 24.69
CA ARG B 482 -21.24 7.58 23.50
C ARG B 482 -21.20 9.02 22.99
N ARG B 483 -20.13 9.41 22.31
CA ARG B 483 -20.14 10.63 21.51
C ARG B 483 -20.79 10.33 20.15
N PHE B 484 -21.36 11.36 19.53
CA PHE B 484 -22.05 11.20 18.25
C PHE B 484 -21.43 12.11 17.20
N PRO B 485 -21.45 11.68 15.93
CA PRO B 485 -20.76 12.43 14.87
C PRO B 485 -21.42 13.77 14.46
N ILE B 486 -22.71 13.96 14.74
CA ILE B 486 -23.39 15.24 14.46
C ILE B 486 -24.07 15.78 15.73
N PRO B 487 -24.04 17.11 15.92
CA PRO B 487 -23.32 18.06 15.06
C PRO B 487 -21.83 17.98 15.32
N SER B 488 -21.02 18.08 14.26
CA SER B 488 -19.57 17.95 14.39
C SER B 488 -18.92 19.09 15.21
N ALA B 489 -19.70 20.14 15.45
CA ALA B 489 -19.21 21.27 16.24
C ALA B 489 -19.13 20.98 17.74
N LEU B 490 -19.71 19.87 18.19
CA LEU B 490 -19.65 19.49 19.60
C LEU B 490 -18.35 18.72 19.91
N LYS B 491 -17.99 18.47 21.18
CA LYS B 491 -18.27 19.25 22.40
C LYS B 491 -19.67 19.78 22.74
N MET C 7 22.00 -21.23 18.99
CA MET C 7 20.68 -20.58 19.04
C MET C 7 20.13 -20.50 20.46
N LYS C 8 19.82 -19.29 20.90
CA LYS C 8 19.36 -19.06 22.27
C LYS C 8 17.88 -18.69 22.30
N VAL C 9 17.09 -19.57 22.90
CA VAL C 9 15.66 -19.34 23.03
C VAL C 9 15.36 -19.09 24.49
N ALA C 10 14.29 -18.33 24.75
CA ALA C 10 13.94 -17.92 26.11
C ALA C 10 12.47 -18.21 26.38
N ASN C 11 12.07 -18.09 27.64
CA ASN C 11 10.66 -18.04 27.97
C ASN C 11 10.04 -16.76 27.43
N TYR C 12 8.72 -16.74 27.30
CA TYR C 12 8.01 -15.48 26.99
C TYR C 12 6.95 -15.24 28.05
N ILE C 13 7.19 -14.24 28.89
CA ILE C 13 6.34 -14.02 30.05
C ILE C 13 6.00 -12.55 30.13
N ASN C 14 4.70 -12.26 30.14
CA ASN C 14 4.19 -10.88 30.26
C ASN C 14 4.84 -9.94 29.25
N GLY C 15 4.80 -10.33 27.98
CA GLY C 15 5.23 -9.45 26.89
C GLY C 15 6.72 -9.44 26.62
N GLU C 16 7.48 -10.06 27.51
CA GLU C 16 8.92 -10.01 27.46
C GLU C 16 9.52 -11.41 27.27
N PHE C 17 10.53 -11.52 26.40
CA PHE C 17 11.33 -12.74 26.31
C PHE C 17 12.44 -12.71 27.34
N LYS C 18 12.57 -13.77 28.13
CA LYS C 18 13.51 -13.76 29.24
C LYS C 18 13.99 -15.15 29.65
N GLU C 19 15.15 -15.19 30.30
CA GLU C 19 15.72 -16.40 30.85
C GLU C 19 14.91 -16.90 32.04
N PRO C 20 15.08 -18.19 32.40
CA PRO C 20 14.46 -18.64 33.65
C PRO C 20 15.14 -17.96 34.82
N SER C 21 14.49 -17.99 35.97
CA SER C 21 15.03 -17.42 37.18
C SER C 21 16.43 -18.01 37.42
N THR C 22 16.48 -19.33 37.53
CA THR C 22 17.72 -20.07 37.82
C THR C 22 18.87 -19.81 36.84
N GLY C 23 18.54 -19.53 35.59
CA GLY C 23 19.54 -19.40 34.54
C GLY C 23 19.73 -20.73 33.82
N ALA C 24 19.25 -21.79 34.45
CA ALA C 24 19.38 -23.15 33.94
C ALA C 24 18.92 -23.32 32.49
N PHE C 25 19.76 -23.99 31.71
CA PHE C 25 19.47 -24.27 30.32
C PHE C 25 19.77 -25.74 30.00
N GLN C 26 19.35 -26.17 28.81
CA GLN C 26 19.60 -27.52 28.33
C GLN C 26 19.92 -27.43 26.85
N VAL C 27 20.49 -28.49 26.30
CA VAL C 27 20.73 -28.51 24.88
C VAL C 27 19.64 -29.35 24.23
N LYS C 28 18.90 -28.72 23.33
CA LYS C 28 18.02 -29.45 22.45
C LYS C 28 18.86 -29.92 21.27
N THR C 29 18.93 -31.24 21.15
CA THR C 29 19.62 -31.95 20.08
C THR C 29 18.63 -32.57 19.09
N SER C 30 19.01 -32.62 17.81
CA SER C 30 18.16 -33.21 16.79
C SER C 30 18.05 -34.72 16.90
N PRO C 31 16.83 -35.26 16.79
CA PRO C 31 16.66 -36.73 16.77
C PRO C 31 17.35 -37.37 15.57
N VAL C 32 17.55 -36.59 14.51
CA VAL C 32 18.21 -37.11 13.31
C VAL C 32 19.64 -37.57 13.59
N ASP C 33 20.53 -36.61 13.80
CA ASP C 33 21.95 -36.85 14.12
C ASP C 33 22.44 -36.55 15.55
N GLY C 34 21.59 -36.04 16.42
CA GLY C 34 22.07 -35.63 17.73
C GLY C 34 22.75 -34.27 17.71
N SER C 35 22.76 -33.60 16.56
CA SER C 35 23.36 -32.26 16.45
C SER C 35 22.68 -31.28 17.39
N LYS C 36 23.44 -30.31 17.89
CA LYS C 36 22.85 -29.30 18.76
C LYS C 36 21.96 -28.42 17.92
N ILE C 37 20.76 -28.19 18.44
CA ILE C 37 19.80 -27.25 17.86
C ILE C 37 19.79 -25.95 18.66
N ALA C 38 19.47 -26.05 19.95
CA ALA C 38 19.43 -24.81 20.74
C ALA C 38 19.73 -24.98 22.23
N GLU C 39 20.16 -23.88 22.87
CA GLU C 39 20.11 -23.83 24.33
C GLU C 39 18.70 -23.39 24.68
N VAL C 40 18.01 -24.16 25.50
CA VAL C 40 16.64 -23.82 25.85
C VAL C 40 16.50 -23.74 27.37
N PRO C 41 15.62 -22.88 27.86
CA PRO C 41 15.41 -22.78 29.30
C PRO C 41 15.10 -24.14 29.93
N ARG C 42 15.58 -24.35 31.14
CA ARG C 42 15.01 -25.40 31.96
C ARG C 42 14.39 -24.60 33.09
N SER C 43 13.07 -24.44 33.08
CA SER C 43 12.48 -23.48 34.00
C SER C 43 12.00 -24.12 35.28
N GLY C 44 11.65 -23.28 36.24
CA GLY C 44 11.22 -23.73 37.55
C GLY C 44 9.79 -23.42 37.89
N ARG C 45 9.47 -23.65 39.16
CA ARG C 45 8.16 -23.34 39.69
C ARG C 45 7.90 -21.84 39.60
N GLU C 46 8.92 -21.05 39.92
CA GLU C 46 8.76 -19.60 40.00
C GLU C 46 8.49 -18.94 38.64
N ASP C 47 9.16 -19.43 37.60
CA ASP C 47 8.90 -18.98 36.24
C ASP C 47 7.43 -19.26 35.90
N ALA C 48 6.98 -20.45 36.28
CA ALA C 48 5.62 -20.88 36.04
C ALA C 48 4.65 -19.93 36.74
N ARG C 49 4.90 -19.67 38.02
CA ARG C 49 4.09 -18.76 38.81
C ARG C 49 4.04 -17.39 38.16
N GLU C 50 5.17 -16.94 37.67
CA GLU C 50 5.25 -15.63 37.05
C GLU C 50 4.38 -15.55 35.80
N ALA C 51 4.41 -16.60 34.98
CA ALA C 51 3.56 -16.63 33.78
C ALA C 51 2.09 -16.66 34.16
N ILE C 52 1.77 -17.49 35.15
CA ILE C 52 0.41 -17.63 35.62
C ILE C 52 -0.15 -16.30 36.15
N ASP C 53 0.62 -15.64 37.03
CA ASP C 53 0.26 -14.34 37.58
C ASP C 53 0.12 -13.29 36.47
N SER C 54 1.03 -13.33 35.50
CA SER C 54 0.94 -12.41 34.36
C SER C 54 -0.35 -12.59 33.60
N ALA C 55 -0.70 -13.85 33.36
CA ALA C 55 -1.89 -14.21 32.58
C ALA C 55 -3.17 -13.85 33.33
N PHE C 56 -3.15 -14.09 34.64
CA PHE C 56 -4.25 -13.74 35.52
C PHE C 56 -4.44 -12.22 35.53
N GLU C 57 -3.33 -11.49 35.50
CA GLU C 57 -3.38 -10.03 35.44
C GLU C 57 -3.92 -9.51 34.12
N ALA C 58 -3.55 -10.17 33.01
CA ALA C 58 -3.97 -9.69 31.70
C ALA C 58 -5.45 -10.03 31.45
N LEU C 59 -5.93 -11.00 32.23
CA LEU C 59 -7.23 -11.63 32.03
C LEU C 59 -8.42 -10.68 31.86
N LYS C 60 -8.64 -9.79 32.81
CA LYS C 60 -9.85 -8.96 32.72
C LYS C 60 -9.86 -8.10 31.47
N ALA C 61 -8.77 -7.38 31.24
CA ALA C 61 -8.63 -6.59 30.01
C ALA C 61 -8.89 -7.47 28.77
N TRP C 62 -8.32 -8.67 28.74
CA TRP C 62 -8.48 -9.55 27.57
C TRP C 62 -9.92 -10.11 27.35
N ALA C 63 -10.52 -10.63 28.42
CA ALA C 63 -11.87 -11.18 28.39
C ALA C 63 -12.89 -10.12 28.08
N ASN C 64 -12.62 -8.91 28.52
CA ASN C 64 -13.65 -7.87 28.43
C ASN C 64 -13.70 -6.98 27.19
N ILE C 65 -12.66 -6.96 26.37
CA ILE C 65 -12.79 -6.32 25.07
C ILE C 65 -13.80 -7.11 24.21
N PRO C 66 -14.46 -6.45 23.25
CA PRO C 66 -15.39 -7.23 22.43
C PRO C 66 -14.68 -8.29 21.56
N ALA C 67 -15.43 -9.35 21.23
CA ALA C 67 -14.89 -10.47 20.46
C ALA C 67 -14.13 -10.05 19.19
N ILE C 68 -14.64 -9.04 18.50
CA ILE C 68 -14.02 -8.59 17.26
C ILE C 68 -12.56 -8.16 17.45
N ARG C 69 -12.24 -7.55 18.60
CA ARG C 69 -10.87 -7.14 18.87
C ARG C 69 -9.90 -8.33 19.02
N ARG C 70 -10.33 -9.34 19.76
CA ARG C 70 -9.57 -10.58 19.89
C ARG C 70 -9.38 -11.22 18.51
N ALA C 71 -10.48 -11.36 17.77
CA ALA C 71 -10.42 -11.82 16.37
C ALA C 71 -9.35 -11.07 15.55
N GLU C 72 -9.30 -9.74 15.70
CA GLU C 72 -8.30 -8.94 14.99
C GLU C 72 -6.88 -9.35 15.39
N TYR C 73 -6.70 -9.63 16.69
CA TYR C 73 -5.41 -10.16 17.15
C TYR C 73 -5.07 -11.53 16.51
N LEU C 74 -6.06 -12.42 16.44
CA LEU C 74 -5.81 -13.73 15.84
C LEU C 74 -5.54 -13.62 14.34
N TYR C 75 -6.15 -12.64 13.68
CA TYR C 75 -5.90 -12.46 12.26
C TYR C 75 -4.48 -11.93 12.08
N LYS C 76 -4.05 -11.04 12.98
CA LYS C 76 -2.66 -10.57 12.95
C LYS C 76 -1.72 -11.77 13.13
N MET C 77 -2.09 -12.66 14.03
CA MET C 77 -1.35 -13.89 14.28
C MET C 77 -1.29 -14.77 13.02
N LEU C 78 -2.40 -14.91 12.31
CA LEU C 78 -2.46 -15.62 11.04
C LEU C 78 -1.43 -15.06 10.10
N GLU C 79 -1.39 -13.74 10.01
CA GLU C 79 -0.48 -13.05 9.11
C GLU C 79 1.00 -13.28 9.46
N VAL C 80 1.32 -13.21 10.74
CA VAL C 80 2.69 -13.44 11.15
C VAL C 80 3.04 -14.90 10.86
N PHE C 81 2.12 -15.80 11.18
CA PHE C 81 2.36 -17.21 10.96
C PHE C 81 2.65 -17.48 9.49
N ARG C 82 1.95 -16.77 8.61
CA ARG C 82 2.19 -16.91 7.19
C ARG C 82 3.60 -16.43 6.81
N GLN C 83 4.04 -15.34 7.43
CA GLN C 83 5.43 -14.92 7.25
C GLN C 83 6.38 -16.03 7.70
N MET C 84 6.00 -16.76 8.75
CA MET C 84 6.93 -17.66 9.45
C MET C 84 6.95 -19.13 9.01
N LYS C 85 6.20 -19.48 7.98
CA LYS C 85 6.04 -20.89 7.57
C LYS C 85 7.35 -21.68 7.45
N GLU C 86 8.23 -21.27 6.52
CA GLU C 86 9.48 -21.96 6.29
C GLU C 86 10.23 -22.24 7.59
N ASP C 87 10.27 -21.28 8.49
CA ASP C 87 10.98 -21.49 9.75
C ASP C 87 10.32 -22.56 10.63
N PHE C 88 8.99 -22.48 10.74
CA PHE C 88 8.24 -23.49 11.47
C PHE C 88 8.51 -24.88 10.90
N MET C 89 8.46 -24.98 9.57
CA MET C 89 8.71 -26.25 8.88
C MET C 89 10.10 -26.79 9.20
N LYS C 90 11.11 -25.95 8.96
CA LYS C 90 12.49 -26.30 9.26
C LYS C 90 12.63 -26.82 10.68
N ILE C 91 12.00 -26.15 11.65
CA ILE C 91 12.13 -26.59 13.02
C ILE C 91 11.42 -27.91 13.29
N LEU C 92 10.23 -28.07 12.73
CA LEU C 92 9.49 -29.31 12.86
C LEU C 92 10.28 -30.51 12.30
N THR C 93 11.01 -30.28 11.22
CA THR C 93 11.86 -31.32 10.66
C THR C 93 13.10 -31.56 11.50
N VAL C 94 13.86 -30.50 11.75
CA VAL C 94 15.13 -30.61 12.48
C VAL C 94 14.95 -31.02 13.94
N GLU C 95 14.04 -30.36 14.65
CA GLU C 95 13.78 -30.74 16.05
C GLU C 95 12.79 -31.89 16.24
N GLY C 96 11.85 -32.05 15.31
CA GLY C 96 10.80 -33.03 15.51
C GLY C 96 10.95 -34.30 14.71
N GLY C 97 11.80 -34.24 13.68
CA GLY C 97 12.08 -35.42 12.88
C GLY C 97 11.06 -35.63 11.78
N GLY C 98 10.25 -34.61 11.55
CA GLY C 98 9.24 -34.70 10.52
C GLY C 98 9.76 -34.56 9.11
N THR C 99 9.19 -35.36 8.21
CA THR C 99 9.51 -35.27 6.79
C THR C 99 8.93 -34.01 6.20
N TYR C 100 9.42 -33.62 5.03
CA TYR C 100 8.92 -32.41 4.38
C TYR C 100 7.39 -32.44 4.29
N ARG C 101 6.81 -33.56 3.85
CA ARG C 101 5.36 -33.60 3.65
C ARG C 101 4.59 -33.50 4.96
N LYS C 102 5.10 -34.19 5.99
CA LYS C 102 4.50 -34.12 7.30
C LYS C 102 4.47 -32.69 7.82
N VAL C 103 5.60 -31.99 7.71
CA VAL C 103 5.70 -30.67 8.31
C VAL C 103 4.96 -29.62 7.48
N TRP C 104 4.97 -29.80 6.16
CA TRP C 104 4.20 -28.93 5.28
C TRP C 104 2.73 -29.05 5.67
N GLY C 105 2.24 -30.28 5.74
CA GLY C 105 0.87 -30.53 6.12
C GLY C 105 0.52 -29.96 7.49
N GLU C 106 1.42 -30.14 8.48
CA GLU C 106 1.19 -29.61 9.83
C GLU C 106 1.07 -28.10 9.83
N VAL C 107 1.92 -27.46 9.01
CA VAL C 107 1.94 -26.00 8.89
C VAL C 107 0.66 -25.44 8.24
N VAL C 108 0.24 -26.10 7.16
CA VAL C 108 -1.01 -25.77 6.48
C VAL C 108 -2.18 -25.86 7.46
N PHE C 109 -2.28 -27.00 8.13
CA PHE C 109 -3.33 -27.21 9.09
C PHE C 109 -3.31 -26.17 10.19
N THR C 110 -2.11 -25.85 10.66
CA THR C 110 -1.95 -24.84 11.71
C THR C 110 -2.52 -23.49 11.27
N GLU C 111 -2.18 -23.11 10.04
CA GLU C 111 -2.72 -21.88 9.46
C GLU C 111 -4.25 -21.91 9.51
N ARG C 112 -4.82 -23.03 9.07
CA ARG C 112 -6.27 -23.15 9.08
C ARG C 112 -6.85 -23.13 10.50
N LEU C 113 -6.06 -23.57 11.47
CA LEU C 113 -6.51 -23.56 12.85
C LEU C 113 -6.54 -22.13 13.40
N ILE C 114 -5.55 -21.33 13.02
CA ILE C 114 -5.51 -19.95 13.53
C ILE C 114 -6.65 -19.17 12.91
N GLN C 115 -6.73 -19.26 11.58
CA GLN C 115 -7.82 -18.65 10.85
C GLN C 115 -9.19 -19.09 11.39
N ASN C 116 -9.33 -20.36 11.72
CA ASN C 116 -10.58 -20.87 12.26
C ASN C 116 -10.95 -20.21 13.59
N ALA C 117 -9.98 -20.15 14.51
CA ALA C 117 -10.20 -19.52 15.82
C ALA C 117 -10.65 -18.07 15.62
N ALA C 118 -9.90 -17.35 14.78
CA ALA C 118 -10.22 -15.98 14.42
C ALA C 118 -11.65 -15.83 13.85
N GLU C 119 -12.03 -16.73 12.95
CA GLU C 119 -13.32 -16.69 12.25
C GLU C 119 -14.44 -16.84 13.24
N LEU C 120 -14.25 -17.73 14.21
CA LEU C 120 -15.35 -18.05 15.12
C LEU C 120 -15.47 -17.13 16.34
N ALA C 121 -14.42 -16.37 16.66
CA ALA C 121 -14.42 -15.57 17.89
C ALA C 121 -15.71 -14.76 18.17
N ARG C 122 -16.22 -14.06 17.15
CA ARG C 122 -17.39 -13.18 17.30
C ARG C 122 -18.72 -13.92 17.25
N HIS C 123 -18.69 -15.20 16.92
CA HIS C 123 -19.92 -15.97 16.71
C HIS C 123 -20.37 -16.95 17.79
N TYR C 124 -19.62 -17.04 18.89
CA TYR C 124 -19.96 -18.04 19.89
C TYR C 124 -21.10 -17.47 20.73
N GLN C 125 -22.23 -18.17 20.70
CA GLN C 125 -23.49 -17.63 21.19
C GLN C 125 -23.93 -18.30 22.48
N GLY C 126 -24.63 -17.55 23.32
CA GLY C 126 -25.38 -18.14 24.41
C GLY C 126 -26.81 -18.27 23.91
N ARG C 127 -27.75 -18.47 24.81
CA ARG C 127 -29.11 -18.79 24.39
C ARG C 127 -30.14 -17.92 25.09
N VAL C 128 -31.20 -17.54 24.38
CA VAL C 128 -32.36 -16.91 25.05
C VAL C 128 -33.38 -17.99 25.34
N LEU C 129 -33.84 -18.02 26.59
CA LEU C 129 -34.68 -19.09 27.10
C LEU C 129 -36.10 -18.63 27.36
N GLN C 130 -37.03 -19.53 27.09
CA GLN C 130 -38.37 -19.42 27.57
C GLN C 130 -38.39 -19.72 29.08
N SER C 131 -39.01 -18.84 29.87
CA SER C 131 -39.17 -19.10 31.29
C SER C 131 -40.55 -19.62 31.66
N ASP C 132 -40.56 -20.60 32.56
CA ASP C 132 -41.79 -21.08 33.15
C ASP C 132 -42.45 -20.07 34.10
N SER C 133 -41.78 -18.95 34.36
CA SER C 133 -42.33 -17.96 35.28
C SER C 133 -42.84 -16.72 34.55
N GLU C 134 -43.86 -16.10 35.13
CA GLU C 134 -44.40 -14.83 34.65
C GLU C 134 -43.32 -13.76 34.71
N SER C 135 -43.39 -12.81 33.78
CA SER C 135 -42.68 -11.56 33.90
C SER C 135 -41.19 -11.76 34.16
N THR C 136 -40.64 -12.79 33.51
CA THR C 136 -39.25 -13.17 33.70
C THR C 136 -38.52 -13.27 32.38
N ILE C 137 -37.41 -12.54 32.26
CA ILE C 137 -36.50 -12.68 31.14
C ILE C 137 -35.39 -13.64 31.56
N SER C 138 -35.09 -14.63 30.72
CA SER C 138 -34.14 -15.68 31.08
C SER C 138 -33.15 -15.94 29.95
N VAL C 139 -31.88 -15.64 30.17
CA VAL C 139 -30.88 -15.80 29.12
C VAL C 139 -29.65 -16.46 29.68
N VAL C 140 -28.80 -16.94 28.78
CA VAL C 140 -27.54 -17.55 29.15
C VAL C 140 -26.43 -16.93 28.32
N PHE C 141 -25.41 -16.41 29.02
CA PHE C 141 -24.24 -15.81 28.40
C PHE C 141 -23.09 -16.79 28.39
N LYS C 142 -22.21 -16.66 27.41
CA LYS C 142 -20.94 -17.37 27.44
C LYS C 142 -19.88 -16.50 28.09
N ARG C 143 -19.04 -17.10 28.92
CA ARG C 143 -17.96 -16.35 29.58
C ARG C 143 -16.70 -17.18 29.55
N SER C 144 -15.55 -16.53 29.38
CA SER C 144 -14.30 -17.26 29.37
C SER C 144 -14.00 -17.81 30.76
N LYS C 145 -13.18 -18.86 30.81
CA LYS C 145 -12.90 -19.50 32.09
C LYS C 145 -11.88 -18.77 32.95
N GLY C 146 -10.81 -18.27 32.35
CA GLY C 146 -9.76 -17.69 33.13
C GLY C 146 -8.43 -17.85 32.42
N VAL C 147 -7.34 -17.91 33.21
CA VAL C 147 -6.09 -18.39 32.64
C VAL C 147 -6.14 -19.90 32.39
N VAL C 148 -5.70 -20.28 31.20
CA VAL C 148 -5.76 -21.65 30.78
C VAL C 148 -4.35 -22.22 30.60
N GLY C 149 -4.06 -23.31 31.29
CA GLY C 149 -2.84 -24.05 31.02
C GLY C 149 -2.96 -24.85 29.74
N VAL C 150 -1.98 -24.72 28.86
CA VAL C 150 -1.92 -25.62 27.69
C VAL C 150 -0.62 -26.40 27.62
N ILE C 151 -0.75 -27.71 27.80
CA ILE C 151 0.38 -28.62 27.83
C ILE C 151 0.32 -29.55 26.61
N THR C 152 1.43 -29.62 25.88
CA THR C 152 1.43 -30.24 24.55
C THR C 152 2.52 -31.31 24.33
N PRO C 153 2.31 -32.21 23.35
CA PRO C 153 3.26 -33.29 23.05
C PRO C 153 4.24 -32.92 21.96
N TRP C 154 5.11 -33.86 21.62
CA TRP C 154 6.20 -33.61 20.67
C TRP C 154 5.92 -34.00 19.21
N ASN C 155 4.85 -34.75 18.96
CA ASN C 155 4.65 -35.37 17.64
C ASN C 155 4.13 -34.39 16.60
N TYR C 156 3.11 -33.63 16.99
CA TYR C 156 2.65 -32.51 16.19
C TYR C 156 2.61 -31.28 17.09
N PRO C 157 3.79 -30.81 17.52
CA PRO C 157 3.85 -29.76 18.54
C PRO C 157 3.21 -28.47 18.03
N LEU C 158 3.36 -28.22 16.73
CA LEU C 158 2.86 -26.98 16.18
C LEU C 158 1.33 -26.97 16.09
N SER C 159 0.76 -27.88 15.31
CA SER C 159 -0.68 -27.89 15.08
C SER C 159 -1.47 -28.19 16.38
N ILE C 160 -0.97 -29.11 17.20
CA ILE C 160 -1.66 -29.38 18.46
C ILE C 160 -1.61 -28.14 19.37
N SER C 161 -0.41 -27.56 19.51
CA SER C 161 -0.30 -26.36 20.35
C SER C 161 -1.21 -25.25 19.86
N MET C 162 -1.19 -25.00 18.55
CA MET C 162 -1.97 -23.88 18.02
C MET C 162 -3.47 -24.13 18.05
N LYS C 163 -3.91 -25.38 17.92
CA LYS C 163 -5.33 -25.63 18.10
C LYS C 163 -5.74 -25.24 19.52
N LYS C 164 -4.98 -25.70 20.51
CA LYS C 164 -5.30 -25.27 21.87
C LYS C 164 -5.19 -23.74 22.07
N ILE C 165 -4.08 -23.16 21.65
CA ILE C 165 -3.77 -21.76 21.91
C ILE C 165 -4.71 -20.76 21.20
N ALA C 166 -4.79 -20.87 19.88
CA ALA C 166 -5.55 -19.90 19.11
C ALA C 166 -7.02 -19.86 19.57
N HIS C 167 -7.63 -21.05 19.69
CA HIS C 167 -9.01 -21.13 20.12
C HIS C 167 -9.21 -20.64 21.55
N THR C 168 -8.30 -21.01 22.46
CA THR C 168 -8.44 -20.60 23.86
C THR C 168 -8.37 -19.07 23.98
N LEU C 169 -7.48 -18.46 23.22
CA LEU C 169 -7.34 -17.01 23.19
C LEU C 169 -8.56 -16.31 22.57
N ALA C 170 -9.06 -16.85 21.46
CA ALA C 170 -10.17 -16.25 20.70
C ALA C 170 -11.33 -15.85 21.59
N VAL C 171 -11.66 -16.74 22.50
CA VAL C 171 -12.86 -16.63 23.29
C VAL C 171 -12.60 -16.00 24.67
N GLY C 172 -11.38 -15.48 24.83
CA GLY C 172 -11.11 -14.55 25.92
C GLY C 172 -10.42 -15.10 27.15
N ASN C 173 -9.88 -16.29 27.02
CA ASN C 173 -8.98 -16.82 28.04
C ASN C 173 -7.56 -16.28 27.87
N THR C 174 -6.78 -16.35 28.95
CA THR C 174 -5.36 -16.12 28.84
C THR C 174 -4.62 -17.46 28.98
N VAL C 175 -3.43 -17.52 28.43
CA VAL C 175 -2.71 -18.78 28.28
C VAL C 175 -1.35 -18.80 28.96
N VAL C 176 -1.08 -19.85 29.74
CA VAL C 176 0.31 -20.25 29.95
C VAL C 176 0.59 -21.63 29.35
N TYR C 177 1.60 -21.64 28.50
CA TYR C 177 1.88 -22.72 27.57
C TYR C 177 3.22 -23.35 27.88
N LYS C 178 3.19 -24.65 28.15
CA LYS C 178 4.41 -25.43 28.31
C LYS C 178 4.52 -26.54 27.24
N PRO C 179 5.43 -26.37 26.28
CA PRO C 179 5.56 -27.34 25.19
C PRO C 179 6.25 -28.61 25.67
N ALA C 180 6.15 -29.65 24.87
CA ALA C 180 6.87 -30.87 25.14
C ALA C 180 8.36 -30.52 25.21
N SER C 181 9.06 -31.12 26.17
CA SER C 181 10.49 -30.90 26.31
C SER C 181 11.28 -31.25 25.04
N ASP C 182 10.76 -32.21 24.28
CA ASP C 182 11.42 -32.60 23.04
C ASP C 182 11.17 -31.61 21.90
N THR C 183 10.24 -30.68 22.07
CA THR C 183 10.02 -29.68 21.02
C THR C 183 9.92 -28.27 21.58
N PRO C 184 10.97 -27.82 22.30
CA PRO C 184 10.87 -26.48 22.88
C PRO C 184 10.96 -25.39 21.83
N VAL C 185 11.71 -25.63 20.75
CA VAL C 185 11.93 -24.57 19.78
C VAL C 185 10.64 -24.22 19.02
N THR C 186 9.83 -25.22 18.71
CA THR C 186 8.54 -24.97 18.10
C THR C 186 7.73 -24.04 19.02
N GLY C 187 7.73 -24.37 20.31
CA GLY C 187 7.08 -23.54 21.30
C GLY C 187 7.59 -22.10 21.27
N TRP C 188 8.90 -21.96 21.20
CA TRP C 188 9.51 -20.64 21.17
C TRP C 188 9.13 -19.87 19.91
N LEU C 189 8.99 -20.58 18.80
CA LEU C 189 8.62 -19.92 17.55
C LEU C 189 7.19 -19.41 17.63
N ILE C 190 6.33 -20.19 18.31
CA ILE C 190 4.95 -19.77 18.55
C ILE C 190 4.95 -18.46 19.34
N ALA C 191 5.72 -18.41 20.43
CA ALA C 191 5.82 -17.18 21.22
C ALA C 191 6.32 -16.01 20.36
N GLN C 192 7.29 -16.26 19.48
CA GLN C 192 7.75 -15.22 18.57
C GLN C 192 6.61 -14.70 17.70
N MET C 193 5.86 -15.63 17.12
CA MET C 193 4.68 -15.27 16.34
C MET C 193 3.69 -14.41 17.15
N VAL C 194 3.37 -14.85 18.36
CA VAL C 194 2.46 -14.12 19.22
C VAL C 194 3.02 -12.75 19.57
N ALA C 195 4.32 -12.69 19.84
CA ALA C 195 4.93 -11.42 20.18
C ALA C 195 4.87 -10.45 18.98
N LYS C 196 5.11 -10.97 17.78
CA LYS C 196 5.08 -10.15 16.59
C LYS C 196 3.65 -9.75 16.24
N ALA C 197 2.69 -10.60 16.59
CA ALA C 197 1.28 -10.28 16.36
C ALA C 197 0.79 -9.16 17.30
N GLY C 198 1.52 -8.94 18.38
CA GLY C 198 1.31 -7.79 19.23
C GLY C 198 0.24 -7.92 20.30
N LEU C 199 0.01 -9.13 20.77
CA LEU C 199 -1.01 -9.35 21.78
C LEU C 199 -0.62 -8.67 23.09
N PRO C 200 -1.62 -8.31 23.91
CA PRO C 200 -1.31 -7.58 25.16
C PRO C 200 -0.45 -8.43 26.09
N LYS C 201 0.42 -7.78 26.88
CA LYS C 201 1.34 -8.44 27.79
C LYS C 201 0.58 -9.40 28.69
N GLY C 202 1.12 -10.61 28.87
CA GLY C 202 0.54 -11.58 29.79
C GLY C 202 -0.60 -12.39 29.19
N VAL C 203 -1.06 -12.03 27.99
CA VAL C 203 -2.22 -12.70 27.43
C VAL C 203 -1.85 -14.10 26.98
N PHE C 204 -0.66 -14.20 26.39
CA PHE C 204 -0.03 -15.47 26.06
C PHE C 204 1.33 -15.56 26.74
N ASN C 205 1.63 -16.71 27.32
CA ASN C 205 2.90 -16.88 28.02
C ASN C 205 3.55 -18.23 27.72
N LEU C 206 4.86 -18.20 27.49
CA LEU C 206 5.60 -19.41 27.16
C LEU C 206 6.64 -19.73 28.23
N VAL C 207 6.50 -20.87 28.87
CA VAL C 207 7.56 -21.32 29.76
C VAL C 207 8.04 -22.73 29.44
N ILE C 208 9.30 -22.80 29.05
CA ILE C 208 9.94 -24.04 28.66
C ILE C 208 10.62 -24.66 29.86
N GLY C 209 10.19 -25.86 30.22
CA GLY C 209 10.71 -26.49 31.40
C GLY C 209 10.14 -27.88 31.55
N PRO C 210 10.69 -28.66 32.50
CA PRO C 210 10.22 -30.04 32.71
C PRO C 210 8.80 -30.13 33.26
N GLY C 211 8.07 -31.12 32.75
CA GLY C 211 6.71 -31.40 33.16
C GLY C 211 6.51 -31.49 34.67
N PRO C 212 7.32 -32.31 35.36
CA PRO C 212 7.15 -32.49 36.81
C PRO C 212 7.37 -31.22 37.65
N VAL C 213 7.99 -30.19 37.09
CA VAL C 213 8.05 -28.93 37.80
C VAL C 213 7.13 -27.85 37.19
N VAL C 214 7.39 -27.45 35.95
CA VAL C 214 6.58 -26.42 35.30
C VAL C 214 5.12 -26.85 35.10
N GLY C 215 4.95 -28.07 34.59
CA GLY C 215 3.63 -28.62 34.33
C GLY C 215 2.86 -28.85 35.61
N GLU C 216 3.56 -29.33 36.63
CA GLU C 216 2.95 -29.47 37.97
C GLU C 216 2.45 -28.12 38.46
N GLU C 217 3.29 -27.10 38.37
CA GLU C 217 2.86 -25.81 38.86
C GLU C 217 1.60 -25.34 38.13
N ILE C 218 1.62 -25.44 36.80
CA ILE C 218 0.46 -25.07 36.00
C ILE C 218 -0.80 -25.82 36.42
N VAL C 219 -0.66 -27.11 36.66
CA VAL C 219 -1.81 -27.97 36.96
C VAL C 219 -2.35 -27.80 38.39
N THR C 220 -1.49 -27.39 39.32
CA THR C 220 -1.97 -27.18 40.69
C THR C 220 -2.24 -25.74 41.15
N HIS C 221 -1.92 -24.75 40.33
CA HIS C 221 -2.02 -23.35 40.78
C HIS C 221 -3.46 -22.86 40.95
N LYS C 222 -3.69 -22.01 41.95
CA LYS C 222 -5.02 -21.53 42.28
C LYS C 222 -5.65 -20.67 41.17
N ARG C 223 -4.82 -19.95 40.43
CA ARG C 223 -5.30 -18.97 39.46
C ARG C 223 -5.43 -19.54 38.05
N VAL C 224 -5.19 -20.83 37.90
CA VAL C 224 -5.38 -21.53 36.63
C VAL C 224 -6.76 -22.18 36.63
N ALA C 225 -7.62 -21.72 35.74
CA ALA C 225 -9.00 -22.20 35.75
C ALA C 225 -9.17 -23.54 35.04
N HIS C 226 -8.31 -23.78 34.06
CA HIS C 226 -8.47 -24.93 33.18
C HIS C 226 -7.14 -25.35 32.64
N VAL C 227 -7.00 -26.66 32.44
CA VAL C 227 -5.85 -27.20 31.76
C VAL C 227 -6.24 -28.08 30.56
N THR C 228 -5.74 -27.72 29.40
CA THR C 228 -5.90 -28.58 28.25
C THR C 228 -4.57 -29.26 27.93
N PHE C 229 -4.59 -30.59 28.01
CA PHE C 229 -3.40 -31.43 27.92
C PHE C 229 -3.51 -32.48 26.81
N THR C 230 -2.43 -32.66 26.08
CA THR C 230 -2.34 -33.76 25.15
C THR C 230 -1.01 -34.48 25.41
N GLY C 231 -1.10 -35.77 25.72
CA GLY C 231 0.07 -36.56 26.05
C GLY C 231 -0.26 -37.96 26.56
N GLU C 232 0.66 -38.52 27.35
CA GLU C 232 0.56 -39.89 27.82
C GLU C 232 -0.69 -40.06 28.65
N SER C 233 -1.29 -41.24 28.56
CA SER C 233 -2.56 -41.50 29.24
C SER C 233 -2.36 -41.45 30.76
N SER C 234 -1.20 -41.90 31.20
CA SER C 234 -0.90 -42.03 32.61
C SER C 234 -0.67 -40.66 33.24
N THR C 235 0.06 -39.81 32.53
CA THR C 235 0.28 -38.45 32.99
C THR C 235 -1.03 -37.67 32.92
N GLY C 236 -1.90 -38.04 31.98
CA GLY C 236 -3.19 -37.40 31.85
C GLY C 236 -4.04 -37.68 33.08
N ARG C 237 -4.08 -38.94 33.49
CA ARG C 237 -4.80 -39.29 34.74
C ARG C 237 -4.20 -38.56 35.94
N GLU C 238 -2.87 -38.50 35.96
CA GLU C 238 -2.14 -37.76 37.00
C GLU C 238 -2.65 -36.31 37.07
N ILE C 239 -2.71 -35.68 35.90
CA ILE C 239 -3.12 -34.30 35.80
C ILE C 239 -4.55 -34.08 36.26
N ALA C 240 -5.47 -34.95 35.84
CA ALA C 240 -6.87 -34.80 36.22
C ALA C 240 -6.97 -34.88 37.73
N ALA C 241 -6.30 -35.89 38.27
CA ALA C 241 -6.26 -36.12 39.71
C ALA C 241 -5.81 -34.85 40.43
N LYS C 242 -4.67 -34.29 40.00
CA LYS C 242 -4.13 -33.11 40.69
C LYS C 242 -5.00 -31.87 40.51
N ALA C 243 -5.64 -31.78 39.35
CA ALA C 243 -6.54 -30.66 39.04
C ALA C 243 -7.75 -30.64 39.97
N ALA C 244 -8.15 -31.81 40.45
CA ALA C 244 -9.24 -31.87 41.43
C ALA C 244 -9.07 -30.91 42.63
N GLY C 245 -7.84 -30.77 43.13
CA GLY C 245 -7.58 -29.99 44.33
C GLY C 245 -8.09 -28.56 44.26
N THR C 246 -7.89 -27.93 43.11
CA THR C 246 -8.37 -26.58 42.86
C THR C 246 -9.70 -26.52 42.09
N LEU C 247 -10.31 -27.68 41.83
CA LEU C 247 -11.55 -27.76 41.06
C LEU C 247 -11.41 -27.19 39.65
N LYS C 248 -10.20 -27.17 39.11
CA LYS C 248 -10.00 -26.70 37.75
C LYS C 248 -10.38 -27.81 36.75
N THR C 249 -10.99 -27.41 35.64
CA THR C 249 -11.40 -28.34 34.60
C THR C 249 -10.27 -28.75 33.67
N VAL C 250 -10.44 -29.89 33.01
CA VAL C 250 -9.40 -30.39 32.12
C VAL C 250 -9.94 -30.88 30.78
N THR C 251 -9.14 -30.72 29.74
CA THR C 251 -9.34 -31.42 28.49
C THR C 251 -8.16 -32.37 28.40
N LEU C 252 -8.42 -33.65 28.14
CA LEU C 252 -7.32 -34.62 28.09
C LEU C 252 -7.37 -35.42 26.81
N GLU C 253 -6.35 -35.29 25.98
CA GLU C 253 -6.27 -36.11 24.77
C GLU C 253 -5.17 -37.12 24.99
N LEU C 254 -5.59 -38.34 25.27
CA LEU C 254 -4.71 -39.37 25.81
C LEU C 254 -4.24 -40.45 24.82
N GLY C 255 -4.47 -40.21 23.54
CA GLY C 255 -4.00 -41.12 22.51
C GLY C 255 -5.03 -42.17 22.16
N GLY C 256 -4.65 -43.13 21.33
CA GLY C 256 -5.56 -44.19 20.97
C GLY C 256 -4.86 -45.39 20.36
N SER C 257 -5.62 -46.48 20.22
CA SER C 257 -5.21 -47.53 19.31
C SER C 257 -6.30 -47.69 18.25
N ASP C 258 -6.20 -46.99 17.13
CA ASP C 258 -7.37 -46.87 16.28
C ASP C 258 -7.48 -48.09 15.38
N PRO C 259 -8.67 -48.71 15.36
CA PRO C 259 -8.94 -49.74 14.38
C PRO C 259 -9.07 -49.18 12.96
N LEU C 260 -8.39 -49.81 12.00
CA LEU C 260 -8.70 -49.62 10.60
C LEU C 260 -9.25 -50.94 10.04
N ILE C 261 -10.55 -50.95 9.78
CA ILE C 261 -11.28 -52.16 9.46
C ILE C 261 -11.45 -52.25 7.96
N ILE C 262 -10.81 -53.24 7.34
CA ILE C 262 -10.89 -53.40 5.88
C ILE C 262 -11.81 -54.57 5.51
N LEU C 263 -12.93 -54.27 4.86
CA LEU C 263 -13.89 -55.33 4.54
C LEU C 263 -13.60 -55.97 3.17
N ASP C 264 -14.39 -56.98 2.82
CA ASP C 264 -14.06 -57.84 1.69
C ASP C 264 -14.50 -57.30 0.32
N ASP C 265 -15.25 -56.20 0.31
CA ASP C 265 -15.70 -55.63 -0.95
C ASP C 265 -14.82 -54.48 -1.46
N VAL C 266 -13.72 -54.19 -0.77
CA VAL C 266 -12.91 -53.02 -1.10
C VAL C 266 -12.09 -53.16 -2.37
N ASP C 267 -11.67 -52.03 -2.91
CA ASP C 267 -10.54 -52.05 -3.79
C ASP C 267 -9.36 -52.37 -2.87
N VAL C 268 -8.72 -53.50 -3.11
CA VAL C 268 -7.71 -54.00 -2.18
C VAL C 268 -6.43 -53.17 -2.26
N ASP C 269 -6.02 -52.84 -3.48
CA ASP C 269 -4.87 -51.98 -3.66
C ASP C 269 -5.06 -50.63 -2.95
N TYR C 270 -6.23 -50.03 -3.15
CA TYR C 270 -6.51 -48.74 -2.53
C TYR C 270 -6.48 -48.87 -1.01
N ALA C 271 -7.13 -49.91 -0.51
CA ALA C 271 -7.17 -50.20 0.92
C ALA C 271 -5.75 -50.31 1.47
N ALA C 272 -4.85 -50.85 0.64
CA ALA C 272 -3.47 -51.03 1.04
C ALA C 272 -2.77 -49.70 1.13
N ARG C 273 -2.87 -48.87 0.08
CA ARG C 273 -2.23 -47.55 0.08
C ARG C 273 -2.71 -46.72 1.28
N LEU C 274 -4.02 -46.72 1.48
CA LEU C 274 -4.63 -45.97 2.55
C LEU C 274 -4.12 -46.50 3.88
N ALA C 275 -4.10 -47.83 4.03
CA ALA C 275 -3.64 -48.43 5.26
C ALA C 275 -2.21 -48.01 5.57
N VAL C 276 -1.38 -47.98 4.53
CA VAL C 276 0.03 -47.64 4.69
C VAL C 276 0.19 -46.22 5.22
N PHE C 277 -0.54 -45.29 4.60
CA PHE C 277 -0.55 -43.89 5.02
C PHE C 277 -1.04 -43.72 6.47
N ALA C 278 -2.20 -44.29 6.76
CA ALA C 278 -2.88 -44.14 8.04
C ALA C 278 -2.09 -44.71 9.20
N SER C 279 -1.46 -45.86 8.94
CA SER C 279 -0.74 -46.62 9.96
C SER C 279 0.70 -46.14 10.17
N LEU C 280 1.35 -45.81 9.07
CA LEU C 280 2.74 -45.44 9.20
C LEU C 280 3.14 -43.97 9.10
N PHE C 281 2.23 -43.08 8.71
CA PHE C 281 2.63 -41.68 8.53
C PHE C 281 3.14 -41.08 9.84
N HIS C 282 4.09 -40.15 9.71
CA HIS C 282 4.91 -39.64 10.81
C HIS C 282 5.41 -40.77 11.71
N GLN C 283 5.87 -41.85 11.08
CA GLN C 283 6.46 -43.01 11.76
C GLN C 283 5.44 -43.61 12.69
N GLY C 284 4.17 -43.43 12.33
CA GLY C 284 3.10 -43.83 13.21
C GLY C 284 3.01 -43.06 14.53
N GLN C 285 3.66 -41.89 14.64
CA GLN C 285 3.49 -41.20 15.92
C GLN C 285 2.43 -40.13 15.73
N ILE C 286 1.20 -40.57 15.89
CA ILE C 286 0.01 -39.75 15.66
C ILE C 286 -1.00 -40.45 16.54
N CYS C 287 -1.85 -39.69 17.22
CA CYS C 287 -2.74 -40.27 18.20
C CYS C 287 -3.81 -41.08 17.45
N THR C 288 -4.18 -40.57 16.28
CA THR C 288 -5.18 -41.17 15.42
C THR C 288 -4.58 -42.08 14.35
N SER C 289 -3.32 -42.43 14.50
CA SER C 289 -2.71 -43.41 13.62
C SER C 289 -3.54 -44.70 13.59
N ALA C 290 -3.55 -45.40 12.44
CA ALA C 290 -4.28 -46.66 12.42
C ALA C 290 -3.28 -47.68 12.96
N LYS C 291 -3.49 -48.04 14.22
CA LYS C 291 -2.50 -48.78 14.95
C LYS C 291 -2.77 -50.27 14.96
N ARG C 292 -4.02 -50.63 14.67
CA ARG C 292 -4.40 -52.02 14.58
C ARG C 292 -5.17 -52.23 13.28
N ILE C 293 -4.56 -52.97 12.36
CA ILE C 293 -5.20 -53.16 11.06
C ILE C 293 -6.03 -54.45 11.09
N ILE C 294 -7.29 -54.36 10.69
CA ILE C 294 -8.22 -55.48 10.77
C ILE C 294 -8.84 -55.79 9.40
N VAL C 295 -8.49 -56.95 8.83
CA VAL C 295 -8.92 -57.32 7.45
C VAL C 295 -9.82 -58.54 7.39
N HIS C 296 -10.84 -58.46 6.55
CA HIS C 296 -11.73 -59.60 6.33
C HIS C 296 -10.96 -60.70 5.60
N LYS C 297 -11.17 -61.93 6.04
CA LYS C 297 -10.40 -63.07 5.53
C LYS C 297 -10.42 -63.24 4.01
N ALA C 298 -11.51 -62.82 3.36
CA ALA C 298 -11.63 -63.01 1.91
C ALA C 298 -10.64 -62.18 1.12
N VAL C 299 -10.31 -60.98 1.62
CA VAL C 299 -9.27 -60.19 1.00
C VAL C 299 -7.94 -60.18 1.75
N ALA C 300 -7.89 -60.86 2.88
CA ALA C 300 -6.73 -60.78 3.79
C ALA C 300 -5.37 -61.04 3.14
N ASP C 301 -5.24 -62.14 2.39
CA ASP C 301 -3.96 -62.49 1.77
C ASP C 301 -3.48 -61.41 0.80
N LYS C 302 -4.35 -61.02 -0.13
CA LYS C 302 -4.00 -60.03 -1.15
C LYS C 302 -3.74 -58.65 -0.51
N PHE C 303 -4.49 -58.35 0.53
CA PHE C 303 -4.30 -57.08 1.21
C PHE C 303 -2.97 -57.05 1.94
N ILE C 304 -2.65 -58.12 2.66
CA ILE C 304 -1.43 -58.20 3.42
C ILE C 304 -0.23 -58.12 2.48
N GLU C 305 -0.37 -58.82 1.36
CA GLU C 305 0.63 -58.80 0.31
C GLU C 305 0.88 -57.38 -0.20
N ARG C 306 -0.16 -56.71 -0.69
CA ARG C 306 -0.01 -55.33 -1.19
C ARG C 306 0.46 -54.32 -0.14
N TYR C 307 -0.05 -54.47 1.07
CA TYR C 307 0.31 -53.60 2.18
C TYR C 307 1.80 -53.68 2.46
N VAL C 308 2.31 -54.92 2.59
CA VAL C 308 3.74 -55.14 2.82
C VAL C 308 4.54 -54.63 1.64
N HIS C 309 4.00 -54.85 0.43
CA HIS C 309 4.66 -54.42 -0.80
C HIS C 309 4.92 -52.94 -0.76
N TYR C 310 3.91 -52.19 -0.33
CA TYR C 310 4.00 -50.74 -0.26
C TYR C 310 4.86 -50.27 0.91
N VAL C 311 4.77 -50.96 2.04
CA VAL C 311 5.64 -50.65 3.17
C VAL C 311 7.12 -50.80 2.76
N LYS C 312 7.40 -51.76 1.90
CA LYS C 312 8.77 -52.01 1.47
C LYS C 312 9.31 -50.80 0.71
N MET C 313 8.42 -50.13 -0.02
CA MET C 313 8.77 -48.95 -0.82
C MET C 313 9.04 -47.69 0.00
N LEU C 314 8.69 -47.70 1.28
CA LEU C 314 8.90 -46.51 2.10
C LEU C 314 10.37 -46.10 2.22
N ARG C 315 10.68 -44.85 1.87
CA ARG C 315 12.01 -44.30 2.06
C ARG C 315 12.18 -43.77 3.48
N ILE C 316 13.16 -44.31 4.20
CA ILE C 316 13.50 -43.86 5.54
C ILE C 316 14.83 -43.12 5.45
N ASP C 317 14.84 -41.84 5.79
CA ASP C 317 16.05 -41.06 5.60
C ASP C 317 16.09 -39.85 6.51
N ASP C 318 17.21 -39.13 6.48
CA ASP C 318 17.29 -37.81 7.08
C ASP C 318 16.26 -36.95 6.37
N PRO C 319 15.26 -36.46 7.12
CA PRO C 319 14.13 -35.69 6.55
C PRO C 319 14.57 -34.33 5.97
N ARG C 320 15.78 -33.89 6.31
CA ARG C 320 16.36 -32.71 5.68
C ARG C 320 16.80 -32.96 4.24
N LYS C 321 16.99 -34.22 3.85
CA LYS C 321 17.57 -34.53 2.54
C LYS C 321 16.79 -33.92 1.37
N ASP C 322 15.56 -34.37 1.20
CA ASP C 322 14.76 -33.91 0.09
C ASP C 322 13.31 -33.97 0.52
N GLU C 323 12.42 -33.57 -0.38
CA GLU C 323 11.01 -33.43 -0.01
C GLU C 323 10.28 -34.75 -0.08
N LYS C 324 10.96 -35.75 -0.63
CA LYS C 324 10.32 -37.05 -0.89
C LYS C 324 10.60 -38.14 0.15
N VAL C 325 11.36 -37.83 1.19
CA VAL C 325 11.58 -38.88 2.18
C VAL C 325 10.26 -39.18 2.90
N ASP C 326 10.00 -40.46 3.11
CA ASP C 326 8.71 -40.92 3.64
C ASP C 326 8.69 -40.90 5.15
N LEU C 327 9.58 -41.68 5.76
CA LEU C 327 9.66 -41.74 7.21
C LEU C 327 10.96 -41.09 7.67
N GLY C 328 10.88 -40.37 8.78
CA GLY C 328 12.04 -39.79 9.41
C GLY C 328 12.32 -40.59 10.67
N PRO C 329 13.12 -40.02 11.58
CA PRO C 329 13.41 -40.74 12.83
C PRO C 329 12.25 -40.68 13.81
N LEU C 330 12.28 -41.56 14.80
CA LEU C 330 11.48 -41.44 15.99
C LEU C 330 12.05 -40.26 16.79
N ILE C 331 11.25 -39.67 17.68
CA ILE C 331 11.69 -38.47 18.42
C ILE C 331 12.98 -38.67 19.25
N ASN C 332 13.12 -39.86 19.82
CA ASN C 332 14.30 -40.12 20.64
C ASN C 332 14.66 -41.62 20.74
N GLU C 333 15.86 -41.90 21.22
CA GLU C 333 16.32 -43.28 21.31
C GLU C 333 15.43 -44.12 22.24
N ARG C 334 14.76 -43.44 23.16
CA ARG C 334 13.88 -44.11 24.09
C ARG C 334 12.65 -44.71 23.36
N GLN C 335 12.19 -44.00 22.33
CA GLN C 335 11.04 -44.45 21.54
C GLN C 335 11.44 -45.66 20.71
N VAL C 336 12.67 -45.64 20.22
CA VAL C 336 13.21 -46.77 19.47
C VAL C 336 13.29 -47.98 20.39
N ALA C 337 13.82 -47.78 21.59
CA ALA C 337 13.94 -48.86 22.56
C ALA C 337 12.57 -49.47 22.89
N LEU C 338 11.55 -48.61 23.01
CA LEU C 338 10.20 -49.11 23.26
C LEU C 338 9.65 -49.89 22.06
N MET C 339 9.90 -49.39 20.86
CA MET C 339 9.44 -50.08 19.67
C MET C 339 10.09 -51.46 19.59
N LYS C 340 11.37 -51.51 19.94
CA LYS C 340 12.12 -52.76 20.06
C LYS C 340 11.45 -53.70 21.06
N GLU C 341 11.02 -53.17 22.20
CA GLU C 341 10.26 -54.01 23.16
C GLU C 341 8.99 -54.58 22.52
N PHE C 342 8.25 -53.74 21.81
CA PHE C 342 7.02 -54.17 21.16
C PHE C 342 7.30 -55.30 20.18
N VAL C 343 8.30 -55.10 19.33
CA VAL C 343 8.69 -56.10 18.34
C VAL C 343 9.10 -57.42 18.99
N ASP C 344 9.99 -57.32 19.97
CA ASP C 344 10.55 -58.51 20.63
C ASP C 344 9.46 -59.28 21.37
N ASP C 345 8.51 -58.54 21.95
CA ASP C 345 7.37 -59.18 22.59
C ASP C 345 6.49 -59.87 21.55
N ALA C 346 6.36 -59.27 20.38
CA ALA C 346 5.50 -59.87 19.37
C ALA C 346 6.15 -61.14 18.83
N VAL C 347 7.46 -61.09 18.65
CA VAL C 347 8.22 -62.25 18.18
C VAL C 347 8.18 -63.38 19.20
N SER C 348 8.57 -63.10 20.44
CA SER C 348 8.60 -64.13 21.48
C SER C 348 7.22 -64.73 21.76
N ARG C 349 6.16 -64.04 21.35
CA ARG C 349 4.80 -64.54 21.52
C ARG C 349 4.33 -65.36 20.32
N GLY C 350 5.19 -65.49 19.31
CA GLY C 350 4.85 -66.34 18.18
C GLY C 350 4.33 -65.59 16.97
N GLY C 351 4.50 -64.27 17.01
CA GLY C 351 4.07 -63.42 15.91
C GLY C 351 4.90 -63.67 14.67
N ARG C 352 4.29 -63.50 13.50
CA ARG C 352 5.02 -63.60 12.26
C ARG C 352 5.40 -62.21 11.75
N LEU C 353 6.71 -61.92 11.76
CA LEU C 353 7.19 -60.62 11.35
C LEU C 353 7.33 -60.63 9.83
N LEU C 354 6.50 -59.84 9.16
CA LEU C 354 6.46 -59.87 7.69
C LEU C 354 7.55 -59.01 7.07
N ILE C 355 7.88 -57.91 7.74
CA ILE C 355 8.89 -57.00 7.24
C ILE C 355 9.38 -56.12 8.39
N GLY C 356 10.59 -55.58 8.22
CA GLY C 356 11.17 -54.61 9.12
C GLY C 356 11.52 -55.07 10.53
N GLY C 357 11.62 -54.10 11.44
CA GLY C 357 11.99 -54.40 12.82
C GLY C 357 13.40 -53.94 13.11
N ARG C 358 14.13 -53.56 12.07
CA ARG C 358 15.49 -53.08 12.23
C ARG C 358 15.47 -51.62 12.66
N SER C 359 16.48 -51.22 13.43
CA SER C 359 16.66 -49.82 13.81
C SER C 359 18.15 -49.53 13.82
N TRP C 360 18.48 -48.31 13.44
CA TRP C 360 19.85 -47.82 13.48
C TRP C 360 19.73 -46.37 13.92
N GLY C 361 20.38 -46.00 15.01
CA GLY C 361 20.22 -44.68 15.56
C GLY C 361 18.81 -44.49 16.06
N ASN C 362 18.19 -43.36 15.73
CA ASN C 362 16.82 -43.07 16.10
C ASN C 362 15.80 -43.41 15.01
N PHE C 363 16.28 -43.92 13.89
CA PHE C 363 15.40 -44.39 12.82
C PHE C 363 14.96 -45.83 13.05
N PHE C 364 13.65 -46.07 13.00
CA PHE C 364 13.09 -47.41 13.16
C PHE C 364 12.37 -47.79 11.88
N GLU C 365 12.60 -49.01 11.43
CA GLU C 365 12.04 -49.48 10.17
C GLU C 365 10.69 -50.11 10.50
N PRO C 366 9.64 -49.76 9.73
CA PRO C 366 8.31 -50.31 10.03
C PRO C 366 8.35 -51.85 10.18
N ALA C 367 7.80 -52.34 11.29
CA ALA C 367 7.74 -53.76 11.57
C ALA C 367 6.29 -54.23 11.50
N ILE C 368 5.97 -55.02 10.48
CA ILE C 368 4.59 -55.47 10.27
C ILE C 368 4.34 -56.91 10.68
N PHE C 369 3.35 -57.13 11.54
CA PHE C 369 3.08 -58.46 12.07
C PHE C 369 1.75 -59.05 11.64
N VAL C 370 1.71 -60.37 11.45
CA VAL C 370 0.46 -61.10 11.42
C VAL C 370 0.57 -62.25 12.38
N ASP C 371 -0.49 -63.05 12.48
CA ASP C 371 -0.55 -64.17 13.41
C ASP C 371 -0.30 -63.65 14.81
N VAL C 372 -1.00 -62.57 15.15
CA VAL C 372 -0.90 -62.01 16.49
C VAL C 372 -2.15 -62.41 17.26
N ASP C 373 -2.21 -62.07 18.54
CA ASP C 373 -3.44 -62.28 19.31
C ASP C 373 -3.60 -61.23 20.40
N ARG C 374 -4.71 -61.29 21.14
CA ARG C 374 -5.08 -60.18 22.02
C ARG C 374 -4.12 -59.97 23.20
N ASN C 375 -3.20 -60.93 23.40
CA ASN C 375 -2.27 -60.84 24.52
C ASN C 375 -0.94 -60.15 24.18
N PHE C 376 -0.70 -59.94 22.88
CA PHE C 376 0.44 -59.15 22.40
C PHE C 376 0.42 -57.72 22.93
N ARG C 377 1.56 -57.24 23.39
CA ARG C 377 1.70 -55.82 23.75
C ARG C 377 1.19 -54.87 22.67
N ILE C 378 1.43 -55.19 21.40
CA ILE C 378 1.00 -54.33 20.31
C ILE C 378 -0.49 -54.43 20.01
N MET C 379 -1.17 -55.41 20.58
CA MET C 379 -2.63 -55.36 20.68
C MET C 379 -3.18 -54.62 21.92
N ARG C 380 -2.48 -54.72 23.05
CA ARG C 380 -2.98 -54.23 24.32
C ARG C 380 -2.63 -52.78 24.65
N GLU C 381 -1.67 -52.22 23.93
CA GLU C 381 -1.17 -50.89 24.28
C GLU C 381 -1.19 -49.96 23.09
N GLU C 382 -1.09 -48.67 23.35
CA GLU C 382 -0.91 -47.73 22.27
C GLU C 382 0.52 -47.83 21.82
N VAL C 383 0.70 -48.10 20.52
CA VAL C 383 2.04 -48.21 19.99
C VAL C 383 2.31 -46.94 19.21
N PHE C 384 3.08 -46.04 19.83
CA PHE C 384 3.23 -44.74 19.23
C PHE C 384 4.56 -44.85 18.55
N GLY C 385 4.51 -45.28 17.30
CA GLY C 385 5.70 -45.68 16.58
C GLY C 385 5.32 -46.66 15.49
N PRO C 386 6.28 -47.02 14.63
CA PRO C 386 5.93 -47.74 13.41
C PRO C 386 6.06 -49.26 13.57
N VAL C 387 5.24 -49.83 14.45
CA VAL C 387 5.14 -51.28 14.59
C VAL C 387 3.67 -51.64 14.54
N ARG C 388 3.22 -52.36 13.52
CA ARG C 388 1.77 -52.58 13.40
C ARG C 388 1.36 -54.03 13.26
N PRO C 389 0.33 -54.44 14.03
CA PRO C 389 -0.35 -55.74 13.87
C PRO C 389 -1.44 -55.69 12.80
N ILE C 390 -1.54 -56.78 12.04
CA ILE C 390 -2.64 -57.01 11.15
C ILE C 390 -3.35 -58.25 11.68
N VAL C 391 -4.66 -58.12 11.87
CA VAL C 391 -5.52 -59.17 12.37
C VAL C 391 -6.54 -59.57 11.32
N VAL C 392 -6.58 -60.87 11.02
CA VAL C 392 -7.54 -61.36 10.05
C VAL C 392 -8.80 -61.82 10.78
N VAL C 393 -9.95 -61.41 10.24
CA VAL C 393 -11.23 -61.71 10.87
C VAL C 393 -12.13 -62.38 9.85
N GLU C 394 -13.04 -63.23 10.34
CA GLU C 394 -13.96 -63.96 9.47
C GLU C 394 -15.19 -63.18 9.06
N ASN C 395 -15.63 -62.25 9.90
CA ASN C 395 -16.86 -61.50 9.66
C ASN C 395 -16.84 -60.11 10.32
N ASP C 396 -17.92 -59.36 10.14
CA ASP C 396 -17.98 -57.99 10.63
C ASP C 396 -18.09 -57.95 12.14
N ASP C 397 -18.81 -58.92 12.70
CA ASP C 397 -18.97 -59.01 14.15
C ASP C 397 -17.60 -59.17 14.81
N GLN C 398 -16.79 -60.03 14.19
CA GLN C 398 -15.44 -60.31 14.68
C GLN C 398 -14.62 -59.05 14.56
N ALA C 399 -14.72 -58.39 13.39
CA ALA C 399 -14.03 -57.13 13.13
C ALA C 399 -14.28 -56.08 14.21
N VAL C 400 -15.53 -56.05 14.69
CA VAL C 400 -15.96 -55.09 15.70
C VAL C 400 -15.49 -55.52 17.10
N GLU C 401 -15.59 -56.81 17.39
CA GLU C 401 -15.11 -57.36 18.64
C GLU C 401 -13.62 -57.04 18.78
N VAL C 402 -12.89 -57.17 17.68
CA VAL C 402 -11.45 -56.86 17.70
C VAL C 402 -11.21 -55.36 17.85
N ALA C 403 -11.85 -54.56 16.99
CA ALA C 403 -11.76 -53.09 17.04
C ALA C 403 -11.97 -52.54 18.47
N ASN C 404 -12.98 -53.08 19.15
CA ASN C 404 -13.34 -52.62 20.49
C ASN C 404 -12.52 -53.26 21.62
N ASP C 405 -11.60 -54.13 21.26
CA ASP C 405 -10.82 -54.94 22.23
C ASP C 405 -9.63 -54.15 22.78
N THR C 406 -9.75 -52.83 22.77
CA THR C 406 -8.74 -51.96 23.32
C THR C 406 -9.24 -51.11 24.49
N ASP C 407 -8.32 -50.56 25.26
CA ASP C 407 -8.68 -49.58 26.29
C ASP C 407 -9.07 -48.26 25.62
N TYR C 408 -8.55 -48.05 24.41
CA TYR C 408 -8.70 -46.76 23.76
C TYR C 408 -10.04 -46.57 23.07
N GLY C 409 -10.45 -45.31 23.04
CA GLY C 409 -11.64 -44.83 22.36
C GLY C 409 -11.49 -43.75 21.30
N LEU C 410 -10.34 -43.60 20.66
CA LEU C 410 -10.12 -42.33 19.98
C LEU C 410 -10.80 -42.21 18.61
N SER C 411 -10.23 -42.87 17.61
CA SER C 411 -10.77 -42.83 16.25
C SER C 411 -10.91 -44.24 15.70
N GLY C 412 -11.16 -44.33 14.41
CA GLY C 412 -11.38 -45.61 13.79
C GLY C 412 -11.88 -45.35 12.40
N ALA C 413 -11.82 -46.38 11.57
CA ALA C 413 -12.28 -46.24 10.21
C ALA C 413 -12.69 -47.60 9.66
N VAL C 414 -13.56 -47.57 8.66
CA VAL C 414 -13.94 -48.78 7.98
C VAL C 414 -13.90 -48.50 6.50
N LEU C 415 -13.31 -49.44 5.76
CA LEU C 415 -13.24 -49.40 4.31
C LEU C 415 -14.23 -50.41 3.75
N THR C 416 -15.30 -49.91 3.14
CA THR C 416 -16.28 -50.76 2.46
C THR C 416 -17.10 -49.92 1.51
N ASN C 417 -17.71 -50.54 0.51
CA ASN C 417 -18.67 -49.86 -0.32
C ASN C 417 -20.10 -50.15 0.12
N ASN C 418 -20.24 -51.00 1.11
CA ASN C 418 -21.58 -51.39 1.55
C ASN C 418 -22.15 -50.45 2.61
N VAL C 419 -23.24 -49.77 2.28
CA VAL C 419 -23.80 -48.76 3.17
C VAL C 419 -24.20 -49.33 4.53
N ASN C 420 -24.84 -50.50 4.53
CA ASN C 420 -25.26 -51.15 5.77
C ASN C 420 -24.12 -51.59 6.66
N ARG C 421 -23.06 -52.10 6.03
CA ARG C 421 -21.93 -52.60 6.77
C ARG C 421 -21.14 -51.42 7.34
N ALA C 422 -20.94 -50.41 6.50
CA ALA C 422 -20.29 -49.16 6.91
C ALA C 422 -21.00 -48.59 8.13
N PHE C 423 -22.32 -48.51 8.04
CA PHE C 423 -23.07 -47.87 9.12
C PHE C 423 -23.14 -48.72 10.39
N ARG C 424 -23.36 -50.02 10.25
CA ARG C 424 -23.42 -50.92 11.40
C ARG C 424 -22.10 -50.84 12.17
N ILE C 425 -21.01 -50.83 11.41
CA ILE C 425 -19.68 -50.89 11.98
C ILE C 425 -19.33 -49.55 12.64
N ALA C 426 -19.63 -48.46 11.93
CA ALA C 426 -19.49 -47.12 12.49
C ALA C 426 -20.23 -47.00 13.83
N GLU C 427 -21.44 -47.52 13.85
CA GLU C 427 -22.26 -47.42 15.04
C GLU C 427 -21.66 -48.26 16.15
N ALA C 428 -21.15 -49.44 15.80
CA ALA C 428 -20.74 -50.39 16.83
C ALA C 428 -19.34 -50.13 17.41
N VAL C 429 -18.49 -49.44 16.66
CA VAL C 429 -17.13 -49.18 17.14
C VAL C 429 -17.14 -48.14 18.25
N GLU C 430 -16.51 -48.44 19.37
CA GLU C 430 -16.55 -47.51 20.47
C GLU C 430 -15.37 -46.58 20.35
N SER C 431 -15.64 -45.41 19.82
CA SER C 431 -14.61 -44.42 19.61
C SER C 431 -15.27 -43.04 19.55
N GLY C 432 -14.46 -42.02 19.80
CA GLY C 432 -14.97 -40.66 19.77
C GLY C 432 -15.14 -40.15 18.35
N MET C 433 -14.47 -40.79 17.39
CA MET C 433 -14.47 -40.32 16.01
C MET C 433 -14.43 -41.52 15.12
N PHE C 434 -15.02 -41.42 13.93
CA PHE C 434 -15.04 -42.54 13.01
C PHE C 434 -15.11 -42.11 11.56
N HIS C 435 -14.42 -42.82 10.69
CA HIS C 435 -14.37 -42.42 9.29
C HIS C 435 -14.67 -43.56 8.34
N ILE C 436 -15.69 -43.36 7.50
CA ILE C 436 -16.04 -44.37 6.52
C ILE C 436 -15.27 -44.07 5.25
N ASN C 437 -14.50 -45.06 4.78
CA ASN C 437 -13.66 -44.94 3.59
C ASN C 437 -12.68 -43.79 3.60
N ASP C 438 -11.92 -43.68 4.69
CA ASP C 438 -10.84 -42.70 4.74
C ASP C 438 -9.91 -43.05 5.87
N VAL C 439 -8.82 -42.31 6.02
CA VAL C 439 -7.83 -42.57 7.06
C VAL C 439 -8.41 -42.37 8.47
N THR C 440 -7.82 -43.04 9.46
CA THR C 440 -8.27 -42.90 10.85
C THR C 440 -7.99 -41.51 11.41
N PHE C 441 -6.99 -40.85 10.84
CA PHE C 441 -6.50 -39.54 11.30
C PHE C 441 -7.11 -38.28 10.67
N LEU C 442 -8.23 -38.40 9.96
CA LEU C 442 -8.91 -37.21 9.47
C LEU C 442 -9.10 -36.22 10.60
N GLU C 443 -8.70 -34.98 10.33
CA GLU C 443 -8.84 -33.90 11.28
C GLU C 443 -9.17 -32.59 10.57
N GLU C 444 -10.25 -31.94 10.98
CA GLU C 444 -10.57 -30.63 10.44
C GLU C 444 -10.49 -29.64 11.60
N SER C 445 -10.35 -28.36 11.28
CA SER C 445 -10.06 -27.38 12.32
C SER C 445 -11.27 -27.11 13.21
N HIS C 446 -12.46 -27.22 12.62
CA HIS C 446 -13.72 -26.90 13.29
C HIS C 446 -14.57 -28.07 13.82
N VAL C 447 -14.10 -29.31 13.66
CA VAL C 447 -14.85 -30.49 14.11
C VAL C 447 -14.49 -30.87 15.56
N PRO C 448 -15.37 -31.64 16.25
CA PRO C 448 -15.10 -32.14 17.62
C PRO C 448 -14.08 -33.29 17.64
N PHE C 449 -12.80 -32.95 17.74
CA PHE C 449 -11.74 -33.94 17.84
C PHE C 449 -11.52 -34.39 19.30
N GLY C 450 -11.59 -35.69 19.53
CA GLY C 450 -11.47 -36.22 20.88
C GLY C 450 -12.02 -37.63 20.90
N GLY C 451 -11.91 -38.27 22.05
CA GLY C 451 -12.10 -39.71 22.14
C GLY C 451 -12.76 -40.11 23.44
N ILE C 452 -13.09 -41.39 23.56
CA ILE C 452 -13.77 -41.89 24.74
C ILE C 452 -12.92 -42.97 25.38
N LYS C 453 -13.46 -43.63 26.40
CA LYS C 453 -12.70 -44.61 27.19
C LYS C 453 -11.39 -43.98 27.67
N ALA C 454 -10.27 -44.66 27.44
CA ALA C 454 -8.97 -44.21 27.94
C ALA C 454 -8.31 -43.14 27.04
N SER C 455 -8.95 -42.82 25.92
CA SER C 455 -8.46 -41.80 24.99
C SER C 455 -8.68 -40.36 25.50
N GLY C 456 -9.33 -40.24 26.65
CA GLY C 456 -9.42 -38.96 27.32
C GLY C 456 -10.76 -38.25 27.36
N VAL C 457 -10.70 -36.96 27.72
CA VAL C 457 -11.86 -36.19 28.11
C VAL C 457 -12.01 -34.90 27.26
N GLY C 458 -13.22 -34.68 26.75
CA GLY C 458 -13.50 -33.45 26.02
C GLY C 458 -13.32 -33.54 24.52
N ARG C 459 -13.50 -32.40 23.85
CA ARG C 459 -13.33 -32.27 22.42
C ARG C 459 -12.62 -30.95 22.11
N GLU C 460 -11.90 -30.92 21.00
CA GLU C 460 -11.22 -29.70 20.60
C GLU C 460 -11.42 -29.43 19.11
N GLY C 461 -11.21 -28.16 18.76
CA GLY C 461 -11.44 -27.57 17.44
C GLY C 461 -12.74 -26.79 17.39
N GLY C 462 -12.66 -25.62 16.76
CA GLY C 462 -13.79 -24.70 16.68
C GLY C 462 -14.53 -24.46 17.98
N GLU C 463 -15.85 -24.55 17.86
CA GLU C 463 -16.71 -24.26 18.97
C GLU C 463 -16.56 -25.23 20.13
N TRP C 464 -16.05 -26.43 19.85
CA TRP C 464 -15.86 -27.39 20.91
C TRP C 464 -14.68 -26.99 21.76
N SER C 465 -13.67 -26.37 21.14
CA SER C 465 -12.57 -25.78 21.90
C SER C 465 -13.12 -24.63 22.74
N PHE C 466 -13.86 -23.72 22.07
CA PHE C 466 -14.44 -22.58 22.79
C PHE C 466 -15.18 -23.07 24.02
N HIS C 467 -16.04 -24.04 23.76
CA HIS C 467 -16.82 -24.68 24.79
C HIS C 467 -16.01 -25.23 25.95
N GLU C 468 -14.92 -25.93 25.64
CA GLU C 468 -14.00 -26.43 26.68
C GLU C 468 -13.54 -25.32 27.59
N THR C 469 -13.21 -24.17 26.98
CA THR C 469 -12.67 -23.01 27.71
C THR C 469 -13.65 -21.89 28.10
N THR C 470 -14.95 -22.16 28.00
CA THR C 470 -15.96 -21.20 28.46
C THR C 470 -16.95 -21.83 29.44
N TYR C 471 -17.75 -21.00 30.06
CA TYR C 471 -18.86 -21.52 30.83
C TYR C 471 -20.11 -20.71 30.54
N ASP C 472 -21.24 -21.35 30.86
CA ASP C 472 -22.56 -20.79 30.72
C ASP C 472 -22.93 -19.98 31.96
N ARG C 473 -23.60 -18.84 31.74
CA ARG C 473 -24.01 -17.97 32.83
C ARG C 473 -25.50 -17.65 32.69
N TRP C 474 -26.30 -18.25 33.56
CA TRP C 474 -27.74 -18.08 33.50
C TRP C 474 -28.07 -16.80 34.26
N VAL C 475 -28.71 -15.88 33.55
CA VAL C 475 -29.10 -14.60 34.11
C VAL C 475 -30.57 -14.37 33.87
N THR C 476 -31.28 -13.93 34.92
CA THR C 476 -32.68 -13.58 34.80
C THR C 476 -32.97 -12.14 35.24
N VAL C 477 -34.06 -11.61 34.71
CA VAL C 477 -34.60 -10.37 35.20
C VAL C 477 -36.05 -10.67 35.51
N THR C 478 -36.47 -10.32 36.72
CA THR C 478 -37.85 -10.45 37.11
C THR C 478 -38.45 -9.07 37.13
N LEU C 479 -39.51 -8.87 36.37
CA LEU C 479 -40.10 -7.56 36.20
C LEU C 479 -41.29 -7.37 37.13
N ARG C 480 -41.67 -8.43 37.83
CA ARG C 480 -42.82 -8.36 38.71
C ARG C 480 -42.43 -8.58 40.17
N THR C 481 -43.10 -7.83 41.03
CA THR C 481 -43.06 -8.03 42.48
C THR C 481 -43.74 -9.35 42.79
N ARG C 482 -43.17 -10.12 43.72
CA ARG C 482 -43.79 -11.39 44.10
C ARG C 482 -44.12 -11.41 45.59
N ARG C 483 -45.03 -12.31 45.97
CA ARG C 483 -45.34 -12.61 47.36
C ARG C 483 -44.49 -13.81 47.79
N PHE C 484 -44.10 -13.85 49.06
CA PHE C 484 -43.20 -14.91 49.52
C PHE C 484 -43.84 -15.81 50.57
N PRO C 485 -43.49 -17.10 50.57
CA PRO C 485 -44.20 -18.05 51.44
C PRO C 485 -43.91 -17.85 52.93
N ILE C 486 -42.72 -17.34 53.26
CA ILE C 486 -42.39 -17.01 54.65
C ILE C 486 -42.08 -15.53 54.80
N PRO C 487 -42.36 -14.97 55.99
CA PRO C 487 -43.10 -15.59 57.08
C PRO C 487 -44.56 -15.80 56.66
N SER C 488 -45.17 -16.93 57.03
CA SER C 488 -46.52 -17.27 56.56
C SER C 488 -47.60 -16.39 57.20
N ALA C 489 -47.21 -15.65 58.23
CA ALA C 489 -47.96 -14.51 58.73
C ALA C 489 -47.71 -13.42 57.71
N LEU C 490 -47.88 -12.17 58.07
CA LEU C 490 -47.51 -11.09 57.16
C LEU C 490 -48.35 -11.07 55.88
N LYS C 491 -49.60 -10.60 56.04
CA LYS C 491 -50.52 -10.30 54.94
C LYS C 491 -49.83 -9.81 53.66
N MET D 7 -44.87 -52.43 53.83
CA MET D 7 -43.59 -52.57 53.13
C MET D 7 -42.39 -52.03 53.91
N LYS D 8 -41.27 -52.74 53.80
CA LYS D 8 -40.01 -52.31 54.39
C LYS D 8 -39.15 -51.60 53.33
N VAL D 9 -38.38 -50.59 53.74
CA VAL D 9 -37.48 -49.92 52.79
C VAL D 9 -36.27 -50.79 52.52
N ALA D 10 -35.90 -50.89 51.24
CA ALA D 10 -34.83 -51.78 50.79
C ALA D 10 -34.10 -51.16 49.61
N ASN D 11 -33.05 -51.84 49.12
CA ASN D 11 -32.45 -51.42 47.87
C ASN D 11 -33.35 -51.79 46.69
N TYR D 12 -32.99 -51.31 45.51
CA TYR D 12 -33.65 -51.71 44.27
C TYR D 12 -32.57 -51.95 43.23
N ILE D 13 -32.40 -53.20 42.84
CA ILE D 13 -31.32 -53.56 41.93
C ILE D 13 -31.85 -54.53 40.90
N ASN D 14 -31.52 -54.28 39.64
CA ASN D 14 -31.92 -55.12 38.52
C ASN D 14 -33.40 -55.52 38.58
N GLY D 15 -34.26 -54.54 38.83
CA GLY D 15 -35.69 -54.74 38.77
C GLY D 15 -36.37 -55.25 40.02
N GLU D 16 -35.61 -55.36 41.11
CA GLU D 16 -36.09 -56.08 42.29
C GLU D 16 -35.72 -55.40 43.60
N PHE D 17 -36.73 -55.18 44.44
CA PHE D 17 -36.49 -54.62 45.76
C PHE D 17 -35.90 -55.68 46.66
N LYS D 18 -34.73 -55.40 47.22
CA LYS D 18 -34.08 -56.46 48.00
C LYS D 18 -33.31 -55.92 49.20
N GLU D 19 -33.08 -56.80 50.16
CA GLU D 19 -32.29 -56.50 51.34
C GLU D 19 -30.86 -56.28 50.87
N PRO D 20 -30.05 -55.57 51.68
CA PRO D 20 -28.62 -55.50 51.35
C PRO D 20 -28.00 -56.89 51.51
N SER D 21 -27.01 -57.20 50.70
CA SER D 21 -26.39 -58.53 50.74
C SER D 21 -25.85 -58.85 52.12
N THR D 22 -25.48 -57.82 52.85
CA THR D 22 -24.89 -57.99 54.17
C THR D 22 -25.95 -58.21 55.26
N GLY D 23 -27.17 -57.78 55.00
CA GLY D 23 -28.21 -57.85 56.02
C GLY D 23 -28.26 -56.62 56.92
N ALA D 24 -27.17 -55.85 56.95
CA ALA D 24 -27.04 -54.68 57.81
C ALA D 24 -28.10 -53.62 57.57
N PHE D 25 -28.37 -52.83 58.60
CA PHE D 25 -29.39 -51.79 58.50
C PHE D 25 -29.13 -50.67 59.51
N GLN D 26 -29.61 -49.46 59.19
CA GLN D 26 -29.56 -48.33 60.09
C GLN D 26 -30.98 -47.95 60.46
N VAL D 27 -31.16 -47.39 61.64
CA VAL D 27 -32.45 -46.82 61.97
C VAL D 27 -32.45 -45.33 61.65
N LYS D 28 -33.21 -44.96 60.62
CA LYS D 28 -33.43 -43.56 60.27
C LYS D 28 -34.52 -42.97 61.16
N THR D 29 -34.17 -41.83 61.76
CA THR D 29 -35.01 -41.11 62.72
C THR D 29 -35.37 -39.70 62.23
N SER D 30 -36.46 -39.16 62.78
CA SER D 30 -36.91 -37.82 62.43
C SER D 30 -36.06 -36.72 63.08
N PRO D 31 -35.62 -35.74 62.29
CA PRO D 31 -34.85 -34.62 62.87
C PRO D 31 -35.73 -33.79 63.78
N VAL D 32 -37.03 -33.82 63.52
CA VAL D 32 -38.03 -33.07 64.27
C VAL D 32 -38.15 -33.57 65.71
N ASP D 33 -37.98 -34.88 65.85
CA ASP D 33 -38.63 -35.72 66.84
C ASP D 33 -37.61 -36.52 67.59
N GLY D 34 -36.83 -37.26 66.81
CA GLY D 34 -35.94 -38.26 67.32
C GLY D 34 -36.64 -39.58 67.06
N SER D 35 -37.93 -39.51 66.75
CA SER D 35 -38.74 -40.70 66.56
C SER D 35 -38.29 -41.54 65.37
N LYS D 36 -38.46 -42.85 65.50
CA LYS D 36 -38.13 -43.78 64.45
C LYS D 36 -38.93 -43.46 63.18
N ILE D 37 -38.23 -43.33 62.07
CA ILE D 37 -38.91 -43.24 60.80
C ILE D 37 -38.94 -44.64 60.21
N ALA D 38 -37.76 -45.18 59.90
CA ALA D 38 -37.72 -46.54 59.37
C ALA D 38 -36.38 -47.23 59.50
N GLU D 39 -36.35 -48.56 59.43
CA GLU D 39 -35.09 -49.27 59.24
C GLU D 39 -34.80 -49.21 57.76
N VAL D 40 -33.54 -48.94 57.42
CA VAL D 40 -33.13 -48.80 56.02
C VAL D 40 -31.81 -49.53 55.81
N PRO D 41 -31.52 -49.97 54.59
CA PRO D 41 -30.29 -50.76 54.37
C PRO D 41 -29.05 -50.00 54.82
N ARG D 42 -28.03 -50.72 55.27
CA ARG D 42 -26.70 -50.15 55.21
C ARG D 42 -25.89 -51.02 54.25
N SER D 43 -25.80 -50.56 53.01
CA SER D 43 -25.28 -51.39 51.92
C SER D 43 -23.77 -51.33 51.86
N GLY D 44 -23.14 -52.36 51.31
CA GLY D 44 -21.70 -52.36 51.14
C GLY D 44 -21.23 -52.31 49.70
N ARG D 45 -19.92 -52.55 49.52
CA ARG D 45 -19.30 -52.53 48.21
C ARG D 45 -19.91 -53.57 47.27
N GLU D 46 -20.37 -54.68 47.83
CA GLU D 46 -20.95 -55.74 47.00
C GLU D 46 -22.23 -55.26 46.37
N ASP D 47 -23.06 -54.62 47.18
CA ASP D 47 -24.32 -54.07 46.71
C ASP D 47 -24.10 -53.06 45.58
N ALA D 48 -23.06 -52.23 45.75
CA ALA D 48 -22.71 -51.24 44.74
C ALA D 48 -22.31 -51.94 43.45
N ARG D 49 -21.45 -52.95 43.58
CA ARG D 49 -21.00 -53.72 42.42
C ARG D 49 -22.17 -54.37 41.69
N GLU D 50 -23.16 -54.86 42.45
CA GLU D 50 -24.30 -55.54 41.85
C GLU D 50 -25.14 -54.54 41.06
N ALA D 51 -25.42 -53.39 41.67
CA ALA D 51 -26.12 -52.34 40.98
C ALA D 51 -25.39 -51.88 39.70
N ILE D 52 -24.09 -51.62 39.83
CA ILE D 52 -23.29 -51.13 38.72
C ILE D 52 -23.30 -52.14 37.57
N ASP D 53 -23.28 -53.42 37.92
CA ASP D 53 -23.27 -54.49 36.93
C ASP D 53 -24.64 -54.65 36.25
N SER D 54 -25.70 -54.47 37.02
CA SER D 54 -27.04 -54.52 36.45
C SER D 54 -27.14 -53.41 35.42
N ALA D 55 -26.76 -52.20 35.84
CA ALA D 55 -26.88 -51.03 35.00
C ALA D 55 -26.05 -51.18 33.76
N PHE D 56 -24.86 -51.77 33.92
CA PHE D 56 -24.00 -52.02 32.76
C PHE D 56 -24.66 -53.01 31.81
N GLU D 57 -25.30 -54.04 32.34
CA GLU D 57 -25.92 -55.05 31.48
C GLU D 57 -27.10 -54.44 30.71
N ALA D 58 -27.90 -53.65 31.43
CA ALA D 58 -29.13 -53.08 30.87
C ALA D 58 -28.84 -51.96 29.87
N LEU D 59 -27.57 -51.56 29.79
CA LEU D 59 -27.19 -50.35 29.09
C LEU D 59 -27.43 -50.37 27.60
N LYS D 60 -26.92 -51.39 26.91
CA LYS D 60 -27.02 -51.43 25.45
C LYS D 60 -28.48 -51.35 25.02
N ALA D 61 -29.34 -52.17 25.62
CA ALA D 61 -30.76 -52.18 25.23
C ALA D 61 -31.50 -50.90 25.63
N TRP D 62 -30.97 -50.19 26.60
CA TRP D 62 -31.59 -48.92 27.02
C TRP D 62 -31.19 -47.77 26.09
N ALA D 63 -29.92 -47.75 25.70
CA ALA D 63 -29.40 -46.66 24.89
C ALA D 63 -29.77 -46.78 23.41
N ASN D 64 -29.93 -48.01 22.95
CA ASN D 64 -30.12 -48.30 21.54
C ASN D 64 -31.56 -48.10 21.07
N ILE D 65 -32.54 -48.26 21.96
CA ILE D 65 -33.93 -47.98 21.58
C ILE D 65 -34.12 -46.54 21.14
N PRO D 66 -35.14 -46.27 20.33
CA PRO D 66 -35.31 -44.86 19.95
C PRO D 66 -35.76 -44.00 21.13
N ALA D 67 -35.28 -42.76 21.13
CA ALA D 67 -35.53 -41.85 22.22
C ALA D 67 -37.01 -41.76 22.60
N ILE D 68 -37.89 -41.86 21.61
CA ILE D 68 -39.33 -41.79 21.87
C ILE D 68 -39.77 -42.84 22.90
N ARG D 69 -39.17 -44.03 22.87
CA ARG D 69 -39.48 -45.04 23.88
C ARG D 69 -39.03 -44.66 25.30
N ARG D 70 -37.79 -44.16 25.39
CA ARG D 70 -37.30 -43.72 26.69
C ARG D 70 -38.22 -42.66 27.25
N ALA D 71 -38.57 -41.71 26.39
CA ALA D 71 -39.49 -40.66 26.75
C ALA D 71 -40.81 -41.23 27.25
N GLU D 72 -41.31 -42.27 26.61
CA GLU D 72 -42.55 -42.90 27.06
C GLU D 72 -42.40 -43.31 28.51
N TYR D 73 -41.31 -44.04 28.78
CA TYR D 73 -41.05 -44.47 30.15
C TYR D 73 -41.06 -43.27 31.13
N LEU D 74 -40.45 -42.16 30.68
CA LEU D 74 -40.40 -40.99 31.52
C LEU D 74 -41.78 -40.37 31.79
N TYR D 75 -42.65 -40.41 30.78
CA TYR D 75 -44.03 -39.94 30.96
C TYR D 75 -44.82 -40.82 31.93
N LYS D 76 -44.55 -42.12 31.88
CA LYS D 76 -45.17 -43.04 32.81
C LYS D 76 -44.69 -42.72 34.23
N MET D 77 -43.38 -42.51 34.35
CA MET D 77 -42.76 -42.11 35.61
C MET D 77 -43.45 -40.90 36.17
N LEU D 78 -43.72 -39.94 35.27
CA LEU D 78 -44.45 -38.74 35.61
C LEU D 78 -45.81 -39.09 36.19
N GLU D 79 -46.56 -39.95 35.51
CA GLU D 79 -47.91 -40.31 35.97
C GLU D 79 -47.88 -40.91 37.40
N VAL D 80 -46.98 -41.87 37.61
CA VAL D 80 -46.80 -42.48 38.92
C VAL D 80 -46.46 -41.42 39.98
N PHE D 81 -45.56 -40.51 39.63
CA PHE D 81 -45.18 -39.43 40.54
C PHE D 81 -46.38 -38.57 40.94
N ARG D 82 -47.18 -38.23 39.93
CA ARG D 82 -48.38 -37.47 40.18
C ARG D 82 -49.21 -38.18 41.24
N GLN D 83 -49.28 -39.51 41.15
CA GLN D 83 -50.01 -40.24 42.18
C GLN D 83 -49.31 -40.24 43.54
N MET D 84 -47.99 -40.15 43.55
CA MET D 84 -47.21 -40.30 44.78
C MET D 84 -46.88 -39.00 45.52
N LYS D 85 -47.36 -37.88 44.99
CA LYS D 85 -47.00 -36.57 45.54
C LYS D 85 -47.07 -36.52 47.06
N GLU D 86 -48.16 -37.03 47.63
CA GLU D 86 -48.38 -36.86 49.05
C GLU D 86 -47.50 -37.74 49.91
N ASP D 87 -47.17 -38.92 49.43
CA ASP D 87 -46.20 -39.76 50.13
C ASP D 87 -44.85 -39.06 50.12
N PHE D 88 -44.51 -38.50 48.96
CA PHE D 88 -43.27 -37.74 48.86
C PHE D 88 -43.23 -36.59 49.87
N MET D 89 -44.27 -35.76 49.89
CA MET D 89 -44.32 -34.64 50.80
C MET D 89 -44.20 -35.09 52.26
N LYS D 90 -45.00 -36.08 52.64
CA LYS D 90 -44.94 -36.66 53.98
C LYS D 90 -43.50 -37.01 54.35
N ILE D 91 -42.78 -37.66 53.44
CA ILE D 91 -41.40 -38.04 53.76
C ILE D 91 -40.37 -36.91 53.74
N LEU D 92 -40.47 -35.98 52.79
CA LEU D 92 -39.56 -34.84 52.75
C LEU D 92 -39.68 -34.07 54.06
N THR D 93 -40.90 -34.04 54.58
CA THR D 93 -41.18 -33.38 55.85
C THR D 93 -40.64 -34.17 57.05
N VAL D 94 -41.17 -35.37 57.28
CA VAL D 94 -40.80 -36.10 58.50
C VAL D 94 -39.33 -36.57 58.51
N GLU D 95 -38.82 -36.91 57.33
CA GLU D 95 -37.44 -37.33 57.18
C GLU D 95 -36.44 -36.16 57.06
N GLY D 96 -36.79 -35.14 56.27
CA GLY D 96 -35.86 -34.07 55.98
C GLY D 96 -36.17 -32.76 56.68
N GLY D 97 -37.27 -32.73 57.42
CA GLY D 97 -37.56 -31.59 58.28
C GLY D 97 -38.13 -30.41 57.53
N GLY D 98 -38.51 -30.65 56.28
CA GLY D 98 -39.04 -29.58 55.46
C GLY D 98 -40.46 -29.24 55.84
N THR D 99 -40.79 -27.96 55.81
CA THR D 99 -42.14 -27.50 56.06
C THR D 99 -43.09 -27.82 54.90
N TYR D 100 -44.36 -27.47 55.06
CA TYR D 100 -45.34 -27.77 54.04
C TYR D 100 -44.99 -27.07 52.74
N ARG D 101 -44.85 -25.74 52.79
CA ARG D 101 -44.60 -24.97 51.58
C ARG D 101 -43.32 -25.42 50.87
N LYS D 102 -42.31 -25.80 51.64
CA LYS D 102 -41.05 -26.15 51.00
C LYS D 102 -41.15 -27.50 50.28
N VAL D 103 -41.79 -28.47 50.91
CA VAL D 103 -41.94 -29.79 50.28
C VAL D 103 -42.98 -29.75 49.14
N TRP D 104 -43.94 -28.86 49.26
CA TRP D 104 -44.92 -28.67 48.20
C TRP D 104 -44.15 -28.19 46.99
N GLY D 105 -43.40 -27.11 47.18
CA GLY D 105 -42.55 -26.57 46.14
C GLY D 105 -41.67 -27.65 45.52
N GLU D 106 -41.02 -28.45 46.36
CA GLU D 106 -40.08 -29.45 45.84
C GLU D 106 -40.77 -30.53 45.01
N VAL D 107 -41.97 -30.90 45.43
CA VAL D 107 -42.72 -31.92 44.75
C VAL D 107 -43.19 -31.39 43.38
N VAL D 108 -43.65 -30.14 43.38
CA VAL D 108 -44.07 -29.47 42.16
C VAL D 108 -42.91 -29.36 41.17
N PHE D 109 -41.75 -28.95 41.68
CA PHE D 109 -40.57 -28.80 40.85
C PHE D 109 -40.13 -30.13 40.32
N THR D 110 -40.29 -31.17 41.13
CA THR D 110 -39.90 -32.52 40.72
C THR D 110 -40.78 -32.98 39.55
N GLU D 111 -42.08 -32.78 39.68
CA GLU D 111 -43.01 -33.11 38.63
C GLU D 111 -42.58 -32.39 37.34
N ARG D 112 -42.23 -31.11 37.46
CA ARG D 112 -41.74 -30.37 36.31
C ARG D 112 -40.44 -30.95 35.74
N LEU D 113 -39.55 -31.38 36.63
CA LEU D 113 -38.28 -31.93 36.19
C LEU D 113 -38.48 -33.17 35.33
N ILE D 114 -39.29 -34.10 35.83
CA ILE D 114 -39.51 -35.36 35.13
C ILE D 114 -40.19 -35.09 33.77
N GLN D 115 -41.19 -34.22 33.81
CA GLN D 115 -41.83 -33.82 32.57
C GLN D 115 -40.84 -33.23 31.57
N ASN D 116 -39.89 -32.45 32.07
CA ASN D 116 -38.90 -31.77 31.24
C ASN D 116 -37.95 -32.76 30.57
N ALA D 117 -37.50 -33.75 31.33
CA ALA D 117 -36.61 -34.75 30.78
C ALA D 117 -37.35 -35.56 29.67
N ALA D 118 -38.60 -35.92 29.98
CA ALA D 118 -39.44 -36.64 29.00
C ALA D 118 -39.58 -35.83 27.73
N GLU D 119 -40.00 -34.57 27.88
CA GLU D 119 -40.19 -33.64 26.76
C GLU D 119 -38.97 -33.47 25.88
N LEU D 120 -37.79 -33.42 26.49
CA LEU D 120 -36.61 -33.12 25.70
C LEU D 120 -35.94 -34.35 25.08
N ALA D 121 -36.29 -35.54 25.56
CA ALA D 121 -35.56 -36.75 25.12
C ALA D 121 -35.42 -36.94 23.59
N ARG D 122 -36.47 -36.66 22.82
CA ARG D 122 -36.41 -36.89 21.37
C ARG D 122 -35.69 -35.77 20.63
N HIS D 123 -35.44 -34.68 21.34
CA HIS D 123 -35.02 -33.44 20.70
C HIS D 123 -33.56 -33.05 20.74
N TYR D 124 -32.75 -33.90 21.34
CA TYR D 124 -31.36 -33.58 21.58
C TYR D 124 -30.59 -33.91 20.32
N GLN D 125 -30.03 -32.87 19.70
CA GLN D 125 -29.51 -32.98 18.35
C GLN D 125 -27.99 -32.88 18.25
N GLY D 126 -27.42 -33.63 17.33
CA GLY D 126 -26.03 -33.45 16.94
C GLY D 126 -26.01 -32.37 15.88
N ARG D 127 -24.95 -32.33 15.09
CA ARG D 127 -24.76 -31.23 14.15
C ARG D 127 -24.24 -31.74 12.82
N VAL D 128 -24.77 -31.24 11.71
CA VAL D 128 -24.21 -31.52 10.40
C VAL D 128 -23.22 -30.40 10.06
N LEU D 129 -22.01 -30.80 9.68
CA LEU D 129 -20.89 -29.87 9.54
C LEU D 129 -20.53 -29.64 8.09
N GLN D 130 -19.96 -28.48 7.83
CA GLN D 130 -19.34 -28.19 6.55
C GLN D 130 -17.99 -28.86 6.58
N SER D 131 -17.58 -29.47 5.47
CA SER D 131 -16.25 -30.05 5.41
C SER D 131 -15.35 -29.15 4.61
N ASP D 132 -14.10 -29.07 5.03
CA ASP D 132 -13.08 -28.36 4.26
C ASP D 132 -12.52 -29.24 3.15
N SER D 133 -12.92 -30.51 3.15
CA SER D 133 -12.46 -31.45 2.12
C SER D 133 -13.54 -31.65 1.07
N GLU D 134 -13.13 -31.74 -0.18
CA GLU D 134 -14.06 -32.06 -1.24
C GLU D 134 -14.69 -33.42 -0.99
N SER D 135 -15.98 -33.53 -1.30
CA SER D 135 -16.62 -34.83 -1.43
C SER D 135 -16.66 -35.63 -0.13
N THR D 136 -16.83 -34.94 1.00
CA THR D 136 -16.98 -35.67 2.26
C THR D 136 -18.14 -35.14 3.12
N ILE D 137 -18.95 -36.07 3.62
CA ILE D 137 -20.05 -35.75 4.51
C ILE D 137 -19.50 -35.81 5.93
N SER D 138 -19.79 -34.81 6.73
CA SER D 138 -19.21 -34.71 8.06
C SER D 138 -20.29 -34.35 9.07
N VAL D 139 -20.60 -35.25 9.98
CA VAL D 139 -21.66 -34.98 10.94
C VAL D 139 -21.16 -35.32 12.32
N VAL D 140 -21.91 -34.90 13.33
CA VAL D 140 -21.63 -35.23 14.71
C VAL D 140 -22.90 -35.73 15.40
N PHE D 141 -22.75 -36.85 16.11
CA PHE D 141 -23.84 -37.54 16.76
C PHE D 141 -23.70 -37.37 18.26
N LYS D 142 -24.80 -37.54 18.98
CA LYS D 142 -24.78 -37.61 20.42
C LYS D 142 -24.91 -39.07 20.83
N ARG D 143 -24.02 -39.52 21.72
CA ARG D 143 -24.11 -40.87 22.25
C ARG D 143 -24.26 -40.75 23.75
N SER D 144 -24.97 -41.69 24.37
CA SER D 144 -25.08 -41.67 25.81
C SER D 144 -23.75 -42.10 26.36
N LYS D 145 -23.45 -41.69 27.59
CA LYS D 145 -22.17 -42.00 28.18
C LYS D 145 -22.07 -43.44 28.70
N GLY D 146 -23.08 -43.93 29.39
CA GLY D 146 -22.91 -45.21 30.05
C GLY D 146 -23.71 -45.32 31.33
N VAL D 147 -23.24 -46.14 32.26
CA VAL D 147 -23.84 -46.16 33.59
C VAL D 147 -23.37 -44.92 34.35
N VAL D 148 -24.34 -44.18 34.86
CA VAL D 148 -24.07 -42.93 35.53
C VAL D 148 -24.34 -43.07 37.01
N GLY D 149 -23.31 -42.80 37.81
CA GLY D 149 -23.47 -42.73 39.25
C GLY D 149 -24.09 -41.42 39.64
N VAL D 150 -25.11 -41.47 40.49
CA VAL D 150 -25.74 -40.24 40.94
C VAL D 150 -25.86 -40.22 42.47
N ILE D 151 -25.19 -39.22 43.04
CA ILE D 151 -24.99 -39.08 44.48
C ILE D 151 -25.50 -37.74 44.93
N THR D 152 -26.49 -37.78 45.82
CA THR D 152 -27.35 -36.65 46.09
C THR D 152 -27.35 -36.28 47.57
N PRO D 153 -27.77 -35.04 47.90
CA PRO D 153 -27.75 -34.53 49.27
C PRO D 153 -29.09 -34.65 50.00
N TRP D 154 -29.15 -34.20 51.25
CA TRP D 154 -30.33 -34.36 52.10
C TRP D 154 -31.26 -33.16 52.12
N ASN D 155 -30.80 -32.04 51.57
CA ASN D 155 -31.51 -30.79 51.78
C ASN D 155 -32.74 -30.64 50.88
N TYR D 156 -32.58 -30.95 49.60
CA TYR D 156 -33.70 -31.04 48.67
C TYR D 156 -33.50 -32.36 47.94
N PRO D 157 -33.65 -33.47 48.67
CA PRO D 157 -33.22 -34.78 48.15
C PRO D 157 -34.04 -35.22 46.93
N LEU D 158 -35.32 -34.85 46.90
CA LEU D 158 -36.21 -35.27 45.84
C LEU D 158 -35.88 -34.56 44.50
N SER D 159 -36.01 -33.25 44.44
CA SER D 159 -35.78 -32.52 43.21
C SER D 159 -34.35 -32.67 42.69
N ILE D 160 -33.36 -32.58 43.56
CA ILE D 160 -31.98 -32.71 43.12
C ILE D 160 -31.74 -34.11 42.53
N SER D 161 -32.19 -35.11 43.29
CA SER D 161 -32.06 -36.48 42.80
C SER D 161 -32.72 -36.64 41.44
N MET D 162 -33.95 -36.14 41.32
CA MET D 162 -34.74 -36.38 40.14
C MET D 162 -34.25 -35.62 38.92
N LYS D 163 -33.70 -34.43 39.15
CA LYS D 163 -33.14 -33.66 38.04
C LYS D 163 -32.04 -34.55 37.43
N LYS D 164 -31.13 -34.99 38.31
CA LYS D 164 -30.05 -35.88 37.84
C LYS D 164 -30.55 -37.19 37.18
N ILE D 165 -31.38 -37.93 37.90
CA ILE D 165 -31.92 -39.23 37.46
C ILE D 165 -32.72 -39.20 36.16
N ALA D 166 -33.71 -38.34 36.11
CA ALA D 166 -34.62 -38.25 35.01
C ALA D 166 -33.90 -37.78 33.74
N HIS D 167 -33.05 -36.77 33.88
CA HIS D 167 -32.38 -36.31 32.68
C HIS D 167 -31.34 -37.30 32.18
N THR D 168 -30.63 -37.91 33.11
CA THR D 168 -29.62 -38.88 32.74
C THR D 168 -30.26 -40.07 32.02
N LEU D 169 -31.41 -40.52 32.54
CA LEU D 169 -32.15 -41.64 31.94
C LEU D 169 -32.69 -41.30 30.54
N ALA D 170 -33.26 -40.11 30.42
CA ALA D 170 -33.91 -39.67 29.17
C ALA D 170 -33.03 -39.88 27.94
N VAL D 171 -31.76 -39.61 28.12
CA VAL D 171 -30.85 -39.46 27.02
C VAL D 171 -30.05 -40.77 26.76
N GLY D 172 -30.39 -41.84 27.51
CA GLY D 172 -29.85 -43.16 27.21
C GLY D 172 -28.81 -43.77 28.15
N ASN D 173 -28.66 -43.15 29.32
CA ASN D 173 -27.74 -43.67 30.32
C ASN D 173 -28.47 -44.58 31.27
N THR D 174 -27.77 -45.57 31.79
CA THR D 174 -28.20 -46.35 32.94
C THR D 174 -27.84 -45.58 34.24
N VAL D 175 -28.59 -45.83 35.31
CA VAL D 175 -28.38 -45.10 36.57
C VAL D 175 -28.14 -46.01 37.78
N VAL D 176 -27.12 -45.71 38.56
CA VAL D 176 -27.03 -46.23 39.91
C VAL D 176 -26.98 -45.06 40.90
N TYR D 177 -27.95 -45.07 41.81
CA TYR D 177 -28.31 -43.93 42.62
C TYR D 177 -28.08 -44.22 44.09
N LYS D 178 -27.33 -43.33 44.75
CA LYS D 178 -27.00 -43.45 46.16
C LYS D 178 -27.44 -42.19 46.89
N PRO D 179 -28.62 -42.22 47.52
CA PRO D 179 -29.09 -40.99 48.16
C PRO D 179 -28.28 -40.64 49.41
N ALA D 180 -28.61 -39.51 50.01
CA ALA D 180 -27.95 -39.10 51.23
C ALA D 180 -28.43 -39.97 52.40
N SER D 181 -27.50 -40.32 53.28
CA SER D 181 -27.81 -41.20 54.40
C SER D 181 -28.87 -40.62 55.32
N ASP D 182 -28.98 -39.29 55.33
CA ASP D 182 -29.99 -38.66 56.15
C ASP D 182 -31.34 -38.64 55.47
N THR D 183 -31.37 -39.01 54.19
CA THR D 183 -32.64 -39.03 53.48
C THR D 183 -32.78 -40.29 52.63
N PRO D 184 -32.72 -41.48 53.29
CA PRO D 184 -32.82 -42.72 52.51
C PRO D 184 -34.25 -43.04 52.03
N VAL D 185 -35.26 -42.64 52.80
CA VAL D 185 -36.65 -43.01 52.48
C VAL D 185 -37.16 -42.29 51.22
N THR D 186 -36.71 -41.06 51.04
CA THR D 186 -36.98 -40.35 49.80
C THR D 186 -36.42 -41.12 48.60
N GLY D 187 -35.19 -41.63 48.73
CA GLY D 187 -34.57 -42.37 47.66
C GLY D 187 -35.36 -43.63 47.37
N TRP D 188 -35.82 -44.25 48.44
CA TRP D 188 -36.60 -45.47 48.35
C TRP D 188 -37.91 -45.20 47.60
N LEU D 189 -38.55 -44.08 47.94
CA LEU D 189 -39.77 -43.67 47.26
C LEU D 189 -39.55 -43.44 45.77
N ILE D 190 -38.40 -42.85 45.41
CA ILE D 190 -38.06 -42.64 44.02
C ILE D 190 -37.95 -43.99 43.33
N ALA D 191 -37.32 -44.94 44.01
CA ALA D 191 -37.20 -46.29 43.49
C ALA D 191 -38.57 -46.91 43.24
N GLN D 192 -39.44 -46.79 44.23
CA GLN D 192 -40.82 -47.24 44.11
C GLN D 192 -41.51 -46.68 42.86
N MET D 193 -41.37 -45.37 42.66
CA MET D 193 -41.95 -44.69 41.51
C MET D 193 -41.44 -45.27 40.19
N VAL D 194 -40.14 -45.48 40.11
CA VAL D 194 -39.55 -45.97 38.87
C VAL D 194 -40.05 -47.38 38.61
N ALA D 195 -40.01 -48.19 39.66
CA ALA D 195 -40.46 -49.57 39.60
C ALA D 195 -41.86 -49.66 39.01
N LYS D 196 -42.78 -48.89 39.56
CA LYS D 196 -44.17 -48.93 39.15
C LYS D 196 -44.34 -48.39 37.73
N ALA D 197 -43.31 -47.71 37.23
CA ALA D 197 -43.36 -47.18 35.87
C ALA D 197 -42.75 -48.21 34.90
N GLY D 198 -42.24 -49.29 35.46
CA GLY D 198 -41.81 -50.44 34.68
C GLY D 198 -40.62 -50.21 33.78
N LEU D 199 -39.69 -49.37 34.20
CA LEU D 199 -38.46 -49.20 33.45
C LEU D 199 -37.80 -50.58 33.36
N PRO D 200 -37.06 -50.84 32.29
CA PRO D 200 -36.46 -52.16 32.16
C PRO D 200 -35.51 -52.44 33.33
N LYS D 201 -35.35 -53.71 33.68
CA LYS D 201 -34.57 -54.06 34.86
C LYS D 201 -33.14 -53.63 34.68
N GLY D 202 -32.59 -53.04 35.74
CA GLY D 202 -31.21 -52.60 35.75
C GLY D 202 -30.97 -51.23 35.16
N VAL D 203 -32.01 -50.60 34.61
CA VAL D 203 -31.85 -49.26 34.05
C VAL D 203 -31.68 -48.25 35.21
N PHE D 204 -32.47 -48.45 36.27
CA PHE D 204 -32.36 -47.67 37.47
C PHE D 204 -32.11 -48.57 38.68
N ASN D 205 -31.10 -48.21 39.48
CA ASN D 205 -30.72 -49.01 40.63
C ASN D 205 -30.57 -48.14 41.87
N LEU D 206 -31.30 -48.46 42.93
CA LEU D 206 -31.13 -47.74 44.20
C LEU D 206 -30.35 -48.57 45.21
N VAL D 207 -29.27 -48.00 45.72
CA VAL D 207 -28.53 -48.64 46.79
C VAL D 207 -28.23 -47.64 47.91
N ILE D 208 -28.80 -47.91 49.08
CA ILE D 208 -28.79 -47.00 50.21
C ILE D 208 -27.67 -47.43 51.14
N GLY D 209 -26.68 -46.56 51.33
CA GLY D 209 -25.54 -46.90 52.15
C GLY D 209 -24.60 -45.73 52.39
N PRO D 210 -23.62 -45.92 53.28
CA PRO D 210 -22.70 -44.84 53.66
C PRO D 210 -21.83 -44.41 52.50
N GLY D 211 -21.65 -43.09 52.37
CA GLY D 211 -20.87 -42.50 51.30
C GLY D 211 -19.51 -43.12 51.06
N PRO D 212 -18.71 -43.30 52.12
CA PRO D 212 -17.37 -43.89 51.97
C PRO D 212 -17.30 -45.32 51.44
N VAL D 213 -18.40 -46.06 51.46
CA VAL D 213 -18.33 -47.39 50.87
C VAL D 213 -19.14 -47.54 49.57
N VAL D 214 -20.45 -47.34 49.62
CA VAL D 214 -21.27 -47.40 48.39
C VAL D 214 -20.80 -46.37 47.37
N GLY D 215 -20.72 -45.11 47.81
CA GLY D 215 -20.25 -44.02 46.96
C GLY D 215 -18.84 -44.20 46.45
N GLU D 216 -17.94 -44.68 47.29
CA GLU D 216 -16.56 -44.86 46.86
C GLU D 216 -16.47 -45.90 45.74
N GLU D 217 -17.30 -46.92 45.86
CA GLU D 217 -17.32 -47.95 44.84
C GLU D 217 -17.91 -47.41 43.55
N ILE D 218 -19.01 -46.66 43.67
CA ILE D 218 -19.63 -46.01 42.52
C ILE D 218 -18.62 -45.13 41.78
N VAL D 219 -17.80 -44.41 42.55
CA VAL D 219 -16.88 -43.41 42.02
C VAL D 219 -15.61 -44.02 41.40
N THR D 220 -15.14 -45.14 41.96
CA THR D 220 -13.91 -45.74 41.46
C THR D 220 -14.10 -46.88 40.44
N HIS D 221 -15.33 -47.36 40.30
CA HIS D 221 -15.61 -48.54 39.48
C HIS D 221 -15.37 -48.34 37.98
N LYS D 222 -14.76 -49.33 37.34
CA LYS D 222 -14.35 -49.22 35.93
C LYS D 222 -15.54 -49.10 34.96
N ARG D 223 -16.69 -49.63 35.36
CA ARG D 223 -17.85 -49.66 34.48
C ARG D 223 -18.78 -48.45 34.66
N VAL D 224 -18.47 -47.58 35.60
CA VAL D 224 -19.20 -46.33 35.73
C VAL D 224 -18.54 -45.30 34.83
N ALA D 225 -19.33 -44.73 33.91
CA ALA D 225 -18.83 -43.77 32.92
C ALA D 225 -18.72 -42.34 33.46
N HIS D 226 -19.66 -41.95 34.30
CA HIS D 226 -19.76 -40.57 34.71
C HIS D 226 -20.35 -40.56 36.12
N VAL D 227 -20.00 -39.53 36.90
CA VAL D 227 -20.64 -39.33 38.19
C VAL D 227 -21.23 -37.93 38.31
N THR D 228 -22.49 -37.83 38.70
CA THR D 228 -23.05 -36.53 39.05
C THR D 228 -23.31 -36.46 40.56
N PHE D 229 -22.64 -35.51 41.18
CA PHE D 229 -22.57 -35.38 42.62
C PHE D 229 -22.97 -34.01 43.09
N THR D 230 -23.92 -33.97 44.02
CA THR D 230 -24.24 -32.78 44.76
C THR D 230 -23.95 -33.03 46.23
N GLY D 231 -23.11 -32.19 46.82
CA GLY D 231 -22.73 -32.32 48.21
C GLY D 231 -21.60 -31.40 48.62
N GLU D 232 -20.84 -31.81 49.65
CA GLU D 232 -19.80 -30.95 50.18
C GLU D 232 -18.59 -30.80 49.26
N SER D 233 -18.08 -29.56 49.18
CA SER D 233 -16.90 -29.22 48.39
C SER D 233 -15.73 -30.18 48.60
N SER D 234 -15.43 -30.48 49.85
CA SER D 234 -14.31 -31.37 50.16
C SER D 234 -14.53 -32.74 49.55
N THR D 235 -15.73 -33.26 49.81
CA THR D 235 -16.18 -34.54 49.25
C THR D 235 -16.14 -34.52 47.72
N GLY D 236 -16.54 -33.39 47.14
CA GLY D 236 -16.52 -33.24 45.70
C GLY D 236 -15.12 -33.24 45.10
N ARG D 237 -14.17 -32.61 45.79
CA ARG D 237 -12.80 -32.60 45.31
C ARG D 237 -12.22 -34.01 45.40
N GLU D 238 -12.52 -34.71 46.50
CA GLU D 238 -12.12 -36.11 46.62
C GLU D 238 -12.67 -36.96 45.47
N ILE D 239 -13.98 -36.89 45.27
CA ILE D 239 -14.63 -37.58 44.17
C ILE D 239 -14.00 -37.26 42.83
N ALA D 240 -13.64 -36.00 42.59
CA ALA D 240 -12.99 -35.66 41.33
C ALA D 240 -11.65 -36.38 41.19
N ALA D 241 -10.85 -36.31 42.26
CA ALA D 241 -9.55 -36.94 42.27
C ALA D 241 -9.66 -38.43 41.98
N LYS D 242 -10.53 -39.11 42.72
CA LYS D 242 -10.67 -40.55 42.56
C LYS D 242 -11.24 -40.92 41.19
N ALA D 243 -12.14 -40.08 40.69
CA ALA D 243 -12.77 -40.34 39.39
C ALA D 243 -11.73 -40.28 38.28
N ALA D 244 -10.69 -39.47 38.50
CA ALA D 244 -9.56 -39.45 37.55
C ALA D 244 -8.94 -40.84 37.30
N GLY D 245 -9.03 -41.73 38.29
CA GLY D 245 -8.45 -43.05 38.18
C GLY D 245 -8.91 -43.84 36.97
N THR D 246 -10.21 -43.94 36.76
CA THR D 246 -10.75 -44.59 35.56
C THR D 246 -11.06 -43.60 34.45
N LEU D 247 -10.69 -42.34 34.67
CA LEU D 247 -10.85 -41.31 33.66
C LEU D 247 -12.32 -41.08 33.34
N LYS D 248 -13.18 -41.37 34.31
CA LYS D 248 -14.61 -41.02 34.19
C LYS D 248 -14.80 -39.51 34.31
N THR D 249 -15.89 -39.00 33.76
CA THR D 249 -16.21 -37.58 33.86
C THR D 249 -17.12 -37.30 35.04
N VAL D 250 -17.37 -36.01 35.27
CA VAL D 250 -17.95 -35.62 36.54
C VAL D 250 -18.76 -34.30 36.51
N THR D 251 -19.82 -34.24 37.31
CA THR D 251 -20.61 -33.03 37.49
C THR D 251 -20.67 -32.78 39.00
N LEU D 252 -20.19 -31.63 39.44
CA LEU D 252 -20.07 -31.38 40.86
C LEU D 252 -20.79 -30.10 41.22
N GLU D 253 -21.85 -30.21 42.01
CA GLU D 253 -22.49 -29.02 42.58
C GLU D 253 -22.04 -28.96 44.03
N LEU D 254 -21.10 -28.07 44.31
CA LEU D 254 -20.42 -28.02 45.62
C LEU D 254 -20.90 -26.92 46.58
N GLY D 255 -21.91 -26.17 46.17
CA GLY D 255 -22.50 -25.18 47.05
C GLY D 255 -22.04 -23.76 46.77
N GLY D 256 -22.61 -22.81 47.50
CA GLY D 256 -22.25 -21.41 47.33
C GLY D 256 -22.32 -20.62 48.62
N SER D 257 -21.75 -19.42 48.57
CA SER D 257 -22.16 -18.40 49.50
C SER D 257 -22.68 -17.25 48.65
N ASP D 258 -23.97 -17.25 48.34
CA ASP D 258 -24.42 -16.33 47.31
C ASP D 258 -24.61 -14.93 47.91
N PRO D 259 -24.13 -13.90 47.18
CA PRO D 259 -24.46 -12.51 47.52
C PRO D 259 -25.90 -12.15 47.17
N LEU D 260 -26.59 -11.53 48.13
CA LEU D 260 -27.80 -10.79 47.82
C LEU D 260 -27.47 -9.31 48.01
N ILE D 261 -27.35 -8.60 46.90
CA ILE D 261 -26.93 -7.21 46.92
C ILE D 261 -28.16 -6.36 46.79
N ILE D 262 -28.28 -5.36 47.65
CA ILE D 262 -29.45 -4.50 47.74
C ILE D 262 -29.03 -3.06 47.66
N LEU D 263 -29.47 -2.38 46.61
CA LEU D 263 -29.02 -1.01 46.38
C LEU D 263 -29.98 0.02 47.02
N ASP D 264 -29.60 1.30 46.95
CA ASP D 264 -30.34 2.34 47.67
C ASP D 264 -31.66 2.73 47.02
N ASP D 265 -31.89 2.32 45.77
CA ASP D 265 -33.10 2.75 45.09
C ASP D 265 -34.27 1.78 45.24
N VAL D 266 -34.08 0.72 46.01
CA VAL D 266 -35.12 -0.31 46.15
C VAL D 266 -36.32 0.08 47.01
N ASP D 267 -37.40 -0.67 46.87
CA ASP D 267 -38.48 -0.63 47.84
C ASP D 267 -37.93 -1.45 49.00
N VAL D 268 -37.70 -0.80 50.14
CA VAL D 268 -36.91 -1.43 51.20
C VAL D 268 -37.67 -2.55 51.90
N ASP D 269 -38.98 -2.38 52.06
CA ASP D 269 -39.80 -3.40 52.68
C ASP D 269 -39.82 -4.64 51.83
N TYR D 270 -40.04 -4.45 50.53
CA TYR D 270 -40.01 -5.55 49.59
C TYR D 270 -38.65 -6.23 49.63
N ALA D 271 -37.59 -5.42 49.59
CA ALA D 271 -36.23 -5.94 49.64
C ALA D 271 -36.04 -6.83 50.86
N ALA D 272 -36.49 -6.36 52.02
CA ALA D 272 -36.38 -7.13 53.26
C ALA D 272 -37.18 -8.44 53.20
N ARG D 273 -38.42 -8.39 52.70
CA ARG D 273 -39.23 -9.60 52.56
C ARG D 273 -38.57 -10.64 51.69
N LEU D 274 -38.16 -10.19 50.50
CA LEU D 274 -37.39 -10.99 49.56
C LEU D 274 -36.14 -11.59 50.23
N ALA D 275 -35.40 -10.76 50.95
CA ALA D 275 -34.19 -11.18 51.67
C ALA D 275 -34.48 -12.25 52.72
N VAL D 276 -35.57 -12.10 53.47
CA VAL D 276 -35.94 -13.12 54.45
C VAL D 276 -36.19 -14.46 53.75
N PHE D 277 -37.02 -14.44 52.71
CA PHE D 277 -37.28 -15.65 51.92
C PHE D 277 -35.98 -16.27 51.41
N ALA D 278 -35.21 -15.45 50.71
CA ALA D 278 -34.01 -15.93 50.03
C ALA D 278 -32.96 -16.48 50.99
N SER D 279 -32.70 -15.78 52.10
CA SER D 279 -31.64 -16.20 53.02
C SER D 279 -32.07 -17.31 53.96
N LEU D 280 -33.33 -17.28 54.39
CA LEU D 280 -33.75 -18.27 55.37
C LEU D 280 -34.61 -19.45 54.95
N PHE D 281 -35.11 -19.49 53.71
CA PHE D 281 -35.96 -20.62 53.31
C PHE D 281 -35.26 -21.97 53.51
N HIS D 282 -36.04 -22.93 53.98
CA HIS D 282 -35.50 -24.21 54.40
C HIS D 282 -34.35 -24.04 55.39
N GLN D 283 -34.51 -23.08 56.31
CA GLN D 283 -33.53 -22.87 57.38
C GLN D 283 -32.16 -22.54 56.77
N GLY D 284 -32.16 -21.82 55.64
CA GLY D 284 -30.92 -21.51 54.95
C GLY D 284 -30.19 -22.72 54.35
N GLN D 285 -30.91 -23.82 54.24
CA GLN D 285 -30.31 -25.10 53.85
C GLN D 285 -30.25 -25.30 52.34
N ILE D 286 -30.29 -24.20 51.61
CA ILE D 286 -30.21 -24.25 50.16
C ILE D 286 -28.84 -23.86 49.58
N CYS D 287 -28.42 -24.59 48.55
CA CYS D 287 -27.18 -24.29 47.81
C CYS D 287 -27.15 -22.85 47.30
N THR D 288 -28.25 -22.42 46.73
CA THR D 288 -28.43 -21.06 46.21
C THR D 288 -29.08 -20.08 47.20
N SER D 289 -29.15 -20.47 48.47
CA SER D 289 -29.59 -19.54 49.53
C SER D 289 -28.78 -18.25 49.46
N ALA D 290 -29.40 -17.13 49.82
CA ALA D 290 -28.64 -15.89 49.82
C ALA D 290 -27.92 -15.88 51.16
N LYS D 291 -26.62 -16.19 51.11
CA LYS D 291 -25.90 -16.43 52.36
C LYS D 291 -25.13 -15.21 52.87
N ARG D 292 -24.99 -14.18 52.04
CA ARG D 292 -24.37 -12.96 52.50
C ARG D 292 -25.20 -11.81 52.00
N ILE D 293 -25.79 -11.03 52.91
CA ILE D 293 -26.63 -9.94 52.46
C ILE D 293 -25.79 -8.66 52.43
N ILE D 294 -25.77 -7.98 51.29
CA ILE D 294 -24.90 -6.85 51.07
C ILE D 294 -25.80 -5.63 50.75
N VAL D 295 -25.83 -4.63 51.64
CA VAL D 295 -26.75 -3.49 51.53
C VAL D 295 -26.04 -2.15 51.39
N HIS D 296 -26.55 -1.31 50.51
CA HIS D 296 -26.07 0.06 50.35
C HIS D 296 -26.35 0.92 51.60
N LYS D 297 -25.32 1.62 52.08
CA LYS D 297 -25.42 2.38 53.35
C LYS D 297 -26.64 3.29 53.42
N ALA D 298 -27.07 3.84 52.28
CA ALA D 298 -28.20 4.76 52.27
C ALA D 298 -29.52 4.13 52.72
N VAL D 299 -29.72 2.85 52.44
CA VAL D 299 -30.90 2.15 52.95
C VAL D 299 -30.63 1.15 54.07
N ALA D 300 -29.37 1.05 54.46
CA ALA D 300 -28.94 0.00 55.36
C ALA D 300 -29.71 -0.07 56.69
N ASP D 301 -29.91 1.06 57.35
CA ASP D 301 -30.51 1.02 58.67
C ASP D 301 -31.96 0.55 58.59
N LYS D 302 -32.72 1.17 57.69
CA LYS D 302 -34.11 0.82 57.46
C LYS D 302 -34.24 -0.65 57.05
N PHE D 303 -33.35 -1.09 56.15
CA PHE D 303 -33.37 -2.47 55.69
C PHE D 303 -33.08 -3.46 56.80
N ILE D 304 -31.99 -3.23 57.53
CA ILE D 304 -31.62 -4.08 58.65
C ILE D 304 -32.80 -4.21 59.61
N GLU D 305 -33.41 -3.06 59.91
CA GLU D 305 -34.58 -3.00 60.78
C GLU D 305 -35.73 -3.87 60.26
N ARG D 306 -36.06 -3.72 58.98
CA ARG D 306 -37.23 -4.40 58.43
C ARG D 306 -36.99 -5.89 58.25
N TYR D 307 -35.76 -6.23 57.93
CA TYR D 307 -35.33 -7.60 57.79
C TYR D 307 -35.43 -8.29 59.14
N VAL D 308 -34.78 -7.72 60.17
CA VAL D 308 -34.85 -8.30 61.51
C VAL D 308 -36.30 -8.45 61.96
N HIS D 309 -37.09 -7.42 61.66
CA HIS D 309 -38.51 -7.43 61.95
C HIS D 309 -39.22 -8.65 61.35
N TYR D 310 -39.05 -8.84 60.05
CA TYR D 310 -39.67 -9.99 59.41
C TYR D 310 -39.14 -11.33 59.91
N VAL D 311 -37.84 -11.38 60.20
CA VAL D 311 -37.21 -12.61 60.67
C VAL D 311 -37.82 -13.01 62.02
N LYS D 312 -38.08 -12.00 62.85
CA LYS D 312 -38.67 -12.19 64.16
C LYS D 312 -40.04 -12.87 64.05
N MET D 313 -40.74 -12.63 62.94
CA MET D 313 -42.05 -13.21 62.67
C MET D 313 -42.04 -14.66 62.22
N LEU D 314 -40.87 -15.18 61.91
CA LEU D 314 -40.78 -16.56 61.44
C LEU D 314 -41.23 -17.56 62.49
N ARG D 315 -42.12 -18.47 62.08
CA ARG D 315 -42.60 -19.56 62.96
C ARG D 315 -41.72 -20.76 62.82
N ILE D 316 -41.04 -21.11 63.91
CA ILE D 316 -40.22 -22.30 63.92
C ILE D 316 -40.93 -23.33 64.77
N ASP D 317 -41.29 -24.45 64.16
CA ASP D 317 -42.05 -25.48 64.85
C ASP D 317 -41.84 -26.85 64.19
N ASP D 318 -42.49 -27.87 64.73
CA ASP D 318 -42.61 -29.15 64.05
C ASP D 318 -43.18 -28.87 62.66
N PRO D 319 -42.49 -29.31 61.59
CA PRO D 319 -42.97 -29.05 60.23
C PRO D 319 -44.31 -29.73 59.92
N ARG D 320 -44.71 -30.67 60.76
CA ARG D 320 -46.08 -31.19 60.70
C ARG D 320 -47.02 -30.31 61.53
N LYS D 321 -48.28 -30.71 61.61
CA LYS D 321 -49.28 -30.07 62.48
C LYS D 321 -49.85 -28.74 62.00
N ASP D 322 -49.17 -28.06 61.09
CA ASP D 322 -49.84 -27.10 60.20
C ASP D 322 -49.01 -26.73 58.98
N GLU D 323 -49.70 -26.20 57.98
CA GLU D 323 -49.09 -25.91 56.70
C GLU D 323 -48.47 -24.52 56.67
N LYS D 324 -48.66 -23.78 57.76
CA LYS D 324 -48.16 -22.42 57.84
C LYS D 324 -46.82 -22.29 58.56
N VAL D 325 -46.27 -23.39 59.05
CA VAL D 325 -44.96 -23.35 59.71
C VAL D 325 -43.92 -22.76 58.75
N ASP D 326 -43.13 -21.81 59.22
CA ASP D 326 -42.13 -21.17 58.37
C ASP D 326 -40.85 -21.98 58.27
N LEU D 327 -40.43 -22.53 59.40
CA LEU D 327 -39.14 -23.19 59.49
C LEU D 327 -39.24 -24.44 60.34
N GLY D 328 -38.65 -25.53 59.86
CA GLY D 328 -38.59 -26.78 60.60
C GLY D 328 -37.18 -26.90 61.13
N PRO D 329 -36.75 -28.13 61.46
CA PRO D 329 -35.46 -28.23 62.13
C PRO D 329 -34.31 -28.35 61.13
N LEU D 330 -33.09 -28.36 61.65
CA LEU D 330 -31.91 -28.68 60.85
C LEU D 330 -31.87 -30.19 60.71
N ILE D 331 -31.22 -30.69 59.68
CA ILE D 331 -31.21 -32.12 59.38
C ILE D 331 -30.66 -33.03 60.50
N ASN D 332 -29.69 -32.55 61.27
CA ASN D 332 -29.16 -33.32 62.38
C ASN D 332 -28.45 -32.43 63.39
N GLU D 333 -27.90 -33.04 64.44
CA GLU D 333 -27.27 -32.28 65.53
C GLU D 333 -25.94 -31.68 65.10
N ARG D 334 -25.26 -32.33 64.16
CA ARG D 334 -24.01 -31.82 63.61
C ARG D 334 -24.19 -30.43 63.02
N GLN D 335 -25.35 -30.22 62.38
CA GLN D 335 -25.63 -28.95 61.75
C GLN D 335 -25.85 -27.86 62.79
N VAL D 336 -26.56 -28.21 63.87
CA VAL D 336 -26.76 -27.28 64.99
C VAL D 336 -25.41 -26.90 65.57
N ALA D 337 -24.56 -27.90 65.79
CA ALA D 337 -23.24 -27.68 66.36
C ALA D 337 -22.42 -26.72 65.47
N LEU D 338 -22.52 -26.95 64.16
CA LEU D 338 -21.77 -26.14 63.20
C LEU D 338 -22.25 -24.71 63.24
N MET D 339 -23.57 -24.52 63.25
CA MET D 339 -24.11 -23.17 63.39
C MET D 339 -23.61 -22.53 64.70
N LYS D 340 -23.49 -23.33 65.75
CA LYS D 340 -22.97 -22.83 67.02
C LYS D 340 -21.53 -22.35 66.86
N GLU D 341 -20.74 -23.07 66.05
CA GLU D 341 -19.38 -22.62 65.72
C GLU D 341 -19.38 -21.30 64.96
N PHE D 342 -20.29 -21.16 63.99
CA PHE D 342 -20.37 -19.91 63.24
C PHE D 342 -20.77 -18.73 64.14
N VAL D 343 -21.67 -19.01 65.06
CA VAL D 343 -22.17 -18.00 65.98
C VAL D 343 -21.06 -17.61 66.94
N ASP D 344 -20.33 -18.61 67.42
CA ASP D 344 -19.24 -18.43 68.37
C ASP D 344 -18.18 -17.56 67.69
N ASP D 345 -17.80 -17.94 66.48
CA ASP D 345 -16.80 -17.20 65.72
C ASP D 345 -17.24 -15.75 65.57
N ALA D 346 -18.47 -15.55 65.10
CA ALA D 346 -18.92 -14.18 64.84
C ALA D 346 -18.96 -13.32 66.11
N VAL D 347 -19.35 -13.93 67.23
CA VAL D 347 -19.40 -13.18 68.48
C VAL D 347 -17.97 -12.79 68.90
N SER D 348 -17.06 -13.76 68.82
CA SER D 348 -15.66 -13.52 69.19
C SER D 348 -14.99 -12.49 68.28
N ARG D 349 -15.54 -12.28 67.09
CA ARG D 349 -14.96 -11.32 66.14
C ARG D 349 -15.62 -9.94 66.20
N GLY D 350 -16.52 -9.76 67.16
CA GLY D 350 -17.13 -8.46 67.38
C GLY D 350 -18.48 -8.29 66.71
N GLY D 351 -19.01 -9.38 66.15
CA GLY D 351 -20.31 -9.33 65.52
C GLY D 351 -21.38 -8.92 66.49
N ARG D 352 -22.39 -8.20 66.00
CA ARG D 352 -23.54 -7.84 66.80
C ARG D 352 -24.68 -8.79 66.44
N LEU D 353 -25.14 -9.54 67.42
CA LEU D 353 -26.15 -10.54 67.16
C LEU D 353 -27.49 -9.84 67.36
N LEU D 354 -28.17 -9.54 66.26
CA LEU D 354 -29.36 -8.72 66.32
C LEU D 354 -30.58 -9.51 66.78
N ILE D 355 -30.54 -10.80 66.52
CA ILE D 355 -31.63 -11.69 66.86
C ILE D 355 -31.20 -13.11 66.58
N GLY D 356 -31.92 -14.07 67.17
CA GLY D 356 -31.70 -15.48 66.93
C GLY D 356 -30.48 -16.10 67.60
N GLY D 357 -30.28 -17.38 67.33
CA GLY D 357 -29.20 -18.15 67.89
C GLY D 357 -29.69 -19.16 68.92
N ARG D 358 -30.92 -18.97 69.39
CA ARG D 358 -31.58 -19.97 70.25
C ARG D 358 -31.72 -21.29 69.49
N SER D 359 -31.30 -22.38 70.13
CA SER D 359 -31.50 -23.69 69.54
C SER D 359 -31.99 -24.69 70.60
N TRP D 360 -32.88 -25.58 70.19
CA TRP D 360 -33.30 -26.68 71.03
C TRP D 360 -33.47 -27.92 70.17
N GLY D 361 -32.84 -29.02 70.57
CA GLY D 361 -32.84 -30.21 69.73
C GLY D 361 -32.22 -29.86 68.40
N ASN D 362 -32.86 -30.28 67.30
CA ASN D 362 -32.32 -30.01 65.97
C ASN D 362 -32.76 -28.65 65.43
N PHE D 363 -33.62 -27.97 66.19
CA PHE D 363 -34.14 -26.66 65.82
C PHE D 363 -33.17 -25.51 66.12
N PHE D 364 -33.25 -24.48 65.29
CA PHE D 364 -32.37 -23.32 65.39
C PHE D 364 -33.09 -22.03 64.99
N GLU D 365 -33.09 -21.01 65.86
CA GLU D 365 -33.70 -19.75 65.50
C GLU D 365 -32.69 -18.89 64.76
N PRO D 366 -33.04 -18.42 63.55
CA PRO D 366 -32.09 -17.74 62.67
C PRO D 366 -31.35 -16.59 63.36
N ALA D 367 -30.03 -16.67 63.30
CA ALA D 367 -29.17 -15.74 64.00
C ALA D 367 -28.62 -14.76 62.97
N ILE D 368 -28.87 -13.48 63.20
CA ILE D 368 -28.51 -12.45 62.23
C ILE D 368 -27.43 -11.53 62.78
N PHE D 369 -26.36 -11.34 61.99
CA PHE D 369 -25.23 -10.54 62.47
C PHE D 369 -24.95 -9.28 61.65
N VAL D 370 -24.69 -8.17 62.34
CA VAL D 370 -24.10 -7.00 61.70
C VAL D 370 -22.74 -6.77 62.36
N ASP D 371 -22.02 -5.73 61.93
CA ASP D 371 -20.62 -5.51 62.33
C ASP D 371 -19.72 -6.69 61.95
N VAL D 372 -20.06 -7.39 60.87
CA VAL D 372 -19.21 -8.47 60.36
C VAL D 372 -18.08 -7.91 59.51
N ASP D 373 -16.98 -8.64 59.39
CA ASP D 373 -15.97 -8.32 58.39
C ASP D 373 -15.53 -9.58 57.61
N ARG D 374 -14.64 -9.39 56.65
CA ARG D 374 -14.27 -10.47 55.74
C ARG D 374 -13.60 -11.64 56.44
N ASN D 375 -13.20 -11.47 57.69
CA ASN D 375 -12.52 -12.56 58.39
C ASN D 375 -13.45 -13.47 59.18
N PHE D 376 -14.73 -13.08 59.26
CA PHE D 376 -15.76 -13.91 59.89
C PHE D 376 -15.94 -15.19 59.11
N ARG D 377 -16.08 -16.30 59.83
CA ARG D 377 -16.26 -17.59 59.20
C ARG D 377 -17.52 -17.56 58.37
N ILE D 378 -18.53 -16.86 58.87
CA ILE D 378 -19.79 -16.74 58.14
C ILE D 378 -19.67 -15.89 56.86
N MET D 379 -18.59 -15.12 56.72
CA MET D 379 -18.30 -14.54 55.41
C MET D 379 -17.36 -15.39 54.54
N ARG D 380 -16.62 -16.28 55.19
CA ARG D 380 -15.53 -17.01 54.51
C ARG D 380 -15.86 -18.42 54.05
N GLU D 381 -16.98 -18.96 54.50
CA GLU D 381 -17.27 -20.37 54.31
C GLU D 381 -18.73 -20.47 53.95
N GLU D 382 -19.15 -21.61 53.41
CA GLU D 382 -20.55 -21.76 53.11
C GLU D 382 -21.30 -22.02 54.40
N VAL D 383 -22.28 -21.17 54.73
CA VAL D 383 -23.06 -21.43 55.92
C VAL D 383 -24.38 -22.05 55.52
N PHE D 384 -24.48 -23.36 55.72
CA PHE D 384 -25.64 -24.08 55.24
C PHE D 384 -26.52 -24.27 56.45
N GLY D 385 -27.40 -23.31 56.67
CA GLY D 385 -28.11 -23.22 57.93
C GLY D 385 -28.49 -21.77 58.22
N PRO D 386 -29.23 -21.56 59.32
CA PRO D 386 -29.82 -20.24 59.57
C PRO D 386 -28.93 -19.31 60.40
N VAL D 387 -27.74 -19.02 59.88
CA VAL D 387 -26.94 -17.93 60.40
C VAL D 387 -26.57 -17.04 59.23
N ARG D 388 -27.00 -15.78 59.26
CA ARG D 388 -26.67 -14.89 58.16
C ARG D 388 -26.04 -13.54 58.57
N PRO D 389 -24.96 -13.15 57.87
CA PRO D 389 -24.37 -11.82 57.90
C PRO D 389 -25.07 -10.78 57.01
N ILE D 390 -25.24 -9.58 57.56
CA ILE D 390 -25.59 -8.43 56.76
C ILE D 390 -24.39 -7.50 56.82
N VAL D 391 -23.90 -7.12 55.65
CA VAL D 391 -22.73 -6.27 55.53
C VAL D 391 -23.15 -4.99 54.78
N VAL D 392 -22.57 -3.87 55.19
CA VAL D 392 -22.94 -2.58 54.61
C VAL D 392 -21.85 -2.06 53.70
N VAL D 393 -22.22 -1.63 52.50
CA VAL D 393 -21.23 -1.11 51.57
C VAL D 393 -21.58 0.31 51.15
N GLU D 394 -20.55 1.08 50.80
CA GLU D 394 -20.76 2.48 50.43
C GLU D 394 -21.17 2.74 48.97
N ASN D 395 -20.76 1.86 48.07
CA ASN D 395 -21.10 2.03 46.66
C ASN D 395 -21.20 0.70 45.91
N ASP D 396 -21.55 0.76 44.63
CA ASP D 396 -21.67 -0.46 43.81
C ASP D 396 -20.32 -1.18 43.69
N ASP D 397 -19.24 -0.40 43.55
CA ASP D 397 -17.90 -0.96 43.48
C ASP D 397 -17.61 -1.86 44.68
N GLN D 398 -17.93 -1.37 45.87
CA GLN D 398 -17.70 -2.11 47.11
C GLN D 398 -18.66 -3.29 47.26
N ALA D 399 -19.90 -3.10 46.86
CA ALA D 399 -20.86 -4.20 46.85
C ALA D 399 -20.34 -5.37 46.01
N VAL D 400 -19.72 -5.05 44.87
CA VAL D 400 -19.12 -6.07 44.01
C VAL D 400 -17.86 -6.67 44.61
N GLU D 401 -17.00 -5.82 45.18
CA GLU D 401 -15.82 -6.33 45.85
C GLU D 401 -16.21 -7.37 46.91
N VAL D 402 -17.24 -7.08 47.68
CA VAL D 402 -17.65 -8.00 48.73
C VAL D 402 -18.37 -9.24 48.17
N ALA D 403 -19.30 -9.02 47.26
CA ALA D 403 -20.00 -10.11 46.58
C ALA D 403 -19.01 -11.16 46.08
N ASN D 404 -17.89 -10.68 45.56
CA ASN D 404 -16.88 -11.56 45.00
C ASN D 404 -15.81 -12.05 45.96
N ASP D 405 -15.86 -11.64 47.23
CA ASP D 405 -14.76 -12.06 48.07
C ASP D 405 -15.28 -13.28 48.80
N THR D 406 -15.15 -14.39 48.10
CA THR D 406 -15.60 -15.70 48.53
C THR D 406 -14.94 -16.73 47.61
N ASP D 407 -14.84 -17.98 48.05
CA ASP D 407 -14.27 -19.02 47.21
C ASP D 407 -15.35 -19.55 46.28
N TYR D 408 -16.58 -19.16 46.58
CA TYR D 408 -17.76 -19.69 45.94
C TYR D 408 -18.19 -18.86 44.74
N GLY D 409 -18.69 -19.57 43.74
CA GLY D 409 -19.27 -19.02 42.50
C GLY D 409 -20.70 -19.34 42.08
N LEU D 410 -21.59 -19.73 42.98
CA LEU D 410 -22.82 -20.38 42.51
C LEU D 410 -23.85 -19.44 41.88
N SER D 411 -24.48 -18.63 42.71
CA SER D 411 -25.51 -17.72 42.22
C SER D 411 -25.31 -16.39 42.91
N GLY D 412 -26.29 -15.53 42.76
CA GLY D 412 -26.20 -14.20 43.30
C GLY D 412 -27.37 -13.43 42.77
N ALA D 413 -27.62 -12.27 43.35
CA ALA D 413 -28.75 -11.48 42.92
C ALA D 413 -28.53 -10.03 43.25
N VAL D 414 -29.20 -9.17 42.50
CA VAL D 414 -29.18 -7.76 42.80
C VAL D 414 -30.59 -7.15 42.77
N LEU D 415 -30.83 -6.29 43.75
CA LEU D 415 -32.09 -5.62 43.88
C LEU D 415 -31.84 -4.16 43.57
N THR D 416 -32.48 -3.68 42.50
CA THR D 416 -32.39 -2.28 42.10
C THR D 416 -33.26 -2.05 40.91
N ASN D 417 -33.68 -0.80 40.72
CA ASN D 417 -34.46 -0.43 39.54
C ASN D 417 -33.63 0.23 38.44
N ASN D 418 -32.34 0.46 38.72
CA ASN D 418 -31.44 1.04 37.74
C ASN D 418 -30.86 -0.01 36.79
N VAL D 419 -31.09 0.17 35.50
CA VAL D 419 -30.73 -0.85 34.53
C VAL D 419 -29.21 -0.93 34.41
N ASN D 420 -28.56 0.21 34.44
CA ASN D 420 -27.09 0.24 34.40
C ASN D 420 -26.46 -0.39 35.63
N ARG D 421 -26.99 -0.08 36.80
CA ARG D 421 -26.40 -0.62 38.02
C ARG D 421 -26.65 -2.14 38.09
N ALA D 422 -27.86 -2.56 37.71
CA ALA D 422 -28.20 -3.97 37.69
C ALA D 422 -27.30 -4.74 36.74
N PHE D 423 -27.12 -4.22 35.53
CA PHE D 423 -26.35 -4.94 34.52
C PHE D 423 -24.88 -4.96 34.84
N ARG D 424 -24.34 -3.80 35.23
CA ARG D 424 -22.93 -3.74 35.60
C ARG D 424 -22.62 -4.70 36.73
N ILE D 425 -23.48 -4.71 37.75
CA ILE D 425 -23.26 -5.61 38.88
C ILE D 425 -23.40 -7.08 38.48
N ALA D 426 -24.45 -7.39 37.73
CA ALA D 426 -24.63 -8.76 37.22
C ALA D 426 -23.36 -9.21 36.51
N GLU D 427 -22.77 -8.32 35.73
CA GLU D 427 -21.62 -8.72 34.96
C GLU D 427 -20.33 -8.82 35.79
N ALA D 428 -20.20 -7.96 36.78
CA ALA D 428 -18.98 -7.96 37.58
C ALA D 428 -18.95 -9.11 38.58
N VAL D 429 -20.13 -9.53 39.05
CA VAL D 429 -20.20 -10.63 40.01
C VAL D 429 -19.78 -11.94 39.35
N GLU D 430 -18.85 -12.65 40.01
CA GLU D 430 -18.35 -13.88 39.45
C GLU D 430 -19.18 -15.03 40.00
N SER D 431 -20.10 -15.53 39.18
CA SER D 431 -20.99 -16.61 39.60
C SER D 431 -21.57 -17.33 38.39
N GLY D 432 -22.00 -18.57 38.58
CA GLY D 432 -22.54 -19.33 37.46
C GLY D 432 -23.92 -18.85 37.06
N MET D 433 -24.62 -18.25 38.01
CA MET D 433 -25.99 -17.76 37.81
C MET D 433 -26.19 -16.43 38.52
N PHE D 434 -27.11 -15.62 38.03
CA PHE D 434 -27.39 -14.33 38.63
C PHE D 434 -28.79 -13.86 38.31
N HIS D 435 -29.41 -13.15 39.25
CA HIS D 435 -30.80 -12.75 39.13
C HIS D 435 -31.05 -11.31 39.55
N ILE D 436 -31.61 -10.54 38.64
CA ILE D 436 -31.86 -9.15 38.90
C ILE D 436 -33.29 -9.02 39.43
N ASN D 437 -33.41 -8.46 40.64
CA ASN D 437 -34.72 -8.28 41.28
C ASN D 437 -35.50 -9.57 41.51
N ASP D 438 -34.80 -10.58 42.01
CA ASP D 438 -35.45 -11.79 42.46
C ASP D 438 -34.48 -12.49 43.41
N VAL D 439 -34.90 -13.64 43.93
CA VAL D 439 -34.14 -14.36 44.92
C VAL D 439 -32.93 -15.02 44.27
N THR D 440 -31.95 -15.37 45.09
CA THR D 440 -30.74 -16.03 44.60
C THR D 440 -31.03 -17.45 44.10
N PHE D 441 -32.04 -18.08 44.71
CA PHE D 441 -32.33 -19.50 44.47
C PHE D 441 -33.32 -19.85 43.34
N LEU D 442 -33.67 -18.89 42.49
CA LEU D 442 -34.51 -19.21 41.30
C LEU D 442 -33.92 -20.38 40.57
N GLU D 443 -34.76 -21.37 40.31
CA GLU D 443 -34.32 -22.54 39.59
C GLU D 443 -35.43 -23.01 38.64
N GLU D 444 -35.06 -23.20 37.38
CA GLU D 444 -35.98 -23.75 36.38
C GLU D 444 -35.45 -25.10 35.85
N SER D 445 -36.34 -25.95 35.36
CA SER D 445 -36.00 -27.33 35.00
C SER D 445 -35.04 -27.44 33.80
N HIS D 446 -35.19 -26.51 32.88
CA HIS D 446 -34.46 -26.50 31.61
C HIS D 446 -33.31 -25.49 31.49
N VAL D 447 -32.99 -24.78 32.57
CA VAL D 447 -31.91 -23.79 32.52
C VAL D 447 -30.59 -24.42 32.96
N PRO D 448 -29.44 -23.91 32.44
CA PRO D 448 -28.19 -24.44 32.98
C PRO D 448 -27.96 -24.04 34.45
N PHE D 449 -27.83 -25.00 35.34
CA PHE D 449 -27.72 -24.71 36.75
C PHE D 449 -26.36 -25.19 37.22
N GLY D 450 -25.55 -24.28 37.75
CA GLY D 450 -24.25 -24.63 38.30
C GLY D 450 -23.36 -23.44 38.52
N GLY D 451 -22.28 -23.65 39.26
CA GLY D 451 -21.38 -22.57 39.65
C GLY D 451 -20.01 -22.55 39.03
N ILE D 452 -19.25 -21.52 39.37
CA ILE D 452 -17.84 -21.46 39.04
C ILE D 452 -17.07 -21.47 40.36
N LYS D 453 -15.75 -21.38 40.30
CA LYS D 453 -14.92 -21.39 41.50
C LYS D 453 -15.17 -22.63 42.37
N ALA D 454 -15.29 -22.47 43.68
CA ALA D 454 -15.38 -23.68 44.52
C ALA D 454 -16.75 -24.34 44.39
N SER D 455 -17.65 -23.68 43.68
CA SER D 455 -19.04 -24.11 43.56
C SER D 455 -19.20 -25.33 42.66
N GLY D 456 -18.08 -25.78 42.10
CA GLY D 456 -18.07 -27.01 41.33
C GLY D 456 -18.00 -26.84 39.83
N VAL D 457 -18.46 -27.88 39.15
CA VAL D 457 -18.15 -28.11 37.75
C VAL D 457 -19.36 -28.64 36.98
N GLY D 458 -19.64 -28.03 35.83
CA GLY D 458 -20.73 -28.49 35.01
C GLY D 458 -22.05 -27.78 35.23
N ARG D 459 -23.00 -28.07 34.36
CA ARG D 459 -24.34 -27.51 34.44
C ARG D 459 -25.37 -28.61 34.47
N GLU D 460 -26.53 -28.32 35.05
CA GLU D 460 -27.60 -29.30 35.08
C GLU D 460 -28.94 -28.68 34.81
N GLY D 461 -29.85 -29.52 34.38
CA GLY D 461 -31.18 -29.16 33.92
C GLY D 461 -31.27 -29.15 32.41
N GLY D 462 -32.38 -29.69 31.92
CA GLY D 462 -32.63 -29.82 30.50
C GLY D 462 -31.48 -30.39 29.68
N GLU D 463 -31.20 -29.66 28.62
CA GLU D 463 -30.20 -30.10 27.68
C GLU D 463 -28.80 -30.02 28.24
N TRP D 464 -28.63 -29.25 29.31
CA TRP D 464 -27.33 -29.17 30.00
C TRP D 464 -27.02 -30.46 30.76
N SER D 465 -28.04 -31.03 31.39
CA SER D 465 -27.92 -32.37 31.94
C SER D 465 -27.65 -33.38 30.82
N PHE D 466 -28.38 -33.25 29.72
CA PHE D 466 -28.15 -34.14 28.59
C PHE D 466 -26.70 -34.04 28.18
N HIS D 467 -26.19 -32.83 28.16
CA HIS D 467 -24.82 -32.59 27.79
C HIS D 467 -23.80 -33.24 28.72
N GLU D 468 -24.00 -33.10 30.03
CA GLU D 468 -23.13 -33.73 31.01
C GLU D 468 -23.07 -35.25 30.83
N THR D 469 -24.20 -35.84 30.49
CA THR D 469 -24.27 -37.30 30.35
C THR D 469 -24.20 -37.89 28.92
N THR D 470 -23.85 -37.06 27.95
CA THR D 470 -23.58 -37.60 26.61
C THR D 470 -22.23 -37.16 26.09
N TYR D 471 -21.90 -37.65 24.89
CA TYR D 471 -20.70 -37.22 24.21
C TYR D 471 -20.90 -37.08 22.70
N ASP D 472 -20.08 -36.23 22.09
CA ASP D 472 -20.09 -35.98 20.65
C ASP D 472 -19.25 -37.04 19.92
N ARG D 473 -19.83 -37.59 18.85
CA ARG D 473 -19.15 -38.57 18.03
C ARG D 473 -19.08 -38.05 16.59
N TRP D 474 -17.88 -37.67 16.16
CA TRP D 474 -17.68 -37.12 14.84
C TRP D 474 -17.55 -38.24 13.82
N VAL D 475 -18.43 -38.24 12.83
CA VAL D 475 -18.42 -39.31 11.84
C VAL D 475 -18.36 -38.68 10.47
N THR D 476 -17.51 -39.22 9.61
CA THR D 476 -17.49 -38.75 8.25
C THR D 476 -17.58 -39.91 7.26
N VAL D 477 -18.06 -39.57 6.07
CA VAL D 477 -18.08 -40.48 4.95
C VAL D 477 -17.35 -39.80 3.82
N THR D 478 -16.27 -40.41 3.36
CA THR D 478 -15.52 -39.87 2.22
C THR D 478 -15.92 -40.58 0.93
N LEU D 479 -16.40 -39.80 -0.02
CA LEU D 479 -17.00 -40.32 -1.23
C LEU D 479 -16.09 -40.29 -2.45
N ARG D 480 -14.85 -39.87 -2.27
CA ARG D 480 -13.91 -39.81 -3.38
C ARG D 480 -12.62 -40.55 -3.03
N THR D 481 -11.83 -40.85 -4.06
CA THR D 481 -10.56 -41.57 -3.90
C THR D 481 -9.41 -40.59 -3.72
N ARG D 482 -8.49 -40.90 -2.83
CA ARG D 482 -7.38 -39.97 -2.57
C ARG D 482 -6.05 -40.56 -2.96
N ARG D 483 -5.12 -39.67 -3.30
CA ARG D 483 -3.72 -40.02 -3.40
C ARG D 483 -3.07 -39.68 -2.05
N PHE D 484 -2.10 -40.49 -1.64
CA PHE D 484 -1.43 -40.26 -0.35
C PHE D 484 0.06 -39.90 -0.55
N PRO D 485 0.64 -39.12 0.39
CA PRO D 485 2.03 -38.67 0.29
C PRO D 485 3.09 -39.75 0.49
N ILE D 486 2.74 -40.88 1.10
CA ILE D 486 3.67 -42.00 1.22
C ILE D 486 3.07 -43.29 0.68
N PRO D 487 3.92 -44.14 0.06
CA PRO D 487 5.30 -43.82 -0.28
C PRO D 487 5.37 -42.79 -1.42
N SER D 488 6.30 -41.84 -1.30
CA SER D 488 6.45 -40.77 -2.28
C SER D 488 6.88 -41.27 -3.67
N ALA D 489 7.37 -42.50 -3.74
CA ALA D 489 7.86 -43.03 -5.01
C ALA D 489 6.71 -43.55 -5.87
N LEU D 490 5.59 -43.84 -5.22
CA LEU D 490 4.52 -44.60 -5.86
C LEU D 490 3.39 -43.74 -6.42
N LYS D 491 3.25 -43.73 -7.75
CA LYS D 491 2.10 -43.08 -8.37
C LYS D 491 1.15 -44.11 -8.99
N VAL E 9 38.37 51.85 -53.04
CA VAL E 9 37.53 51.03 -52.17
C VAL E 9 36.62 50.11 -52.98
N ALA E 10 36.60 48.82 -52.64
CA ALA E 10 35.82 47.86 -53.41
C ALA E 10 35.23 46.78 -52.55
N ASN E 11 34.51 45.89 -53.21
CA ASN E 11 34.01 44.67 -52.57
C ASN E 11 35.14 43.70 -52.32
N TYR E 12 34.94 42.82 -51.34
CA TYR E 12 35.85 41.70 -51.12
C TYR E 12 35.03 40.41 -51.24
N ILE E 13 35.29 39.65 -52.30
CA ILE E 13 34.51 38.46 -52.59
C ILE E 13 35.41 37.33 -53.05
N ASN E 14 35.24 36.17 -52.43
CA ASN E 14 36.04 34.99 -52.72
C ASN E 14 37.53 35.30 -52.79
N GLY E 15 38.01 36.08 -51.83
CA GLY E 15 39.45 36.25 -51.65
C GLY E 15 40.10 37.32 -52.49
N GLU E 16 39.30 38.11 -53.20
CA GLU E 16 39.84 39.20 -54.01
C GLU E 16 38.98 40.47 -53.96
N PHE E 17 39.63 41.62 -54.07
CA PHE E 17 38.91 42.90 -54.13
C PHE E 17 38.44 43.18 -55.56
N LYS E 18 37.14 43.36 -55.73
CA LYS E 18 36.59 43.73 -57.03
C LYS E 18 35.49 44.77 -56.93
N GLU E 19 35.37 45.57 -57.98
CA GLU E 19 34.28 46.52 -58.08
C GLU E 19 33.01 45.73 -58.40
N PRO E 20 31.83 46.31 -58.08
CA PRO E 20 30.56 45.62 -58.31
C PRO E 20 30.37 45.29 -59.78
N SER E 21 29.53 44.32 -60.08
CA SER E 21 29.36 43.89 -61.45
C SER E 21 28.94 45.07 -62.32
N THR E 22 27.87 45.76 -61.95
CA THR E 22 27.38 46.92 -62.69
C THR E 22 28.43 48.01 -62.84
N GLY E 23 29.37 48.05 -61.90
CA GLY E 23 30.39 49.07 -61.89
C GLY E 23 29.90 50.31 -61.17
N ALA E 24 28.60 50.32 -60.86
CA ALA E 24 27.98 51.46 -60.20
C ALA E 24 28.67 51.84 -58.89
N PHE E 25 28.66 53.13 -58.58
CA PHE E 25 29.36 53.63 -57.40
C PHE E 25 28.66 54.86 -56.83
N GLN E 26 28.97 55.18 -55.58
CA GLN E 26 28.45 56.35 -54.90
C GLN E 26 29.61 57.11 -54.28
N VAL E 27 29.38 58.37 -53.93
CA VAL E 27 30.38 59.06 -53.16
C VAL E 27 29.99 59.02 -51.69
N LYS E 28 30.98 58.78 -50.84
CA LYS E 28 30.83 58.87 -49.40
C LYS E 28 31.54 60.13 -48.97
N THR E 29 30.79 60.98 -48.29
CA THR E 29 31.27 62.26 -47.80
C THR E 29 31.25 62.24 -46.28
N SER E 30 32.14 63.02 -45.68
CA SER E 30 32.22 63.14 -44.24
C SER E 30 31.01 63.88 -43.66
N PRO E 31 30.43 63.35 -42.57
CA PRO E 31 29.35 64.11 -41.91
C PRO E 31 29.91 65.35 -41.24
N VAL E 32 31.21 65.36 -40.94
CA VAL E 32 31.81 66.53 -40.32
C VAL E 32 31.70 67.77 -41.19
N ASP E 33 32.51 67.82 -42.25
CA ASP E 33 32.50 68.95 -43.18
C ASP E 33 31.81 68.73 -44.52
N GLY E 34 31.23 67.56 -44.75
CA GLY E 34 30.58 67.33 -46.03
C GLY E 34 31.54 67.09 -47.19
N SER E 35 32.83 67.11 -46.91
CA SER E 35 33.86 66.84 -47.94
C SER E 35 33.83 65.38 -48.37
N LYS E 36 34.32 65.12 -49.59
CA LYS E 36 34.44 63.76 -50.11
C LYS E 36 35.38 62.94 -49.27
N ILE E 37 34.98 61.70 -49.00
CA ILE E 37 35.88 60.74 -48.39
C ILE E 37 36.31 59.73 -49.43
N ALA E 38 35.36 59.02 -50.02
CA ALA E 38 35.73 58.08 -51.08
C ALA E 38 34.59 57.72 -52.00
N GLU E 39 34.88 57.31 -53.23
CA GLU E 39 33.89 56.62 -54.03
C GLU E 39 33.87 55.19 -53.55
N VAL E 40 32.67 54.60 -53.46
CA VAL E 40 32.51 53.25 -52.96
C VAL E 40 31.53 52.53 -53.86
N PRO E 41 31.53 51.19 -53.84
CA PRO E 41 30.59 50.45 -54.69
C PRO E 41 29.14 50.76 -54.39
N ARG E 42 28.27 50.71 -55.40
CA ARG E 42 26.87 50.48 -55.11
C ARG E 42 26.52 49.13 -55.73
N SER E 43 26.51 48.10 -54.89
CA SER E 43 26.40 46.72 -55.34
C SER E 43 24.96 46.31 -55.59
N GLY E 44 24.77 45.32 -56.45
CA GLY E 44 23.45 44.75 -56.66
C GLY E 44 23.25 43.34 -56.13
N ARG E 45 22.14 42.72 -56.55
CA ARG E 45 21.79 41.36 -56.16
C ARG E 45 22.84 40.35 -56.60
N GLU E 46 23.44 40.58 -57.75
CA GLU E 46 24.39 39.62 -58.29
C GLU E 46 25.69 39.60 -57.49
N ASP E 47 26.15 40.75 -57.03
CA ASP E 47 27.34 40.81 -56.19
C ASP E 47 27.09 40.07 -54.88
N ALA E 48 25.90 40.25 -54.33
CA ALA E 48 25.51 39.57 -53.10
C ALA E 48 25.48 38.05 -53.34
N ARG E 49 24.93 37.65 -54.48
CA ARG E 49 24.79 36.24 -54.81
C ARG E 49 26.15 35.59 -54.98
N GLU E 50 27.07 36.33 -55.57
CA GLU E 50 28.44 35.86 -55.72
C GLU E 50 29.12 35.71 -54.35
N ALA E 51 28.96 36.70 -53.49
CA ALA E 51 29.56 36.59 -52.17
C ALA E 51 28.97 35.40 -51.40
N ILE E 52 27.68 35.20 -51.55
CA ILE E 52 26.97 34.13 -50.87
C ILE E 52 27.43 32.75 -51.35
N ASP E 53 27.54 32.56 -52.67
CA ASP E 53 28.03 31.28 -53.20
C ASP E 53 29.50 31.04 -52.83
N SER E 54 30.28 32.12 -52.76
CA SER E 54 31.68 31.99 -52.35
C SER E 54 31.79 31.52 -50.91
N ALA E 55 30.95 32.10 -50.06
CA ALA E 55 30.85 31.72 -48.65
C ALA E 55 30.38 30.28 -48.51
N PHE E 56 29.43 29.90 -49.38
CA PHE E 56 28.85 28.58 -49.34
C PHE E 56 29.87 27.50 -49.73
N GLU E 57 30.67 27.79 -50.75
CA GLU E 57 31.74 26.88 -51.20
C GLU E 57 32.81 26.76 -50.13
N ALA E 58 33.25 27.90 -49.61
CA ALA E 58 34.30 27.93 -48.60
C ALA E 58 33.88 27.17 -47.34
N LEU E 59 32.56 27.07 -47.17
CA LEU E 59 32.02 26.59 -45.91
C LEU E 59 32.57 25.28 -45.36
N LYS E 60 32.49 24.20 -46.14
CA LYS E 60 32.89 22.90 -45.62
C LYS E 60 34.35 22.86 -45.13
N ALA E 61 35.24 23.34 -45.99
CA ALA E 61 36.66 23.43 -45.67
C ALA E 61 36.85 24.25 -44.38
N TRP E 62 36.16 25.38 -44.27
CA TRP E 62 36.29 26.22 -43.08
C TRP E 62 35.76 25.58 -41.77
N ALA E 63 34.60 24.94 -41.84
CA ALA E 63 33.95 24.38 -40.66
C ALA E 63 34.63 23.13 -40.17
N ASN E 64 35.19 22.36 -41.11
CA ASN E 64 35.72 21.04 -40.76
C ASN E 64 37.16 21.01 -40.26
N ILE E 65 37.89 22.10 -40.41
CA ILE E 65 39.21 22.16 -39.79
C ILE E 65 39.05 22.23 -38.27
N PRO E 66 40.09 21.82 -37.54
CA PRO E 66 39.99 21.95 -36.09
C PRO E 66 39.92 23.42 -35.64
N ALA E 67 39.20 23.64 -34.55
CA ALA E 67 38.98 24.98 -33.98
C ALA E 67 40.28 25.76 -33.86
N ILE E 68 41.36 25.09 -33.46
CA ILE E 68 42.63 25.74 -33.24
C ILE E 68 43.14 26.46 -34.50
N ARG E 69 42.85 25.93 -35.68
CA ARG E 69 43.28 26.57 -36.93
C ARG E 69 42.49 27.85 -37.23
N ARG E 70 41.19 27.80 -36.94
CA ARG E 70 40.37 28.99 -37.03
C ARG E 70 40.87 30.04 -36.03
N ALA E 71 41.12 29.61 -34.80
CA ALA E 71 41.65 30.50 -33.78
C ALA E 71 42.95 31.16 -34.23
N GLU E 72 43.83 30.38 -34.84
CA GLU E 72 45.07 30.91 -35.41
C GLU E 72 44.75 32.01 -36.40
N TYR E 73 43.76 31.77 -37.26
CA TYR E 73 43.37 32.79 -38.22
C TYR E 73 42.92 34.10 -37.54
N LEU E 74 42.07 33.96 -36.52
CA LEU E 74 41.66 35.10 -35.73
C LEU E 74 42.82 35.82 -35.05
N TYR E 75 43.86 35.08 -34.66
CA TYR E 75 45.05 35.71 -34.07
C TYR E 75 45.86 36.50 -35.11
N LYS E 76 45.93 35.98 -36.33
CA LYS E 76 46.53 36.74 -37.45
C LYS E 76 45.75 38.04 -37.62
N MET E 77 44.42 37.92 -37.63
CA MET E 77 43.54 39.07 -37.73
C MET E 77 43.81 40.09 -36.63
N LEU E 78 43.88 39.64 -35.39
CA LEU E 78 44.19 40.49 -34.24
C LEU E 78 45.47 41.27 -34.51
N GLU E 79 46.52 40.56 -34.90
CA GLU E 79 47.83 41.18 -35.13
C GLU E 79 47.70 42.30 -36.19
N VAL E 80 47.00 41.96 -37.26
CA VAL E 80 46.77 42.92 -38.33
C VAL E 80 46.01 44.15 -37.80
N PHE E 81 44.91 43.89 -37.10
CA PHE E 81 44.10 44.95 -36.53
C PHE E 81 45.00 45.92 -35.79
N ARG E 82 45.82 45.36 -34.90
CA ARG E 82 46.75 46.15 -34.10
C ARG E 82 47.64 47.01 -34.98
N GLN E 83 48.06 46.47 -36.12
CA GLN E 83 48.79 47.27 -37.10
C GLN E 83 47.95 48.38 -37.74
N MET E 84 46.65 48.15 -37.90
CA MET E 84 45.75 49.08 -38.62
C MET E 84 44.97 50.04 -37.72
N LYS E 85 45.28 50.04 -36.43
CA LYS E 85 44.53 50.82 -35.45
C LYS E 85 44.30 52.28 -35.84
N GLU E 86 45.39 52.99 -36.16
CA GLU E 86 45.29 54.40 -36.48
C GLU E 86 44.37 54.60 -37.69
N ASP E 87 44.52 53.77 -38.71
CA ASP E 87 43.67 53.87 -39.90
C ASP E 87 42.20 53.71 -39.53
N PHE E 88 41.93 52.72 -38.68
CA PHE E 88 40.57 52.56 -38.18
C PHE E 88 40.05 53.81 -37.45
N MET E 89 40.89 54.46 -36.64
CA MET E 89 40.47 55.65 -35.91
C MET E 89 40.20 56.82 -36.88
N LYS E 90 41.14 57.04 -37.79
CA LYS E 90 40.96 57.97 -38.90
C LYS E 90 39.58 57.79 -39.50
N ILE E 91 39.29 56.62 -40.04
CA ILE E 91 37.98 56.45 -40.69
C ILE E 91 36.76 56.57 -39.77
N LEU E 92 36.89 56.09 -38.53
CA LEU E 92 35.77 56.15 -37.60
C LEU E 92 35.40 57.60 -37.29
N THR E 93 36.42 58.45 -37.15
CA THR E 93 36.22 59.87 -36.96
C THR E 93 35.73 60.54 -38.22
N VAL E 94 36.43 60.33 -39.32
CA VAL E 94 36.15 61.06 -40.55
C VAL E 94 34.86 60.65 -41.24
N GLU E 95 34.61 59.35 -41.35
CA GLU E 95 33.36 58.90 -41.98
C GLU E 95 32.20 58.75 -41.01
N GLY E 96 32.52 58.61 -39.73
CA GLY E 96 31.49 58.38 -38.73
C GLY E 96 31.19 59.54 -37.82
N GLY E 97 32.04 60.56 -37.87
CA GLY E 97 31.88 61.69 -36.97
C GLY E 97 32.18 61.40 -35.50
N GLY E 98 32.93 60.34 -35.22
CA GLY E 98 33.22 60.02 -33.84
C GLY E 98 34.34 60.86 -33.30
N THR E 99 34.28 61.22 -32.02
CA THR E 99 35.41 61.95 -31.45
C THR E 99 36.58 60.99 -31.23
N TYR E 100 37.71 61.56 -30.82
CA TYR E 100 38.90 60.77 -30.62
C TYR E 100 38.72 59.76 -29.50
N ARG E 101 38.06 60.15 -28.41
CA ARG E 101 37.86 59.22 -27.29
C ARG E 101 36.90 58.10 -27.69
N LYS E 102 35.86 58.46 -28.44
CA LYS E 102 34.89 57.48 -28.89
C LYS E 102 35.56 56.46 -29.78
N VAL E 103 36.35 56.91 -30.76
CA VAL E 103 36.94 55.99 -31.73
C VAL E 103 38.09 55.20 -31.09
N TRP E 104 38.77 55.82 -30.13
CA TRP E 104 39.80 55.13 -29.39
C TRP E 104 39.18 53.96 -28.65
N GLY E 105 38.15 54.25 -27.87
CA GLY E 105 37.42 53.20 -27.17
C GLY E 105 36.88 52.13 -28.12
N GLU E 106 36.31 52.55 -29.25
CA GLU E 106 35.75 51.59 -30.20
C GLU E 106 36.82 50.64 -30.68
N VAL E 107 38.01 51.18 -30.87
CA VAL E 107 39.12 50.42 -31.41
C VAL E 107 39.69 49.45 -30.36
N VAL E 108 39.94 49.97 -29.17
CA VAL E 108 40.38 49.13 -28.05
C VAL E 108 39.42 47.97 -27.86
N PHE E 109 38.13 48.28 -27.91
CA PHE E 109 37.10 47.28 -27.75
C PHE E 109 37.07 46.26 -28.90
N THR E 110 37.32 46.73 -30.12
CA THR E 110 37.29 45.86 -31.29
C THR E 110 38.41 44.83 -31.17
N GLU E 111 39.59 45.32 -30.82
CA GLU E 111 40.73 44.48 -30.52
C GLU E 111 40.37 43.39 -29.51
N ARG E 112 39.80 43.80 -28.38
CA ARG E 112 39.36 42.82 -27.40
C ARG E 112 38.35 41.83 -27.95
N LEU E 113 37.53 42.29 -28.89
CA LEU E 113 36.51 41.44 -29.49
C LEU E 113 37.12 40.32 -30.34
N ILE E 114 38.14 40.71 -31.11
CA ILE E 114 38.75 39.77 -32.03
C ILE E 114 39.49 38.73 -31.21
N GLN E 115 40.23 39.24 -30.22
CA GLN E 115 40.92 38.37 -29.29
C GLN E 115 39.96 37.42 -28.57
N ASN E 116 38.80 37.92 -28.19
CA ASN E 116 37.85 37.11 -27.46
C ASN E 116 37.35 35.95 -28.34
N ALA E 117 37.10 36.25 -29.60
CA ALA E 117 36.67 35.21 -30.53
C ALA E 117 37.75 34.11 -30.66
N ALA E 118 38.99 34.57 -30.87
CA ALA E 118 40.13 33.67 -30.97
C ALA E 118 40.23 32.80 -29.72
N GLU E 119 40.29 33.44 -28.56
CA GLU E 119 40.38 32.76 -27.26
C GLU E 119 39.33 31.69 -27.06
N LEU E 120 38.12 31.93 -27.57
CA LEU E 120 37.04 31.02 -27.23
C LEU E 120 36.82 29.92 -28.26
N ALA E 121 37.46 30.03 -29.41
CA ALA E 121 37.16 29.12 -30.50
C ALA E 121 37.30 27.62 -30.12
N ARG E 122 38.38 27.28 -29.43
CA ARG E 122 38.66 25.89 -29.11
C ARG E 122 37.82 25.34 -27.97
N HIS E 123 37.14 26.23 -27.26
CA HIS E 123 36.47 25.82 -26.02
C HIS E 123 34.96 25.68 -26.05
N TYR E 124 34.33 25.87 -27.19
CA TYR E 124 32.87 25.81 -27.21
C TYR E 124 32.45 24.34 -27.18
N GLN E 125 31.80 23.94 -26.09
CA GLN E 125 31.60 22.52 -25.79
C GLN E 125 30.17 22.01 -26.04
N GLY E 126 30.06 20.75 -26.38
CA GLY E 126 28.77 20.06 -26.33
C GLY E 126 28.64 19.37 -24.99
N ARG E 127 27.70 18.44 -24.88
CA ARG E 127 27.49 17.78 -23.60
C ARG E 127 27.50 16.27 -23.71
N VAL E 128 27.94 15.60 -22.65
CA VAL E 128 27.71 14.16 -22.58
C VAL E 128 26.54 13.93 -21.67
N LEU E 129 25.57 13.14 -22.13
CA LEU E 129 24.31 12.96 -21.43
C LEU E 129 24.18 11.58 -20.80
N GLN E 130 23.41 11.53 -19.72
CA GLN E 130 22.94 10.27 -19.20
C GLN E 130 21.79 9.77 -20.08
N SER E 131 21.84 8.52 -20.50
CA SER E 131 20.74 7.95 -21.25
C SER E 131 19.75 7.26 -20.32
N ASP E 132 18.45 7.45 -20.58
CA ASP E 132 17.41 6.70 -19.88
C ASP E 132 17.31 5.25 -20.39
N SER E 133 18.12 4.92 -21.40
CA SER E 133 18.16 3.57 -21.97
C SER E 133 19.44 2.86 -21.56
N GLU E 134 19.38 1.54 -21.46
CA GLU E 134 20.59 0.75 -21.24
C GLU E 134 21.42 0.74 -22.52
N SER E 135 22.72 0.52 -22.36
CA SER E 135 23.60 0.27 -23.50
C SER E 135 23.54 1.36 -24.55
N THR E 136 23.41 2.60 -24.08
CA THR E 136 23.33 3.76 -24.96
C THR E 136 24.32 4.84 -24.54
N ILE E 137 25.17 5.28 -25.46
CA ILE E 137 25.90 6.51 -25.19
C ILE E 137 25.18 7.60 -25.94
N SER E 138 25.04 8.74 -25.27
CA SER E 138 24.26 9.84 -25.78
C SER E 138 25.02 11.15 -25.56
N VAL E 139 25.35 11.82 -26.66
CA VAL E 139 26.09 13.06 -26.58
C VAL E 139 25.45 14.11 -27.48
N VAL E 140 25.87 15.35 -27.28
CA VAL E 140 25.44 16.47 -28.11
C VAL E 140 26.67 17.21 -28.58
N PHE E 141 26.75 17.37 -29.90
CA PHE E 141 27.83 18.07 -30.59
C PHE E 141 27.43 19.50 -30.98
N LYS E 142 28.39 20.41 -31.05
CA LYS E 142 28.10 21.73 -31.60
C LYS E 142 28.54 21.79 -33.05
N ARG E 143 27.71 22.39 -33.88
CA ARG E 143 28.04 22.51 -35.31
C ARG E 143 27.72 23.89 -35.85
N SER E 144 28.57 24.38 -36.75
CA SER E 144 28.38 25.72 -37.29
C SER E 144 27.13 25.73 -38.16
N LYS E 145 26.46 26.87 -38.22
CA LYS E 145 25.21 26.93 -38.94
C LYS E 145 25.40 26.91 -40.45
N GLY E 146 26.38 27.65 -40.95
CA GLY E 146 26.52 27.78 -42.38
C GLY E 146 27.07 29.13 -42.74
N VAL E 147 26.70 29.61 -43.92
CA VAL E 147 26.97 31.00 -44.24
C VAL E 147 26.03 31.94 -43.48
N VAL E 148 26.63 33.00 -42.93
CA VAL E 148 25.93 33.92 -42.05
C VAL E 148 25.97 35.32 -42.60
N GLY E 149 24.78 35.89 -42.83
CA GLY E 149 24.67 37.30 -43.17
C GLY E 149 24.91 38.17 -41.97
N VAL E 150 25.79 39.16 -42.13
CA VAL E 150 26.02 40.13 -41.07
C VAL E 150 25.79 41.53 -41.65
N ILE E 151 24.77 42.19 -41.09
CA ILE E 151 24.30 43.50 -41.56
C ILE E 151 24.32 44.51 -40.40
N THR E 152 25.12 45.55 -40.54
CA THR E 152 25.51 46.36 -39.41
C THR E 152 25.10 47.81 -39.52
N PRO E 153 25.11 48.54 -38.37
CA PRO E 153 24.74 49.95 -38.35
C PRO E 153 25.94 50.89 -38.50
N TRP E 154 25.67 52.19 -38.45
CA TRP E 154 26.71 53.20 -38.64
C TRP E 154 27.26 53.85 -37.35
N ASN E 155 26.69 53.55 -36.18
CA ASN E 155 27.10 54.28 -34.99
C ASN E 155 28.41 53.79 -34.41
N TYR E 156 28.50 52.48 -34.22
CA TYR E 156 29.75 51.80 -33.85
C TYR E 156 30.05 50.74 -34.91
N PRO E 157 30.37 51.17 -36.13
CA PRO E 157 30.41 50.23 -37.25
C PRO E 157 31.56 49.21 -37.12
N LEU E 158 32.65 49.65 -36.50
CA LEU E 158 33.80 48.77 -36.31
C LEU E 158 33.50 47.73 -35.24
N SER E 159 33.27 48.18 -34.01
CA SER E 159 33.04 47.24 -32.92
C SER E 159 31.86 46.31 -33.18
N ILE E 160 30.70 46.87 -33.54
CA ILE E 160 29.54 46.03 -33.81
C ILE E 160 29.84 45.00 -34.95
N SER E 161 30.42 45.47 -36.07
CA SER E 161 30.73 44.53 -37.15
C SER E 161 31.67 43.43 -36.68
N MET E 162 32.74 43.79 -35.98
CA MET E 162 33.73 42.80 -35.60
C MET E 162 33.23 41.83 -34.56
N LYS E 163 32.36 42.31 -33.67
CA LYS E 163 31.79 41.41 -32.68
C LYS E 163 31.04 40.34 -33.47
N LYS E 164 30.25 40.76 -34.45
CA LYS E 164 29.51 39.76 -35.23
C LYS E 164 30.44 38.84 -36.06
N ILE E 165 31.29 39.45 -36.86
CA ILE E 165 32.17 38.76 -37.78
C ILE E 165 33.12 37.76 -37.11
N ALA E 166 33.90 38.24 -36.15
CA ALA E 166 34.94 37.40 -35.51
C ALA E 166 34.34 36.19 -34.82
N HIS E 167 33.33 36.39 -33.98
CA HIS E 167 32.75 35.25 -33.30
C HIS E 167 32.05 34.30 -34.27
N THR E 168 31.39 34.85 -35.29
CA THR E 168 30.73 33.97 -36.25
C THR E 168 31.76 33.10 -36.97
N LEU E 169 32.92 33.69 -37.27
CA LEU E 169 34.00 33.00 -37.96
C LEU E 169 34.70 31.93 -37.11
N ALA E 170 34.94 32.27 -35.83
CA ALA E 170 35.69 31.43 -34.89
C ALA E 170 35.12 30.04 -34.83
N VAL E 171 33.80 30.00 -34.93
CA VAL E 171 33.04 28.80 -34.64
C VAL E 171 32.66 28.02 -35.92
N GLY E 172 33.16 28.48 -37.07
CA GLY E 172 33.13 27.68 -38.29
C GLY E 172 32.10 28.08 -39.33
N ASN E 173 31.44 29.20 -39.12
CA ASN E 173 30.60 29.79 -40.15
C ASN E 173 31.44 30.62 -41.11
N THR E 174 30.96 30.77 -42.34
CA THR E 174 31.51 31.76 -43.26
C THR E 174 30.55 32.95 -43.24
N VAL E 175 30.95 34.04 -43.89
CA VAL E 175 30.33 35.32 -43.63
C VAL E 175 30.17 36.12 -44.92
N VAL E 176 28.96 36.65 -45.15
CA VAL E 176 28.81 37.74 -46.09
C VAL E 176 28.25 38.98 -45.36
N TYR E 177 29.03 40.05 -45.45
CA TYR E 177 28.93 41.24 -44.61
C TYR E 177 28.57 42.45 -45.44
N LYS E 178 27.43 43.05 -45.11
CA LYS E 178 27.04 44.31 -45.74
C LYS E 178 27.01 45.41 -44.69
N PRO E 179 27.99 46.31 -44.75
CA PRO E 179 28.11 47.35 -43.73
C PRO E 179 27.06 48.45 -43.95
N ALA E 180 26.84 49.29 -42.93
CA ALA E 180 25.96 50.45 -43.08
C ALA E 180 26.40 51.33 -44.25
N SER E 181 25.46 51.72 -45.10
CA SER E 181 25.74 52.58 -46.25
C SER E 181 26.46 53.86 -45.84
N ASP E 182 26.20 54.33 -44.62
CA ASP E 182 26.90 55.51 -44.10
C ASP E 182 28.29 55.20 -43.58
N THR E 183 28.64 53.92 -43.46
CA THR E 183 29.98 53.58 -43.01
C THR E 183 30.63 52.48 -43.87
N PRO E 184 30.74 52.71 -45.19
CA PRO E 184 31.33 51.64 -46.02
C PRO E 184 32.84 51.49 -45.90
N VAL E 185 33.55 52.58 -45.64
CA VAL E 185 35.01 52.56 -45.68
C VAL E 185 35.54 51.77 -44.49
N THR E 186 34.81 51.85 -43.38
CA THR E 186 35.09 51.00 -42.22
C THR E 186 34.93 49.51 -42.59
N GLY E 187 33.84 49.19 -43.28
CA GLY E 187 33.67 47.85 -43.82
C GLY E 187 34.85 47.40 -44.69
N TRP E 188 35.28 48.28 -45.57
CA TRP E 188 36.38 47.96 -46.48
C TRP E 188 37.67 47.78 -45.70
N LEU E 189 37.92 48.69 -44.74
CA LEU E 189 39.03 48.53 -43.82
C LEU E 189 39.01 47.17 -43.14
N ILE E 190 37.81 46.71 -42.77
CA ILE E 190 37.65 45.37 -42.21
C ILE E 190 38.13 44.29 -43.18
N ALA E 191 37.70 44.39 -44.44
CA ALA E 191 38.10 43.42 -45.47
C ALA E 191 39.62 43.43 -45.68
N GLN E 192 40.18 44.62 -45.73
CA GLN E 192 41.62 44.78 -45.79
C GLN E 192 42.26 44.01 -44.66
N MET E 193 41.71 44.14 -43.46
CA MET E 193 42.26 43.44 -42.32
C MET E 193 42.20 41.92 -42.51
N VAL E 194 41.03 41.43 -42.90
CA VAL E 194 40.83 40.00 -43.10
C VAL E 194 41.74 39.45 -44.18
N ALA E 195 41.84 40.18 -45.29
CA ALA E 195 42.65 39.77 -46.43
C ALA E 195 44.12 39.69 -46.06
N LYS E 196 44.63 40.71 -45.36
CA LYS E 196 46.03 40.72 -44.96
C LYS E 196 46.34 39.59 -43.97
N ALA E 197 45.33 39.14 -43.24
CA ALA E 197 45.50 38.01 -42.33
C ALA E 197 45.33 36.69 -43.08
N GLY E 198 45.01 36.77 -44.37
CA GLY E 198 44.98 35.59 -45.22
C GLY E 198 44.02 34.47 -44.88
N LEU E 199 42.80 34.81 -44.47
CA LEU E 199 41.78 33.78 -44.30
C LEU E 199 41.51 33.11 -45.66
N PRO E 200 41.05 31.86 -45.65
CA PRO E 200 40.84 31.18 -46.94
C PRO E 200 39.77 31.90 -47.73
N LYS E 201 39.89 31.89 -49.06
CA LYS E 201 39.00 32.64 -49.93
C LYS E 201 37.57 32.22 -49.67
N GLY E 202 36.64 33.16 -49.82
CA GLY E 202 35.22 32.89 -49.63
C GLY E 202 34.73 32.83 -48.19
N VAL E 203 35.64 32.77 -47.23
CA VAL E 203 35.25 32.58 -45.84
C VAL E 203 34.65 33.88 -45.33
N PHE E 204 35.30 34.98 -45.68
CA PHE E 204 34.75 36.29 -45.37
C PHE E 204 34.55 37.13 -46.63
N ASN E 205 33.37 37.69 -46.78
CA ASN E 205 33.05 38.50 -47.94
C ASN E 205 32.45 39.88 -47.60
N LEU E 206 32.98 40.91 -48.25
CA LEU E 206 32.46 42.26 -48.09
C LEU E 206 31.73 42.68 -49.35
N VAL E 207 30.46 43.03 -49.22
CA VAL E 207 29.76 43.65 -50.35
C VAL E 207 29.04 44.92 -49.93
N ILE E 208 29.48 46.02 -50.51
CA ILE E 208 29.04 47.34 -50.14
C ILE E 208 27.94 47.76 -51.10
N GLY E 209 26.76 47.99 -50.55
CA GLY E 209 25.62 48.36 -51.37
C GLY E 209 24.38 48.66 -50.54
N PRO E 210 23.30 49.04 -51.22
CA PRO E 210 22.04 49.43 -50.59
C PRO E 210 21.38 48.27 -49.84
N GLY E 211 20.89 48.56 -48.64
CA GLY E 211 20.14 47.59 -47.86
C GLY E 211 19.02 46.86 -48.59
N PRO E 212 18.08 47.61 -49.21
CA PRO E 212 16.94 47.00 -49.92
C PRO E 212 17.33 46.10 -51.09
N VAL E 213 18.60 46.15 -51.49
CA VAL E 213 19.07 45.30 -52.57
C VAL E 213 19.99 44.19 -52.05
N VAL E 214 21.19 44.57 -51.64
CA VAL E 214 22.18 43.64 -51.12
C VAL E 214 21.70 42.90 -49.85
N GLY E 215 21.23 43.68 -48.88
CA GLY E 215 20.77 43.11 -47.65
C GLY E 215 19.58 42.20 -47.91
N GLU E 216 18.69 42.67 -48.77
CA GLU E 216 17.51 41.89 -49.13
C GLU E 216 17.92 40.52 -49.68
N GLU E 217 18.89 40.50 -50.60
CA GLU E 217 19.35 39.25 -51.17
C GLU E 217 19.93 38.33 -50.08
N ILE E 218 20.78 38.90 -49.22
CA ILE E 218 21.35 38.17 -48.08
C ILE E 218 20.29 37.50 -47.20
N VAL E 219 19.25 38.25 -46.90
CA VAL E 219 18.20 37.80 -46.00
C VAL E 219 17.28 36.78 -46.66
N THR E 220 17.10 36.89 -47.96
CA THR E 220 16.19 35.97 -48.62
C THR E 220 16.82 34.74 -49.27
N HIS E 221 18.15 34.74 -49.41
CA HIS E 221 18.86 33.72 -50.20
C HIS E 221 18.87 32.34 -49.54
N LYS E 222 18.65 31.30 -50.36
CA LYS E 222 18.48 29.93 -49.89
C LYS E 222 19.66 29.40 -49.10
N ARG E 223 20.86 29.86 -49.46
CA ARG E 223 22.09 29.30 -48.93
C ARG E 223 22.59 30.01 -47.67
N VAL E 224 21.91 31.08 -47.29
CA VAL E 224 22.29 31.73 -46.06
C VAL E 224 21.56 31.07 -44.91
N ALA E 225 22.33 30.60 -43.92
CA ALA E 225 21.75 29.86 -42.80
C ALA E 225 21.17 30.77 -41.71
N HIS E 226 21.77 31.94 -41.56
CA HIS E 226 21.45 32.80 -40.43
C HIS E 226 21.76 34.23 -40.81
N VAL E 227 20.95 35.18 -40.31
CA VAL E 227 21.30 36.60 -40.44
C VAL E 227 21.47 37.25 -39.07
N THR E 228 22.57 37.96 -38.87
CA THR E 228 22.72 38.75 -37.66
C THR E 228 22.74 40.23 -38.02
N PHE E 229 21.91 40.99 -37.34
CA PHE E 229 21.53 42.32 -37.80
C PHE E 229 21.39 43.32 -36.68
N THR E 230 21.92 44.52 -36.91
CA THR E 230 21.78 45.58 -35.95
C THR E 230 21.32 46.83 -36.66
N GLY E 231 20.13 47.28 -36.30
CA GLY E 231 19.52 48.42 -36.95
C GLY E 231 18.15 48.79 -36.41
N GLU E 232 17.39 49.49 -37.23
CA GLU E 232 16.07 49.98 -36.86
C GLU E 232 15.13 48.80 -36.60
N SER E 233 14.22 48.98 -35.64
CA SER E 233 13.22 47.97 -35.31
C SER E 233 12.42 47.54 -36.54
N SER E 234 12.08 48.52 -37.37
CA SER E 234 11.26 48.28 -38.55
C SER E 234 11.97 47.35 -39.52
N THR E 235 13.21 47.71 -39.86
CA THR E 235 14.05 46.89 -40.74
C THR E 235 14.16 45.49 -40.15
N GLY E 236 14.41 45.44 -38.84
CA GLY E 236 14.53 44.19 -38.13
C GLY E 236 13.33 43.26 -38.29
N ARG E 237 12.13 43.83 -38.14
CA ARG E 237 10.91 43.06 -38.31
C ARG E 237 10.77 42.60 -39.75
N GLU E 238 11.17 43.44 -40.70
CA GLU E 238 11.14 43.03 -42.11
C GLU E 238 12.02 41.83 -42.37
N ILE E 239 13.24 41.91 -41.86
CA ILE E 239 14.24 40.85 -42.02
C ILE E 239 13.76 39.58 -41.36
N ALA E 240 13.07 39.72 -40.23
CA ALA E 240 12.58 38.56 -39.49
C ALA E 240 11.54 37.83 -40.32
N ALA E 241 10.57 38.61 -40.81
CA ALA E 241 9.51 38.05 -41.63
C ALA E 241 10.08 37.44 -42.91
N LYS E 242 10.87 38.21 -43.64
CA LYS E 242 11.48 37.74 -44.88
C LYS E 242 12.35 36.50 -44.70
N ALA E 243 12.99 36.39 -43.53
CA ALA E 243 13.81 35.23 -43.25
C ALA E 243 12.97 33.99 -42.96
N ALA E 244 11.73 34.19 -42.50
CA ALA E 244 10.82 33.04 -42.36
C ALA E 244 10.70 32.17 -43.62
N GLY E 245 10.82 32.80 -44.79
CA GLY E 245 10.66 32.12 -46.07
C GLY E 245 11.59 30.94 -46.29
N THR E 246 12.88 31.14 -46.05
CA THR E 246 13.84 30.04 -46.14
C THR E 246 14.12 29.38 -44.80
N LEU E 247 13.40 29.82 -43.76
CA LEU E 247 13.54 29.26 -42.42
C LEU E 247 14.93 29.51 -41.82
N LYS E 248 15.60 30.58 -42.24
CA LYS E 248 16.90 30.93 -41.65
C LYS E 248 16.72 31.62 -40.31
N THR E 249 17.58 31.29 -39.35
CA THR E 249 17.52 31.91 -38.03
C THR E 249 18.06 33.32 -38.07
N VAL E 250 17.71 34.10 -37.05
CA VAL E 250 18.09 35.49 -37.05
C VAL E 250 18.55 35.98 -35.66
N THR E 251 19.34 37.05 -35.63
CA THR E 251 19.73 37.70 -34.40
C THR E 251 19.47 39.18 -34.65
N LEU E 252 18.64 39.80 -33.82
CA LEU E 252 18.18 41.15 -34.09
C LEU E 252 18.49 42.07 -32.92
N GLU E 253 19.36 43.06 -33.14
CA GLU E 253 19.59 44.09 -32.13
C GLU E 253 18.92 45.36 -32.59
N LEU E 254 17.78 45.67 -31.96
CA LEU E 254 16.85 46.70 -32.43
C LEU E 254 16.87 48.06 -31.70
N GLY E 255 17.83 48.25 -30.81
CA GLY E 255 17.95 49.53 -30.11
C GLY E 255 17.15 49.55 -28.81
N GLY E 256 17.30 50.64 -28.06
CA GLY E 256 16.62 50.75 -26.80
C GLY E 256 16.24 52.17 -26.47
N SER E 257 15.35 52.33 -25.50
CA SER E 257 15.24 53.59 -24.81
C SER E 257 15.57 53.25 -23.34
N ASP E 258 16.83 53.38 -22.95
CA ASP E 258 17.26 52.77 -21.70
C ASP E 258 17.00 53.73 -20.56
N PRO E 259 16.31 53.26 -19.52
CA PRO E 259 16.17 54.08 -18.31
C PRO E 259 17.48 54.18 -17.52
N LEU E 260 17.84 55.40 -17.12
CA LEU E 260 18.85 55.59 -16.09
C LEU E 260 18.14 56.18 -14.86
N ILE E 261 18.02 55.35 -13.83
CA ILE E 261 17.24 55.70 -12.64
C ILE E 261 18.18 56.17 -11.54
N ILE E 262 17.97 57.38 -11.06
CA ILE E 262 18.83 57.97 -10.03
C ILE E 262 18.06 58.12 -8.70
N LEU E 263 18.48 57.40 -7.67
CA LEU E 263 17.75 57.48 -6.40
C LEU E 263 18.27 58.60 -5.49
N ASP E 264 17.59 58.79 -4.37
CA ASP E 264 17.83 59.98 -3.55
C ASP E 264 19.05 59.86 -2.65
N ASP E 265 19.64 58.67 -2.55
CA ASP E 265 20.81 58.47 -1.69
C ASP E 265 22.17 58.58 -2.41
N VAL E 266 22.16 58.95 -3.68
CA VAL E 266 23.38 59.01 -4.48
C VAL E 266 24.30 60.18 -4.12
N ASP E 267 25.54 60.08 -4.57
CA ASP E 267 26.37 61.25 -4.65
C ASP E 267 25.84 61.92 -5.90
N VAL E 268 25.24 63.09 -5.71
CA VAL E 268 24.48 63.74 -6.77
C VAL E 268 25.38 64.21 -7.91
N ASP E 269 26.54 64.74 -7.55
CA ASP E 269 27.50 65.22 -8.53
C ASP E 269 28.00 64.08 -9.41
N TYR E 270 28.35 62.98 -8.76
CA TYR E 270 28.81 61.82 -9.50
C TYR E 270 27.68 61.33 -10.41
N ALA E 271 26.45 61.42 -9.91
CA ALA E 271 25.28 60.90 -10.61
C ALA E 271 25.12 61.70 -11.88
N ALA E 272 25.49 62.96 -11.78
CA ALA E 272 25.33 63.87 -12.89
C ALA E 272 26.41 63.62 -13.94
N ARG E 273 27.66 63.51 -13.50
CA ARG E 273 28.76 63.18 -14.42
C ARG E 273 28.46 61.88 -15.19
N LEU E 274 28.08 60.85 -14.43
CA LEU E 274 27.73 59.56 -15.01
C LEU E 274 26.64 59.74 -16.06
N ALA E 275 25.54 60.40 -15.65
CA ALA E 275 24.40 60.62 -16.53
C ALA E 275 24.79 61.35 -17.81
N VAL E 276 25.64 62.36 -17.68
CA VAL E 276 26.08 63.12 -18.83
C VAL E 276 26.73 62.19 -19.84
N PHE E 277 27.67 61.37 -19.33
CA PHE E 277 28.35 60.36 -20.16
C PHE E 277 27.38 59.34 -20.80
N ALA E 278 26.57 58.66 -19.99
CA ALA E 278 25.63 57.65 -20.48
C ALA E 278 24.65 58.19 -21.54
N SER E 279 24.10 59.37 -21.26
CA SER E 279 23.03 59.93 -22.08
C SER E 279 23.56 60.58 -23.35
N LEU E 280 24.70 61.25 -23.24
CA LEU E 280 25.21 62.01 -24.39
C LEU E 280 26.40 61.50 -25.18
N PHE E 281 27.09 60.47 -24.68
CA PHE E 281 28.28 60.03 -25.39
C PHE E 281 27.91 59.58 -26.81
N HIS E 282 28.83 59.83 -27.74
CA HIS E 282 28.62 59.67 -29.18
C HIS E 282 27.32 60.33 -29.66
N GLN E 283 27.08 61.54 -29.14
CA GLN E 283 25.88 62.33 -29.44
C GLN E 283 24.64 61.53 -29.11
N GLY E 284 24.74 60.67 -28.10
CA GLY E 284 23.64 59.78 -27.78
C GLY E 284 23.27 58.81 -28.89
N GLN E 285 24.15 58.58 -29.87
CA GLN E 285 23.77 57.56 -30.86
C GLN E 285 24.47 56.26 -30.45
N ILE E 286 23.78 55.53 -29.58
CA ILE E 286 24.31 54.32 -29.00
C ILE E 286 23.06 53.59 -28.64
N CYS E 287 23.04 52.28 -28.87
CA CYS E 287 21.84 51.51 -28.69
C CYS E 287 21.46 51.49 -27.21
N THR E 288 22.49 51.41 -26.38
CA THR E 288 22.34 51.37 -24.92
C THR E 288 22.53 52.72 -24.25
N SER E 289 22.49 53.79 -25.04
CA SER E 289 22.56 55.15 -24.49
C SER E 289 21.53 55.35 -23.38
N ALA E 290 21.80 56.20 -22.40
CA ALA E 290 20.75 56.41 -21.40
C ALA E 290 19.82 57.48 -21.99
N LYS E 291 18.71 56.98 -22.53
CA LYS E 291 17.85 57.81 -23.33
C LYS E 291 16.73 58.48 -22.53
N ARG E 292 16.46 57.96 -21.34
CA ARG E 292 15.48 58.53 -20.43
C ARG E 292 16.03 58.58 -19.01
N ILE E 293 16.26 59.79 -18.50
CA ILE E 293 16.84 59.98 -17.17
C ILE E 293 15.72 60.11 -16.13
N ILE E 294 15.70 59.25 -15.15
CA ILE E 294 14.58 59.18 -14.23
C ILE E 294 15.08 59.43 -12.81
N VAL E 295 14.70 60.56 -12.21
CA VAL E 295 15.29 60.93 -10.93
C VAL E 295 14.29 61.10 -9.81
N HIS E 296 14.71 60.74 -8.60
CA HIS E 296 13.92 60.88 -7.39
C HIS E 296 13.78 62.35 -7.01
N LYS E 297 12.54 62.77 -6.70
CA LYS E 297 12.24 64.17 -6.40
C LYS E 297 13.13 64.79 -5.33
N ALA E 298 13.58 63.99 -4.36
CA ALA E 298 14.39 64.49 -3.26
C ALA E 298 15.74 65.05 -3.72
N VAL E 299 16.34 64.45 -4.74
CA VAL E 299 17.57 65.00 -5.29
C VAL E 299 17.37 65.69 -6.61
N ALA E 300 16.15 65.67 -7.12
CA ALA E 300 15.85 66.13 -8.49
C ALA E 300 16.38 67.51 -8.87
N ASP E 301 16.16 68.49 -8.00
CA ASP E 301 16.57 69.84 -8.34
C ASP E 301 18.08 69.96 -8.47
N LYS E 302 18.78 69.52 -7.42
CA LYS E 302 20.24 69.55 -7.41
C LYS E 302 20.85 68.71 -8.56
N PHE E 303 20.25 67.55 -8.85
CA PHE E 303 20.71 66.73 -9.95
C PHE E 303 20.55 67.44 -11.28
N ILE E 304 19.38 68.02 -11.51
CA ILE E 304 19.11 68.66 -12.80
C ILE E 304 20.07 69.81 -12.98
N GLU E 305 20.29 70.54 -11.89
CA GLU E 305 21.19 71.68 -11.88
C GLU E 305 22.60 71.25 -12.28
N ARG E 306 23.07 70.19 -11.62
CA ARG E 306 24.41 69.68 -11.88
C ARG E 306 24.60 69.09 -13.27
N TYR E 307 23.56 68.38 -13.73
CA TYR E 307 23.57 67.70 -15.01
C TYR E 307 23.73 68.74 -16.10
N VAL E 308 22.89 69.78 -16.00
CA VAL E 308 22.93 70.89 -16.94
C VAL E 308 24.29 71.56 -16.86
N HIS E 309 24.76 71.75 -15.63
CA HIS E 309 26.03 72.41 -15.40
C HIS E 309 27.18 71.72 -16.17
N TYR E 310 27.17 70.38 -16.17
CA TYR E 310 28.18 69.62 -16.92
C TYR E 310 27.91 69.63 -18.43
N VAL E 311 26.65 69.50 -18.81
CA VAL E 311 26.29 69.64 -20.22
C VAL E 311 26.80 70.96 -20.85
N LYS E 312 26.79 72.05 -20.07
CA LYS E 312 27.32 73.34 -20.55
C LYS E 312 28.76 73.22 -21.02
N MET E 313 29.52 72.33 -20.39
CA MET E 313 30.95 72.15 -20.63
C MET E 313 31.28 71.39 -21.93
N LEU E 314 30.30 70.68 -22.49
CA LEU E 314 30.54 69.85 -23.66
C LEU E 314 31.02 70.65 -24.85
N ARG E 315 32.19 70.30 -25.38
CA ARG E 315 32.65 70.89 -26.63
C ARG E 315 32.15 70.06 -27.82
N ILE E 316 31.34 70.68 -28.66
CA ILE E 316 30.89 70.09 -29.92
C ILE E 316 31.76 70.77 -30.96
N ASP E 317 32.49 69.99 -31.74
CA ASP E 317 33.40 70.57 -32.73
C ASP E 317 33.74 69.54 -33.80
N ASP E 318 34.57 69.95 -34.77
CA ASP E 318 35.12 69.01 -35.73
C ASP E 318 35.90 67.96 -34.94
N PRO E 319 35.49 66.69 -35.02
CA PRO E 319 36.12 65.60 -34.28
C PRO E 319 37.61 65.44 -34.63
N ARG E 320 38.01 65.97 -35.78
CA ARG E 320 39.41 65.93 -36.23
C ARG E 320 40.30 66.96 -35.55
N LYS E 321 39.70 67.94 -34.89
CA LYS E 321 40.47 69.11 -34.46
C LYS E 321 41.46 68.74 -33.38
N ASP E 322 41.01 68.01 -32.37
CA ASP E 322 41.91 67.52 -31.33
C ASP E 322 41.27 66.35 -30.57
N GLU E 323 42.02 65.84 -29.59
CA GLU E 323 41.66 64.62 -28.87
C GLU E 323 40.68 64.87 -27.76
N LYS E 324 40.48 66.14 -27.42
CA LYS E 324 39.61 66.48 -26.31
C LYS E 324 38.17 66.86 -26.69
N VAL E 325 37.84 66.92 -27.98
CA VAL E 325 36.47 67.29 -28.30
C VAL E 325 35.46 66.23 -27.83
N ASP E 326 34.39 66.69 -27.19
CA ASP E 326 33.41 65.82 -26.55
C ASP E 326 32.38 65.24 -27.52
N LEU E 327 31.84 66.07 -28.41
CA LEU E 327 30.83 65.60 -29.34
C LEU E 327 31.12 65.96 -30.79
N GLY E 328 30.92 65.01 -31.69
CA GLY E 328 31.08 65.25 -33.10
C GLY E 328 29.69 65.44 -33.66
N PRO E 329 29.56 65.38 -35.00
CA PRO E 329 28.23 65.59 -35.58
C PRO E 329 27.40 64.34 -35.51
N LEU E 330 26.16 64.46 -35.96
CA LEU E 330 25.33 63.30 -36.21
C LEU E 330 25.82 62.74 -37.54
N ILE E 331 25.28 61.59 -37.93
CA ILE E 331 25.80 60.90 -39.10
C ILE E 331 25.33 61.56 -40.39
N ASN E 332 24.11 62.06 -40.40
CA ASN E 332 23.57 62.70 -41.59
C ASN E 332 22.53 63.80 -41.31
N GLU E 333 22.00 64.39 -42.38
CA GLU E 333 21.05 65.48 -42.28
C GLU E 333 19.70 64.95 -41.81
N ARG E 334 19.39 63.73 -42.22
CA ARG E 334 18.18 63.03 -41.79
C ARG E 334 18.11 62.97 -40.26
N GLN E 335 19.23 62.65 -39.62
CA GLN E 335 19.26 62.57 -38.15
C GLN E 335 19.02 63.92 -37.50
N VAL E 336 19.58 64.96 -38.09
CA VAL E 336 19.36 66.32 -37.60
C VAL E 336 17.89 66.75 -37.71
N ALA E 337 17.27 66.48 -38.86
CA ALA E 337 15.87 66.81 -39.07
C ALA E 337 15.04 66.08 -38.02
N LEU E 338 15.35 64.81 -37.82
CA LEU E 338 14.62 64.00 -36.85
C LEU E 338 14.75 64.55 -35.42
N MET E 339 15.95 64.96 -35.04
CA MET E 339 16.17 65.52 -33.71
C MET E 339 15.44 66.84 -33.54
N LYS E 340 15.38 67.61 -34.63
CA LYS E 340 14.56 68.82 -34.67
C LYS E 340 13.09 68.51 -34.37
N GLU E 341 12.53 67.48 -35.01
CA GLU E 341 11.18 67.05 -34.66
C GLU E 341 11.05 66.62 -33.19
N PHE E 342 12.07 65.97 -32.66
CA PHE E 342 11.98 65.53 -31.27
C PHE E 342 11.90 66.73 -30.30
N VAL E 343 12.76 67.71 -30.57
CA VAL E 343 12.79 68.93 -29.77
C VAL E 343 11.51 69.77 -29.94
N ASP E 344 11.11 69.97 -31.19
CA ASP E 344 9.92 70.75 -31.49
C ASP E 344 8.71 70.13 -30.84
N ASP E 345 8.62 68.80 -30.91
CA ASP E 345 7.49 68.10 -30.31
C ASP E 345 7.49 68.31 -28.81
N ALA E 346 8.66 68.16 -28.20
CA ALA E 346 8.76 68.35 -26.76
C ALA E 346 8.34 69.77 -26.32
N VAL E 347 8.79 70.79 -27.05
CA VAL E 347 8.51 72.18 -26.68
C VAL E 347 7.02 72.47 -26.90
N SER E 348 6.54 72.06 -28.06
CA SER E 348 5.15 72.18 -28.43
C SER E 348 4.20 71.52 -27.42
N ARG E 349 4.69 70.53 -26.69
CA ARG E 349 3.88 69.85 -25.69
C ARG E 349 4.07 70.49 -24.31
N GLY E 350 4.85 71.56 -24.27
CA GLY E 350 5.01 72.31 -23.04
C GLY E 350 6.15 71.86 -22.15
N GLY E 351 7.09 71.08 -22.71
CA GLY E 351 8.27 70.66 -21.99
C GLY E 351 9.28 71.78 -21.87
N ARG E 352 9.95 71.86 -20.73
CA ARG E 352 10.91 72.93 -20.55
C ARG E 352 12.27 72.55 -21.11
N LEU E 353 12.72 73.29 -22.12
CA LEU E 353 14.04 73.06 -22.67
C LEU E 353 15.02 73.72 -21.73
N LEU E 354 15.84 72.91 -21.07
CA LEU E 354 16.71 73.38 -20.01
C LEU E 354 17.96 73.99 -20.62
N ILE E 355 18.34 73.45 -21.75
CA ILE E 355 19.55 73.88 -22.43
C ILE E 355 19.68 73.15 -23.76
N GLY E 356 20.40 73.78 -24.68
CA GLY E 356 20.67 73.23 -26.00
C GLY E 356 19.68 73.56 -27.09
N GLY E 357 19.76 72.82 -28.20
CA GLY E 357 18.81 72.97 -29.28
C GLY E 357 19.30 73.59 -30.58
N ARG E 358 20.52 74.12 -30.63
CA ARG E 358 21.02 74.63 -31.90
C ARG E 358 21.58 73.52 -32.79
N SER E 359 21.38 73.65 -34.09
CA SER E 359 21.98 72.73 -35.05
C SER E 359 22.64 73.50 -36.17
N TRP E 360 23.73 72.95 -36.71
CA TRP E 360 24.29 73.48 -37.94
C TRP E 360 24.93 72.36 -38.74
N GLY E 361 24.66 72.31 -40.04
CA GLY E 361 25.12 71.19 -40.85
C GLY E 361 24.64 69.90 -40.21
N ASN E 362 25.56 69.00 -39.93
CA ASN E 362 25.19 67.74 -39.29
C ASN E 362 25.31 67.77 -37.78
N PHE E 363 25.84 68.87 -37.25
CA PHE E 363 26.00 68.97 -35.81
C PHE E 363 24.67 69.27 -35.12
N PHE E 364 24.48 68.67 -33.96
CA PHE E 364 23.30 68.93 -33.17
C PHE E 364 23.67 68.96 -31.69
N GLU E 365 23.38 70.07 -31.01
CA GLU E 365 23.76 70.18 -29.60
C GLU E 365 22.92 69.26 -28.76
N PRO E 366 23.43 68.85 -27.59
CA PRO E 366 22.55 68.20 -26.61
C PRO E 366 21.35 69.11 -26.36
N ALA E 367 20.17 68.52 -26.29
CA ALA E 367 18.94 69.26 -25.98
C ALA E 367 18.21 68.58 -24.83
N ILE E 368 18.20 69.23 -23.67
CA ILE E 368 17.70 68.62 -22.45
C ILE E 368 16.34 69.18 -21.99
N PHE E 369 15.42 68.29 -21.65
CA PHE E 369 14.06 68.68 -21.27
C PHE E 369 13.67 68.18 -19.88
N VAL E 370 12.90 68.99 -19.15
CA VAL E 370 12.13 68.48 -18.00
C VAL E 370 10.65 68.85 -18.19
N ASP E 371 9.83 68.48 -17.21
CA ASP E 371 8.39 68.65 -17.32
C ASP E 371 7.88 68.05 -18.62
N VAL E 372 8.15 66.77 -18.80
CA VAL E 372 7.70 66.10 -20.00
C VAL E 372 6.64 65.14 -19.52
N ASP E 373 5.97 64.45 -20.44
CA ASP E 373 5.11 63.36 -20.01
C ASP E 373 5.18 62.23 -21.01
N ARG E 374 4.47 61.15 -20.71
CA ARG E 374 4.59 59.91 -21.49
C ARG E 374 4.08 60.03 -22.94
N ASN E 375 3.46 61.15 -23.29
CA ASN E 375 3.03 61.33 -24.67
C ASN E 375 4.07 62.00 -25.58
N PHE E 376 5.11 62.56 -24.97
CA PHE E 376 6.22 63.16 -25.73
C PHE E 376 6.87 62.11 -26.61
N ARG E 377 7.24 62.51 -27.83
CA ARG E 377 7.91 61.58 -28.73
C ARG E 377 9.20 61.09 -28.09
N ILE E 378 9.94 61.99 -27.44
CA ILE E 378 11.18 61.59 -26.79
C ILE E 378 10.97 60.63 -25.62
N MET E 379 9.75 60.45 -25.16
CA MET E 379 9.46 59.33 -24.26
C MET E 379 8.91 58.06 -24.94
N ARG E 380 8.30 58.20 -26.11
CA ARG E 380 7.62 57.09 -26.75
C ARG E 380 8.46 56.37 -27.79
N GLU E 381 9.58 56.99 -28.15
CA GLU E 381 10.39 56.49 -29.25
C GLU E 381 11.84 56.45 -28.82
N GLU E 382 12.62 55.62 -29.48
CA GLU E 382 14.04 55.67 -29.27
C GLU E 382 14.54 56.97 -29.88
N VAL E 383 15.21 57.78 -29.08
CA VAL E 383 15.79 59.00 -29.63
C VAL E 383 17.29 58.77 -29.79
N PHE E 384 17.71 58.56 -31.02
CA PHE E 384 19.06 58.11 -31.27
C PHE E 384 19.76 59.36 -31.72
N GLY E 385 20.24 60.10 -30.73
CA GLY E 385 20.69 61.47 -30.91
C GLY E 385 20.61 62.13 -29.55
N PRO E 386 21.14 63.37 -29.44
CA PRO E 386 21.37 63.98 -28.11
C PRO E 386 20.20 64.78 -27.53
N VAL E 387 19.00 64.23 -27.55
CA VAL E 387 17.85 64.92 -27.01
C VAL E 387 17.35 64.08 -25.87
N ARG E 388 17.49 64.59 -24.65
CA ARG E 388 17.24 63.80 -23.45
C ARG E 388 16.13 64.33 -22.54
N PRO E 389 15.09 63.51 -22.29
CA PRO E 389 14.16 63.81 -21.20
C PRO E 389 14.71 63.45 -19.81
N ILE E 390 14.38 64.30 -18.84
CA ILE E 390 14.57 63.99 -17.43
C ILE E 390 13.17 64.02 -16.80
N VAL E 391 12.81 62.95 -16.12
CA VAL E 391 11.52 62.80 -15.49
C VAL E 391 11.74 62.68 -14.00
N VAL E 392 10.92 63.36 -13.22
CA VAL E 392 11.03 63.37 -11.77
C VAL E 392 9.99 62.41 -11.21
N VAL E 393 10.35 61.64 -10.19
CA VAL E 393 9.44 60.62 -9.68
C VAL E 393 9.39 60.62 -8.16
N GLU E 394 8.25 60.23 -7.62
CA GLU E 394 7.99 60.38 -6.18
C GLU E 394 8.67 59.28 -5.39
N ASN E 395 8.84 58.14 -6.02
CA ASN E 395 9.30 56.94 -5.33
C ASN E 395 9.79 55.87 -6.29
N ASP E 396 10.24 54.75 -5.71
CA ASP E 396 10.80 53.66 -6.48
C ASP E 396 9.77 52.97 -7.39
N ASP E 397 8.53 52.88 -6.94
CA ASP E 397 7.49 52.20 -7.73
C ASP E 397 7.23 52.99 -9.00
N GLN E 398 7.30 54.31 -8.87
CA GLN E 398 7.06 55.21 -9.96
C GLN E 398 8.29 55.25 -10.87
N ALA E 399 9.46 55.21 -10.25
CA ALA E 399 10.71 55.11 -10.98
C ALA E 399 10.64 53.92 -11.93
N VAL E 400 10.23 52.79 -11.36
CA VAL E 400 10.08 51.55 -12.13
C VAL E 400 8.99 51.69 -13.19
N GLU E 401 7.86 52.31 -12.84
CA GLU E 401 6.75 52.42 -13.78
C GLU E 401 7.16 53.19 -15.02
N VAL E 402 7.78 54.35 -14.82
CA VAL E 402 8.30 55.13 -15.93
C VAL E 402 9.34 54.32 -16.70
N ALA E 403 10.29 53.71 -15.98
CA ALA E 403 11.37 52.96 -16.61
C ALA E 403 10.82 51.89 -17.55
N ASN E 404 9.76 51.23 -17.12
CA ASN E 404 9.13 50.19 -17.92
C ASN E 404 8.14 50.68 -18.96
N ASP E 405 7.74 51.96 -18.94
CA ASP E 405 6.71 52.34 -19.87
C ASP E 405 7.45 52.80 -21.13
N THR E 406 7.76 51.79 -21.94
CA THR E 406 8.47 51.97 -23.20
C THR E 406 8.35 50.67 -23.97
N ASP E 407 8.54 50.74 -25.27
CA ASP E 407 8.45 49.54 -26.10
C ASP E 407 9.74 48.75 -26.03
N TYR E 408 10.79 49.42 -25.62
CA TYR E 408 12.12 48.86 -25.60
C TYR E 408 12.45 48.12 -24.32
N GLY E 409 13.24 47.07 -24.48
CA GLY E 409 13.83 46.27 -23.41
C GLY E 409 15.35 46.10 -23.31
N LEU E 410 16.16 47.06 -23.77
CA LEU E 410 17.57 46.69 -23.99
C LEU E 410 18.42 46.68 -22.72
N SER E 411 18.79 47.86 -22.22
CA SER E 411 19.58 47.97 -21.00
C SER E 411 18.84 48.89 -20.03
N GLY E 412 19.53 49.24 -18.95
CA GLY E 412 18.95 50.04 -17.91
C GLY E 412 20.03 50.15 -16.85
N ALA E 413 19.90 51.14 -15.97
CA ALA E 413 20.83 51.24 -14.85
C ALA E 413 20.15 51.97 -13.70
N VAL E 414 20.59 51.68 -12.47
CA VAL E 414 20.14 52.41 -11.30
C VAL E 414 21.34 52.85 -10.46
N LEU E 415 21.32 54.11 -10.03
CA LEU E 415 22.35 54.63 -9.14
C LEU E 415 21.74 54.70 -7.76
N THR E 416 22.38 54.05 -6.79
CA THR E 416 21.91 54.06 -5.41
C THR E 416 22.91 53.30 -4.55
N ASN E 417 22.94 53.60 -3.26
CA ASN E 417 23.84 52.92 -2.36
C ASN E 417 23.13 51.86 -1.57
N ASN E 418 21.81 51.82 -1.73
CA ASN E 418 20.97 50.90 -0.98
C ASN E 418 20.82 49.56 -1.71
N VAL E 419 21.27 48.47 -1.08
CA VAL E 419 21.21 47.16 -1.73
C VAL E 419 19.80 46.68 -2.08
N ASN E 420 18.85 46.83 -1.17
CA ASN E 420 17.48 46.37 -1.40
C ASN E 420 16.78 47.07 -2.55
N ARG E 421 16.93 48.39 -2.60
CA ARG E 421 16.34 49.18 -3.64
C ARG E 421 17.01 48.86 -4.96
N ALA E 422 18.34 48.80 -4.94
CA ALA E 422 19.13 48.44 -6.12
C ALA E 422 18.63 47.12 -6.71
N PHE E 423 18.51 46.11 -5.85
CA PHE E 423 18.12 44.79 -6.31
C PHE E 423 16.65 44.73 -6.78
N ARG E 424 15.75 45.37 -6.03
CA ARG E 424 14.32 45.39 -6.39
C ARG E 424 14.10 46.07 -7.73
N ILE E 425 14.75 47.21 -7.90
CA ILE E 425 14.62 47.98 -9.13
C ILE E 425 15.19 47.14 -10.27
N ALA E 426 16.36 46.55 -10.06
CA ALA E 426 16.99 45.66 -11.04
C ALA E 426 16.04 44.55 -11.48
N GLU E 427 15.38 43.92 -10.51
CA GLU E 427 14.47 42.83 -10.79
C GLU E 427 13.26 43.32 -11.57
N ALA E 428 12.74 44.50 -11.23
CA ALA E 428 11.48 44.99 -11.81
C ALA E 428 11.61 45.61 -13.22
N VAL E 429 12.72 46.30 -13.47
CA VAL E 429 12.96 46.87 -14.78
C VAL E 429 13.00 45.79 -15.85
N GLU E 430 12.20 45.94 -16.91
CA GLU E 430 12.18 44.88 -17.90
C GLU E 430 13.16 45.17 -19.02
N SER E 431 14.32 44.53 -18.95
CA SER E 431 15.38 44.83 -19.89
C SER E 431 16.27 43.60 -20.03
N GLY E 432 16.96 43.50 -21.16
CA GLY E 432 17.82 42.36 -21.38
C GLY E 432 19.05 42.48 -20.51
N MET E 433 19.39 43.72 -20.14
CA MET E 433 20.61 43.99 -19.38
C MET E 433 20.34 45.07 -18.35
N PHE E 434 21.10 45.03 -17.26
CA PHE E 434 20.95 46.02 -16.22
C PHE E 434 22.26 46.26 -15.45
N HIS E 435 22.50 47.51 -15.06
CA HIS E 435 23.75 47.85 -14.40
C HIS E 435 23.48 48.68 -13.17
N ILE E 436 23.90 48.18 -12.02
CA ILE E 436 23.77 48.93 -10.80
C ILE E 436 25.01 49.81 -10.61
N ASN E 437 24.82 51.09 -10.36
CA ASN E 437 25.92 52.04 -10.17
C ASN E 437 26.93 52.13 -11.32
N ASP E 438 26.42 52.08 -12.54
CA ASP E 438 27.26 52.26 -13.72
C ASP E 438 26.43 52.74 -14.88
N VAL E 439 27.07 53.01 -16.00
CA VAL E 439 26.39 53.51 -17.18
C VAL E 439 25.48 52.45 -17.80
N THR E 440 24.50 52.88 -18.59
CA THR E 440 23.62 51.94 -19.31
C THR E 440 24.36 51.16 -20.40
N PHE E 441 25.45 51.74 -20.91
CA PHE E 441 26.14 51.16 -22.06
C PHE E 441 27.33 50.22 -21.79
N LEU E 442 27.49 49.78 -20.53
CA LEU E 442 28.55 48.79 -20.25
C LEU E 442 28.41 47.66 -21.25
N GLU E 443 29.54 47.30 -21.86
CA GLU E 443 29.62 46.16 -22.74
C GLU E 443 30.95 45.46 -22.57
N GLU E 444 30.91 44.16 -22.32
CA GLU E 444 32.15 43.39 -22.27
C GLU E 444 32.09 42.42 -23.44
N SER E 445 33.25 42.01 -23.94
CA SER E 445 33.36 41.24 -25.18
C SER E 445 32.71 39.86 -25.10
N HIS E 446 32.70 39.31 -23.89
CA HIS E 446 32.20 37.96 -23.64
C HIS E 446 30.82 37.82 -22.99
N VAL E 447 30.14 38.94 -22.73
CA VAL E 447 28.86 38.93 -22.02
C VAL E 447 27.65 38.80 -22.96
N PRO E 448 26.51 38.30 -22.44
CA PRO E 448 25.29 38.21 -23.27
C PRO E 448 24.66 39.58 -23.45
N PHE E 449 25.10 40.27 -24.50
CA PHE E 449 24.56 41.56 -24.90
C PHE E 449 23.30 41.42 -25.80
N GLY E 450 22.19 41.94 -25.31
CA GLY E 450 20.92 41.80 -26.00
C GLY E 450 19.80 42.27 -25.09
N GLY E 451 18.58 42.26 -25.62
CA GLY E 451 17.46 42.88 -24.95
C GLY E 451 16.18 42.12 -25.19
N ILE E 452 15.12 42.60 -24.57
CA ILE E 452 13.82 41.96 -24.68
C ILE E 452 12.85 42.94 -25.29
N LYS E 453 11.58 42.56 -25.38
CA LYS E 453 10.55 43.42 -25.98
C LYS E 453 10.96 43.87 -27.38
N ALA E 454 10.86 45.18 -27.66
CA ALA E 454 11.11 45.68 -29.00
C ALA E 454 12.59 45.90 -29.30
N SER E 455 13.46 45.53 -28.37
CA SER E 455 14.91 45.69 -28.55
C SER E 455 15.51 44.52 -29.34
N GLY E 456 14.64 43.60 -29.77
CA GLY E 456 15.11 42.49 -30.57
C GLY E 456 15.26 41.13 -29.92
N VAL E 457 16.12 40.33 -30.55
CA VAL E 457 16.13 38.89 -30.35
C VAL E 457 17.57 38.33 -30.37
N GLY E 458 17.87 37.45 -29.42
CA GLY E 458 19.19 36.87 -29.31
C GLY E 458 20.13 37.62 -28.38
N ARG E 459 21.31 37.05 -28.19
CA ARG E 459 22.38 37.70 -27.43
C ARG E 459 23.67 37.51 -28.22
N GLU E 460 24.58 38.46 -28.13
CA GLU E 460 25.85 38.33 -28.80
C GLU E 460 27.01 38.65 -27.85
N GLY E 461 28.18 38.15 -28.23
CA GLY E 461 29.41 38.22 -27.47
C GLY E 461 29.78 36.89 -26.81
N GLY E 462 31.07 36.59 -26.88
CA GLY E 462 31.60 35.33 -26.42
C GLY E 462 30.81 34.13 -26.91
N GLU E 463 30.47 33.26 -25.96
CA GLU E 463 29.75 32.04 -26.25
C GLU E 463 28.32 32.27 -26.71
N TRP E 464 27.79 33.47 -26.46
CA TRP E 464 26.42 33.79 -26.87
C TRP E 464 26.33 34.02 -28.38
N SER E 465 27.39 34.63 -28.91
CA SER E 465 27.55 34.73 -30.36
C SER E 465 27.72 33.35 -30.98
N PHE E 466 28.62 32.54 -30.42
CA PHE E 466 28.86 31.17 -30.91
C PHE E 466 27.53 30.45 -30.91
N HIS E 467 26.77 30.71 -29.85
CA HIS E 467 25.50 30.06 -29.68
C HIS E 467 24.48 30.42 -30.77
N GLU E 468 24.43 31.70 -31.12
CA GLU E 468 23.50 32.17 -32.15
C GLU E 468 23.82 31.52 -33.51
N THR E 469 25.12 31.30 -33.75
CA THR E 469 25.63 30.76 -35.00
C THR E 469 25.99 29.26 -35.03
N THR E 470 25.54 28.52 -34.03
CA THR E 470 25.75 27.09 -34.04
C THR E 470 24.45 26.37 -33.70
N TYR E 471 24.51 25.06 -33.73
CA TYR E 471 23.36 24.26 -33.33
C TYR E 471 23.83 22.99 -32.67
N ASP E 472 22.92 22.40 -31.90
CA ASP E 472 23.19 21.18 -31.18
C ASP E 472 22.82 19.99 -32.01
N ARG E 473 23.65 18.96 -31.92
CA ARG E 473 23.48 17.76 -32.71
C ARG E 473 23.51 16.56 -31.78
N TRP E 474 22.34 15.96 -31.57
CA TRP E 474 22.21 14.83 -30.67
C TRP E 474 22.65 13.59 -31.41
N VAL E 475 23.59 12.86 -30.81
CA VAL E 475 24.05 11.62 -31.40
C VAL E 475 24.06 10.51 -30.35
N THR E 476 23.58 9.33 -30.75
CA THR E 476 23.58 8.19 -29.87
C THR E 476 24.25 6.98 -30.51
N VAL E 477 24.74 6.09 -29.65
CA VAL E 477 25.25 4.81 -30.10
C VAL E 477 24.57 3.79 -29.21
N THR E 478 23.86 2.87 -29.84
CA THR E 478 23.19 1.82 -29.10
C THR E 478 24.05 0.56 -29.20
N LEU E 479 24.44 0.02 -28.05
CA LEU E 479 25.39 -1.09 -28.01
C LEU E 479 24.79 -2.48 -27.83
N ARG E 480 23.48 -2.57 -27.70
CA ARG E 480 22.85 -3.87 -27.53
C ARG E 480 21.65 -3.97 -28.44
N THR E 481 21.32 -5.19 -28.83
CA THR E 481 20.17 -5.43 -29.68
C THR E 481 18.90 -5.35 -28.86
N ARG E 482 17.85 -4.78 -29.46
CA ARG E 482 16.54 -4.76 -28.82
C ARG E 482 15.54 -5.45 -29.73
N ARG E 483 14.42 -5.90 -29.16
CA ARG E 483 13.32 -6.36 -29.99
C ARG E 483 12.32 -5.23 -30.17
N PHE E 484 11.33 -5.43 -31.03
CA PHE E 484 10.48 -4.33 -31.46
C PHE E 484 9.00 -4.69 -31.36
N PRO E 485 8.15 -3.69 -31.06
CA PRO E 485 6.73 -3.93 -30.84
C PRO E 485 5.96 -4.40 -32.10
N ILE E 486 6.34 -3.93 -33.27
CA ILE E 486 5.81 -4.49 -34.52
C ILE E 486 6.91 -5.21 -35.30
N PRO E 487 6.54 -6.24 -36.08
CA PRO E 487 5.20 -6.86 -36.02
C PRO E 487 5.01 -7.69 -34.74
N SER E 488 3.84 -7.55 -34.11
CA SER E 488 3.54 -8.26 -32.85
C SER E 488 3.62 -9.78 -32.99
N ALA E 489 3.42 -10.26 -34.21
CA ALA E 489 3.42 -11.70 -34.47
C ALA E 489 4.80 -12.33 -34.25
N LEU E 490 5.83 -11.50 -34.23
CA LEU E 490 7.17 -11.96 -33.86
C LEU E 490 7.32 -12.04 -32.34
N LYS E 491 8.10 -12.98 -31.78
CA LYS E 491 8.92 -14.02 -32.44
C LYS E 491 10.08 -13.50 -33.31
N MET F 7 -20.56 13.93 -25.88
CA MET F 7 -19.45 14.19 -24.95
C MET F 7 -18.94 15.63 -25.05
N LYS F 8 -19.59 16.54 -24.35
CA LYS F 8 -19.17 17.95 -24.37
C LYS F 8 -17.78 18.14 -23.77
N VAL F 9 -16.94 18.86 -24.53
CA VAL F 9 -15.56 19.12 -24.18
C VAL F 9 -15.42 20.63 -24.22
N ALA F 10 -14.68 21.21 -23.29
CA ALA F 10 -14.70 22.67 -23.16
C ALA F 10 -13.33 23.29 -23.17
N ASN F 11 -13.28 24.58 -23.48
CA ASN F 11 -12.05 25.34 -23.26
C ASN F 11 -11.76 25.37 -21.77
N TYR F 12 -10.48 25.51 -21.42
CA TYR F 12 -10.13 25.75 -20.04
C TYR F 12 -9.42 27.08 -20.00
N ILE F 13 -10.09 28.08 -19.45
CA ILE F 13 -9.51 29.41 -19.37
C ILE F 13 -9.61 29.97 -17.97
N ASN F 14 -8.49 30.51 -17.50
CA ASN F 14 -8.43 31.20 -16.22
C ASN F 14 -9.09 30.46 -15.06
N GLY F 15 -8.86 29.16 -14.98
CA GLY F 15 -9.36 28.37 -13.87
C GLY F 15 -10.64 27.63 -14.18
N GLU F 16 -11.34 28.10 -15.20
CA GLU F 16 -12.70 27.63 -15.47
C GLU F 16 -12.80 26.88 -16.80
N PHE F 17 -13.42 25.70 -16.77
CA PHE F 17 -13.86 25.06 -18.00
C PHE F 17 -15.07 25.82 -18.50
N LYS F 18 -15.01 26.28 -19.74
CA LYS F 18 -16.11 27.05 -20.29
C LYS F 18 -16.28 26.86 -21.80
N GLU F 19 -17.50 27.08 -22.25
CA GLU F 19 -17.84 27.08 -23.66
C GLU F 19 -17.11 28.22 -24.35
N PRO F 20 -16.95 28.11 -25.68
CA PRO F 20 -16.49 29.28 -26.43
C PRO F 20 -17.55 30.38 -26.34
N SER F 21 -17.13 31.64 -26.38
CA SER F 21 -18.07 32.74 -26.29
C SER F 21 -19.15 32.63 -27.36
N THR F 22 -18.73 32.29 -28.58
CA THR F 22 -19.66 32.09 -29.69
C THR F 22 -20.62 30.92 -29.45
N GLY F 23 -20.23 30.00 -28.59
CA GLY F 23 -21.06 28.85 -28.28
C GLY F 23 -20.99 27.80 -29.38
N ALA F 24 -20.39 28.18 -30.51
CA ALA F 24 -20.25 27.28 -31.64
C ALA F 24 -19.49 25.99 -31.31
N PHE F 25 -20.12 24.85 -31.59
CA PHE F 25 -19.49 23.56 -31.35
C PHE F 25 -19.08 22.92 -32.69
N GLN F 26 -18.47 21.75 -32.61
CA GLN F 26 -18.15 20.95 -33.79
C GLN F 26 -18.09 19.48 -33.40
N VAL F 27 -18.56 18.61 -34.27
CA VAL F 27 -18.59 17.19 -33.93
C VAL F 27 -17.33 16.47 -34.41
N LYS F 28 -16.62 15.88 -33.46
CA LYS F 28 -15.37 15.16 -33.71
C LYS F 28 -15.64 13.66 -33.67
N THR F 29 -15.24 13.00 -34.76
CA THR F 29 -15.49 11.58 -35.00
C THR F 29 -14.20 10.77 -35.03
N SER F 30 -14.32 9.46 -34.83
CA SER F 30 -13.17 8.56 -34.83
C SER F 30 -12.68 8.26 -36.25
N PRO F 31 -11.36 8.33 -36.45
CA PRO F 31 -10.79 7.93 -37.73
C PRO F 31 -10.93 6.42 -37.96
N VAL F 32 -11.22 5.67 -36.91
CA VAL F 32 -11.27 4.22 -37.03
C VAL F 32 -12.54 3.75 -37.72
N ASP F 33 -13.68 3.88 -37.04
CA ASP F 33 -14.97 3.57 -37.65
C ASP F 33 -15.85 4.75 -38.07
N GLY F 34 -15.44 5.97 -37.78
CA GLY F 34 -16.23 7.13 -38.17
C GLY F 34 -17.26 7.54 -37.12
N SER F 35 -17.33 6.77 -36.03
CA SER F 35 -18.27 7.06 -34.94
C SER F 35 -18.02 8.41 -34.28
N LYS F 36 -19.09 9.01 -33.76
CA LYS F 36 -18.97 10.26 -33.05
C LYS F 36 -18.12 10.04 -31.79
N ILE F 37 -17.31 11.04 -31.46
CA ILE F 37 -16.47 10.96 -30.27
C ILE F 37 -16.91 12.03 -29.30
N ALA F 38 -16.84 13.27 -29.74
CA ALA F 38 -17.18 14.35 -28.82
C ALA F 38 -17.65 15.61 -29.52
N GLU F 39 -18.36 16.46 -28.80
CA GLU F 39 -18.67 17.78 -29.31
C GLU F 39 -17.70 18.77 -28.69
N VAL F 40 -17.05 19.54 -29.55
CA VAL F 40 -15.82 20.23 -29.22
C VAL F 40 -15.88 21.69 -29.66
N PRO F 41 -15.37 22.62 -28.84
CA PRO F 41 -15.50 24.03 -29.23
C PRO F 41 -14.87 24.39 -30.57
N ARG F 42 -15.56 25.22 -31.35
CA ARG F 42 -14.89 25.88 -32.43
C ARG F 42 -14.75 27.32 -31.92
N SER F 43 -13.56 27.64 -31.41
CA SER F 43 -13.31 28.92 -30.73
C SER F 43 -12.95 30.04 -31.68
N GLY F 44 -13.22 31.26 -31.25
CA GLY F 44 -12.91 32.42 -32.04
C GLY F 44 -11.73 33.21 -31.52
N ARG F 45 -11.48 34.35 -32.16
CA ARG F 45 -10.37 35.22 -31.78
C ARG F 45 -10.51 35.67 -30.33
N GLU F 46 -11.75 35.82 -29.88
CA GLU F 46 -11.99 36.38 -28.56
C GLU F 46 -11.65 35.41 -27.44
N ASP F 47 -11.88 34.12 -27.68
CA ASP F 47 -11.48 33.09 -26.72
C ASP F 47 -9.97 33.05 -26.58
N ALA F 48 -9.28 33.01 -27.73
CA ALA F 48 -7.83 33.06 -27.76
C ALA F 48 -7.34 34.25 -26.94
N ARG F 49 -7.95 35.41 -27.18
CA ARG F 49 -7.56 36.64 -26.49
C ARG F 49 -7.82 36.56 -24.98
N GLU F 50 -8.91 35.88 -24.61
CA GLU F 50 -9.26 35.79 -23.21
C GLU F 50 -8.20 34.96 -22.49
N ALA F 51 -7.83 33.85 -23.12
CA ALA F 51 -6.78 32.99 -22.62
C ALA F 51 -5.45 33.74 -22.52
N ILE F 52 -5.10 34.46 -23.57
CA ILE F 52 -3.87 35.23 -23.59
C ILE F 52 -3.80 36.23 -22.43
N ASP F 53 -4.91 36.92 -22.20
CA ASP F 53 -4.98 37.92 -21.13
C ASP F 53 -4.90 37.26 -19.75
N SER F 54 -5.56 36.11 -19.59
CA SER F 54 -5.49 35.36 -18.35
C SER F 54 -4.07 34.91 -18.05
N ALA F 55 -3.37 34.45 -19.08
CA ALA F 55 -2.01 33.96 -18.94
C ALA F 55 -1.09 35.10 -18.59
N PHE F 56 -1.34 36.24 -19.23
CA PHE F 56 -0.52 37.43 -19.01
C PHE F 56 -0.72 37.99 -17.61
N GLU F 57 -1.93 37.81 -17.09
CA GLU F 57 -2.30 38.23 -15.74
C GLU F 57 -1.70 37.31 -14.68
N ALA F 58 -1.70 36.01 -14.98
CA ALA F 58 -1.16 35.02 -14.04
C ALA F 58 0.37 35.01 -14.09
N LEU F 59 0.91 35.66 -15.11
CA LEU F 59 2.33 35.63 -15.37
C LEU F 59 3.21 36.07 -14.20
N LYS F 60 3.00 37.27 -13.66
CA LYS F 60 3.88 37.77 -12.60
C LYS F 60 3.93 36.85 -11.37
N ALA F 61 2.75 36.50 -10.84
CA ALA F 61 2.68 35.59 -9.70
C ALA F 61 3.30 34.22 -10.00
N TRP F 62 3.11 33.71 -11.21
CA TRP F 62 3.68 32.40 -11.57
C TRP F 62 5.20 32.41 -11.70
N ALA F 63 5.73 33.46 -12.33
CA ALA F 63 7.15 33.54 -12.62
C ALA F 63 7.94 33.86 -11.38
N ASN F 64 7.35 34.62 -10.47
CA ASN F 64 8.12 35.13 -9.34
C ASN F 64 8.20 34.23 -8.10
N ILE F 65 7.40 33.17 -8.05
CA ILE F 65 7.58 32.19 -6.97
C ILE F 65 8.88 31.39 -7.17
N PRO F 66 9.45 30.87 -6.08
CA PRO F 66 10.65 30.06 -6.25
C PRO F 66 10.39 28.83 -7.11
N ALA F 67 11.42 28.42 -7.85
CA ALA F 67 11.34 27.30 -8.77
C ALA F 67 10.74 26.07 -8.10
N ILE F 68 11.13 25.84 -6.85
CA ILE F 68 10.68 24.70 -6.05
C ILE F 68 9.15 24.54 -5.98
N ARG F 69 8.42 25.65 -5.89
CA ARG F 69 6.96 25.60 -5.88
C ARG F 69 6.37 25.23 -7.24
N ARG F 70 6.95 25.75 -8.33
CA ARG F 70 6.49 25.32 -9.66
C ARG F 70 6.73 23.84 -9.79
N ALA F 71 7.91 23.40 -9.36
CA ALA F 71 8.19 21.97 -9.34
C ALA F 71 7.10 21.23 -8.58
N GLU F 72 6.66 21.74 -7.43
CA GLU F 72 5.61 21.06 -6.67
C GLU F 72 4.36 20.91 -7.53
N TYR F 73 4.02 21.97 -8.23
CA TYR F 73 2.89 21.89 -9.12
C TYR F 73 3.06 20.81 -10.20
N LEU F 74 4.24 20.72 -10.80
CA LEU F 74 4.46 19.74 -11.84
C LEU F 74 4.47 18.30 -11.32
N TYR F 75 4.92 18.12 -10.07
CA TYR F 75 4.93 16.80 -9.43
C TYR F 75 3.50 16.36 -9.13
N LYS F 76 2.70 17.33 -8.70
CA LYS F 76 1.27 17.12 -8.49
C LYS F 76 0.63 16.69 -9.81
N MET F 77 0.90 17.48 -10.85
CA MET F 77 0.48 17.17 -12.22
C MET F 77 0.84 15.74 -12.61
N LEU F 78 2.06 15.33 -12.28
CA LEU F 78 2.56 13.99 -12.56
C LEU F 78 1.67 12.96 -11.88
N GLU F 79 1.34 13.22 -10.62
CA GLU F 79 0.50 12.33 -9.83
C GLU F 79 -0.86 12.13 -10.52
N VAL F 80 -1.46 13.27 -10.89
CA VAL F 80 -2.73 13.30 -11.58
C VAL F 80 -2.68 12.50 -12.89
N PHE F 81 -1.58 12.64 -13.60
CA PHE F 81 -1.39 11.95 -14.88
C PHE F 81 -1.34 10.45 -14.68
N ARG F 82 -0.54 10.03 -13.70
CA ARG F 82 -0.44 8.61 -13.38
C ARG F 82 -1.85 8.05 -13.10
N GLN F 83 -2.68 8.87 -12.47
CA GLN F 83 -4.08 8.49 -12.28
C GLN F 83 -4.87 8.43 -13.61
N MET F 84 -4.50 9.26 -14.57
CA MET F 84 -5.26 9.40 -15.81
C MET F 84 -4.77 8.56 -16.99
N LYS F 85 -3.77 7.70 -16.75
CA LYS F 85 -3.11 6.94 -17.81
C LYS F 85 -4.06 6.22 -18.78
N GLU F 86 -4.94 5.38 -18.24
CA GLU F 86 -5.81 4.55 -19.06
C GLU F 86 -6.72 5.41 -19.91
N ASP F 87 -7.15 6.53 -19.35
CA ASP F 87 -8.00 7.44 -20.09
C ASP F 87 -7.25 8.03 -21.28
N PHE F 88 -6.09 8.62 -21.01
CA PHE F 88 -5.27 9.17 -22.08
C PHE F 88 -5.06 8.13 -23.18
N MET F 89 -4.77 6.89 -22.79
CA MET F 89 -4.57 5.81 -23.74
C MET F 89 -5.81 5.55 -24.61
N LYS F 90 -6.96 5.45 -23.94
CA LYS F 90 -8.22 5.23 -24.62
C LYS F 90 -8.44 6.30 -25.67
N ILE F 91 -8.23 7.56 -25.29
CA ILE F 91 -8.48 8.60 -26.26
C ILE F 91 -7.44 8.65 -27.37
N LEU F 92 -6.19 8.42 -27.04
CA LEU F 92 -5.13 8.40 -28.03
C LEU F 92 -5.49 7.37 -29.11
N THR F 93 -5.96 6.20 -28.68
CA THR F 93 -6.43 5.16 -29.61
C THR F 93 -7.69 5.55 -30.41
N VAL F 94 -8.76 5.90 -29.70
CA VAL F 94 -10.08 6.17 -30.27
C VAL F 94 -10.09 7.39 -31.18
N GLU F 95 -9.55 8.49 -30.66
CA GLU F 95 -9.50 9.76 -31.34
C GLU F 95 -8.35 9.82 -32.36
N GLY F 96 -7.21 9.24 -32.00
CA GLY F 96 -6.00 9.41 -32.79
C GLY F 96 -5.59 8.21 -33.61
N GLY F 97 -6.25 7.08 -33.41
CA GLY F 97 -6.02 5.91 -34.24
C GLY F 97 -4.81 5.08 -33.87
N GLY F 98 -4.19 5.42 -32.74
CA GLY F 98 -2.99 4.73 -32.30
C GLY F 98 -3.23 3.33 -31.77
N THR F 99 -2.27 2.44 -31.96
CA THR F 99 -2.39 1.09 -31.44
C THR F 99 -2.13 1.07 -29.94
N TYR F 100 -2.32 -0.09 -29.32
CA TYR F 100 -2.13 -0.21 -27.90
C TYR F 100 -0.69 0.13 -27.55
N ARG F 101 0.25 -0.55 -28.22
CA ARG F 101 1.68 -0.33 -28.01
C ARG F 101 2.12 1.12 -28.24
N LYS F 102 1.51 1.75 -29.24
CA LYS F 102 1.87 3.11 -29.61
C LYS F 102 1.46 4.09 -28.52
N VAL F 103 0.23 3.95 -28.04
CA VAL F 103 -0.28 4.85 -27.02
C VAL F 103 0.27 4.54 -25.63
N TRP F 104 0.62 3.28 -25.39
CA TRP F 104 1.23 2.88 -24.13
C TRP F 104 2.57 3.58 -24.10
N GLY F 105 3.30 3.44 -25.20
CA GLY F 105 4.61 4.06 -25.32
C GLY F 105 4.51 5.56 -25.13
N GLU F 106 3.49 6.16 -25.74
CA GLU F 106 3.33 7.60 -25.62
C GLU F 106 3.01 8.05 -24.20
N VAL F 107 2.16 7.28 -23.52
CA VAL F 107 1.79 7.61 -22.15
C VAL F 107 2.99 7.51 -21.20
N VAL F 108 3.80 6.47 -21.37
CA VAL F 108 4.99 6.28 -20.55
C VAL F 108 5.96 7.42 -20.77
N PHE F 109 6.12 7.79 -22.05
CA PHE F 109 7.02 8.88 -22.40
C PHE F 109 6.54 10.18 -21.79
N THR F 110 5.23 10.38 -21.82
CA THR F 110 4.62 11.60 -21.30
C THR F 110 4.88 11.71 -19.79
N GLU F 111 4.58 10.63 -19.08
CA GLU F 111 4.85 10.55 -17.66
C GLU F 111 6.31 10.98 -17.39
N ARG F 112 7.22 10.40 -18.17
CA ARG F 112 8.61 10.81 -18.06
C ARG F 112 8.85 12.30 -18.36
N LEU F 113 8.10 12.87 -19.29
CA LEU F 113 8.30 14.27 -19.66
C LEU F 113 7.91 15.19 -18.52
N ILE F 114 6.78 14.87 -17.90
CA ILE F 114 6.24 15.67 -16.82
C ILE F 114 7.23 15.58 -15.66
N GLN F 115 7.60 14.35 -15.33
CA GLN F 115 8.64 14.10 -14.35
C GLN F 115 9.88 14.94 -14.61
N ASN F 116 10.33 14.95 -15.86
CA ASN F 116 11.57 15.63 -16.24
C ASN F 116 11.49 17.12 -16.00
N ALA F 117 10.37 17.73 -16.43
CA ALA F 117 10.18 19.17 -16.25
C ALA F 117 10.17 19.51 -14.75
N ALA F 118 9.55 18.65 -13.94
CA ALA F 118 9.57 18.83 -12.50
C ALA F 118 10.99 18.75 -11.93
N GLU F 119 11.73 17.74 -12.38
CA GLU F 119 13.09 17.50 -11.92
C GLU F 119 14.01 18.67 -12.17
N LEU F 120 13.93 19.23 -13.37
CA LEU F 120 14.89 20.26 -13.78
C LEU F 120 14.60 21.67 -13.28
N ALA F 121 13.38 21.87 -12.77
CA ALA F 121 12.90 23.22 -12.45
C ALA F 121 13.83 24.05 -11.55
N ARG F 122 14.33 23.44 -10.49
CA ARG F 122 15.14 24.16 -9.49
C ARG F 122 16.58 24.31 -9.94
N HIS F 123 16.94 23.64 -11.01
CA HIS F 123 18.33 23.52 -11.40
C HIS F 123 18.86 24.31 -12.60
N TYR F 124 18.00 25.12 -13.22
CA TYR F 124 18.37 25.81 -14.46
C TYR F 124 19.12 27.07 -14.09
N GLN F 125 20.40 27.12 -14.46
CA GLN F 125 21.33 28.04 -13.84
C GLN F 125 21.76 29.17 -14.76
N GLY F 126 22.05 30.32 -14.18
CA GLY F 126 22.68 31.39 -14.92
C GLY F 126 24.17 31.25 -14.72
N ARG F 127 24.96 32.24 -15.15
CA ARG F 127 26.41 32.13 -15.00
C ARG F 127 26.97 33.26 -14.17
N VAL F 128 28.12 33.04 -13.55
CA VAL F 128 28.88 34.14 -13.00
C VAL F 128 30.06 34.32 -13.92
N LEU F 129 30.29 35.56 -14.30
CA LEU F 129 31.24 35.90 -15.35
C LEU F 129 32.43 36.62 -14.75
N GLN F 130 33.57 36.49 -15.40
CA GLN F 130 34.70 37.32 -15.06
C GLN F 130 34.56 38.65 -15.79
N SER F 131 34.64 39.76 -15.06
CA SER F 131 34.57 41.07 -15.70
C SER F 131 35.95 41.51 -16.15
N ASP F 132 36.01 42.20 -17.28
CA ASP F 132 37.27 42.78 -17.76
C ASP F 132 37.60 44.08 -17.03
N SER F 133 36.67 44.57 -16.21
CA SER F 133 36.87 45.77 -15.42
C SER F 133 37.06 45.43 -13.95
N GLU F 134 37.84 46.23 -13.24
CA GLU F 134 37.97 46.02 -11.80
C GLU F 134 36.74 46.52 -11.02
N SER F 135 36.59 46.00 -9.81
CA SER F 135 35.57 46.46 -8.88
C SER F 135 34.17 46.37 -9.51
N THR F 136 33.99 45.38 -10.37
CA THR F 136 32.73 45.12 -11.07
C THR F 136 32.34 43.66 -10.89
N ILE F 137 31.13 43.40 -10.43
CA ILE F 137 30.71 42.02 -10.41
C ILE F 137 29.70 41.81 -11.56
N SER F 138 29.82 40.66 -12.23
CA SER F 138 29.10 40.46 -13.49
C SER F 138 28.47 39.08 -13.57
N VAL F 139 27.15 39.02 -13.68
CA VAL F 139 26.43 37.76 -13.60
C VAL F 139 25.31 37.73 -14.62
N VAL F 140 24.80 36.55 -14.91
CA VAL F 140 23.72 36.38 -15.88
C VAL F 140 22.61 35.54 -15.29
N PHE F 141 21.42 36.13 -15.25
CA PHE F 141 20.19 35.50 -14.75
C PHE F 141 19.35 34.86 -15.87
N LYS F 142 18.65 33.79 -15.53
CA LYS F 142 17.66 33.23 -16.41
C LYS F 142 16.30 33.81 -16.03
N ARG F 143 15.61 34.40 -17.00
CA ARG F 143 14.25 34.85 -16.77
C ARG F 143 13.28 34.19 -17.75
N SER F 144 12.06 33.93 -17.30
CA SER F 144 11.06 33.37 -18.20
C SER F 144 10.63 34.38 -19.28
N LYS F 145 10.18 33.89 -20.42
CA LYS F 145 9.80 34.80 -21.50
C LYS F 145 8.47 35.51 -21.28
N GLY F 146 7.47 34.77 -20.82
CA GLY F 146 6.13 35.33 -20.80
C GLY F 146 5.03 34.31 -20.98
N VAL F 147 3.94 34.74 -21.60
CA VAL F 147 2.96 33.77 -22.05
C VAL F 147 3.48 33.13 -23.33
N VAL F 148 3.51 31.81 -23.30
CA VAL F 148 4.02 31.03 -24.40
C VAL F 148 2.84 30.32 -25.05
N GLY F 149 2.69 30.52 -26.35
CA GLY F 149 1.69 29.77 -27.08
C GLY F 149 2.24 28.42 -27.46
N VAL F 150 1.43 27.38 -27.34
CA VAL F 150 1.86 26.06 -27.75
C VAL F 150 0.81 25.46 -28.67
N ILE F 151 1.28 25.06 -29.84
CA ILE F 151 0.45 24.63 -30.95
C ILE F 151 1.03 23.31 -31.47
N THR F 152 0.20 22.26 -31.45
CA THR F 152 0.70 20.89 -31.50
C THR F 152 -0.04 20.05 -32.53
N PRO F 153 0.54 18.92 -32.94
CA PRO F 153 -0.03 18.12 -34.02
C PRO F 153 -0.90 16.97 -33.53
N TRP F 154 -1.45 16.19 -34.46
CA TRP F 154 -2.38 15.12 -34.13
C TRP F 154 -1.74 13.74 -33.98
N ASN F 155 -0.48 13.61 -34.36
CA ASN F 155 0.15 12.28 -34.42
C ASN F 155 0.58 11.73 -33.07
N TYR F 156 1.28 12.53 -32.30
CA TYR F 156 1.58 12.19 -30.91
C TYR F 156 1.13 13.39 -30.12
N PRO F 157 -0.20 13.56 -30.01
CA PRO F 157 -0.75 14.80 -29.43
C PRO F 157 -0.35 14.95 -27.96
N LEU F 158 -0.34 13.85 -27.24
CA LEU F 158 -0.08 13.88 -25.80
C LEU F 158 1.38 14.21 -25.51
N SER F 159 2.30 13.37 -25.96
CA SER F 159 3.72 13.57 -25.64
C SER F 159 4.29 14.88 -26.18
N ILE F 160 3.96 15.24 -27.42
CA ILE F 160 4.46 16.49 -27.95
C ILE F 160 3.93 17.69 -27.15
N SER F 161 2.61 17.70 -26.94
CA SER F 161 2.00 18.79 -26.19
C SER F 161 2.60 18.86 -24.80
N MET F 162 2.86 17.70 -24.21
CA MET F 162 3.24 17.67 -22.81
C MET F 162 4.69 18.07 -22.64
N LYS F 163 5.51 17.76 -23.63
CA LYS F 163 6.91 18.13 -23.55
C LYS F 163 6.94 19.65 -23.55
N LYS F 164 6.20 20.24 -24.49
CA LYS F 164 6.16 21.71 -24.56
C LYS F 164 5.57 22.38 -23.31
N ILE F 165 4.36 21.95 -22.95
CA ILE F 165 3.63 22.53 -21.83
C ILE F 165 4.38 22.39 -20.49
N ALA F 166 4.80 21.18 -20.17
CA ALA F 166 5.41 20.90 -18.88
C ALA F 166 6.73 21.67 -18.74
N HIS F 167 7.56 21.61 -19.80
CA HIS F 167 8.83 22.29 -19.68
C HIS F 167 8.67 23.81 -19.64
N THR F 168 7.80 24.34 -20.47
CA THR F 168 7.52 25.77 -20.48
C THR F 168 6.98 26.27 -19.13
N LEU F 169 6.06 25.51 -18.54
CA LEU F 169 5.53 25.83 -17.22
C LEU F 169 6.62 25.84 -16.13
N ALA F 170 7.46 24.80 -16.12
CA ALA F 170 8.47 24.63 -15.07
C ALA F 170 9.29 25.87 -14.81
N VAL F 171 9.63 26.53 -15.90
CA VAL F 171 10.67 27.54 -15.86
C VAL F 171 10.12 28.97 -15.67
N GLY F 172 8.80 29.07 -15.45
CA GLY F 172 8.18 30.36 -15.10
C GLY F 172 7.31 31.03 -16.16
N ASN F 173 7.13 30.38 -17.30
CA ASN F 173 6.17 30.86 -18.29
C ASN F 173 4.73 30.48 -18.03
N THR F 174 3.84 31.25 -18.62
CA THR F 174 2.45 30.81 -18.71
C THR F 174 2.12 30.34 -20.14
N VAL F 175 1.15 29.43 -20.22
CA VAL F 175 0.79 28.75 -21.44
C VAL F 175 -0.65 29.02 -21.87
N VAL F 176 -0.82 29.31 -23.15
CA VAL F 176 -2.12 29.10 -23.80
C VAL F 176 -1.88 28.13 -24.95
N TYR F 177 -2.65 27.05 -24.93
CA TYR F 177 -2.42 25.82 -25.67
C TYR F 177 -3.58 25.54 -26.63
N LYS F 178 -3.27 25.44 -27.92
CA LYS F 178 -4.25 25.03 -28.91
C LYS F 178 -3.83 23.70 -29.54
N PRO F 179 -4.55 22.62 -29.23
CA PRO F 179 -4.19 21.30 -29.75
C PRO F 179 -4.57 21.17 -31.22
N ALA F 180 -4.23 20.04 -31.84
CA ALA F 180 -4.60 19.84 -33.24
C ALA F 180 -6.10 19.64 -33.39
N SER F 181 -6.66 20.21 -34.44
CA SER F 181 -8.09 20.07 -34.73
C SER F 181 -8.57 18.61 -34.77
N ASP F 182 -7.67 17.70 -35.14
CA ASP F 182 -8.02 16.29 -35.18
C ASP F 182 -7.83 15.56 -33.85
N THR F 183 -7.24 16.22 -32.86
CA THR F 183 -7.08 15.59 -31.55
C THR F 183 -7.43 16.51 -30.38
N PRO F 184 -8.66 17.06 -30.38
CA PRO F 184 -9.02 18.03 -29.34
C PRO F 184 -9.26 17.43 -27.95
N VAL F 185 -9.70 16.18 -27.88
CA VAL F 185 -10.07 15.58 -26.61
C VAL F 185 -8.84 15.26 -25.78
N THR F 186 -7.77 14.85 -26.46
CA THR F 186 -6.46 14.71 -25.80
C THR F 186 -6.06 16.05 -25.15
N GLY F 187 -6.33 17.15 -25.85
CA GLY F 187 -6.07 18.48 -25.34
C GLY F 187 -6.87 18.70 -24.08
N TRP F 188 -8.14 18.34 -24.17
CA TRP F 188 -9.08 18.57 -23.08
C TRP F 188 -8.71 17.75 -21.84
N LEU F 189 -8.21 16.53 -22.06
CA LEU F 189 -7.77 15.66 -20.99
C LEU F 189 -6.53 16.23 -20.34
N ILE F 190 -5.69 16.86 -21.15
CA ILE F 190 -4.49 17.51 -20.62
C ILE F 190 -4.94 18.61 -19.68
N ALA F 191 -5.95 19.35 -20.10
CA ALA F 191 -6.47 20.44 -19.28
C ALA F 191 -7.17 19.97 -18.00
N GLN F 192 -7.84 18.82 -18.08
CA GLN F 192 -8.43 18.17 -16.92
C GLN F 192 -7.34 17.83 -15.91
N MET F 193 -6.23 17.29 -16.42
CA MET F 193 -5.11 16.96 -15.56
C MET F 193 -4.55 18.22 -14.87
N VAL F 194 -4.29 19.26 -15.65
CA VAL F 194 -3.78 20.50 -15.08
C VAL F 194 -4.71 21.04 -14.00
N ALA F 195 -6.01 21.05 -14.31
CA ALA F 195 -7.04 21.48 -13.37
C ALA F 195 -7.00 20.70 -12.06
N LYS F 196 -6.94 19.37 -12.15
CA LYS F 196 -6.88 18.50 -10.98
C LYS F 196 -5.58 18.69 -10.20
N ALA F 197 -4.55 19.14 -10.88
CA ALA F 197 -3.26 19.35 -10.24
C ALA F 197 -3.31 20.64 -9.41
N GLY F 198 -4.27 21.52 -9.76
CA GLY F 198 -4.55 22.70 -8.97
C GLY F 198 -3.69 23.91 -9.28
N LEU F 199 -3.18 23.97 -10.49
CA LEU F 199 -2.30 25.07 -10.89
C LEU F 199 -3.03 26.39 -10.82
N PRO F 200 -2.32 27.46 -10.45
CA PRO F 200 -2.97 28.77 -10.29
C PRO F 200 -3.70 29.17 -11.56
N LYS F 201 -4.87 29.79 -11.43
CA LYS F 201 -5.71 30.10 -12.57
C LYS F 201 -4.96 30.97 -13.56
N GLY F 202 -5.17 30.71 -14.85
CA GLY F 202 -4.49 31.45 -15.88
C GLY F 202 -3.09 30.95 -16.22
N VAL F 203 -2.48 30.14 -15.36
CA VAL F 203 -1.13 29.64 -15.64
C VAL F 203 -1.14 28.78 -16.90
N PHE F 204 -2.17 27.95 -17.04
CA PHE F 204 -2.32 27.07 -18.19
C PHE F 204 -3.72 27.25 -18.76
N ASN F 205 -3.81 27.44 -20.07
CA ASN F 205 -5.10 27.63 -20.73
C ASN F 205 -5.25 26.75 -21.96
N LEU F 206 -6.42 26.11 -22.12
CA LEU F 206 -6.74 25.37 -23.33
C LEU F 206 -7.82 26.11 -24.09
N VAL F 207 -7.57 26.36 -25.37
CA VAL F 207 -8.62 26.93 -26.22
C VAL F 207 -8.66 26.16 -27.53
N ILE F 208 -9.80 25.53 -27.78
CA ILE F 208 -9.93 24.66 -28.94
C ILE F 208 -10.68 25.37 -30.05
N GLY F 209 -10.02 25.49 -31.20
CA GLY F 209 -10.58 26.16 -32.35
C GLY F 209 -9.61 26.01 -33.51
N PRO F 210 -9.98 26.53 -34.68
CA PRO F 210 -9.16 26.33 -35.87
C PRO F 210 -7.88 27.17 -35.88
N GLY F 211 -6.83 26.60 -36.48
CA GLY F 211 -5.56 27.27 -36.63
C GLY F 211 -5.60 28.68 -37.20
N PRO F 212 -6.30 28.86 -38.34
CA PRO F 212 -6.43 30.19 -38.94
C PRO F 212 -7.08 31.23 -38.02
N VAL F 213 -7.75 30.77 -36.97
CA VAL F 213 -8.42 31.71 -36.09
C VAL F 213 -7.73 31.80 -34.73
N VAL F 214 -7.77 30.70 -33.97
CA VAL F 214 -7.14 30.66 -32.65
C VAL F 214 -5.61 30.81 -32.75
N GLY F 215 -5.01 29.97 -33.58
CA GLY F 215 -3.58 29.99 -33.77
C GLY F 215 -3.08 31.34 -34.25
N GLU F 216 -3.77 31.90 -35.23
CA GLU F 216 -3.41 33.21 -35.77
C GLU F 216 -3.40 34.27 -34.67
N GLU F 217 -4.35 34.19 -33.75
CA GLU F 217 -4.41 35.16 -32.68
C GLU F 217 -3.25 34.93 -31.71
N ILE F 218 -2.99 33.68 -31.36
CA ILE F 218 -1.86 33.36 -30.48
C ILE F 218 -0.53 33.87 -31.05
N VAL F 219 -0.36 33.71 -32.36
CA VAL F 219 0.88 34.09 -33.03
C VAL F 219 1.03 35.59 -33.20
N THR F 220 -0.08 36.29 -33.45
CA THR F 220 0.01 37.72 -33.73
C THR F 220 -0.22 38.65 -32.51
N HIS F 221 -0.70 38.11 -31.40
CA HIS F 221 -1.01 38.92 -30.22
C HIS F 221 0.24 39.53 -29.56
N LYS F 222 0.09 40.76 -29.06
CA LYS F 222 1.21 41.49 -28.48
C LYS F 222 1.69 40.89 -27.16
N ARG F 223 0.82 40.15 -26.49
CA ARG F 223 1.14 39.71 -25.14
C ARG F 223 1.69 38.29 -25.12
N VAL F 224 1.84 37.67 -26.29
CA VAL F 224 2.46 36.35 -26.36
C VAL F 224 3.95 36.52 -26.62
N ALA F 225 4.77 35.95 -25.75
CA ALA F 225 6.20 36.14 -25.79
C ALA F 225 6.88 35.23 -26.81
N HIS F 226 6.40 33.99 -26.84
CA HIS F 226 7.04 32.95 -27.63
C HIS F 226 5.95 32.02 -28.14
N VAL F 227 6.16 31.44 -29.31
CA VAL F 227 5.30 30.35 -29.77
C VAL F 227 6.14 29.09 -30.04
N THR F 228 5.70 27.96 -29.54
CA THR F 228 6.34 26.70 -29.91
C THR F 228 5.36 25.85 -30.73
N PHE F 229 5.73 25.61 -31.97
CA PHE F 229 4.84 25.02 -32.94
C PHE F 229 5.33 23.65 -33.42
N THR F 230 4.41 22.71 -33.56
CA THR F 230 4.72 21.45 -34.21
C THR F 230 3.64 21.13 -35.24
N GLY F 231 4.05 21.00 -36.49
CA GLY F 231 3.12 20.87 -37.59
C GLY F 231 3.84 20.89 -38.93
N GLU F 232 3.14 21.29 -39.98
CA GLU F 232 3.72 21.24 -41.32
C GLU F 232 4.63 22.40 -41.63
N SER F 233 5.65 22.12 -42.45
CA SER F 233 6.68 23.09 -42.85
C SER F 233 6.09 24.42 -43.33
N SER F 234 5.08 24.35 -44.19
CA SER F 234 4.44 25.56 -44.70
C SER F 234 3.83 26.38 -43.56
N THR F 235 3.04 25.70 -42.73
CA THR F 235 2.37 26.36 -41.61
C THR F 235 3.39 27.02 -40.68
N GLY F 236 4.52 26.34 -40.51
CA GLY F 236 5.60 26.84 -39.68
C GLY F 236 6.23 28.09 -40.27
N ARG F 237 6.41 28.11 -41.59
CA ARG F 237 6.92 29.31 -42.24
C ARG F 237 5.96 30.49 -42.10
N GLU F 238 4.65 30.20 -42.14
CA GLU F 238 3.68 31.26 -41.89
C GLU F 238 3.79 31.79 -40.47
N ILE F 239 3.80 30.87 -39.51
CA ILE F 239 3.84 31.24 -38.10
C ILE F 239 5.08 32.08 -37.86
N ALA F 240 6.19 31.62 -38.42
CA ALA F 240 7.46 32.32 -38.35
C ALA F 240 7.37 33.73 -38.92
N ALA F 241 6.77 33.88 -40.10
CA ALA F 241 6.61 35.21 -40.71
C ALA F 241 5.77 36.15 -39.84
N LYS F 242 4.64 35.64 -39.36
CA LYS F 242 3.73 36.44 -38.58
C LYS F 242 4.28 36.81 -37.20
N ALA F 243 5.07 35.93 -36.61
CA ALA F 243 5.65 36.19 -35.29
C ALA F 243 6.50 37.46 -35.33
N ALA F 244 7.03 37.76 -36.51
CA ALA F 244 7.96 38.87 -36.70
C ALA F 244 7.37 40.22 -36.31
N GLY F 245 6.08 40.39 -36.56
CA GLY F 245 5.41 41.65 -36.31
C GLY F 245 5.52 42.11 -34.86
N THR F 246 5.31 41.18 -33.92
CA THR F 246 5.43 41.48 -32.50
C THR F 246 6.78 41.10 -31.93
N LEU F 247 7.69 40.67 -32.80
CA LEU F 247 9.04 40.27 -32.38
C LEU F 247 9.05 39.07 -31.43
N LYS F 248 7.99 38.27 -31.44
CA LYS F 248 7.96 37.11 -30.58
C LYS F 248 8.87 36.05 -31.17
N THR F 249 9.57 35.32 -30.29
CA THR F 249 10.41 34.23 -30.75
C THR F 249 9.58 32.98 -30.96
N VAL F 250 10.24 31.97 -31.49
CA VAL F 250 9.56 30.83 -32.06
C VAL F 250 10.42 29.55 -31.99
N THR F 251 9.78 28.42 -31.71
CA THR F 251 10.39 27.11 -31.80
C THR F 251 9.53 26.37 -32.82
N LEU F 252 10.14 25.73 -33.81
CA LEU F 252 9.38 25.10 -34.89
C LEU F 252 9.86 23.69 -35.16
N GLU F 253 8.97 22.72 -34.96
CA GLU F 253 9.25 21.35 -35.36
C GLU F 253 8.44 21.08 -36.61
N LEU F 254 9.12 21.09 -37.75
CA LEU F 254 8.50 21.04 -39.08
C LEU F 254 8.58 19.68 -39.83
N GLY F 255 9.07 18.65 -39.16
CA GLY F 255 9.06 17.33 -39.75
C GLY F 255 10.37 16.94 -40.42
N GLY F 256 10.43 15.70 -40.89
CA GLY F 256 11.62 15.25 -41.58
C GLY F 256 11.37 14.20 -42.65
N SER F 257 12.41 13.95 -43.44
CA SER F 257 12.43 12.73 -44.19
C SER F 257 13.74 12.05 -43.80
N ASP F 258 13.68 11.14 -42.84
CA ASP F 258 14.89 10.69 -42.19
C ASP F 258 15.49 9.53 -42.98
N PRO F 259 16.80 9.62 -43.24
CA PRO F 259 17.51 8.48 -43.81
C PRO F 259 17.68 7.38 -42.78
N LEU F 260 17.40 6.14 -43.16
CA LEU F 260 17.90 5.00 -42.43
C LEU F 260 18.83 4.28 -43.37
N ILE F 261 20.13 4.34 -43.04
CA ILE F 261 21.18 3.79 -43.88
C ILE F 261 21.65 2.42 -43.38
N ILE F 262 21.65 1.43 -44.24
CA ILE F 262 22.04 0.08 -43.85
C ILE F 262 23.28 -0.38 -44.62
N LEU F 263 24.39 -0.56 -43.92
CA LEU F 263 25.63 -0.94 -44.58
C LEU F 263 25.71 -2.47 -44.71
N ASP F 264 26.75 -2.96 -45.37
CA ASP F 264 26.83 -4.40 -45.73
C ASP F 264 27.34 -5.34 -44.66
N ASP F 265 27.79 -4.80 -43.52
CA ASP F 265 28.37 -5.65 -42.49
C ASP F 265 27.34 -6.02 -41.42
N VAL F 266 26.11 -5.57 -41.61
CA VAL F 266 25.06 -5.75 -40.60
C VAL F 266 24.46 -7.14 -40.51
N ASP F 267 23.78 -7.38 -39.39
CA ASP F 267 22.91 -8.53 -39.28
C ASP F 267 21.71 -8.09 -40.10
N VAL F 268 21.49 -8.76 -41.22
CA VAL F 268 20.50 -8.28 -42.19
C VAL F 268 19.07 -8.46 -41.68
N ASP F 269 18.83 -9.56 -40.98
CA ASP F 269 17.52 -9.82 -40.42
C ASP F 269 17.15 -8.76 -39.38
N TYR F 270 18.10 -8.47 -38.49
CA TYR F 270 17.91 -7.47 -37.47
C TYR F 270 17.69 -6.11 -38.11
N ALA F 271 18.49 -5.83 -39.14
CA ALA F 271 18.37 -4.60 -39.91
C ALA F 271 16.96 -4.43 -40.47
N ALA F 272 16.37 -5.52 -40.97
CA ALA F 272 14.99 -5.46 -41.45
C ALA F 272 13.98 -5.30 -40.33
N ARG F 273 14.16 -6.03 -39.23
CA ARG F 273 13.25 -5.84 -38.10
C ARG F 273 13.23 -4.38 -37.61
N LEU F 274 14.43 -3.83 -37.43
CA LEU F 274 14.59 -2.45 -37.00
C LEU F 274 13.98 -1.52 -38.03
N ALA F 275 14.24 -1.78 -39.31
CA ALA F 275 13.75 -0.91 -40.39
C ALA F 275 12.23 -0.87 -40.40
N VAL F 276 11.60 -2.04 -40.28
CA VAL F 276 10.14 -2.10 -40.23
C VAL F 276 9.62 -1.28 -39.08
N PHE F 277 10.16 -1.49 -37.87
CA PHE F 277 9.72 -0.68 -36.72
C PHE F 277 9.85 0.83 -37.00
N ALA F 278 11.06 1.23 -37.40
CA ALA F 278 11.39 2.64 -37.58
C ALA F 278 10.58 3.33 -38.67
N SER F 279 10.35 2.62 -39.78
CA SER F 279 9.66 3.18 -40.95
C SER F 279 8.15 3.15 -40.83
N LEU F 280 7.63 2.07 -40.27
CA LEU F 280 6.19 1.92 -40.22
C LEU F 280 5.45 2.14 -38.91
N PHE F 281 6.17 2.31 -37.81
CA PHE F 281 5.47 2.49 -36.53
C PHE F 281 4.57 3.72 -36.60
N HIS F 282 3.41 3.61 -35.95
CA HIS F 282 2.34 4.57 -36.08
C HIS F 282 1.98 4.90 -37.55
N GLN F 283 2.05 3.88 -38.41
CA GLN F 283 1.67 3.99 -39.80
C GLN F 283 2.60 4.99 -40.45
N GLY F 284 3.83 5.03 -39.95
CA GLY F 284 4.78 6.04 -40.39
C GLY F 284 4.40 7.50 -40.14
N GLN F 285 3.45 7.79 -39.25
CA GLN F 285 3.16 9.19 -39.05
C GLN F 285 3.90 9.61 -37.79
N ILE F 286 5.16 9.97 -38.00
CA ILE F 286 6.07 10.37 -36.94
C ILE F 286 7.09 11.25 -37.63
N CYS F 287 7.50 12.32 -36.97
CA CYS F 287 8.46 13.25 -37.55
C CYS F 287 9.81 12.58 -37.85
N THR F 288 10.23 11.71 -36.93
CA THR F 288 11.49 10.99 -37.01
C THR F 288 11.35 9.56 -37.54
N SER F 289 10.20 9.27 -38.14
CA SER F 289 10.03 8.01 -38.86
C SER F 289 11.17 7.83 -39.85
N ALA F 290 11.55 6.59 -40.11
CA ALA F 290 12.59 6.40 -41.11
C ALA F 290 11.86 6.33 -42.45
N LYS F 291 11.88 7.46 -43.17
CA LYS F 291 11.03 7.63 -44.34
C LYS F 291 11.74 7.33 -45.66
N ARG F 292 13.06 7.23 -45.59
CA ARG F 292 13.85 6.92 -46.75
C ARG F 292 14.85 5.84 -46.34
N ILE F 293 14.71 4.65 -46.91
CA ILE F 293 15.61 3.56 -46.51
C ILE F 293 16.65 3.33 -47.58
N ILE F 294 17.92 3.33 -47.16
CA ILE F 294 19.06 3.31 -48.07
C ILE F 294 19.98 2.13 -47.74
N VAL F 295 20.07 1.14 -48.64
CA VAL F 295 20.90 -0.05 -48.36
C VAL F 295 22.09 -0.19 -49.26
N HIS F 296 23.17 -0.70 -48.66
CA HIS F 296 24.35 -1.10 -49.42
C HIS F 296 24.01 -2.22 -50.38
N LYS F 297 24.56 -2.10 -51.59
CA LYS F 297 24.32 -3.03 -52.69
C LYS F 297 24.52 -4.48 -52.28
N ALA F 298 25.48 -4.73 -51.39
CA ALA F 298 25.94 -6.09 -51.10
C ALA F 298 24.93 -6.88 -50.27
N VAL F 299 24.20 -6.19 -49.40
CA VAL F 299 23.11 -6.84 -48.68
C VAL F 299 21.72 -6.48 -49.22
N ALA F 300 21.69 -5.69 -50.30
CA ALA F 300 20.43 -5.12 -50.76
C ALA F 300 19.28 -6.12 -51.00
N ASP F 301 19.55 -7.19 -51.75
CA ASP F 301 18.48 -8.16 -52.09
C ASP F 301 17.93 -8.85 -50.85
N LYS F 302 18.83 -9.35 -50.01
CA LYS F 302 18.43 -10.04 -48.80
C LYS F 302 17.69 -9.07 -47.87
N PHE F 303 18.18 -7.84 -47.79
CA PHE F 303 17.48 -6.87 -46.94
C PHE F 303 16.09 -6.58 -47.43
N ILE F 304 15.97 -6.26 -48.71
CA ILE F 304 14.69 -5.92 -49.29
C ILE F 304 13.71 -7.05 -49.07
N GLU F 305 14.19 -8.27 -49.28
CA GLU F 305 13.33 -9.44 -49.17
C GLU F 305 12.85 -9.62 -47.75
N ARG F 306 13.79 -9.64 -46.82
CA ARG F 306 13.47 -9.83 -45.40
C ARG F 306 12.57 -8.71 -44.84
N TYR F 307 12.78 -7.49 -45.33
CA TYR F 307 12.02 -6.34 -44.88
C TYR F 307 10.59 -6.47 -45.35
N VAL F 308 10.43 -6.78 -46.64
CA VAL F 308 9.10 -6.92 -47.22
C VAL F 308 8.40 -8.06 -46.50
N HIS F 309 9.17 -9.11 -46.21
CA HIS F 309 8.68 -10.26 -45.48
C HIS F 309 8.12 -9.88 -44.09
N TYR F 310 8.83 -9.01 -43.37
CA TYR F 310 8.31 -8.57 -42.09
C TYR F 310 7.13 -7.58 -42.23
N VAL F 311 7.17 -6.74 -43.26
CA VAL F 311 6.10 -5.79 -43.48
C VAL F 311 4.80 -6.53 -43.73
N LYS F 312 4.92 -7.63 -44.47
CA LYS F 312 3.78 -8.49 -44.77
C LYS F 312 3.09 -8.99 -43.49
N MET F 313 3.86 -9.14 -42.41
CA MET F 313 3.35 -9.72 -41.16
C MET F 313 2.52 -8.74 -40.35
N LEU F 314 2.54 -7.48 -40.73
CA LEU F 314 1.93 -6.47 -39.89
C LEU F 314 0.42 -6.66 -39.82
N ARG F 315 -0.14 -6.52 -38.62
CA ARG F 315 -1.58 -6.58 -38.44
C ARG F 315 -2.18 -5.18 -38.49
N ILE F 316 -2.95 -4.91 -39.54
CA ILE F 316 -3.69 -3.65 -39.63
C ILE F 316 -5.14 -3.94 -39.29
N ASP F 317 -5.68 -3.24 -38.31
CA ASP F 317 -7.00 -3.54 -37.82
C ASP F 317 -7.50 -2.42 -36.94
N ASP F 318 -8.71 -2.56 -36.43
CA ASP F 318 -9.21 -1.63 -35.44
C ASP F 318 -8.28 -1.66 -34.26
N PRO F 319 -7.63 -0.53 -33.94
CA PRO F 319 -6.70 -0.45 -32.81
C PRO F 319 -7.36 -0.71 -31.43
N ARG F 320 -8.70 -0.63 -31.37
CA ARG F 320 -9.45 -0.97 -30.16
C ARG F 320 -9.64 -2.48 -29.98
N LYS F 321 -9.50 -3.23 -31.08
CA LYS F 321 -9.66 -4.70 -31.08
C LYS F 321 -8.93 -5.38 -29.92
N ASP F 322 -7.61 -5.29 -29.95
CA ASP F 322 -6.77 -5.93 -28.93
C ASP F 322 -5.40 -5.28 -28.88
N GLU F 323 -4.57 -5.75 -27.95
CA GLU F 323 -3.32 -5.07 -27.66
C GLU F 323 -2.23 -5.42 -28.65
N LYS F 324 -2.52 -6.38 -29.53
CA LYS F 324 -1.50 -6.84 -30.47
C LYS F 324 -1.54 -6.27 -31.89
N VAL F 325 -2.48 -5.37 -32.19
CA VAL F 325 -2.55 -4.85 -33.54
C VAL F 325 -1.39 -3.89 -33.82
N ASP F 326 -0.75 -4.09 -34.96
CA ASP F 326 0.49 -3.40 -35.30
C ASP F 326 0.23 -1.99 -35.82
N LEU F 327 -0.78 -1.86 -36.68
CA LEU F 327 -1.11 -0.58 -37.30
C LEU F 327 -2.60 -0.27 -37.24
N GLY F 328 -2.93 0.98 -36.96
CA GLY F 328 -4.29 1.46 -36.95
C GLY F 328 -4.53 2.31 -38.20
N PRO F 329 -5.60 3.10 -38.20
CA PRO F 329 -5.88 3.94 -39.38
C PRO F 329 -4.95 5.14 -39.44
N LEU F 330 -4.93 5.80 -40.60
CA LEU F 330 -4.36 7.13 -40.73
C LEU F 330 -5.36 8.09 -40.09
N ILE F 331 -4.91 9.30 -39.75
CA ILE F 331 -5.76 10.24 -39.00
C ILE F 331 -7.07 10.64 -39.71
N ASN F 332 -7.04 10.74 -41.04
CA ASN F 332 -8.24 11.10 -41.78
C ASN F 332 -8.14 10.74 -43.24
N GLU F 333 -9.21 10.99 -43.99
CA GLU F 333 -9.26 10.65 -45.40
C GLU F 333 -8.26 11.44 -46.25
N ARG F 334 -8.01 12.70 -45.87
CA ARG F 334 -7.05 13.52 -46.60
C ARG F 334 -5.66 12.85 -46.59
N GLN F 335 -5.32 12.22 -45.47
CA GLN F 335 -4.07 11.45 -45.42
C GLN F 335 -4.06 10.29 -46.42
N VAL F 336 -5.16 9.56 -46.49
CA VAL F 336 -5.27 8.42 -47.40
C VAL F 336 -5.09 8.88 -48.84
N ALA F 337 -5.75 9.99 -49.18
CA ALA F 337 -5.70 10.54 -50.52
C ALA F 337 -4.26 10.90 -50.84
N LEU F 338 -3.59 11.54 -49.87
CA LEU F 338 -2.21 11.92 -50.06
C LEU F 338 -1.30 10.71 -50.31
N MET F 339 -1.49 9.65 -49.52
CA MET F 339 -0.69 8.45 -49.71
C MET F 339 -0.95 7.90 -51.10
N LYS F 340 -2.20 8.00 -51.53
CA LYS F 340 -2.54 7.56 -52.89
C LYS F 340 -1.79 8.36 -53.94
N GLU F 341 -1.63 9.66 -53.73
CA GLU F 341 -0.88 10.53 -54.64
C GLU F 341 0.56 10.07 -54.69
N PHE F 342 1.13 9.76 -53.53
CA PHE F 342 2.48 9.22 -53.48
C PHE F 342 2.62 7.92 -54.27
N VAL F 343 1.68 7.00 -54.07
CA VAL F 343 1.70 5.73 -54.80
C VAL F 343 1.58 5.96 -56.32
N ASP F 344 0.60 6.76 -56.73
CA ASP F 344 0.36 7.14 -58.12
C ASP F 344 1.65 7.66 -58.75
N ASP F 345 2.28 8.63 -58.07
CA ASP F 345 3.53 9.20 -58.52
C ASP F 345 4.64 8.15 -58.69
N ALA F 346 4.89 7.35 -57.65
CA ALA F 346 5.92 6.32 -57.73
C ALA F 346 5.69 5.32 -58.86
N VAL F 347 4.43 4.89 -59.02
CA VAL F 347 4.10 3.92 -60.05
C VAL F 347 4.37 4.55 -61.42
N SER F 348 3.94 5.80 -61.58
CA SER F 348 4.10 6.48 -62.86
C SER F 348 5.57 6.70 -63.21
N ARG F 349 6.43 6.80 -62.18
CA ARG F 349 7.85 7.06 -62.38
C ARG F 349 8.67 5.79 -62.55
N GLY F 350 7.99 4.65 -62.62
CA GLY F 350 8.63 3.39 -62.89
C GLY F 350 8.93 2.61 -61.61
N GLY F 351 8.46 3.14 -60.48
CA GLY F 351 8.60 2.44 -59.22
C GLY F 351 7.98 1.06 -59.26
N ARG F 352 8.59 0.14 -58.54
CA ARG F 352 8.08 -1.22 -58.43
C ARG F 352 7.49 -1.40 -57.03
N LEU F 353 6.24 -1.83 -56.98
CA LEU F 353 5.50 -1.86 -55.71
C LEU F 353 5.52 -3.29 -55.21
N LEU F 354 6.33 -3.52 -54.19
CA LEU F 354 6.61 -4.87 -53.71
C LEU F 354 5.52 -5.40 -52.80
N ILE F 355 4.86 -4.50 -52.08
CA ILE F 355 3.79 -4.89 -51.18
C ILE F 355 2.90 -3.68 -50.83
N GLY F 356 1.66 -3.96 -50.44
CA GLY F 356 0.75 -2.93 -49.96
C GLY F 356 0.19 -1.90 -50.92
N GLY F 357 -0.46 -0.89 -50.36
CA GLY F 357 -1.17 0.10 -51.13
C GLY F 357 -2.68 -0.04 -50.98
N ARG F 358 -3.13 -1.16 -50.41
CA ARG F 358 -4.55 -1.37 -50.15
C ARG F 358 -5.06 -0.31 -49.17
N SER F 359 -6.20 0.29 -49.46
CA SER F 359 -6.80 1.18 -48.48
C SER F 359 -8.31 1.00 -48.37
N TRP F 360 -8.81 1.07 -47.15
CA TRP F 360 -10.24 1.05 -46.91
C TRP F 360 -10.51 2.01 -45.77
N GLY F 361 -11.48 2.89 -45.97
CA GLY F 361 -11.74 3.97 -45.04
C GLY F 361 -10.44 4.71 -44.81
N ASN F 362 -10.05 4.90 -43.56
CA ASN F 362 -8.80 5.57 -43.24
C ASN F 362 -7.63 4.63 -43.09
N PHE F 363 -7.89 3.33 -43.25
CA PHE F 363 -6.83 2.34 -43.18
C PHE F 363 -6.04 2.24 -44.48
N PHE F 364 -4.74 2.03 -44.33
CA PHE F 364 -3.84 1.96 -45.48
C PHE F 364 -2.80 0.91 -45.18
N GLU F 365 -2.57 0.02 -46.15
CA GLU F 365 -1.60 -1.04 -45.97
C GLU F 365 -0.25 -0.61 -46.55
N PRO F 366 0.82 -0.66 -45.73
CA PRO F 366 2.07 0.01 -46.09
C PRO F 366 2.57 -0.39 -47.47
N ALA F 367 2.79 0.62 -48.29
CA ALA F 367 3.17 0.40 -49.68
C ALA F 367 4.68 0.56 -49.78
N ILE F 368 5.36 -0.49 -50.24
CA ILE F 368 6.81 -0.46 -50.32
C ILE F 368 7.34 -0.42 -51.76
N PHE F 369 8.09 0.63 -52.07
CA PHE F 369 8.67 0.80 -53.40
C PHE F 369 10.17 0.59 -53.53
N VAL F 370 10.59 -0.03 -54.63
CA VAL F 370 11.99 -0.04 -55.03
C VAL F 370 12.03 0.49 -56.45
N ASP F 371 13.21 0.44 -57.07
CA ASP F 371 13.42 1.07 -58.38
C ASP F 371 12.95 2.52 -58.33
N VAL F 372 13.25 3.19 -57.22
CA VAL F 372 12.93 4.61 -57.09
C VAL F 372 14.18 5.47 -57.36
N ASP F 373 13.97 6.66 -57.90
CA ASP F 373 15.06 7.62 -58.03
C ASP F 373 14.77 8.92 -57.27
N ARG F 374 15.69 9.86 -57.35
CA ARG F 374 15.58 11.10 -56.58
C ARG F 374 14.42 11.96 -57.01
N ASN F 375 13.80 11.62 -58.14
CA ASN F 375 12.71 12.44 -58.65
C ASN F 375 11.33 12.05 -58.13
N PHE F 376 11.26 10.90 -57.46
CA PHE F 376 9.99 10.44 -56.91
C PHE F 376 9.55 11.40 -55.82
N ARG F 377 8.25 11.68 -55.79
CA ARG F 377 7.69 12.47 -54.69
C ARG F 377 7.99 11.88 -53.32
N ILE F 378 8.15 10.56 -53.24
CA ILE F 378 8.41 9.95 -51.95
C ILE F 378 9.87 10.09 -51.55
N MET F 379 10.73 10.46 -52.50
CA MET F 379 12.08 10.88 -52.17
C MET F 379 12.23 12.38 -51.84
N ARG F 380 11.37 13.20 -52.43
CA ARG F 380 11.49 14.65 -52.38
C ARG F 380 10.66 15.33 -51.29
N GLU F 381 9.71 14.61 -50.73
CA GLU F 381 8.76 15.23 -49.82
C GLU F 381 8.71 14.42 -48.56
N GLU F 382 8.28 15.03 -47.47
CA GLU F 382 8.02 14.24 -46.29
C GLU F 382 6.81 13.36 -46.56
N VAL F 383 6.98 12.05 -46.42
CA VAL F 383 5.83 11.20 -46.54
C VAL F 383 5.42 10.82 -45.14
N PHE F 384 4.37 11.47 -44.64
CA PHE F 384 3.96 11.22 -43.29
C PHE F 384 2.78 10.26 -43.34
N GLY F 385 3.11 8.99 -43.33
CA GLY F 385 2.17 7.94 -43.68
C GLY F 385 2.92 6.70 -44.12
N PRO F 386 2.20 5.61 -44.41
CA PRO F 386 2.85 4.33 -44.64
C PRO F 386 3.17 4.02 -46.11
N VAL F 387 3.94 4.89 -46.73
CA VAL F 387 4.48 4.59 -48.04
C VAL F 387 5.99 4.84 -47.96
N ARG F 388 6.80 3.82 -48.25
CA ARG F 388 8.25 3.96 -48.11
C ARG F 388 9.06 3.48 -49.32
N PRO F 389 10.04 4.28 -49.73
CA PRO F 389 11.11 3.87 -50.64
C PRO F 389 12.28 3.12 -49.98
N ILE F 390 12.80 2.15 -50.72
CA ILE F 390 14.10 1.55 -50.43
C ILE F 390 14.99 1.78 -51.67
N VAL F 391 16.03 2.59 -51.49
CA VAL F 391 16.98 2.93 -52.54
C VAL F 391 18.27 2.16 -52.26
N VAL F 392 18.90 1.66 -53.32
CA VAL F 392 20.13 0.88 -53.20
C VAL F 392 21.29 1.76 -53.58
N VAL F 393 22.38 1.69 -52.82
CA VAL F 393 23.56 2.51 -53.10
C VAL F 393 24.79 1.64 -53.13
N GLU F 394 25.79 2.02 -53.91
CA GLU F 394 27.00 1.20 -54.04
C GLU F 394 28.10 1.38 -52.97
N ASN F 395 28.08 2.50 -52.25
CA ASN F 395 29.13 2.77 -51.28
C ASN F 395 28.71 3.79 -50.24
N ASP F 396 29.58 4.06 -49.28
CA ASP F 396 29.24 4.98 -48.19
C ASP F 396 29.01 6.43 -48.68
N ASP F 397 29.78 6.85 -49.68
CA ASP F 397 29.60 8.18 -50.26
C ASP F 397 28.22 8.32 -50.89
N GLN F 398 27.79 7.30 -51.60
CA GLN F 398 26.50 7.34 -52.25
C GLN F 398 25.42 7.34 -51.18
N ALA F 399 25.61 6.51 -50.17
CA ALA F 399 24.69 6.47 -49.05
C ALA F 399 24.51 7.87 -48.42
N VAL F 400 25.61 8.55 -48.17
CA VAL F 400 25.60 9.91 -47.59
C VAL F 400 24.95 10.91 -48.53
N GLU F 401 25.33 10.83 -49.80
CA GLU F 401 24.77 11.68 -50.84
C GLU F 401 23.24 11.55 -50.91
N VAL F 402 22.72 10.33 -50.87
CA VAL F 402 21.27 10.15 -50.88
C VAL F 402 20.65 10.65 -49.57
N ALA F 403 21.24 10.25 -48.44
CA ALA F 403 20.74 10.66 -47.12
C ALA F 403 20.55 12.17 -47.06
N ASN F 404 21.51 12.90 -47.62
CA ASN F 404 21.47 14.35 -47.60
C ASN F 404 20.68 14.97 -48.75
N ASP F 405 20.20 14.15 -49.69
CA ASP F 405 19.53 14.79 -50.80
C ASP F 405 18.05 14.80 -50.44
N THR F 406 17.74 15.83 -49.66
CA THR F 406 16.43 16.08 -49.11
C THR F 406 16.46 17.53 -48.58
N ASP F 407 15.30 18.14 -48.39
CA ASP F 407 15.27 19.48 -47.82
C ASP F 407 15.24 19.38 -46.31
N TYR F 408 15.01 18.18 -45.80
CA TYR F 408 14.77 17.96 -44.38
C TYR F 408 16.05 17.60 -43.65
N GLY F 409 16.15 18.08 -42.42
CA GLY F 409 17.27 17.84 -41.53
C GLY F 409 17.03 17.19 -40.20
N LEU F 410 16.00 16.40 -40.02
CA LEU F 410 15.60 16.12 -38.64
C LEU F 410 16.50 15.12 -37.92
N SER F 411 16.34 13.85 -38.26
CA SER F 411 17.12 12.80 -37.64
C SER F 411 17.69 11.91 -38.73
N GLY F 412 18.22 10.78 -38.33
CA GLY F 412 18.76 9.83 -39.26
C GLY F 412 19.42 8.72 -38.48
N ALA F 413 19.69 7.60 -39.15
CA ALA F 413 20.37 6.50 -38.48
C ALA F 413 21.26 5.74 -39.43
N VAL F 414 22.26 5.07 -38.89
CA VAL F 414 23.07 4.17 -39.69
C VAL F 414 23.27 2.89 -38.93
N LEU F 415 23.26 1.80 -39.70
CA LEU F 415 23.30 0.45 -39.19
C LEU F 415 24.60 -0.15 -39.70
N THR F 416 25.49 -0.46 -38.77
CA THR F 416 26.78 -1.04 -39.11
C THR F 416 27.56 -1.34 -37.84
N ASN F 417 28.52 -2.24 -37.96
CA ASN F 417 29.41 -2.55 -36.84
C ASN F 417 30.74 -1.85 -36.95
N ASN F 418 30.93 -1.14 -38.06
CA ASN F 418 32.21 -0.49 -38.30
C ASN F 418 32.28 0.90 -37.68
N VAL F 419 33.16 1.07 -36.69
CA VAL F 419 33.26 2.32 -35.96
C VAL F 419 33.58 3.51 -36.88
N ASN F 420 34.56 3.33 -37.75
CA ASN F 420 34.89 4.35 -38.75
C ASN F 420 33.76 4.74 -39.69
N ARG F 421 33.15 3.75 -40.35
CA ARG F 421 32.04 4.01 -41.26
C ARG F 421 30.86 4.64 -40.49
N ALA F 422 30.61 4.14 -39.28
CA ALA F 422 29.53 4.67 -38.45
C ALA F 422 29.74 6.16 -38.13
N PHE F 423 30.94 6.50 -37.67
CA PHE F 423 31.25 7.88 -37.32
C PHE F 423 31.31 8.81 -38.53
N ARG F 424 31.94 8.35 -39.62
CA ARG F 424 32.04 9.16 -40.84
C ARG F 424 30.67 9.45 -41.42
N ILE F 425 29.81 8.44 -41.44
CA ILE F 425 28.46 8.65 -41.91
C ILE F 425 27.69 9.56 -40.94
N ALA F 426 27.80 9.33 -39.64
CA ALA F 426 27.09 10.20 -38.67
C ALA F 426 27.51 11.66 -38.83
N GLU F 427 28.81 11.88 -38.99
CA GLU F 427 29.33 13.22 -39.16
C GLU F 427 28.89 13.85 -40.48
N ALA F 428 28.83 13.06 -41.55
CA ALA F 428 28.51 13.62 -42.88
C ALA F 428 27.03 13.89 -43.13
N VAL F 429 26.15 13.19 -42.42
CA VAL F 429 24.71 13.35 -42.63
C VAL F 429 24.25 14.62 -41.96
N GLU F 430 23.50 15.44 -42.71
CA GLU F 430 23.10 16.74 -42.19
C GLU F 430 21.74 16.63 -41.52
N SER F 431 21.76 16.55 -40.19
CA SER F 431 20.52 16.41 -39.43
C SER F 431 20.74 16.85 -37.99
N GLY F 432 19.66 17.19 -37.30
CA GLY F 432 19.77 17.69 -35.95
C GLY F 432 20.07 16.57 -34.98
N MET F 433 19.74 15.36 -35.39
CA MET F 433 19.90 14.17 -34.56
C MET F 433 20.39 13.00 -35.42
N PHE F 434 21.12 12.08 -34.80
CA PHE F 434 21.60 10.90 -35.47
C PHE F 434 21.77 9.74 -34.51
N HIS F 435 21.54 8.52 -35.01
CA HIS F 435 21.61 7.35 -34.15
C HIS F 435 22.33 6.19 -34.80
N ILE F 436 23.36 5.70 -34.14
CA ILE F 436 24.11 4.58 -34.67
C ILE F 436 23.55 3.29 -34.08
N ASN F 437 23.12 2.41 -34.99
CA ASN F 437 22.53 1.12 -34.64
C ASN F 437 21.24 1.20 -33.81
N ASP F 438 20.45 2.24 -34.05
CA ASP F 438 19.11 2.27 -33.47
C ASP F 438 18.12 2.87 -34.45
N VAL F 439 16.87 3.01 -34.00
CA VAL F 439 15.84 3.62 -34.82
C VAL F 439 16.11 5.11 -35.00
N THR F 440 15.55 5.69 -36.06
CA THR F 440 15.71 7.11 -36.33
C THR F 440 14.94 7.94 -35.30
N PHE F 441 13.88 7.35 -34.76
CA PHE F 441 12.96 8.06 -33.87
C PHE F 441 13.29 8.04 -32.35
N LEU F 442 14.50 7.61 -31.99
CA LEU F 442 14.92 7.65 -30.57
C LEU F 442 14.64 9.03 -30.00
N GLU F 443 13.99 9.03 -28.84
CA GLU F 443 13.69 10.28 -28.17
C GLU F 443 13.78 10.12 -26.65
N GLU F 444 14.40 11.09 -26.01
CA GLU F 444 14.51 11.09 -24.57
C GLU F 444 13.96 12.41 -24.06
N SER F 445 13.56 12.45 -22.79
CA SER F 445 12.92 13.64 -22.25
C SER F 445 13.86 14.83 -22.08
N HIS F 446 15.14 14.54 -21.82
CA HIS F 446 16.14 15.57 -21.52
C HIS F 446 17.13 15.95 -22.62
N VAL F 447 16.93 15.49 -23.84
CA VAL F 447 17.94 15.67 -24.88
C VAL F 447 17.47 16.71 -25.89
N PRO F 448 18.41 17.40 -26.55
CA PRO F 448 17.92 18.36 -27.54
C PRO F 448 17.25 17.64 -28.73
N PHE F 449 16.00 17.95 -28.99
CA PHE F 449 15.26 17.32 -30.07
C PHE F 449 14.88 18.38 -31.08
N GLY F 450 15.24 18.16 -32.34
CA GLY F 450 14.97 19.14 -33.37
C GLY F 450 15.96 18.98 -34.50
N GLY F 451 15.89 19.86 -35.47
CA GLY F 451 16.63 19.62 -36.68
C GLY F 451 17.11 20.88 -37.34
N ILE F 452 17.70 20.69 -38.51
CA ILE F 452 18.24 21.76 -39.31
C ILE F 452 17.49 21.73 -40.65
N LYS F 453 17.95 22.54 -41.61
CA LYS F 453 17.30 22.68 -42.90
C LYS F 453 15.78 22.94 -42.79
N ALA F 454 14.96 22.24 -43.56
CA ALA F 454 13.52 22.54 -43.56
C ALA F 454 12.81 22.00 -42.31
N SER F 455 13.51 21.22 -41.52
CA SER F 455 12.90 20.55 -40.39
C SER F 455 12.55 21.50 -39.24
N GLY F 456 13.22 22.63 -39.15
CA GLY F 456 12.79 23.62 -38.17
C GLY F 456 13.88 24.42 -37.46
N VAL F 457 13.46 25.01 -36.34
CA VAL F 457 14.27 25.93 -35.57
C VAL F 457 14.12 25.59 -34.08
N GLY F 458 15.23 25.47 -33.36
CA GLY F 458 15.16 25.24 -31.93
C GLY F 458 15.25 23.80 -31.47
N ARG F 459 15.37 23.62 -30.16
CA ARG F 459 15.48 22.28 -29.59
C ARG F 459 14.54 22.16 -28.38
N GLU F 460 13.87 21.03 -28.28
CA GLU F 460 13.01 20.82 -27.14
C GLU F 460 13.38 19.56 -26.36
N GLY F 461 12.92 19.53 -25.12
CA GLY F 461 13.27 18.54 -24.11
C GLY F 461 14.27 19.12 -23.11
N GLY F 462 14.00 18.84 -21.85
CA GLY F 462 14.81 19.30 -20.74
C GLY F 462 15.21 20.76 -20.76
N GLU F 463 16.48 20.96 -20.48
CA GLU F 463 17.01 22.30 -20.44
C GLU F 463 16.98 22.98 -21.80
N TRP F 464 16.95 22.20 -22.88
CA TRP F 464 16.81 22.84 -24.20
C TRP F 464 15.46 23.56 -24.35
N SER F 465 14.40 22.94 -23.84
CA SER F 465 13.09 23.57 -23.75
C SER F 465 13.14 24.78 -22.82
N PHE F 466 13.77 24.62 -21.65
CA PHE F 466 13.94 25.75 -20.73
C PHE F 466 14.54 26.92 -21.49
N HIS F 467 15.63 26.62 -22.18
CA HIS F 467 16.31 27.58 -23.03
C HIS F 467 15.41 28.29 -24.06
N GLU F 468 14.61 27.52 -24.77
CA GLU F 468 13.72 28.08 -25.78
C GLU F 468 12.76 29.09 -25.13
N THR F 469 12.31 28.76 -23.93
CA THR F 469 11.33 29.61 -23.24
C THR F 469 11.88 30.59 -22.20
N THR F 470 13.19 30.77 -22.16
CA THR F 470 13.79 31.76 -21.26
C THR F 470 14.76 32.70 -21.97
N TYR F 471 15.17 33.76 -21.28
CA TYR F 471 16.21 34.63 -21.79
C TYR F 471 17.29 34.91 -20.75
N ASP F 472 18.44 35.34 -21.25
CA ASP F 472 19.59 35.69 -20.43
C ASP F 472 19.51 37.15 -20.07
N ARG F 473 19.61 37.44 -18.78
CA ARG F 473 19.62 38.81 -18.31
C ARG F 473 20.98 39.13 -17.66
N TRP F 474 21.78 39.93 -18.36
CA TRP F 474 23.10 40.31 -17.87
C TRP F 474 22.95 41.44 -16.86
N VAL F 475 23.46 41.21 -15.65
CA VAL F 475 23.41 42.22 -14.59
C VAL F 475 24.81 42.47 -14.00
N THR F 476 25.15 43.73 -13.78
CA THR F 476 26.42 44.08 -13.15
C THR F 476 26.25 44.96 -11.91
N VAL F 477 27.29 44.99 -11.09
CA VAL F 477 27.37 45.92 -9.97
C VAL F 477 28.73 46.57 -10.03
N THR F 478 28.80 47.89 -10.05
CA THR F 478 30.12 48.49 -10.05
C THR F 478 30.43 49.06 -8.66
N LEU F 479 31.53 48.59 -8.07
CA LEU F 479 31.78 48.88 -6.66
C LEU F 479 32.67 50.09 -6.42
N ARG F 480 33.26 50.62 -7.48
CA ARG F 480 34.11 51.78 -7.34
C ARG F 480 33.72 52.87 -8.32
N THR F 481 34.17 54.08 -8.03
CA THR F 481 33.79 55.26 -8.78
C THR F 481 34.75 55.50 -9.93
N ARG F 482 34.20 55.82 -11.09
CA ARG F 482 34.98 55.97 -12.30
C ARG F 482 34.93 57.44 -12.76
N ARG F 483 35.94 57.86 -13.52
CA ARG F 483 35.97 59.14 -14.21
C ARG F 483 35.56 58.94 -15.68
N PHE F 484 34.91 59.92 -16.29
CA PHE F 484 34.33 59.73 -17.61
C PHE F 484 35.00 60.59 -18.67
N PRO F 485 34.94 60.16 -19.94
CA PRO F 485 35.64 60.89 -21.00
C PRO F 485 35.02 62.24 -21.37
N ILE F 486 33.73 62.42 -21.10
CA ILE F 486 33.08 63.70 -21.32
C ILE F 486 32.42 64.22 -20.04
N PRO F 487 32.42 65.55 -19.86
CA PRO F 487 33.14 66.51 -20.70
C PRO F 487 34.63 66.44 -20.45
N SER F 488 35.44 66.60 -21.50
CA SER F 488 36.88 66.53 -21.36
C SER F 488 37.47 67.65 -20.49
N ALA F 489 36.86 68.82 -20.52
CA ALA F 489 37.38 69.97 -19.78
C ALA F 489 37.31 69.75 -18.26
N LEU F 490 36.60 68.68 -17.89
CA LEU F 490 36.24 68.41 -16.51
C LEU F 490 37.27 67.69 -15.64
N LYS F 491 37.32 68.12 -14.37
CA LYS F 491 38.12 67.53 -13.31
C LYS F 491 37.72 66.08 -13.08
N LYS G 8 74.72 30.95 -16.02
CA LYS G 8 74.85 30.73 -14.57
C LYS G 8 73.49 30.44 -13.92
N VAL G 9 73.23 29.18 -13.59
CA VAL G 9 71.91 28.78 -13.12
C VAL G 9 71.68 29.15 -11.66
N ALA G 10 70.56 29.84 -11.39
CA ALA G 10 70.19 30.24 -10.03
C ALA G 10 68.70 30.07 -9.71
N ASN G 11 68.37 30.19 -8.43
CA ASN G 11 66.97 30.32 -8.03
C ASN G 11 66.34 31.61 -8.60
N TYR G 12 65.01 31.65 -8.68
CA TYR G 12 64.31 32.91 -8.97
C TYR G 12 63.25 33.13 -7.90
N ILE G 13 63.51 34.09 -7.02
CA ILE G 13 62.66 34.31 -5.86
C ILE G 13 62.32 35.79 -5.80
N ASN G 14 61.03 36.08 -5.69
CA ASN G 14 60.54 37.44 -5.53
C ASN G 14 61.17 38.38 -6.54
N GLY G 15 61.09 38.00 -7.82
CA GLY G 15 61.51 38.84 -8.91
C GLY G 15 62.98 38.81 -9.26
N GLU G 16 63.77 38.11 -8.46
CA GLU G 16 65.22 38.20 -8.57
C GLU G 16 65.89 36.84 -8.77
N PHE G 17 66.80 36.75 -9.74
CA PHE G 17 67.63 35.56 -9.88
C PHE G 17 68.76 35.60 -8.87
N LYS G 18 68.86 34.56 -8.03
CA LYS G 18 69.81 34.58 -6.92
C LYS G 18 70.26 33.21 -6.42
N GLU G 19 71.34 33.24 -5.66
CA GLU G 19 71.98 32.07 -5.08
C GLU G 19 71.22 31.50 -3.88
N PRO G 20 71.33 30.18 -3.68
CA PRO G 20 70.75 29.58 -2.48
C PRO G 20 71.33 30.26 -1.24
N SER G 21 70.54 30.30 -0.17
CA SER G 21 70.94 30.92 1.08
C SER G 21 72.33 30.43 1.49
N THR G 22 72.53 29.11 1.41
CA THR G 22 73.76 28.44 1.83
C THR G 22 74.95 28.57 0.88
N GLY G 23 74.68 28.91 -0.38
CA GLY G 23 75.73 28.98 -1.39
C GLY G 23 75.96 27.63 -2.06
N ALA G 24 75.48 26.57 -1.42
CA ALA G 24 75.60 25.19 -1.89
C ALA G 24 75.09 24.95 -3.32
N PHE G 25 75.90 24.29 -4.12
CA PHE G 25 75.51 23.94 -5.48
C PHE G 25 75.84 22.48 -5.76
N GLN G 26 75.30 21.97 -6.86
CA GLN G 26 75.58 20.63 -7.35
C GLN G 26 75.88 20.76 -8.83
N VAL G 27 76.40 19.70 -9.43
CA VAL G 27 76.64 19.76 -10.86
C VAL G 27 75.66 18.90 -11.61
N LYS G 28 74.95 19.52 -12.54
CA LYS G 28 74.08 18.81 -13.46
C LYS G 28 74.89 18.38 -14.67
N THR G 29 74.91 17.06 -14.81
CA THR G 29 75.62 16.35 -15.86
C THR G 29 74.62 15.75 -16.83
N SER G 30 74.99 15.72 -18.11
CA SER G 30 74.19 15.14 -19.18
C SER G 30 73.87 13.67 -18.98
N PRO G 31 72.60 13.31 -19.20
CA PRO G 31 72.24 11.89 -19.29
C PRO G 31 73.06 11.14 -20.36
N VAL G 32 73.57 11.85 -21.35
CA VAL G 32 74.22 11.22 -22.49
C VAL G 32 75.63 10.73 -22.18
N ASP G 33 76.57 11.65 -22.03
CA ASP G 33 77.96 11.33 -21.73
C ASP G 33 78.45 11.65 -20.31
N GLY G 34 77.57 12.14 -19.45
CA GLY G 34 78.02 12.57 -18.14
C GLY G 34 78.76 13.90 -18.17
N SER G 35 78.76 14.59 -19.31
CA SER G 35 79.37 15.92 -19.40
C SER G 35 78.68 16.89 -18.47
N LYS G 36 79.44 17.83 -17.92
CA LYS G 36 78.87 18.90 -17.12
C LYS G 36 77.95 19.71 -18.00
N ILE G 37 76.75 19.98 -17.51
CA ILE G 37 75.87 20.92 -18.16
C ILE G 37 75.96 22.25 -17.43
N ALA G 38 75.65 22.23 -16.14
CA ALA G 38 75.87 23.43 -15.35
C ALA G 38 75.97 23.16 -13.85
N GLU G 39 76.57 24.09 -13.11
CA GLU G 39 76.41 24.11 -11.65
C GLU G 39 75.03 24.69 -11.37
N VAL G 40 74.28 24.08 -10.47
CA VAL G 40 72.95 24.57 -10.19
C VAL G 40 72.77 24.60 -8.68
N PRO G 41 71.90 25.49 -8.19
CA PRO G 41 71.67 25.61 -6.75
C PRO G 41 71.34 24.28 -6.09
N ARG G 42 71.85 24.07 -4.87
CA ARG G 42 71.28 23.04 -4.04
C ARG G 42 70.69 23.77 -2.86
N SER G 43 69.37 23.93 -2.87
CA SER G 43 68.74 24.90 -1.97
C SER G 43 68.28 24.19 -0.74
N GLY G 44 67.64 24.92 0.14
CA GLY G 44 67.32 24.40 1.46
C GLY G 44 66.02 24.99 1.94
N ARG G 45 65.65 24.67 3.17
CA ARG G 45 64.37 25.07 3.71
C ARG G 45 64.18 26.59 3.65
N GLU G 46 65.27 27.33 3.86
CA GLU G 46 65.18 28.79 3.92
C GLU G 46 64.84 29.41 2.56
N ASP G 47 65.48 28.92 1.52
CA ASP G 47 65.16 29.34 0.17
C ASP G 47 63.71 29.04 -0.15
N ALA G 48 63.24 27.88 0.31
CA ALA G 48 61.87 27.48 0.09
C ALA G 48 60.93 28.47 0.78
N ARG G 49 61.23 28.79 2.04
CA ARG G 49 60.39 29.67 2.82
C ARG G 49 60.37 31.08 2.23
N GLU G 50 61.52 31.53 1.76
CA GLU G 50 61.62 32.82 1.11
C GLU G 50 60.71 32.86 -0.10
N ALA G 51 60.80 31.84 -0.95
CA ALA G 51 59.97 31.78 -2.14
C ALA G 51 58.48 31.75 -1.79
N ILE G 52 58.14 30.96 -0.78
CA ILE G 52 56.75 30.83 -0.34
C ILE G 52 56.19 32.14 0.20
N ASP G 53 56.88 32.75 1.17
CA ASP G 53 56.56 34.08 1.66
C ASP G 53 56.39 35.10 0.54
N SER G 54 57.28 35.05 -0.47
CA SER G 54 57.21 35.96 -1.62
C SER G 54 55.94 35.72 -2.45
N ALA G 55 55.62 34.46 -2.69
CA ALA G 55 54.38 34.14 -3.38
C ALA G 55 53.15 34.53 -2.55
N PHE G 56 53.27 34.46 -1.23
CA PHE G 56 52.16 34.78 -0.36
C PHE G 56 51.89 36.29 -0.39
N GLU G 57 52.96 37.06 -0.30
CA GLU G 57 52.90 38.50 -0.40
C GLU G 57 52.39 38.98 -1.76
N ALA G 58 52.75 38.26 -2.82
CA ALA G 58 52.38 38.72 -4.15
C ALA G 58 50.92 38.39 -4.45
N LEU G 59 50.34 37.55 -3.59
CA LEU G 59 49.07 36.88 -3.87
C LEU G 59 47.84 37.79 -4.03
N LYS G 60 47.60 38.69 -3.08
CA LYS G 60 46.38 39.48 -3.15
C LYS G 60 46.35 40.34 -4.40
N ALA G 61 47.45 41.03 -4.67
CA ALA G 61 47.57 41.87 -5.87
C ALA G 61 47.39 41.07 -7.17
N TRP G 62 47.82 39.81 -7.16
CA TRP G 62 47.74 38.95 -8.36
C TRP G 62 46.35 38.33 -8.55
N ALA G 63 45.72 37.93 -7.45
CA ALA G 63 44.39 37.35 -7.46
C ALA G 63 43.30 38.40 -7.74
N ASN G 64 43.55 39.62 -7.29
CA ASN G 64 42.54 40.67 -7.34
C ASN G 64 42.39 41.41 -8.67
N ILE G 65 43.49 41.57 -9.42
CA ILE G 65 43.39 42.16 -10.75
C ILE G 65 42.43 41.34 -11.61
N PRO G 66 41.85 41.96 -12.65
CA PRO G 66 40.94 41.12 -13.44
C PRO G 66 41.70 40.09 -14.27
N ALA G 67 41.00 39.02 -14.60
CA ALA G 67 41.57 37.89 -15.33
C ALA G 67 42.32 38.34 -16.59
N ILE G 68 41.84 39.39 -17.25
CA ILE G 68 42.42 39.84 -18.52
C ILE G 68 43.86 40.33 -18.37
N ARG G 69 44.22 40.84 -17.19
CA ARG G 69 45.60 41.27 -16.97
C ARG G 69 46.52 40.05 -16.86
N ARG G 70 46.08 39.06 -16.09
CA ARG G 70 46.81 37.80 -16.00
C ARG G 70 46.95 37.17 -17.38
N ALA G 71 45.87 37.19 -18.16
CA ALA G 71 45.89 36.63 -19.51
C ALA G 71 46.92 37.34 -20.36
N GLU G 72 46.94 38.68 -20.28
CA GLU G 72 47.94 39.50 -20.95
C GLU G 72 49.34 39.02 -20.62
N TYR G 73 49.59 38.83 -19.32
CA TYR G 73 50.88 38.32 -18.86
C TYR G 73 51.23 36.95 -19.49
N LEU G 74 50.24 36.06 -19.57
CA LEU G 74 50.48 34.75 -20.14
C LEU G 74 50.74 34.86 -21.63
N TYR G 75 50.13 35.84 -22.28
CA TYR G 75 50.36 36.01 -23.71
C TYR G 75 51.78 36.51 -23.91
N LYS G 76 52.23 37.33 -22.96
CA LYS G 76 53.61 37.81 -22.97
C LYS G 76 54.57 36.63 -22.78
N MET G 77 54.20 35.70 -21.91
CA MET G 77 54.95 34.46 -21.72
C MET G 77 54.98 33.64 -22.99
N LEU G 78 53.86 33.50 -23.69
CA LEU G 78 53.83 32.82 -24.97
C LEU G 78 54.85 33.46 -25.92
N GLU G 79 54.91 34.78 -25.91
CA GLU G 79 55.80 35.48 -26.83
C GLU G 79 57.28 35.19 -26.52
N VAL G 80 57.63 35.34 -25.25
CA VAL G 80 58.97 35.02 -24.82
C VAL G 80 59.30 33.54 -25.12
N PHE G 81 58.39 32.65 -24.76
CA PHE G 81 58.58 31.23 -24.98
C PHE G 81 58.87 30.89 -26.44
N ARG G 82 58.13 31.51 -27.36
CA ARG G 82 58.45 31.35 -28.76
C ARG G 82 59.85 31.86 -29.10
N GLN G 83 60.32 32.88 -28.39
CA GLN G 83 61.72 33.30 -28.62
C GLN G 83 62.71 32.25 -28.15
N MET G 84 62.30 31.44 -27.17
CA MET G 84 63.22 30.54 -26.49
C MET G 84 63.21 29.07 -26.95
N LYS G 85 62.40 28.75 -27.95
CA LYS G 85 62.21 27.37 -28.41
C LYS G 85 63.49 26.53 -28.60
N GLU G 86 64.38 26.97 -29.48
CA GLU G 86 65.67 26.30 -29.68
C GLU G 86 66.39 26.00 -28.36
N ASP G 87 66.46 26.98 -27.46
CA ASP G 87 67.15 26.79 -26.17
C ASP G 87 66.45 25.74 -25.30
N PHE G 88 65.12 25.77 -25.33
CA PHE G 88 64.34 24.81 -24.57
C PHE G 88 64.60 23.39 -25.10
N MET G 89 64.67 23.28 -26.41
CA MET G 89 64.99 22.03 -27.07
C MET G 89 66.39 21.52 -26.68
N LYS G 90 67.40 22.37 -26.86
CA LYS G 90 68.77 22.05 -26.48
C LYS G 90 68.86 21.49 -25.09
N ILE G 91 68.24 22.17 -24.13
CA ILE G 91 68.33 21.66 -22.77
C ILE G 91 67.51 20.39 -22.57
N LEU G 92 66.38 20.28 -23.26
CA LEU G 92 65.55 19.08 -23.14
C LEU G 92 66.36 17.83 -23.59
N THR G 93 67.07 17.98 -24.70
CA THR G 93 67.91 16.93 -25.22
C THR G 93 69.13 16.65 -24.32
N VAL G 94 69.93 17.66 -24.05
CA VAL G 94 71.21 17.39 -23.41
C VAL G 94 71.07 17.14 -21.91
N GLU G 95 70.13 17.84 -21.29
CA GLU G 95 69.84 17.62 -19.88
C GLU G 95 68.91 16.42 -19.63
N GLY G 96 67.93 16.21 -20.50
CA GLY G 96 66.95 15.16 -20.27
C GLY G 96 67.03 13.98 -21.21
N GLY G 97 67.92 14.04 -22.20
CA GLY G 97 68.09 12.91 -23.09
C GLY G 97 66.97 12.70 -24.09
N GLY G 98 66.18 13.72 -24.35
CA GLY G 98 65.11 13.58 -25.33
C GLY G 98 65.67 13.64 -26.74
N THR G 99 65.13 12.83 -27.64
CA THR G 99 65.51 12.95 -29.03
C THR G 99 64.96 14.24 -29.59
N TYR G 100 65.48 14.65 -30.75
CA TYR G 100 64.96 15.83 -31.44
C TYR G 100 63.44 15.81 -31.57
N ARG G 101 62.87 14.71 -32.06
CA ARG G 101 61.42 14.70 -32.31
C ARG G 101 60.61 14.73 -31.00
N LYS G 102 61.15 14.13 -29.95
CA LYS G 102 60.48 14.22 -28.66
C LYS G 102 60.52 15.64 -28.11
N VAL G 103 61.65 16.33 -28.25
CA VAL G 103 61.78 17.67 -27.64
C VAL G 103 61.02 18.72 -28.45
N TRP G 104 61.03 18.55 -29.77
CA TRP G 104 60.23 19.39 -30.66
C TRP G 104 58.78 19.23 -30.29
N GLY G 105 58.29 18.00 -30.24
CA GLY G 105 56.96 17.74 -29.73
C GLY G 105 56.69 18.41 -28.38
N GLU G 106 57.60 18.27 -27.42
CA GLU G 106 57.36 18.81 -26.07
C GLU G 106 57.23 20.33 -26.11
N VAL G 107 58.13 20.95 -26.87
CA VAL G 107 58.13 22.40 -27.04
C VAL G 107 56.83 22.91 -27.71
N VAL G 108 56.46 22.31 -28.85
CA VAL G 108 55.21 22.61 -29.54
C VAL G 108 54.05 22.52 -28.55
N PHE G 109 54.01 21.40 -27.81
CA PHE G 109 52.94 21.21 -26.85
C PHE G 109 52.96 22.28 -25.75
N THR G 110 54.15 22.76 -25.42
CA THR G 110 54.29 23.69 -24.31
C THR G 110 53.74 25.05 -24.72
N GLU G 111 54.10 25.47 -25.93
CA GLU G 111 53.51 26.63 -26.57
C GLU G 111 51.98 26.53 -26.51
N ARG G 112 51.46 25.36 -26.86
CA ARG G 112 50.02 25.20 -26.80
C ARG G 112 49.47 25.30 -25.38
N LEU G 113 50.22 24.79 -24.41
CA LEU G 113 49.78 24.82 -23.03
C LEU G 113 49.70 26.26 -22.49
N ILE G 114 50.67 27.07 -22.89
CA ILE G 114 50.72 28.44 -22.41
C ILE G 114 49.56 29.21 -23.02
N GLN G 115 49.47 29.10 -24.35
CA GLN G 115 48.38 29.71 -25.08
C GLN G 115 47.04 29.33 -24.46
N ASN G 116 46.85 28.04 -24.20
CA ASN G 116 45.62 27.54 -23.57
C ASN G 116 45.30 28.23 -22.24
N ALA G 117 46.29 28.32 -21.34
CA ALA G 117 46.06 28.99 -20.06
C ALA G 117 45.59 30.43 -20.28
N ALA G 118 46.30 31.12 -21.17
CA ALA G 118 46.02 32.51 -21.49
C ALA G 118 44.60 32.65 -22.01
N GLU G 119 44.21 31.76 -22.92
CA GLU G 119 42.89 31.78 -23.56
C GLU G 119 41.77 31.58 -22.58
N LEU G 120 42.02 30.73 -21.60
CA LEU G 120 40.92 30.37 -20.71
C LEU G 120 40.80 31.28 -19.48
N ALA G 121 41.83 32.07 -19.19
CA ALA G 121 41.80 32.85 -17.95
C ALA G 121 40.51 33.69 -17.70
N ARG G 122 40.01 34.38 -18.73
CA ARG G 122 38.87 35.29 -18.62
C ARG G 122 37.52 34.59 -18.60
N HIS G 123 37.52 33.32 -18.99
CA HIS G 123 36.29 32.55 -19.18
C HIS G 123 35.88 31.56 -18.10
N TYR G 124 36.61 31.52 -16.99
CA TYR G 124 36.30 30.51 -16.00
C TYR G 124 35.16 31.06 -15.14
N GLN G 125 34.00 30.39 -15.22
CA GLN G 125 32.73 30.94 -14.76
C GLN G 125 32.24 30.33 -13.46
N GLY G 126 31.54 31.13 -12.66
CA GLY G 126 30.78 30.58 -11.54
C GLY G 126 29.36 30.32 -12.00
N ARG G 127 28.43 30.16 -11.07
CA ARG G 127 27.05 29.85 -11.45
C ARG G 127 26.01 30.74 -10.76
N VAL G 128 24.96 31.14 -11.49
CA VAL G 128 23.83 31.76 -10.82
C VAL G 128 22.81 30.68 -10.57
N LEU G 129 22.37 30.60 -9.32
CA LEU G 129 21.55 29.51 -8.83
C LEU G 129 20.12 29.93 -8.57
N GLN G 130 19.20 28.99 -8.72
CA GLN G 130 17.85 29.15 -8.22
C GLN G 130 17.80 28.89 -6.72
N SER G 131 17.29 29.86 -5.96
CA SER G 131 17.09 29.66 -4.53
C SER G 131 15.73 29.05 -4.22
N ASP G 132 15.71 28.15 -3.24
CA ASP G 132 14.46 27.56 -2.75
C ASP G 132 13.76 28.50 -1.77
N SER G 133 14.37 29.67 -1.52
CA SER G 133 13.79 30.65 -0.63
C SER G 133 13.33 31.88 -1.37
N GLU G 134 12.31 32.54 -0.82
CA GLU G 134 11.81 33.81 -1.32
C GLU G 134 12.91 34.87 -1.26
N SER G 135 12.87 35.79 -2.22
CA SER G 135 13.63 37.04 -2.15
C SER G 135 15.09 36.83 -1.81
N THR G 136 15.65 35.76 -2.37
CA THR G 136 17.03 35.39 -2.14
C THR G 136 17.70 35.28 -3.48
N ILE G 137 18.80 35.99 -3.66
CA ILE G 137 19.65 35.75 -4.82
C ILE G 137 20.86 34.92 -4.40
N SER G 138 21.16 33.90 -5.21
CA SER G 138 22.09 32.87 -4.81
C SER G 138 23.08 32.61 -5.96
N VAL G 139 24.35 32.93 -5.74
CA VAL G 139 25.35 32.72 -6.78
C VAL G 139 26.57 31.99 -6.23
N VAL G 140 27.43 31.56 -7.13
CA VAL G 140 28.69 30.94 -6.75
C VAL G 140 29.81 31.57 -7.58
N PHE G 141 30.81 32.09 -6.88
CA PHE G 141 32.00 32.70 -7.50
C PHE G 141 33.16 31.72 -7.52
N LYS G 142 34.05 31.86 -8.50
CA LYS G 142 35.34 31.16 -8.47
C LYS G 142 36.42 32.03 -7.82
N ARG G 143 37.12 31.47 -6.83
CA ARG G 143 38.24 32.18 -6.20
C ARG G 143 39.52 31.35 -6.26
N SER G 144 40.66 31.99 -6.52
CA SER G 144 41.92 31.25 -6.60
C SER G 144 42.29 30.71 -5.21
N LYS G 145 43.07 29.63 -5.16
CA LYS G 145 43.31 28.94 -3.91
C LYS G 145 44.32 29.64 -3.03
N GLY G 146 45.38 30.14 -3.64
CA GLY G 146 46.43 30.74 -2.84
C GLY G 146 47.73 30.57 -3.58
N VAL G 147 48.82 30.48 -2.82
CA VAL G 147 50.06 30.01 -3.38
C VAL G 147 50.03 28.48 -3.54
N VAL G 148 50.43 28.02 -4.72
CA VAL G 148 50.50 26.59 -4.93
C VAL G 148 51.91 26.14 -5.22
N GLY G 149 52.27 25.01 -4.64
CA GLY G 149 53.54 24.39 -4.98
C GLY G 149 53.34 23.54 -6.21
N VAL G 150 54.30 23.62 -7.12
CA VAL G 150 54.29 22.71 -8.24
C VAL G 150 55.61 21.99 -8.25
N ILE G 151 55.53 20.66 -8.23
CA ILE G 151 56.70 19.79 -8.12
C ILE G 151 56.64 18.81 -9.27
N THR G 152 57.69 18.78 -10.06
CA THR G 152 57.64 18.15 -11.38
C THR G 152 58.68 17.03 -11.60
N PRO G 153 58.45 16.18 -12.62
CA PRO G 153 59.39 15.11 -12.97
C PRO G 153 60.40 15.49 -14.06
N TRP G 154 61.26 14.54 -14.39
CA TRP G 154 62.37 14.74 -15.31
C TRP G 154 62.10 14.33 -16.75
N ASN G 155 61.00 13.62 -16.99
CA ASN G 155 60.77 13.00 -18.31
C ASN G 155 60.22 13.95 -19.39
N TYR G 156 59.17 14.69 -19.02
CA TYR G 156 58.73 15.83 -19.81
C TYR G 156 58.71 17.06 -18.93
N PRO G 157 59.88 17.50 -18.45
CA PRO G 157 59.92 18.55 -17.44
C PRO G 157 59.37 19.89 -17.97
N LEU G 158 59.67 20.27 -19.21
CA LEU G 158 59.09 21.49 -19.77
C LEU G 158 57.56 21.45 -19.74
N SER G 159 56.97 20.58 -20.58
CA SER G 159 55.52 20.56 -20.76
C SER G 159 54.73 20.21 -19.50
N ILE G 160 55.21 19.26 -18.69
CA ILE G 160 54.46 18.97 -17.48
C ILE G 160 54.53 20.17 -16.55
N SER G 161 55.72 20.78 -16.47
CA SER G 161 55.86 21.95 -15.61
C SER G 161 54.94 23.08 -16.07
N MET G 162 55.02 23.41 -17.35
CA MET G 162 54.26 24.51 -17.91
C MET G 162 52.77 24.27 -17.86
N LYS G 163 52.35 23.01 -18.00
CA LYS G 163 50.92 22.76 -17.79
C LYS G 163 50.53 23.14 -16.37
N LYS G 164 51.31 22.72 -15.38
CA LYS G 164 50.93 23.15 -14.03
C LYS G 164 51.03 24.67 -13.80
N ILE G 165 52.15 25.26 -14.22
CA ILE G 165 52.42 26.66 -13.93
C ILE G 165 51.47 27.64 -14.65
N ALA G 166 51.38 27.50 -15.98
CA ALA G 166 50.58 28.41 -16.78
C ALA G 166 49.13 28.49 -16.28
N HIS G 167 48.50 27.33 -16.16
CA HIS G 167 47.12 27.27 -15.69
C HIS G 167 46.97 27.76 -14.25
N THR G 168 47.87 27.37 -13.36
CA THR G 168 47.74 27.82 -11.97
C THR G 168 47.82 29.35 -11.88
N LEU G 169 48.76 29.93 -12.61
CA LEU G 169 48.90 31.38 -12.67
C LEU G 169 47.70 32.07 -13.29
N ALA G 170 47.13 31.46 -14.33
CA ALA G 170 46.07 32.07 -15.13
C ALA G 170 44.88 32.52 -14.28
N VAL G 171 44.54 31.64 -13.36
CA VAL G 171 43.30 31.72 -12.62
C VAL G 171 43.49 32.43 -11.27
N GLY G 172 44.67 33.03 -11.09
CA GLY G 172 44.92 33.90 -9.95
C GLY G 172 45.74 33.40 -8.77
N ASN G 173 46.25 32.18 -8.85
CA ASN G 173 47.15 31.69 -7.81
C ASN G 173 48.58 32.18 -8.04
N THR G 174 49.37 32.24 -6.97
CA THR G 174 50.81 32.36 -7.19
C THR G 174 51.52 31.01 -7.07
N VAL G 175 52.80 30.99 -7.41
CA VAL G 175 53.48 29.72 -7.63
C VAL G 175 54.88 29.62 -6.99
N VAL G 176 55.08 28.57 -6.19
CA VAL G 176 56.44 28.16 -5.94
C VAL G 176 56.74 26.79 -6.55
N TYR G 177 57.79 26.77 -7.38
CA TYR G 177 58.05 25.68 -8.31
C TYR G 177 59.39 25.05 -8.03
N LYS G 178 59.38 23.74 -7.78
CA LYS G 178 60.61 22.97 -7.65
C LYS G 178 60.71 21.92 -8.72
N PRO G 179 61.58 22.13 -9.71
CA PRO G 179 61.72 21.15 -10.81
C PRO G 179 62.38 19.88 -10.30
N ALA G 180 62.29 18.82 -11.09
CA ALA G 180 63.03 17.61 -10.79
C ALA G 180 64.54 17.90 -10.73
N SER G 181 65.21 17.32 -9.75
CA SER G 181 66.67 17.45 -9.62
C SER G 181 67.44 17.06 -10.87
N ASP G 182 66.87 16.16 -11.67
CA ASP G 182 67.54 15.75 -12.88
C ASP G 182 67.31 16.70 -14.06
N THR G 183 66.40 17.65 -13.91
CA THR G 183 66.20 18.63 -14.97
C THR G 183 66.12 20.04 -14.41
N PRO G 184 67.19 20.50 -13.73
CA PRO G 184 67.09 21.85 -13.15
C PRO G 184 67.17 22.96 -14.19
N VAL G 185 67.90 22.74 -15.29
CA VAL G 185 68.11 23.80 -16.25
C VAL G 185 66.81 24.15 -17.00
N THR G 186 65.93 23.17 -17.15
CA THR G 186 64.64 23.45 -17.73
C THR G 186 63.85 24.39 -16.81
N GLY G 187 63.84 24.10 -15.51
CA GLY G 187 63.16 24.96 -14.55
C GLY G 187 63.72 26.37 -14.57
N TRP G 188 65.03 26.45 -14.77
CA TRP G 188 65.70 27.73 -14.85
C TRP G 188 65.35 28.47 -16.13
N LEU G 189 65.16 27.77 -17.24
CA LEU G 189 64.79 28.47 -18.46
C LEU G 189 63.35 28.98 -18.32
N ILE G 190 62.51 28.19 -17.65
CA ILE G 190 61.14 28.59 -17.38
C ILE G 190 61.11 29.91 -16.62
N ALA G 191 61.86 29.98 -15.52
CA ALA G 191 61.97 31.23 -14.76
C ALA G 191 62.54 32.37 -15.60
N GLN G 192 63.47 32.06 -16.49
CA GLN G 192 63.98 33.05 -17.42
C GLN G 192 62.85 33.61 -18.27
N MET G 193 62.04 32.72 -18.84
CA MET G 193 60.91 33.09 -19.68
C MET G 193 59.96 34.00 -18.93
N VAL G 194 59.59 33.58 -17.72
CA VAL G 194 58.69 34.32 -16.86
C VAL G 194 59.26 35.69 -16.51
N ALA G 195 60.50 35.71 -16.01
CA ALA G 195 61.18 36.96 -15.70
C ALA G 195 61.18 37.91 -16.89
N LYS G 196 61.38 37.36 -18.09
CA LYS G 196 61.43 38.20 -19.30
C LYS G 196 60.06 38.74 -19.67
N ALA G 197 59.00 37.99 -19.34
CA ALA G 197 57.63 38.41 -19.60
C ALA G 197 57.16 39.44 -18.56
N GLY G 198 57.98 39.65 -17.54
CA GLY G 198 57.77 40.69 -16.56
C GLY G 198 56.61 40.45 -15.61
N LEU G 199 56.42 39.21 -15.17
CA LEU G 199 55.41 38.96 -14.16
C LEU G 199 55.81 39.66 -12.86
N PRO G 200 54.81 40.13 -12.10
CA PRO G 200 55.09 40.81 -10.84
C PRO G 200 55.88 39.91 -9.89
N LYS G 201 56.80 40.48 -9.14
CA LYS G 201 57.67 39.71 -8.28
C LYS G 201 56.85 38.89 -7.30
N GLY G 202 57.34 37.69 -7.00
CA GLY G 202 56.66 36.75 -6.10
C GLY G 202 55.53 35.95 -6.75
N VAL G 203 55.08 36.36 -7.93
CA VAL G 203 53.97 35.67 -8.57
C VAL G 203 54.39 34.27 -8.97
N PHE G 204 55.61 34.19 -9.49
CA PHE G 204 56.24 32.92 -9.83
C PHE G 204 57.60 32.82 -9.17
N ASN G 205 57.89 31.73 -8.49
CA ASN G 205 59.24 31.49 -7.97
C ASN G 205 59.85 30.14 -8.30
N LEU G 206 61.13 30.17 -8.63
CA LEU G 206 61.92 28.97 -8.88
C LEU G 206 62.89 28.68 -7.72
N VAL G 207 62.77 27.49 -7.13
CA VAL G 207 63.79 27.02 -6.21
C VAL G 207 64.27 25.59 -6.51
N ILE G 208 65.55 25.53 -6.88
CA ILE G 208 66.21 24.31 -7.33
C ILE G 208 66.94 23.65 -6.17
N GLY G 209 66.50 22.44 -5.82
CA GLY G 209 66.97 21.80 -4.61
C GLY G 209 66.34 20.44 -4.42
N PRO G 210 66.86 19.65 -3.47
CA PRO G 210 66.39 18.28 -3.26
C PRO G 210 64.96 18.22 -2.74
N GLY G 211 64.16 17.32 -3.32
CA GLY G 211 62.81 17.07 -2.89
C GLY G 211 62.58 16.89 -1.39
N PRO G 212 63.44 16.10 -0.72
CA PRO G 212 63.24 15.92 0.73
C PRO G 212 63.46 17.18 1.55
N VAL G 213 64.15 18.18 1.00
CA VAL G 213 64.33 19.45 1.70
C VAL G 213 63.39 20.54 1.18
N VAL G 214 63.56 20.92 -0.07
CA VAL G 214 62.78 21.98 -0.69
C VAL G 214 61.31 21.58 -0.86
N GLY G 215 61.12 20.34 -1.33
CA GLY G 215 59.79 19.83 -1.58
C GLY G 215 59.01 19.61 -0.29
N GLU G 216 59.70 19.16 0.75
CA GLU G 216 59.07 18.88 2.03
C GLU G 216 58.57 20.18 2.66
N GLU G 217 59.39 21.22 2.53
CA GLU G 217 59.00 22.52 3.02
C GLU G 217 57.78 23.04 2.23
N ILE G 218 57.82 22.89 0.91
CA ILE G 218 56.68 23.28 0.08
C ILE G 218 55.39 22.58 0.51
N VAL G 219 55.47 21.29 0.79
CA VAL G 219 54.31 20.46 1.14
C VAL G 219 53.82 20.67 2.58
N THR G 220 54.71 21.08 3.47
CA THR G 220 54.31 21.24 4.87
C THR G 220 54.05 22.68 5.32
N HIS G 221 54.34 23.64 4.45
CA HIS G 221 54.24 25.05 4.81
C HIS G 221 52.79 25.53 4.93
N LYS G 222 52.53 26.26 5.99
CA LYS G 222 51.19 26.73 6.37
C LYS G 222 50.59 27.68 5.32
N ARG G 223 51.44 28.46 4.66
CA ARG G 223 50.98 29.46 3.71
C ARG G 223 50.87 28.89 2.27
N VAL G 224 51.11 27.60 2.11
CA VAL G 224 50.87 26.95 0.82
C VAL G 224 49.49 26.28 0.81
N ALA G 225 48.64 26.73 -0.10
CA ALA G 225 47.27 26.26 -0.14
C ALA G 225 47.11 24.92 -0.87
N HIS G 226 47.94 24.70 -1.89
CA HIS G 226 47.73 23.56 -2.75
C HIS G 226 49.06 23.06 -3.27
N VAL G 227 49.17 21.75 -3.39
CA VAL G 227 50.33 21.17 -4.09
C VAL G 227 49.91 20.34 -5.31
N THR G 228 50.43 20.71 -6.47
CA THR G 228 50.24 19.86 -7.63
C THR G 228 51.56 19.16 -7.95
N PHE G 229 51.47 17.83 -8.10
CA PHE G 229 52.63 16.96 -8.12
C PHE G 229 52.56 15.88 -9.20
N THR G 230 53.62 15.77 -9.98
CA THR G 230 53.81 14.64 -10.86
C THR G 230 55.14 13.98 -10.48
N GLY G 231 55.07 12.72 -10.07
CA GLY G 231 56.25 11.96 -9.67
C GLY G 231 55.91 10.52 -9.30
N GLU G 232 56.77 9.90 -8.50
CA GLU G 232 56.56 8.50 -8.14
C GLU G 232 55.37 8.34 -7.21
N SER G 233 54.69 7.20 -7.32
CA SER G 233 53.46 6.92 -6.58
C SER G 233 53.67 6.94 -5.05
N SER G 234 54.77 6.37 -4.59
CA SER G 234 55.05 6.38 -3.16
C SER G 234 55.32 7.80 -2.70
N THR G 235 56.12 8.54 -3.47
CA THR G 235 56.40 9.95 -3.20
C THR G 235 55.08 10.69 -3.09
N GLY G 236 54.17 10.35 -3.99
CA GLY G 236 52.85 10.95 -4.02
C GLY G 236 52.04 10.69 -2.76
N ARG G 237 52.02 9.44 -2.31
CA ARG G 237 51.31 9.11 -1.09
C ARG G 237 51.90 9.85 0.11
N GLU G 238 53.22 9.86 0.18
CA GLU G 238 53.96 10.59 1.21
C GLU G 238 53.47 12.03 1.25
N ILE G 239 53.51 12.67 0.08
CA ILE G 239 53.13 14.07 -0.06
C ILE G 239 51.68 14.32 0.38
N ALA G 240 50.76 13.45 -0.04
CA ALA G 240 49.36 13.60 0.33
C ALA G 240 49.22 13.57 1.85
N ALA G 241 49.85 12.56 2.43
CA ALA G 241 49.84 12.38 3.87
C ALA G 241 50.38 13.60 4.62
N LYS G 242 51.48 14.17 4.13
CA LYS G 242 52.10 15.30 4.83
C LYS G 242 51.27 16.54 4.65
N ALA G 243 50.62 16.63 3.49
CA ALA G 243 49.70 17.73 3.19
C ALA G 243 48.47 17.75 4.10
N ALA G 244 48.07 16.58 4.59
CA ALA G 244 46.96 16.53 5.56
C ALA G 244 47.16 17.50 6.72
N GLY G 245 48.39 17.61 7.20
CA GLY G 245 48.71 18.42 8.36
C GLY G 245 48.16 19.83 8.31
N THR G 246 48.34 20.50 7.18
CA THR G 246 47.75 21.84 6.99
C THR G 246 46.43 21.88 6.23
N LEU G 247 45.86 20.72 5.93
CA LEU G 247 44.60 20.64 5.18
C LEU G 247 44.70 21.27 3.78
N LYS G 248 45.91 21.36 3.24
CA LYS G 248 46.08 21.84 1.87
C LYS G 248 45.69 20.73 0.87
N THR G 249 45.10 21.12 -0.24
CA THR G 249 44.70 20.17 -1.28
C THR G 249 45.89 19.74 -2.15
N VAL G 250 45.74 18.59 -2.79
CA VAL G 250 46.77 18.02 -3.65
C VAL G 250 46.24 17.59 -5.02
N THR G 251 47.06 17.77 -6.05
CA THR G 251 46.82 17.14 -7.35
C THR G 251 47.99 16.17 -7.51
N LEU G 252 47.72 14.91 -7.80
CA LEU G 252 48.78 13.89 -7.82
C LEU G 252 48.76 13.08 -9.11
N GLU G 253 49.81 13.18 -9.90
CA GLU G 253 49.92 12.37 -11.11
C GLU G 253 51.02 11.35 -10.90
N LEU G 254 50.60 10.11 -10.68
CA LEU G 254 51.47 9.02 -10.24
C LEU G 254 51.89 7.97 -11.30
N GLY G 255 51.63 8.26 -12.56
CA GLY G 255 52.07 7.33 -13.59
C GLY G 255 51.07 6.22 -13.81
N GLY G 256 51.39 5.33 -14.73
CA GLY G 256 50.49 4.23 -15.01
C GLY G 256 51.21 3.02 -15.55
N SER G 257 50.46 1.92 -15.66
CA SER G 257 50.87 0.87 -16.54
C SER G 257 49.75 0.72 -17.59
N ASP G 258 49.87 1.44 -18.70
CA ASP G 258 48.71 1.57 -19.56
C ASP G 258 48.59 0.35 -20.46
N PRO G 259 47.39 -0.25 -20.51
CA PRO G 259 47.09 -1.28 -21.51
C PRO G 259 46.97 -0.74 -22.93
N LEU G 260 47.67 -1.35 -23.87
CA LEU G 260 47.36 -1.15 -25.28
C LEU G 260 46.78 -2.47 -25.78
N ILE G 261 45.47 -2.49 -26.03
CA ILE G 261 44.75 -3.70 -26.35
C ILE G 261 44.54 -3.79 -27.86
N ILE G 262 44.99 -4.87 -28.47
CA ILE G 262 44.93 -5.02 -29.92
C ILE G 262 44.08 -6.22 -30.36
N LEU G 263 42.97 -5.95 -31.03
CA LEU G 263 42.02 -7.00 -31.41
C LEU G 263 42.34 -7.55 -32.79
N ASP G 264 41.56 -8.53 -33.21
CA ASP G 264 41.93 -9.39 -34.34
C ASP G 264 41.51 -8.85 -35.69
N ASP G 265 40.74 -7.76 -35.69
CA ASP G 265 40.28 -7.14 -36.93
C ASP G 265 41.15 -5.97 -37.37
N VAL G 266 42.26 -5.73 -36.68
CA VAL G 266 43.10 -4.57 -36.97
C VAL G 266 43.91 -4.74 -38.24
N ASP G 267 44.33 -3.62 -38.83
CA ASP G 267 45.46 -3.66 -39.74
C ASP G 267 46.64 -3.95 -38.81
N VAL G 268 47.29 -5.09 -39.05
CA VAL G 268 48.29 -5.58 -38.10
C VAL G 268 49.58 -4.77 -38.20
N ASP G 269 50.02 -4.49 -39.41
CA ASP G 269 51.15 -3.61 -39.62
C ASP G 269 50.98 -2.28 -38.87
N TYR G 270 49.83 -1.64 -39.08
CA TYR G 270 49.56 -0.33 -38.47
C TYR G 270 49.52 -0.46 -36.97
N ALA G 271 48.87 -1.51 -36.49
CA ALA G 271 48.84 -1.80 -35.06
C ALA G 271 50.26 -1.92 -34.48
N ALA G 272 51.16 -2.53 -35.26
CA ALA G 272 52.53 -2.73 -34.81
C ALA G 272 53.26 -1.39 -34.75
N ARG G 273 53.16 -0.60 -35.81
CA ARG G 273 53.82 0.69 -35.83
C ARG G 273 53.33 1.57 -34.65
N LEU G 274 52.01 1.61 -34.47
CA LEU G 274 51.40 2.39 -33.40
C LEU G 274 51.94 1.89 -32.05
N ALA G 275 52.01 0.56 -31.90
CA ALA G 275 52.47 -0.06 -30.65
C ALA G 275 53.91 0.34 -30.35
N VAL G 276 54.72 0.39 -31.39
CA VAL G 276 56.13 0.69 -31.21
C VAL G 276 56.25 2.12 -30.68
N PHE G 277 55.54 3.02 -31.35
CA PHE G 277 55.49 4.42 -30.94
C PHE G 277 55.00 4.60 -29.48
N ALA G 278 53.84 4.02 -29.22
CA ALA G 278 53.15 4.15 -27.94
C ALA G 278 53.95 3.60 -26.75
N SER G 279 54.57 2.44 -26.96
CA SER G 279 55.28 1.76 -25.88
C SER G 279 56.69 2.26 -25.69
N LEU G 280 57.34 2.60 -26.78
CA LEU G 280 58.76 2.95 -26.67
C LEU G 280 59.18 4.41 -26.77
N PHE G 281 58.27 5.30 -27.13
CA PHE G 281 58.68 6.70 -27.33
C PHE G 281 59.28 7.29 -26.05
N HIS G 282 60.31 8.13 -26.22
CA HIS G 282 61.10 8.64 -25.11
C HIS G 282 61.54 7.50 -24.20
N GLN G 283 61.99 6.42 -24.85
CA GLN G 283 62.50 5.23 -24.18
C GLN G 283 61.46 4.70 -23.21
N GLY G 284 60.19 4.94 -23.56
CA GLY G 284 59.09 4.56 -22.70
C GLY G 284 58.99 5.32 -21.40
N GLN G 285 59.69 6.46 -21.23
CA GLN G 285 59.55 7.11 -19.94
C GLN G 285 58.50 8.18 -20.15
N ILE G 286 57.25 7.75 -19.98
CA ILE G 286 56.07 8.56 -20.23
C ILE G 286 55.05 7.91 -19.32
N CYS G 287 54.25 8.73 -18.65
CA CYS G 287 53.31 8.21 -17.66
C CYS G 287 52.23 7.41 -18.39
N THR G 288 51.90 7.86 -19.59
CA THR G 288 50.89 7.24 -20.43
C THR G 288 51.45 6.29 -21.51
N SER G 289 52.71 5.93 -21.37
CA SER G 289 53.34 4.97 -22.28
C SER G 289 52.50 3.69 -22.38
N ALA G 290 52.54 2.99 -23.50
CA ALA G 290 51.77 1.76 -23.52
C ALA G 290 52.72 0.71 -22.91
N LYS G 291 52.49 0.39 -21.64
CA LYS G 291 53.44 -0.40 -20.86
C LYS G 291 53.13 -1.89 -20.84
N ARG G 292 51.92 -2.23 -21.24
CA ARG G 292 51.49 -3.60 -21.32
C ARG G 292 50.74 -3.78 -22.62
N ILE G 293 51.29 -4.55 -23.54
CA ILE G 293 50.62 -4.73 -24.83
C ILE G 293 49.84 -6.05 -24.83
N ILE G 294 48.56 -5.97 -25.19
CA ILE G 294 47.68 -7.13 -25.13
C ILE G 294 47.08 -7.43 -26.52
N VAL G 295 47.46 -8.57 -27.12
CA VAL G 295 46.96 -8.95 -28.46
C VAL G 295 46.05 -10.16 -28.49
N HIS G 296 44.98 -10.03 -29.27
CA HIS G 296 44.12 -11.16 -29.59
C HIS G 296 44.93 -12.26 -30.31
N LYS G 297 44.73 -13.50 -29.87
CA LYS G 297 45.46 -14.64 -30.42
C LYS G 297 45.43 -14.74 -31.97
N ALA G 298 44.33 -14.37 -32.60
CA ALA G 298 44.23 -14.56 -34.04
C ALA G 298 45.24 -13.70 -34.83
N VAL G 299 45.55 -12.53 -34.30
CA VAL G 299 46.60 -11.70 -34.90
C VAL G 299 47.95 -11.73 -34.18
N ALA G 300 48.02 -12.46 -33.08
CA ALA G 300 49.18 -12.40 -32.18
C ALA G 300 50.55 -12.68 -32.81
N ASP G 301 50.66 -13.78 -33.55
CA ASP G 301 51.95 -14.16 -34.12
C ASP G 301 52.42 -13.07 -35.10
N LYS G 302 51.57 -12.72 -36.05
CA LYS G 302 51.94 -11.74 -37.06
C LYS G 302 52.24 -10.37 -36.41
N PHE G 303 51.46 -10.03 -35.40
CA PHE G 303 51.71 -8.78 -34.67
C PHE G 303 53.06 -8.78 -34.01
N ILE G 304 53.37 -9.83 -33.26
CA ILE G 304 54.61 -9.92 -32.53
C ILE G 304 55.81 -9.90 -33.49
N GLU G 305 55.65 -10.59 -34.61
CA GLU G 305 56.63 -10.54 -35.70
C GLU G 305 56.91 -9.09 -36.08
N ARG G 306 55.84 -8.37 -36.44
CA ARG G 306 56.01 -7.04 -37.02
C ARG G 306 56.48 -6.00 -36.01
N TYR G 307 55.96 -6.13 -34.80
CA TYR G 307 56.33 -5.25 -33.72
C TYR G 307 57.82 -5.40 -33.39
N VAL G 308 58.29 -6.65 -33.27
CA VAL G 308 59.72 -6.91 -33.05
C VAL G 308 60.52 -6.37 -34.22
N HIS G 309 60.02 -6.57 -35.44
CA HIS G 309 60.68 -6.07 -36.64
C HIS G 309 60.96 -4.55 -36.59
N TYR G 310 59.91 -3.79 -36.28
CA TYR G 310 60.01 -2.33 -36.14
C TYR G 310 60.88 -1.92 -34.94
N VAL G 311 60.72 -2.61 -33.80
CA VAL G 311 61.57 -2.34 -32.65
C VAL G 311 63.05 -2.53 -33.02
N LYS G 312 63.32 -3.52 -33.87
CA LYS G 312 64.69 -3.78 -34.30
C LYS G 312 65.13 -2.57 -35.12
N MET G 313 64.18 -1.97 -35.83
CA MET G 313 64.48 -0.74 -36.59
C MET G 313 64.87 0.51 -35.79
N LEU G 314 64.55 0.54 -34.50
CA LEU G 314 64.77 1.75 -33.70
C LEU G 314 66.25 2.11 -33.59
N ARG G 315 66.58 3.35 -33.92
CA ARG G 315 67.96 3.80 -33.87
C ARG G 315 68.31 4.46 -32.53
N ILE G 316 69.22 3.84 -31.79
CA ILE G 316 69.57 4.33 -30.46
C ILE G 316 70.90 5.05 -30.54
N ASP G 317 70.89 6.31 -30.17
CA ASP G 317 72.08 7.14 -30.33
C ASP G 317 72.07 8.34 -29.41
N ASP G 318 73.23 8.99 -29.31
CA ASP G 318 73.31 10.33 -28.75
C ASP G 318 72.27 11.21 -29.46
N PRO G 319 71.30 11.76 -28.68
CA PRO G 319 70.18 12.52 -29.25
C PRO G 319 70.62 13.85 -29.84
N ARG G 320 71.78 14.36 -29.44
CA ARG G 320 72.25 15.58 -30.09
C ARG G 320 72.90 15.33 -31.47
N LYS G 321 72.99 14.07 -31.88
CA LYS G 321 73.68 13.73 -33.13
C LYS G 321 72.96 14.25 -34.37
N ASP G 322 71.67 13.97 -34.46
CA ASP G 322 70.88 14.43 -35.60
C ASP G 322 69.41 14.32 -35.23
N GLU G 323 68.56 14.67 -36.18
CA GLU G 323 67.13 14.82 -35.88
C GLU G 323 66.37 13.52 -36.04
N LYS G 324 67.05 12.50 -36.55
CA LYS G 324 66.39 11.23 -36.82
C LYS G 324 66.64 10.15 -35.76
N VAL G 325 67.42 10.47 -34.74
CA VAL G 325 67.66 9.51 -33.66
C VAL G 325 66.31 9.10 -33.06
N ASP G 326 66.05 7.80 -32.90
CA ASP G 326 64.77 7.36 -32.33
C ASP G 326 64.72 7.37 -30.82
N LEU G 327 65.77 6.87 -30.18
CA LEU G 327 65.82 6.81 -28.72
C LEU G 327 67.14 7.38 -28.25
N GLY G 328 67.10 8.11 -27.14
CA GLY G 328 68.29 8.60 -26.47
C GLY G 328 68.42 7.79 -25.19
N PRO G 329 69.26 8.25 -24.27
CA PRO G 329 69.52 7.47 -23.04
C PRO G 329 68.38 7.56 -22.03
N LEU G 330 68.38 6.66 -21.05
CA LEU G 330 67.56 6.79 -19.87
C LEU G 330 68.10 7.94 -19.04
N ILE G 331 67.28 8.50 -18.14
CA ILE G 331 67.68 9.72 -17.42
C ILE G 331 68.97 9.55 -16.63
N ASN G 332 69.17 8.37 -16.05
CA ASN G 332 70.39 8.13 -15.29
C ASN G 332 70.71 6.64 -15.18
N GLU G 333 71.83 6.34 -14.52
CA GLU G 333 72.31 4.96 -14.38
C GLU G 333 71.37 4.18 -13.49
N ARG G 334 70.71 4.84 -12.55
CA ARG G 334 69.80 4.12 -11.67
C ARG G 334 68.65 3.50 -12.48
N GLN G 335 68.20 4.21 -13.51
CA GLN G 335 67.11 3.76 -14.36
C GLN G 335 67.52 2.53 -15.15
N VAL G 336 68.75 2.57 -15.65
CA VAL G 336 69.29 1.43 -16.36
C VAL G 336 69.32 0.24 -15.41
N ALA G 337 69.79 0.47 -14.19
CA ALA G 337 69.85 -0.62 -13.22
C ALA G 337 68.48 -1.25 -12.96
N LEU G 338 67.45 -0.39 -12.82
CA LEU G 338 66.10 -0.88 -12.54
C LEU G 338 65.54 -1.65 -13.73
N MET G 339 65.82 -1.17 -14.93
CA MET G 339 65.37 -1.87 -16.12
C MET G 339 66.07 -3.22 -16.24
N LYS G 340 67.34 -3.27 -15.82
CA LYS G 340 68.11 -4.52 -15.77
C LYS G 340 67.39 -5.49 -14.86
N GLU G 341 66.99 -5.02 -13.69
CA GLU G 341 66.17 -5.83 -12.78
C GLU G 341 64.89 -6.36 -13.43
N PHE G 342 64.19 -5.49 -14.15
CA PHE G 342 62.94 -5.90 -14.82
C PHE G 342 63.19 -7.01 -15.85
N VAL G 343 64.24 -6.82 -16.64
CA VAL G 343 64.64 -7.81 -17.62
C VAL G 343 65.00 -9.14 -16.94
N ASP G 344 65.86 -9.08 -15.91
CA ASP G 344 66.37 -10.26 -15.20
C ASP G 344 65.24 -11.02 -14.53
N ASP G 345 64.30 -10.28 -13.96
CA ASP G 345 63.16 -10.91 -13.33
C ASP G 345 62.32 -11.60 -14.40
N ALA G 346 62.27 -11.02 -15.59
CA ALA G 346 61.43 -11.60 -16.64
C ALA G 346 62.09 -12.88 -17.16
N VAL G 347 63.41 -12.83 -17.28
CA VAL G 347 64.20 -13.98 -17.70
C VAL G 347 64.14 -15.10 -16.66
N SER G 348 64.48 -14.77 -15.42
CA SER G 348 64.44 -15.75 -14.36
C SER G 348 63.03 -16.32 -14.14
N ARG G 349 62.01 -15.65 -14.68
CA ARG G 349 60.65 -16.18 -14.55
C ARG G 349 60.19 -16.99 -15.75
N GLY G 350 61.09 -17.21 -16.69
CA GLY G 350 60.76 -18.06 -17.83
C GLY G 350 60.25 -17.25 -19.00
N GLY G 351 60.31 -15.94 -18.87
CA GLY G 351 59.89 -15.05 -19.94
C GLY G 351 60.74 -15.23 -21.18
N ARG G 352 60.11 -15.12 -22.34
CA ARG G 352 60.84 -15.20 -23.60
C ARG G 352 61.23 -13.80 -24.08
N LEU G 353 62.53 -13.57 -24.18
CA LEU G 353 63.05 -12.27 -24.59
C LEU G 353 63.21 -12.27 -26.12
N LEU G 354 62.39 -11.49 -26.78
CA LEU G 354 62.32 -11.52 -28.24
C LEU G 354 63.42 -10.70 -28.88
N ILE G 355 63.91 -9.71 -28.14
CA ILE G 355 64.93 -8.80 -28.63
C ILE G 355 65.31 -7.85 -27.48
N GLY G 356 66.50 -7.25 -27.58
CA GLY G 356 66.97 -6.26 -26.63
C GLY G 356 67.45 -6.75 -25.27
N GLY G 357 67.50 -5.84 -24.30
CA GLY G 357 67.93 -6.20 -22.98
C GLY G 357 69.35 -5.76 -22.71
N ARG G 358 70.06 -5.40 -23.77
CA ARG G 358 71.41 -4.86 -23.64
C ARG G 358 71.39 -3.39 -23.22
N SER G 359 72.45 -2.96 -22.57
CA SER G 359 72.60 -1.56 -22.21
C SER G 359 74.07 -1.18 -22.12
N TRP G 360 74.39 0.03 -22.52
CA TRP G 360 75.74 0.54 -22.47
C TRP G 360 75.63 2.00 -22.05
N GLY G 361 76.33 2.37 -20.98
CA GLY G 361 76.23 3.71 -20.46
C GLY G 361 74.83 3.88 -19.91
N ASN G 362 74.18 5.01 -20.23
CA ASN G 362 72.82 5.23 -19.81
C ASN G 362 71.80 4.78 -20.86
N PHE G 363 72.30 4.43 -22.03
CA PHE G 363 71.43 3.97 -23.10
C PHE G 363 70.98 2.53 -22.84
N PHE G 364 69.69 2.27 -23.04
CA PHE G 364 69.14 0.94 -22.80
C PHE G 364 68.35 0.45 -24.00
N GLU G 365 68.66 -0.75 -24.46
CA GLU G 365 68.05 -1.29 -25.66
C GLU G 365 66.67 -1.83 -25.31
N PRO G 366 65.63 -1.42 -26.06
CA PRO G 366 64.29 -1.92 -25.72
C PRO G 366 64.25 -3.45 -25.67
N ALA G 367 63.74 -3.96 -24.56
CA ALA G 367 63.65 -5.39 -24.27
C ALA G 367 62.19 -5.81 -24.42
N ILE G 368 61.92 -6.67 -25.40
CA ILE G 368 60.55 -7.14 -25.56
C ILE G 368 60.33 -8.58 -25.08
N PHE G 369 59.35 -8.77 -24.21
CA PHE G 369 59.03 -10.10 -23.69
C PHE G 369 57.69 -10.69 -24.17
N VAL G 370 57.66 -12.00 -24.39
CA VAL G 370 56.39 -12.75 -24.45
C VAL G 370 56.45 -13.94 -23.50
N ASP G 371 55.38 -14.72 -23.48
CA ASP G 371 55.18 -15.77 -22.47
C ASP G 371 55.50 -15.23 -21.09
N VAL G 372 54.72 -14.26 -20.62
CA VAL G 372 54.90 -13.76 -19.27
C VAL G 372 53.64 -14.13 -18.50
N ASP G 373 53.62 -13.85 -17.20
CA ASP G 373 52.38 -13.99 -16.45
C ASP G 373 52.27 -12.90 -15.41
N ARG G 374 51.15 -12.90 -14.71
CA ARG G 374 50.79 -11.78 -13.84
C ARG G 374 51.77 -11.55 -12.69
N ASN G 375 52.67 -12.50 -12.46
CA ASN G 375 53.64 -12.38 -11.36
C ASN G 375 54.95 -11.71 -11.74
N PHE G 376 55.17 -11.55 -13.05
CA PHE G 376 56.29 -10.78 -13.56
C PHE G 376 56.29 -9.37 -12.98
N ARG G 377 57.47 -8.86 -12.61
CA ARG G 377 57.58 -7.50 -12.10
C ARG G 377 57.11 -6.50 -13.16
N ILE G 378 57.34 -6.82 -14.42
CA ILE G 378 56.93 -5.93 -15.49
C ILE G 378 55.45 -6.06 -15.81
N MET G 379 54.74 -6.96 -15.15
CA MET G 379 53.29 -6.83 -15.12
C MET G 379 52.75 -6.21 -13.84
N ARG G 380 53.52 -6.25 -12.76
CA ARG G 380 53.03 -5.80 -11.46
C ARG G 380 53.40 -4.36 -11.14
N GLU G 381 54.31 -3.77 -11.92
CA GLU G 381 54.85 -2.47 -11.57
C GLU G 381 54.82 -1.54 -12.75
N GLU G 382 55.02 -0.25 -12.48
CA GLU G 382 55.21 0.69 -13.57
C GLU G 382 56.63 0.53 -14.08
N VAL G 383 56.75 0.21 -15.37
CA VAL G 383 58.06 0.10 -15.94
C VAL G 383 58.30 1.36 -16.73
N PHE G 384 59.07 2.26 -16.15
CA PHE G 384 59.18 3.58 -16.74
C PHE G 384 60.50 3.49 -17.45
N GLY G 385 60.44 3.06 -18.70
CA GLY G 385 61.63 2.63 -19.40
C GLY G 385 61.27 1.60 -20.45
N PRO G 386 62.24 1.21 -21.30
CA PRO G 386 61.89 0.48 -22.51
C PRO G 386 61.99 -1.03 -22.32
N VAL G 387 61.12 -1.58 -21.48
CA VAL G 387 61.02 -3.01 -21.28
C VAL G 387 59.51 -3.29 -21.35
N ARG G 388 59.06 -4.02 -22.38
CA ARG G 388 57.60 -4.20 -22.48
C ARG G 388 57.22 -5.67 -22.64
N PRO G 389 56.20 -6.12 -21.88
CA PRO G 389 55.56 -7.42 -22.11
C PRO G 389 54.47 -7.34 -23.18
N ILE G 390 54.32 -8.44 -23.89
CA ILE G 390 53.19 -8.67 -24.75
C ILE G 390 52.46 -9.89 -24.17
N VAL G 391 51.17 -9.74 -23.96
CA VAL G 391 50.33 -10.81 -23.46
C VAL G 391 49.38 -11.17 -24.58
N VAL G 392 49.23 -12.48 -24.81
CA VAL G 392 48.29 -12.95 -25.82
C VAL G 392 47.02 -13.39 -25.11
N VAL G 393 45.88 -13.06 -25.69
CA VAL G 393 44.61 -13.32 -25.01
C VAL G 393 43.65 -13.95 -26.00
N GLU G 394 42.76 -14.79 -25.48
CA GLU G 394 41.84 -15.53 -26.35
C GLU G 394 40.64 -14.72 -26.82
N ASN G 395 40.12 -13.87 -25.94
CA ASN G 395 38.94 -13.10 -26.23
C ASN G 395 38.95 -11.74 -25.53
N ASP G 396 37.90 -10.95 -25.79
CA ASP G 396 37.81 -9.59 -25.26
C ASP G 396 37.72 -9.54 -23.73
N ASP G 397 37.07 -10.53 -23.12
CA ASP G 397 36.98 -10.56 -21.67
C ASP G 397 38.35 -10.76 -21.05
N GLN G 398 39.16 -11.56 -21.75
CA GLN G 398 40.51 -11.82 -21.29
C GLN G 398 41.31 -10.54 -21.42
N ALA G 399 41.15 -9.88 -22.55
CA ALA G 399 41.82 -8.61 -22.86
C ALA G 399 41.56 -7.65 -21.71
N VAL G 400 40.29 -7.49 -21.40
CA VAL G 400 39.86 -6.58 -20.35
C VAL G 400 40.42 -6.98 -18.98
N GLU G 401 40.37 -8.26 -18.67
CA GLU G 401 40.83 -8.77 -17.38
C GLU G 401 42.33 -8.54 -17.21
N VAL G 402 43.11 -8.74 -18.27
CA VAL G 402 44.54 -8.49 -18.21
C VAL G 402 44.79 -6.99 -18.03
N ALA G 403 44.16 -6.18 -18.90
CA ALA G 403 44.23 -4.71 -18.88
C ALA G 403 43.96 -4.16 -17.50
N ASN G 404 42.94 -4.68 -16.84
CA ASN G 404 42.56 -4.20 -15.51
C ASN G 404 43.40 -4.76 -14.39
N ASP G 405 44.21 -5.78 -14.68
CA ASP G 405 44.88 -6.41 -13.57
C ASP G 405 46.19 -5.66 -13.42
N THR G 406 46.15 -4.67 -12.54
CA THR G 406 47.22 -3.69 -12.36
C THR G 406 46.74 -2.71 -11.31
N ASP G 407 47.68 -2.04 -10.67
CA ASP G 407 47.34 -1.08 -9.64
C ASP G 407 46.96 0.22 -10.28
N TYR G 408 47.51 0.46 -11.46
CA TYR G 408 47.37 1.76 -12.12
C TYR G 408 46.06 1.95 -12.85
N GLY G 409 45.65 3.21 -12.92
CA GLY G 409 44.47 3.68 -13.59
C GLY G 409 44.59 4.75 -14.65
N LEU G 410 45.74 4.94 -15.28
CA LEU G 410 45.93 6.21 -15.96
C LEU G 410 45.27 6.28 -17.34
N SER G 411 45.86 5.65 -18.34
CA SER G 411 45.30 5.71 -19.68
C SER G 411 45.11 4.28 -20.22
N GLY G 412 44.82 4.19 -21.51
CA GLY G 412 44.59 2.90 -22.10
C GLY G 412 44.13 3.11 -23.52
N ALA G 413 44.24 2.08 -24.34
CA ALA G 413 43.77 2.23 -25.70
C ALA G 413 43.30 0.89 -26.23
N VAL G 414 42.37 0.92 -27.17
CA VAL G 414 42.01 -0.28 -27.88
C VAL G 414 42.10 0.00 -29.38
N LEU G 415 42.74 -0.92 -30.09
CA LEU G 415 42.79 -0.85 -31.55
C LEU G 415 41.79 -1.86 -32.09
N THR G 416 40.71 -1.37 -32.70
CA THR G 416 39.77 -2.26 -33.37
C THR G 416 38.90 -1.47 -34.34
N ASN G 417 38.29 -2.16 -35.31
CA ASN G 417 37.32 -1.50 -36.18
C ASN G 417 35.88 -1.77 -35.78
N ASN G 418 35.70 -2.59 -34.77
CA ASN G 418 34.35 -2.95 -34.37
C ASN G 418 33.83 -1.98 -33.35
N VAL G 419 32.70 -1.34 -33.64
CA VAL G 419 32.18 -0.30 -32.75
C VAL G 419 31.79 -0.83 -31.37
N ASN G 420 31.13 -1.99 -31.33
CA ASN G 420 30.68 -2.54 -30.05
C ASN G 420 31.82 -3.03 -29.19
N ARG G 421 32.83 -3.61 -29.82
CA ARG G 421 33.98 -4.10 -29.09
C ARG G 421 34.75 -2.92 -28.52
N ALA G 422 34.92 -1.88 -29.34
CA ALA G 422 35.63 -0.67 -28.94
C ALA G 422 34.93 -0.02 -27.76
N PHE G 423 33.61 0.11 -27.87
CA PHE G 423 32.88 0.78 -26.81
C PHE G 423 32.82 -0.04 -25.53
N ARG G 424 32.62 -1.35 -25.67
CA ARG G 424 32.55 -2.25 -24.52
C ARG G 424 33.88 -2.30 -23.77
N ILE G 425 34.97 -2.38 -24.53
CA ILE G 425 36.31 -2.46 -23.94
C ILE G 425 36.64 -1.14 -23.27
N ALA G 426 36.33 -0.04 -23.96
CA ALA G 426 36.52 1.29 -23.37
C ALA G 426 35.76 1.45 -22.05
N GLU G 427 34.54 0.93 -22.01
CA GLU G 427 33.75 0.99 -20.78
C GLU G 427 34.34 0.10 -19.68
N ALA G 428 34.88 -1.05 -20.06
CA ALA G 428 35.33 -2.03 -19.08
C ALA G 428 36.71 -1.71 -18.48
N VAL G 429 37.62 -1.21 -19.30
CA VAL G 429 38.94 -0.80 -18.82
C VAL G 429 38.85 0.28 -17.73
N GLU G 430 39.50 0.04 -16.59
CA GLU G 430 39.41 1.02 -15.51
C GLU G 430 40.58 1.99 -15.62
N SER G 431 40.30 3.16 -16.15
CA SER G 431 41.34 4.14 -16.37
C SER G 431 40.71 5.52 -16.38
N GLY G 432 41.51 6.53 -16.02
CA GLY G 432 41.07 7.90 -16.08
C GLY G 432 40.86 8.37 -17.51
N MET G 433 41.58 7.77 -18.45
CA MET G 433 41.49 8.16 -19.86
C MET G 433 41.58 6.93 -20.76
N PHE G 434 41.03 7.03 -21.97
CA PHE G 434 41.05 5.91 -22.89
C PHE G 434 40.98 6.36 -24.35
N HIS G 435 41.71 5.69 -25.22
CA HIS G 435 41.73 6.13 -26.61
C HIS G 435 41.43 5.00 -27.58
N ILE G 436 40.35 5.15 -28.35
CA ILE G 436 40.03 4.17 -29.36
C ILE G 436 40.81 4.46 -30.65
N ASN G 437 41.58 3.48 -31.11
CA ASN G 437 42.36 3.61 -32.32
C ASN G 437 43.38 4.72 -32.31
N ASP G 438 44.08 4.87 -31.19
CA ASP G 438 45.18 5.80 -31.12
C ASP G 438 46.09 5.40 -29.97
N VAL G 439 47.19 6.12 -29.83
CA VAL G 439 48.19 5.86 -28.80
C VAL G 439 47.62 6.07 -27.38
N THR G 440 48.21 5.42 -26.40
CA THR G 440 47.76 5.55 -25.02
C THR G 440 48.02 6.95 -24.47
N PHE G 441 49.05 7.59 -25.03
CA PHE G 441 49.56 8.90 -24.59
C PHE G 441 48.97 10.15 -25.25
N LEU G 442 47.86 10.02 -25.97
CA LEU G 442 47.17 11.19 -26.49
C LEU G 442 46.99 12.16 -25.34
N GLU G 443 47.36 13.42 -25.59
CA GLU G 443 47.18 14.47 -24.60
C GLU G 443 46.90 15.77 -25.33
N GLU G 444 45.89 16.50 -24.85
CA GLU G 444 45.61 17.81 -25.39
C GLU G 444 45.65 18.82 -24.26
N SER G 445 45.84 20.08 -24.60
CA SER G 445 46.14 21.10 -23.59
C SER G 445 44.95 21.35 -22.67
N HIS G 446 43.75 21.23 -23.23
CA HIS G 446 42.51 21.55 -22.54
C HIS G 446 41.65 20.40 -22.00
N VAL G 447 42.12 19.16 -22.15
CA VAL G 447 41.35 17.99 -21.69
C VAL G 447 41.71 17.62 -20.24
N PRO G 448 40.82 16.87 -19.54
CA PRO G 448 41.06 16.38 -18.18
C PRO G 448 42.04 15.19 -18.18
N PHE G 449 43.33 15.49 -18.09
CA PHE G 449 44.37 14.47 -18.02
C PHE G 449 44.56 13.96 -16.60
N GLY G 450 44.49 12.64 -16.44
CA GLY G 450 44.60 12.09 -15.11
C GLY G 450 43.99 10.71 -15.04
N GLY G 451 44.07 10.11 -13.86
CA GLY G 451 43.83 8.68 -13.75
C GLY G 451 43.16 8.34 -12.45
N ILE G 452 42.88 7.06 -12.27
CA ILE G 452 42.23 6.57 -11.06
C ILE G 452 43.09 5.48 -10.46
N LYS G 453 42.58 4.87 -9.40
CA LYS G 453 43.35 3.90 -8.59
C LYS G 453 44.70 4.49 -8.19
N ALA G 454 45.79 3.81 -8.50
CA ALA G 454 47.10 4.24 -8.02
C ALA G 454 47.74 5.34 -8.88
N SER G 455 47.10 5.65 -10.00
CA SER G 455 47.67 6.61 -10.94
C SER G 455 47.49 8.06 -10.46
N GLY G 456 46.65 8.26 -9.45
CA GLY G 456 46.60 9.59 -8.89
C GLY G 456 45.27 10.12 -8.42
N VAL G 457 45.24 11.43 -8.31
CA VAL G 457 44.10 12.19 -7.81
C VAL G 457 44.09 13.50 -8.62
N GLY G 458 42.92 13.93 -9.07
CA GLY G 458 42.79 15.19 -9.77
C GLY G 458 42.83 15.07 -11.29
N ARG G 459 42.63 16.20 -11.97
CA ARG G 459 42.76 16.28 -13.43
C ARG G 459 43.48 17.56 -13.77
N GLU G 460 44.34 17.52 -14.77
CA GLU G 460 44.96 18.75 -15.23
C GLU G 460 44.74 18.95 -16.71
N GLY G 461 44.93 20.21 -17.11
CA GLY G 461 44.64 20.77 -18.42
C GLY G 461 43.40 21.64 -18.41
N GLY G 462 43.50 22.77 -19.09
CA GLY G 462 42.41 23.72 -19.18
C GLY G 462 41.69 24.01 -17.86
N GLU G 463 40.36 23.99 -18.00
CA GLU G 463 39.45 24.31 -16.92
C GLU G 463 39.60 23.34 -15.75
N TRP G 464 40.19 22.18 -16.02
CA TRP G 464 40.35 21.15 -15.01
C TRP G 464 41.53 21.51 -14.10
N SER G 465 42.55 22.10 -14.71
CA SER G 465 43.64 22.67 -13.93
C SER G 465 43.08 23.82 -13.10
N PHE G 466 42.37 24.73 -13.78
CA PHE G 466 41.75 25.87 -13.10
C PHE G 466 40.99 25.34 -11.90
N HIS G 467 40.21 24.30 -12.15
CA HIS G 467 39.38 23.72 -11.14
C HIS G 467 40.16 23.21 -9.92
N GLU G 468 41.29 22.52 -10.16
CA GLU G 468 42.17 22.09 -9.07
C GLU G 468 42.64 23.28 -8.23
N THR G 469 42.92 24.40 -8.90
CA THR G 469 43.48 25.55 -8.20
C THR G 469 42.51 26.68 -7.79
N THR G 470 41.21 26.42 -7.90
CA THR G 470 40.20 27.36 -7.43
C THR G 470 39.24 26.69 -6.46
N TYR G 471 38.46 27.50 -5.77
CA TYR G 471 37.37 26.98 -4.98
C TYR G 471 36.12 27.81 -5.25
N ASP G 472 34.98 27.17 -4.95
CA ASP G 472 33.68 27.77 -5.11
C ASP G 472 33.30 28.54 -3.86
N ARG G 473 32.67 29.70 -4.07
CA ARG G 473 32.23 30.55 -2.98
C ARG G 473 30.75 30.88 -3.18
N TRP G 474 29.90 30.26 -2.37
CA TRP G 474 28.46 30.45 -2.47
C TRP G 474 28.15 31.73 -1.72
N VAL G 475 27.51 32.67 -2.42
CA VAL G 475 27.11 33.93 -1.79
C VAL G 475 25.64 34.14 -2.02
N THR G 476 24.95 34.60 -0.98
CA THR G 476 23.55 34.98 -1.10
C THR G 476 23.27 36.42 -0.68
N VAL G 477 22.15 36.94 -1.18
CA VAL G 477 21.63 38.18 -0.67
C VAL G 477 20.17 37.95 -0.40
N THR G 478 19.75 38.24 0.82
CA THR G 478 18.36 38.12 1.20
C THR G 478 17.73 39.52 1.19
N LEU G 479 16.66 39.65 0.42
CA LEU G 479 16.04 40.96 0.21
C LEU G 479 14.84 41.14 1.11
N ARG G 480 14.55 40.09 1.86
CA ARG G 480 13.36 40.02 2.70
C ARG G 480 13.75 39.95 4.17
N THR G 481 13.01 40.68 5.00
CA THR G 481 13.09 40.50 6.43
C THR G 481 12.32 39.23 6.80
N ARG G 482 12.92 38.38 7.63
CA ARG G 482 12.24 37.16 8.06
C ARG G 482 12.04 37.15 9.58
N ARG G 483 11.36 36.12 10.05
CA ARG G 483 11.03 35.97 11.46
C ARG G 483 11.72 34.71 11.94
N PHE G 484 12.10 34.67 13.22
CA PHE G 484 12.96 33.60 13.68
C PHE G 484 12.27 32.73 14.73
N PRO G 485 12.58 31.42 14.73
CA PRO G 485 11.94 30.43 15.59
C PRO G 485 12.33 30.55 17.06
N ILE G 486 13.46 31.20 17.34
CA ILE G 486 13.83 31.52 18.73
C ILE G 486 14.12 33.02 18.89
N PRO G 487 13.77 33.58 20.06
CA PRO G 487 13.01 32.89 21.12
C PRO G 487 11.55 32.74 20.70
N SER G 488 10.88 31.70 21.17
CA SER G 488 9.52 31.38 20.74
C SER G 488 8.48 32.33 21.33
N ALA G 489 8.76 32.84 22.53
CA ALA G 489 8.05 34.02 23.03
C ALA G 489 8.46 35.14 22.09
N LEU G 490 7.78 36.28 22.12
CA LEU G 490 8.16 37.39 21.26
C LEU G 490 8.02 37.09 19.77
N LYS G 491 6.77 37.11 19.31
CA LYS G 491 6.42 37.20 17.89
C LYS G 491 7.39 38.07 17.07
N VAL H 9 17.84 -2.05 17.76
CA VAL H 9 18.87 -1.35 16.98
C VAL H 9 20.01 -2.26 16.57
N ALA H 10 20.19 -2.44 15.26
CA ALA H 10 21.20 -3.34 14.71
C ALA H 10 21.95 -2.70 13.54
N ASN H 11 23.04 -3.35 13.13
CA ASN H 11 23.70 -3.01 11.88
C ASN H 11 22.81 -3.33 10.68
N TYR H 12 23.10 -2.73 9.53
CA TYR H 12 22.46 -3.12 8.27
C TYR H 12 23.55 -3.38 7.23
N ILE H 13 23.74 -4.64 6.86
CA ILE H 13 24.81 -5.05 5.97
C ILE H 13 24.27 -6.03 4.92
N ASN H 14 24.62 -5.79 3.67
CA ASN H 14 24.17 -6.59 2.53
C ASN H 14 22.70 -6.95 2.57
N GLY H 15 21.86 -5.98 2.90
CA GLY H 15 20.41 -6.16 2.86
C GLY H 15 19.83 -6.75 4.13
N GLU H 16 20.71 -7.06 5.08
CA GLU H 16 20.31 -7.76 6.29
C GLU H 16 20.54 -6.89 7.53
N PHE H 17 19.52 -6.76 8.37
CA PHE H 17 19.71 -6.17 9.69
C PHE H 17 20.28 -7.25 10.59
N LYS H 18 21.45 -7.00 11.16
CA LYS H 18 22.11 -8.04 11.94
C LYS H 18 22.84 -7.48 13.15
N GLU H 19 23.18 -8.38 14.06
CA GLU H 19 24.01 -8.03 15.19
C GLU H 19 25.47 -7.96 14.76
N PRO H 20 26.27 -7.15 15.47
CA PRO H 20 27.71 -7.14 15.23
C PRO H 20 28.29 -8.53 15.36
N SER H 21 29.40 -8.76 14.66
CA SER H 21 30.08 -10.05 14.70
C SER H 21 30.57 -10.29 16.12
N THR H 22 30.88 -9.21 16.81
CA THR H 22 31.44 -9.29 18.15
C THR H 22 30.40 -9.73 19.15
N GLY H 23 29.14 -9.38 18.89
CA GLY H 23 28.09 -9.60 19.85
C GLY H 23 28.00 -8.43 20.82
N ALA H 24 29.06 -7.62 20.87
CA ALA H 24 29.14 -6.47 21.77
C ALA H 24 28.08 -5.39 21.52
N PHE H 25 27.73 -4.66 22.57
CA PHE H 25 26.79 -3.55 22.46
C PHE H 25 27.06 -2.51 23.54
N GLN H 26 26.47 -1.33 23.38
CA GLN H 26 26.54 -0.25 24.36
C GLN H 26 25.15 0.28 24.57
N VAL H 27 24.96 1.05 25.63
CA VAL H 27 23.63 1.61 25.89
C VAL H 27 23.62 3.12 25.68
N LYS H 28 23.00 3.55 24.58
CA LYS H 28 22.82 4.97 24.29
C LYS H 28 21.73 5.53 25.22
N THR H 29 22.10 6.63 25.88
CA THR H 29 21.22 7.31 26.82
C THR H 29 20.93 8.71 26.32
N SER H 30 19.86 9.31 26.84
CA SER H 30 19.47 10.66 26.46
C SER H 30 20.29 11.76 27.15
N PRO H 31 20.65 12.81 26.39
CA PRO H 31 21.36 13.97 26.95
C PRO H 31 20.44 14.77 27.84
N VAL H 32 19.15 14.50 27.74
CA VAL H 32 18.20 15.28 28.49
C VAL H 32 18.21 14.86 29.96
N ASP H 33 17.64 13.70 30.26
CA ASP H 33 17.57 13.15 31.61
C ASP H 33 18.56 12.00 31.94
N GLY H 34 19.33 11.55 30.97
CA GLY H 34 20.17 10.39 31.18
C GLY H 34 19.44 9.06 30.95
N SER H 35 18.16 9.14 30.61
CA SER H 35 17.35 7.92 30.41
C SER H 35 17.89 7.00 29.33
N LYS H 36 17.72 5.71 29.54
CA LYS H 36 18.11 4.72 28.57
C LYS H 36 17.32 4.95 27.30
N ILE H 37 18.03 5.06 26.18
CA ILE H 37 17.36 5.21 24.91
C ILE H 37 17.34 3.87 24.20
N ALA H 38 18.52 3.32 23.89
CA ALA H 38 18.55 1.97 23.31
C ALA H 38 19.89 1.25 23.41
N GLU H 39 19.88 -0.08 23.28
CA GLU H 39 21.11 -0.83 23.07
C GLU H 39 21.50 -0.71 21.59
N VAL H 40 22.77 -0.42 21.34
CA VAL H 40 23.25 -0.24 19.98
C VAL H 40 24.54 -1.01 19.82
N PRO H 41 24.84 -1.45 18.59
CA PRO H 41 26.07 -2.22 18.38
C PRO H 41 27.32 -1.45 18.81
N ARG H 42 28.31 -2.17 19.31
CA ARG H 42 29.67 -1.64 19.32
C ARG H 42 30.35 -2.55 18.33
N SER H 43 30.49 -2.05 17.11
CA SER H 43 30.95 -2.86 16.00
C SER H 43 32.46 -2.95 15.86
N GLY H 44 32.93 -4.03 15.25
CA GLY H 44 34.35 -4.21 15.06
C GLY H 44 34.81 -3.96 13.64
N ARG H 45 36.11 -4.13 13.43
CA ARG H 45 36.73 -4.05 12.12
C ARG H 45 36.21 -5.16 11.22
N GLU H 46 35.74 -6.23 11.84
CA GLU H 46 35.17 -7.34 11.09
C GLU H 46 33.91 -6.87 10.39
N ASP H 47 33.06 -6.20 11.15
CA ASP H 47 31.81 -5.66 10.64
C ASP H 47 32.05 -4.68 9.50
N ALA H 48 33.02 -3.79 9.68
CA ALA H 48 33.33 -2.80 8.65
C ALA H 48 33.83 -3.52 7.40
N ARG H 49 34.69 -4.52 7.59
CA ARG H 49 35.15 -5.28 6.45
C ARG H 49 33.97 -5.89 5.69
N GLU H 50 33.00 -6.41 6.43
CA GLU H 50 31.88 -7.09 5.81
C GLU H 50 31.08 -6.09 4.98
N ALA H 51 30.75 -4.96 5.62
CA ALA H 51 30.06 -3.87 4.96
C ALA H 51 30.75 -3.42 3.66
N ILE H 52 32.03 -3.10 3.78
CA ILE H 52 32.82 -2.63 2.65
C ILE H 52 32.80 -3.65 1.51
N ASP H 53 32.96 -4.93 1.83
CA ASP H 53 32.93 -5.96 0.80
C ASP H 53 31.55 -6.09 0.15
N SER H 54 30.51 -5.85 0.95
CA SER H 54 29.14 -5.86 0.46
C SER H 54 28.96 -4.79 -0.59
N ALA H 55 29.27 -3.56 -0.18
CA ALA H 55 29.17 -2.39 -1.05
C ALA H 55 30.00 -2.61 -2.30
N PHE H 56 31.16 -3.22 -2.13
CA PHE H 56 32.05 -3.45 -3.25
C PHE H 56 31.41 -4.42 -4.23
N GLU H 57 30.75 -5.44 -3.70
CA GLU H 57 30.10 -6.41 -4.57
C GLU H 57 28.93 -5.80 -5.31
N ALA H 58 28.16 -4.97 -4.62
CA ALA H 58 26.95 -4.37 -5.20
C ALA H 58 27.29 -3.28 -6.23
N LEU H 59 28.52 -2.78 -6.13
CA LEU H 59 28.96 -1.62 -6.88
C LEU H 59 28.71 -1.68 -8.38
N LYS H 60 29.18 -2.73 -9.05
CA LYS H 60 29.06 -2.80 -10.50
C LYS H 60 27.59 -2.72 -10.98
N ALA H 61 26.75 -3.60 -10.44
CA ALA H 61 25.34 -3.63 -10.80
C ALA H 61 24.60 -2.32 -10.45
N TRP H 62 25.02 -1.65 -9.38
CA TRP H 62 24.40 -0.38 -8.99
C TRP H 62 24.86 0.79 -9.86
N ALA H 63 26.14 0.78 -10.24
CA ALA H 63 26.71 1.89 -10.98
C ALA H 63 26.32 1.80 -12.45
N ASN H 64 25.98 0.60 -12.89
CA ASN H 64 25.70 0.43 -14.30
C ASN H 64 24.24 0.46 -14.73
N ILE H 65 23.31 0.51 -13.79
CA ILE H 65 21.95 0.75 -14.22
C ILE H 65 21.86 2.20 -14.72
N PRO H 66 20.91 2.50 -15.59
CA PRO H 66 20.80 3.89 -16.00
C PRO H 66 20.42 4.77 -14.81
N ALA H 67 20.76 6.06 -14.87
CA ALA H 67 20.51 6.96 -13.76
C ALA H 67 19.05 6.96 -13.32
N ILE H 68 18.13 6.84 -14.27
CA ILE H 68 16.70 6.91 -13.99
C ILE H 68 16.25 5.84 -12.98
N ARG H 69 16.86 4.66 -13.04
CA ARG H 69 16.55 3.61 -12.07
C ARG H 69 16.97 3.97 -10.64
N ARG H 70 18.18 4.49 -10.50
CA ARG H 70 18.67 4.94 -9.20
C ARG H 70 17.79 6.04 -8.65
N ALA H 71 17.42 6.97 -9.54
CA ALA H 71 16.52 8.05 -9.18
C ALA H 71 15.19 7.51 -8.68
N GLU H 72 14.72 6.42 -9.29
CA GLU H 72 13.50 5.76 -8.85
C GLU H 72 13.67 5.32 -7.41
N TYR H 73 14.80 4.65 -7.14
CA TYR H 73 15.09 4.18 -5.79
C TYR H 73 15.08 5.32 -4.77
N LEU H 74 15.64 6.45 -5.17
CA LEU H 74 15.66 7.63 -4.33
C LEU H 74 14.28 8.22 -4.15
N TYR H 75 13.42 8.03 -5.15
CA TYR H 75 12.06 8.54 -5.03
C TYR H 75 11.26 7.69 -4.03
N LYS H 76 11.52 6.39 -4.03
CA LYS H 76 10.87 5.55 -3.04
C LYS H 76 11.42 5.82 -1.64
N MET H 77 12.72 6.07 -1.56
CA MET H 77 13.32 6.56 -0.31
C MET H 77 12.59 7.80 0.17
N LEU H 78 12.34 8.73 -0.75
CA LEU H 78 11.59 9.94 -0.45
C LEU H 78 10.25 9.62 0.20
N GLU H 79 9.46 8.75 -0.43
CA GLU H 79 8.11 8.50 0.08
C GLU H 79 8.12 7.81 1.46
N VAL H 80 9.05 6.87 1.63
CA VAL H 80 9.25 6.21 2.92
C VAL H 80 9.65 7.21 4.03
N PHE H 81 10.59 8.10 3.69
CA PHE H 81 11.01 9.12 4.63
C PHE H 81 9.83 9.98 5.05
N ARG H 82 9.04 10.39 4.06
CA ARG H 82 7.85 11.17 4.32
C ARG H 82 6.97 10.45 5.33
N GLN H 83 6.85 9.13 5.18
CA GLN H 83 6.11 8.34 6.16
C GLN H 83 6.76 8.35 7.56
N MET H 84 8.09 8.44 7.61
CA MET H 84 8.84 8.32 8.86
C MET H 84 9.20 9.63 9.59
N LYS H 85 8.72 10.76 9.08
CA LYS H 85 9.04 12.06 9.68
C LYS H 85 8.89 12.15 11.21
N GLU H 86 7.80 11.63 11.76
CA GLU H 86 7.54 11.74 13.20
C GLU H 86 8.54 10.92 14.01
N ASP H 87 8.86 9.73 13.53
CA ASP H 87 9.84 8.89 14.20
C ASP H 87 11.22 9.57 14.20
N PHE H 88 11.59 10.10 13.04
CA PHE H 88 12.86 10.81 12.93
C PHE H 88 12.93 11.98 13.89
N MET H 89 11.87 12.78 13.92
CA MET H 89 11.78 13.93 14.82
C MET H 89 11.90 13.52 16.28
N LYS H 90 11.16 12.47 16.65
CA LYS H 90 11.17 11.94 18.00
C LYS H 90 12.59 11.61 18.41
N ILE H 91 13.28 10.85 17.58
CA ILE H 91 14.64 10.45 17.92
C ILE H 91 15.64 11.64 17.93
N LEU H 92 15.56 12.51 16.94
CA LEU H 92 16.44 13.67 16.91
C LEU H 92 16.29 14.49 18.19
N THR H 93 15.06 14.58 18.71
CA THR H 93 14.84 15.27 19.98
C THR H 93 15.36 14.48 21.20
N VAL H 94 14.93 13.21 21.34
CA VAL H 94 15.31 12.44 22.53
C VAL H 94 16.77 11.95 22.54
N GLU H 95 17.28 11.53 21.38
CA GLU H 95 18.67 11.11 21.24
C GLU H 95 19.64 12.29 21.08
N GLY H 96 19.20 13.32 20.36
CA GLY H 96 20.09 14.42 20.02
C GLY H 96 19.89 15.69 20.82
N GLY H 97 18.80 15.76 21.58
CA GLY H 97 18.55 16.92 22.40
C GLY H 97 17.98 18.08 21.61
N GLY H 98 17.63 17.83 20.35
CA GLY H 98 17.10 18.88 19.52
C GLY H 98 15.71 19.31 19.94
N THR H 99 15.43 20.60 19.85
CA THR H 99 14.10 21.13 20.10
C THR H 99 13.20 20.78 18.93
N TYR H 100 11.89 20.87 19.16
CA TYR H 100 10.91 20.62 18.13
C TYR H 100 11.21 21.35 16.83
N ARG H 101 11.47 22.65 16.91
CA ARG H 101 11.72 23.44 15.71
C ARG H 101 12.98 23.04 14.97
N LYS H 102 14.02 22.68 15.72
CA LYS H 102 15.28 22.34 15.08
C LYS H 102 15.15 21.03 14.34
N VAL H 103 14.43 20.08 14.94
CA VAL H 103 14.32 18.76 14.33
C VAL H 103 13.26 18.75 13.24
N TRP H 104 12.27 19.61 13.38
CA TRP H 104 11.28 19.78 12.35
C TRP H 104 12.04 20.27 11.14
N GLY H 105 12.77 21.36 11.31
CA GLY H 105 13.57 21.92 10.24
C GLY H 105 14.50 20.87 9.65
N GLU H 106 15.20 20.13 10.50
CA GLU H 106 16.12 19.13 9.98
C GLU H 106 15.37 18.11 9.11
N VAL H 107 14.16 17.78 9.52
CA VAL H 107 13.40 16.76 8.82
C VAL H 107 12.95 17.29 7.44
N VAL H 108 12.46 18.53 7.43
CA VAL H 108 12.06 19.20 6.21
C VAL H 108 13.23 19.29 5.23
N PHE H 109 14.37 19.74 5.74
CA PHE H 109 15.56 19.86 4.91
C PHE H 109 15.98 18.51 4.38
N THR H 110 15.84 17.48 5.21
CA THR H 110 16.25 16.13 4.84
C THR H 110 15.38 15.62 3.70
N GLU H 111 14.09 15.89 3.80
CA GLU H 111 13.14 15.52 2.77
C GLU H 111 13.57 16.18 1.47
N ARG H 112 13.88 17.47 1.54
CA ARG H 112 14.41 18.18 0.39
C ARG H 112 15.72 17.62 -0.14
N LEU H 113 16.55 17.09 0.75
CA LEU H 113 17.85 16.56 0.33
C LEU H 113 17.65 15.29 -0.49
N ILE H 114 16.78 14.42 0.00
CA ILE H 114 16.54 13.16 -0.67
C ILE H 114 15.91 13.44 -2.02
N GLN H 115 14.88 14.29 -2.00
CA GLN H 115 14.28 14.70 -3.24
C GLN H 115 15.31 15.22 -4.24
N ASN H 116 16.11 16.18 -3.80
CA ASN H 116 17.11 16.84 -4.64
C ASN H 116 18.08 15.87 -5.30
N ALA H 117 18.56 14.91 -4.51
CA ALA H 117 19.43 13.89 -5.05
C ALA H 117 18.72 13.08 -6.14
N ALA H 118 17.47 12.71 -5.88
CA ALA H 118 16.67 12.01 -6.90
C ALA H 118 16.57 12.84 -8.17
N GLU H 119 16.24 14.12 -8.01
CA GLU H 119 16.00 15.02 -9.14
C GLU H 119 17.21 15.17 -10.04
N LEU H 120 18.39 15.28 -9.44
CA LEU H 120 19.58 15.56 -10.23
C LEU H 120 20.21 14.32 -10.88
N ALA H 121 19.76 13.14 -10.47
CA ALA H 121 20.41 11.90 -10.88
C ALA H 121 20.54 11.71 -12.41
N ARG H 122 19.51 12.08 -13.17
CA ARG H 122 19.54 11.88 -14.62
C ARG H 122 20.29 12.97 -15.36
N HIS H 123 20.61 14.05 -14.67
CA HIS H 123 21.13 15.23 -15.32
C HIS H 123 22.63 15.55 -15.23
N TYR H 124 23.37 14.74 -14.51
CA TYR H 124 24.77 15.04 -14.25
C TYR H 124 25.53 14.72 -15.53
N GLN H 125 26.16 15.75 -16.08
CA GLN H 125 26.62 15.74 -17.47
C GLN H 125 28.13 15.82 -17.62
N GLY H 126 28.66 15.02 -18.54
CA GLY H 126 30.03 15.16 -18.97
C GLY H 126 30.06 16.18 -20.10
N ARG H 127 31.18 16.29 -20.78
CA ARG H 127 31.34 17.35 -21.77
C ARG H 127 31.80 16.80 -23.11
N VAL H 128 31.34 17.39 -24.20
CA VAL H 128 31.88 17.05 -25.51
C VAL H 128 32.83 18.14 -25.94
N LEU H 129 34.09 17.73 -26.13
CA LEU H 129 35.22 18.61 -26.29
C LEU H 129 35.63 18.80 -27.74
N GLN H 130 36.16 19.97 -28.02
CA GLN H 130 36.78 20.27 -29.29
C GLN H 130 38.18 19.67 -29.28
N SER H 131 38.53 18.92 -30.32
CA SER H 131 39.87 18.37 -30.43
C SER H 131 40.76 19.31 -31.24
N ASP H 132 42.03 19.38 -30.84
CA ASP H 132 43.02 20.09 -31.63
C ASP H 132 43.54 19.20 -32.75
N SER H 133 43.07 17.95 -32.80
CA SER H 133 43.52 17.02 -33.81
C SER H 133 42.45 16.85 -34.87
N GLU H 134 42.88 16.60 -36.09
CA GLU H 134 41.93 16.29 -37.14
C GLU H 134 41.35 14.91 -36.88
N SER H 135 40.11 14.69 -37.32
CA SER H 135 39.51 13.37 -37.26
C SER H 135 39.53 12.75 -35.87
N THR H 136 39.20 13.53 -34.86
CA THR H 136 39.26 12.99 -33.51
C THR H 136 38.01 13.41 -32.79
N ILE H 137 37.32 12.47 -32.17
CA ILE H 137 36.25 12.88 -31.30
C ILE H 137 36.73 12.74 -29.88
N SER H 138 36.43 13.75 -29.07
CA SER H 138 36.98 13.88 -27.75
C SER H 138 35.86 14.21 -26.80
N VAL H 139 35.57 13.32 -25.85
CA VAL H 139 34.47 13.55 -24.94
C VAL H 139 34.90 13.14 -23.54
N VAL H 140 34.21 13.66 -22.53
CA VAL H 140 34.51 13.35 -21.15
C VAL H 140 33.25 12.86 -20.44
N PHE H 141 33.38 11.70 -19.82
CA PHE H 141 32.28 10.99 -19.18
C PHE H 141 32.36 11.14 -17.66
N LYS H 142 31.22 11.03 -17.00
CA LYS H 142 31.19 11.02 -15.55
C LYS H 142 31.11 9.59 -15.06
N ARG H 143 31.85 9.26 -14.01
CA ARG H 143 31.82 7.90 -13.47
C ARG H 143 31.79 7.88 -11.95
N SER H 144 31.13 6.87 -11.39
CA SER H 144 31.06 6.73 -9.94
C SER H 144 32.48 6.48 -9.44
N LYS H 145 32.79 6.96 -8.25
CA LYS H 145 34.08 6.62 -7.68
C LYS H 145 34.15 5.15 -7.24
N GLY H 146 33.11 4.66 -6.57
CA GLY H 146 33.22 3.34 -6.00
C GLY H 146 32.42 3.24 -4.72
N VAL H 147 32.87 2.39 -3.82
CA VAL H 147 32.30 2.39 -2.47
C VAL H 147 32.79 3.62 -1.70
N VAL H 148 31.83 4.31 -1.09
CA VAL H 148 32.08 5.52 -0.37
C VAL H 148 31.77 5.34 1.11
N GLY H 149 32.76 5.66 1.94
CA GLY H 149 32.56 5.83 3.37
C GLY H 149 31.91 7.15 3.74
N VAL H 150 30.85 7.11 4.52
CA VAL H 150 30.25 8.34 4.99
C VAL H 150 30.19 8.34 6.52
N ILE H 151 30.92 9.30 7.10
CA ILE H 151 31.13 9.42 8.55
C ILE H 151 30.60 10.76 9.03
N THR H 152 29.68 10.70 9.98
CA THR H 152 28.80 11.82 10.26
C THR H 152 28.77 12.22 11.73
N PRO H 153 28.43 13.48 12.00
CA PRO H 153 28.42 14.03 13.36
C PRO H 153 27.07 13.85 14.05
N TRP H 154 26.99 14.33 15.29
CA TRP H 154 25.81 14.14 16.12
C TRP H 154 24.90 15.34 16.16
N ASN H 155 25.34 16.48 15.62
CA ASN H 155 24.61 17.71 15.84
C ASN H 155 23.40 17.83 14.93
N TYR H 156 23.61 17.58 13.65
CA TYR H 156 22.51 17.50 12.68
C TYR H 156 22.67 16.18 11.97
N PRO H 157 22.54 15.09 12.74
CA PRO H 157 22.96 13.76 12.27
C PRO H 157 22.16 13.32 11.04
N LEU H 158 20.86 13.56 11.06
CA LEU H 158 19.96 13.12 10.00
C LEU H 158 20.22 13.84 8.67
N SER H 159 20.16 15.17 8.67
CA SER H 159 20.31 15.92 7.43
C SER H 159 21.71 15.78 6.86
N ILE H 160 22.74 15.99 7.68
CA ILE H 160 24.11 15.85 7.21
C ILE H 160 24.37 14.45 6.61
N SER H 161 23.93 13.42 7.35
CA SER H 161 24.06 12.05 6.87
C SER H 161 23.36 11.88 5.52
N MET H 162 22.12 12.34 5.43
CA MET H 162 21.30 12.13 4.25
C MET H 162 21.78 12.93 3.04
N LYS H 163 22.39 14.08 3.30
CA LYS H 163 22.92 14.88 2.22
C LYS H 163 24.05 14.09 1.61
N LYS H 164 24.91 13.54 2.47
CA LYS H 164 26.00 12.72 1.94
C LYS H 164 25.50 11.46 1.23
N ILE H 165 24.60 10.75 1.89
CA ILE H 165 24.14 9.45 1.45
C ILE H 165 23.32 9.48 0.16
N ALA H 166 22.28 10.31 0.15
CA ALA H 166 21.37 10.37 -0.98
C ALA H 166 22.10 10.73 -2.27
N HIS H 167 22.88 11.82 -2.22
CA HIS H 167 23.64 12.23 -3.40
C HIS H 167 24.73 11.23 -3.77
N THR H 168 25.36 10.61 -2.79
CA THR H 168 26.42 9.67 -3.14
C THR H 168 25.82 8.49 -3.90
N LEU H 169 24.67 8.04 -3.42
CA LEU H 169 23.94 6.92 -4.01
C LEU H 169 23.45 7.23 -5.42
N ALA H 170 22.88 8.43 -5.57
CA ALA H 170 22.27 8.89 -6.80
C ALA H 170 23.15 8.67 -8.03
N VAL H 171 24.42 8.91 -7.84
CA VAL H 171 25.30 9.03 -8.98
C VAL H 171 26.06 7.72 -9.27
N GLY H 172 25.69 6.66 -8.57
CA GLY H 172 26.24 5.33 -8.87
C GLY H 172 27.27 4.76 -7.91
N ASN H 173 27.45 5.40 -6.77
CA ASN H 173 28.35 4.94 -5.72
C ASN H 173 27.59 4.08 -4.73
N THR H 174 28.29 3.18 -4.05
CA THR H 174 27.71 2.48 -2.91
C THR H 174 28.33 2.95 -1.60
N VAL H 175 27.59 2.73 -0.52
CA VAL H 175 27.83 3.43 0.73
C VAL H 175 28.11 2.52 1.90
N VAL H 176 29.17 2.82 2.64
CA VAL H 176 29.26 2.34 4.00
C VAL H 176 29.26 3.54 4.92
N TYR H 177 28.23 3.57 5.75
CA TYR H 177 27.85 4.69 6.58
C TYR H 177 28.09 4.37 8.06
N LYS H 178 28.81 5.27 8.76
CA LYS H 178 29.12 5.13 10.18
C LYS H 178 28.73 6.37 10.96
N PRO H 179 27.54 6.37 11.58
CA PRO H 179 27.02 7.56 12.25
C PRO H 179 27.81 7.93 13.52
N ALA H 180 27.62 9.14 14.00
CA ALA H 180 28.22 9.55 15.28
C ALA H 180 27.79 8.59 16.39
N SER H 181 28.75 8.24 17.25
CA SER H 181 28.46 7.36 18.38
C SER H 181 27.34 7.90 19.25
N ASP H 182 27.24 9.23 19.34
CA ASP H 182 26.20 9.84 20.15
C ASP H 182 24.83 9.83 19.47
N THR H 183 24.79 9.53 18.17
CA THR H 183 23.49 9.45 17.47
C THR H 183 23.32 8.18 16.63
N PRO H 184 23.39 6.99 17.26
CA PRO H 184 23.24 5.75 16.49
C PRO H 184 21.82 5.47 15.98
N VAL H 185 20.81 5.79 16.79
CA VAL H 185 19.43 5.45 16.43
C VAL H 185 18.98 6.17 15.16
N THR H 186 19.39 7.43 15.03
CA THR H 186 19.20 8.18 13.80
C THR H 186 19.76 7.43 12.58
N GLY H 187 20.97 6.87 12.72
CA GLY H 187 21.59 6.08 11.68
C GLY H 187 20.82 4.81 11.37
N TRP H 188 20.34 4.15 12.41
CA TRP H 188 19.51 2.96 12.28
C TRP H 188 18.19 3.28 11.55
N LEU H 189 17.55 4.38 11.93
CA LEU H 189 16.33 4.82 11.25
C LEU H 189 16.58 5.16 9.78
N ILE H 190 17.77 5.68 9.49
CA ILE H 190 18.17 5.91 8.10
C ILE H 190 18.25 4.58 7.35
N ALA H 191 18.86 3.58 7.99
CA ALA H 191 18.97 2.26 7.39
C ALA H 191 17.59 1.62 7.25
N GLN H 192 16.75 1.81 8.26
CA GLN H 192 15.37 1.36 8.21
C GLN H 192 14.68 1.88 6.95
N MET H 193 14.82 3.18 6.72
CA MET H 193 14.27 3.83 5.55
C MET H 193 14.76 3.19 4.24
N VAL H 194 16.07 3.03 4.12
CA VAL H 194 16.66 2.52 2.88
C VAL H 194 16.24 1.10 2.65
N ALA H 195 16.19 0.33 3.72
CA ALA H 195 15.72 -1.04 3.68
C ALA H 195 14.29 -1.10 3.13
N LYS H 196 13.39 -0.28 3.68
CA LYS H 196 11.99 -0.26 3.26
C LYS H 196 11.82 0.26 1.84
N ALA H 197 12.85 0.91 1.32
CA ALA H 197 12.77 1.44 -0.03
C ALA H 197 13.27 0.43 -1.06
N GLY H 198 13.85 -0.67 -0.57
CA GLY H 198 14.17 -1.80 -1.41
C GLY H 198 15.39 -1.67 -2.30
N LEU H 199 16.33 -0.82 -1.89
CA LEU H 199 17.61 -0.69 -2.60
C LEU H 199 18.32 -2.04 -2.63
N PRO H 200 19.00 -2.34 -3.74
CA PRO H 200 19.70 -3.61 -3.88
C PRO H 200 20.64 -3.86 -2.71
N LYS H 201 20.82 -5.12 -2.36
CA LYS H 201 21.59 -5.47 -1.18
C LYS H 201 23.02 -4.98 -1.33
N GLY H 202 23.57 -4.46 -0.24
CA GLY H 202 24.94 -3.96 -0.23
C GLY H 202 25.13 -2.58 -0.82
N VAL H 203 24.11 -2.01 -1.43
CA VAL H 203 24.25 -0.65 -1.99
C VAL H 203 24.44 0.35 -0.84
N PHE H 204 23.74 0.09 0.26
CA PHE H 204 23.86 0.90 1.46
C PHE H 204 24.06 0.01 2.68
N ASN H 205 25.11 0.30 3.43
CA ASN H 205 25.44 -0.50 4.61
C ASN H 205 25.69 0.37 5.83
N LEU H 206 24.94 0.12 6.91
CA LEU H 206 25.14 0.82 8.18
C LEU H 206 25.88 -0.03 9.21
N VAL H 207 26.98 0.49 9.73
CA VAL H 207 27.60 -0.15 10.87
C VAL H 207 27.87 0.84 11.99
N ILE H 208 27.23 0.58 13.13
CA ILE H 208 27.28 1.45 14.29
C ILE H 208 28.43 1.02 15.18
N GLY H 209 29.40 1.91 15.39
CA GLY H 209 30.56 1.54 16.18
C GLY H 209 31.44 2.75 16.49
N PRO H 210 32.51 2.52 17.26
CA PRO H 210 33.45 3.58 17.64
C PRO H 210 34.30 4.01 16.45
N GLY H 211 34.48 5.32 16.30
CA GLY H 211 35.28 5.89 15.23
C GLY H 211 36.65 5.25 15.05
N PRO H 212 37.41 5.08 16.15
CA PRO H 212 38.74 4.48 16.05
C PRO H 212 38.76 3.03 15.57
N VAL H 213 37.64 2.34 15.62
CA VAL H 213 37.62 0.97 15.11
C VAL H 213 36.92 0.90 13.74
N VAL H 214 35.64 1.25 13.70
CA VAL H 214 34.86 1.18 12.46
C VAL H 214 35.27 2.24 11.42
N GLY H 215 35.29 3.49 11.86
CA GLY H 215 35.76 4.57 11.02
C GLY H 215 37.16 4.32 10.47
N GLU H 216 38.06 3.85 11.33
CA GLU H 216 39.44 3.63 10.91
C GLU H 216 39.53 2.60 9.79
N GLU H 217 38.73 1.55 9.90
CA GLU H 217 38.72 0.53 8.86
C GLU H 217 38.17 1.12 7.58
N ILE H 218 37.09 1.89 7.70
CA ILE H 218 36.47 2.52 6.53
C ILE H 218 37.47 3.41 5.79
N VAL H 219 38.26 4.13 6.58
CA VAL H 219 39.21 5.11 6.06
C VAL H 219 40.48 4.50 5.47
N THR H 220 40.93 3.37 6.02
CA THR H 220 42.13 2.71 5.50
C THR H 220 41.89 1.56 4.50
N HIS H 221 40.65 1.09 4.36
CA HIS H 221 40.39 -0.05 3.47
C HIS H 221 40.66 0.28 2.01
N LYS H 222 41.27 -0.67 1.29
CA LYS H 222 41.72 -0.41 -0.07
C LYS H 222 40.57 -0.47 -1.07
N ARG H 223 39.42 -0.95 -0.61
CA ARG H 223 38.27 -1.05 -1.49
C ARG H 223 37.37 0.17 -1.35
N VAL H 224 37.69 1.04 -0.40
CA VAL H 224 36.95 2.27 -0.27
C VAL H 224 37.56 3.30 -1.20
N ALA H 225 36.72 3.89 -2.06
CA ALA H 225 37.17 4.83 -3.07
C ALA H 225 37.36 6.22 -2.47
N HIS H 226 36.43 6.59 -1.61
CA HIS H 226 36.33 7.95 -1.16
C HIS H 226 35.76 7.98 0.24
N VAL H 227 36.22 8.91 1.05
CA VAL H 227 35.59 9.13 2.34
C VAL H 227 35.03 10.54 2.40
N THR H 228 33.77 10.64 2.81
CA THR H 228 33.20 11.95 3.12
C THR H 228 32.93 12.06 4.63
N PHE H 229 33.56 13.05 5.24
CA PHE H 229 33.59 13.19 6.68
C PHE H 229 33.04 14.52 7.15
N THR H 230 32.18 14.50 8.15
CA THR H 230 31.91 15.70 8.93
C THR H 230 32.18 15.43 10.40
N GLY H 231 33.09 16.21 10.97
CA GLY H 231 33.44 16.09 12.38
C GLY H 231 34.59 16.99 12.81
N GLU H 232 35.27 16.63 13.90
CA GLU H 232 36.37 17.42 14.45
C GLU H 232 37.52 17.60 13.47
N SER H 233 37.97 18.86 13.34
CA SER H 233 39.07 19.22 12.46
C SER H 233 40.27 18.28 12.62
N SER H 234 40.61 17.98 13.88
CA SER H 234 41.73 17.10 14.17
C SER H 234 41.51 15.71 13.61
N THR H 235 40.35 15.15 13.93
CA THR H 235 39.92 13.87 13.40
C THR H 235 39.98 13.86 11.87
N GLY H 236 39.55 14.97 11.27
CA GLY H 236 39.55 15.11 9.83
C GLY H 236 40.94 15.09 9.24
N ARG H 237 41.89 15.75 9.89
CA ARG H 237 43.27 15.75 9.39
C ARG H 237 43.84 14.34 9.51
N GLU H 238 43.55 13.69 10.63
CA GLU H 238 43.91 12.28 10.83
C GLU H 238 43.42 11.43 9.65
N ILE H 239 42.12 11.57 9.36
CA ILE H 239 41.49 10.84 8.29
C ILE H 239 42.18 11.14 6.96
N ALA H 240 42.47 12.41 6.72
CA ALA H 240 43.07 12.82 5.45
C ALA H 240 44.45 12.19 5.27
N ALA H 241 45.18 12.04 6.37
CA ALA H 241 46.49 11.40 6.33
C ALA H 241 46.37 9.91 6.08
N LYS H 242 45.51 9.25 6.85
CA LYS H 242 45.29 7.81 6.70
C LYS H 242 44.82 7.45 5.30
N ALA H 243 44.00 8.30 4.72
CA ALA H 243 43.38 8.03 3.43
C ALA H 243 44.41 8.12 2.32
N ALA H 244 45.52 8.82 2.60
CA ALA H 244 46.59 8.94 1.63
C ALA H 244 47.16 7.57 1.28
N GLY H 245 47.16 6.66 2.26
CA GLY H 245 47.75 5.34 2.11
C GLY H 245 47.25 4.59 0.90
N THR H 246 45.92 4.53 0.75
CA THR H 246 45.30 3.90 -0.41
C THR H 246 44.93 4.90 -1.50
N LEU H 247 45.36 6.15 -1.32
CA LEU H 247 45.15 7.18 -2.33
C LEU H 247 43.68 7.39 -2.59
N LYS H 248 42.86 7.18 -1.56
CA LYS H 248 41.45 7.49 -1.68
C LYS H 248 41.26 8.99 -1.49
N THR H 249 40.29 9.55 -2.21
CA THR H 249 39.93 10.95 -2.08
C THR H 249 39.04 11.23 -0.86
N VAL H 250 39.01 12.49 -0.42
CA VAL H 250 38.17 12.88 0.72
C VAL H 250 37.41 14.20 0.59
N THR H 251 36.25 14.26 1.23
CA THR H 251 35.56 15.52 1.49
C THR H 251 35.57 15.70 3.01
N LEU H 252 36.08 16.82 3.49
CA LEU H 252 36.16 17.02 4.93
C LEU H 252 35.43 18.30 5.30
N GLU H 253 34.41 18.18 6.16
CA GLU H 253 33.72 19.32 6.73
C GLU H 253 34.14 19.43 8.18
N LEU H 254 35.03 20.39 8.44
CA LEU H 254 35.73 20.49 9.73
C LEU H 254 35.26 21.59 10.71
N GLY H 255 34.18 22.28 10.38
CA GLY H 255 33.65 23.29 11.28
C GLY H 255 34.02 24.72 10.93
N GLY H 256 33.48 25.65 11.72
CA GLY H 256 33.73 27.05 11.47
C GLY H 256 33.72 27.86 12.75
N SER H 257 34.34 29.03 12.68
CA SER H 257 34.00 30.08 13.61
C SER H 257 33.51 31.21 12.72
N ASP H 258 32.20 31.28 12.47
CA ASP H 258 31.78 32.22 11.43
C ASP H 258 31.55 33.58 12.03
N PRO H 259 31.98 34.63 11.31
CA PRO H 259 31.64 36.01 11.66
C PRO H 259 30.21 36.38 11.26
N LEU H 260 29.54 37.07 12.17
CA LEU H 260 28.35 37.81 11.83
C LEU H 260 28.68 39.27 12.08
N ILE H 261 28.82 40.02 11.00
CA ILE H 261 29.29 41.39 11.06
C ILE H 261 28.09 42.30 10.94
N ILE H 262 27.93 43.22 11.89
CA ILE H 262 26.76 44.06 11.92
C ILE H 262 27.15 45.53 11.82
N LEU H 263 26.79 46.15 10.70
CA LEU H 263 27.18 47.53 10.48
C LEU H 263 26.20 48.53 11.12
N ASP H 264 26.52 49.81 11.06
CA ASP H 264 25.80 50.80 11.84
C ASP H 264 24.51 51.26 11.18
N ASP H 265 24.28 50.86 9.95
CA ASP H 265 23.09 51.32 9.24
C ASP H 265 21.95 50.33 9.37
N VAL H 266 22.16 49.28 10.14
CA VAL H 266 21.15 48.22 10.26
C VAL H 266 19.94 48.59 11.10
N ASP H 267 18.86 47.83 10.92
CA ASP H 267 17.76 47.89 11.85
C ASP H 267 18.31 47.07 13.01
N VAL H 268 18.56 47.74 14.14
CA VAL H 268 19.36 47.13 15.21
C VAL H 268 18.59 46.05 15.93
N ASP H 269 17.29 46.21 16.03
CA ASP H 269 16.45 45.21 16.68
C ASP H 269 16.44 43.93 15.85
N TYR H 270 16.22 44.09 14.55
CA TYR H 270 16.21 42.97 13.63
C TYR H 270 17.55 42.28 13.66
N ALA H 271 18.60 43.09 13.63
CA ALA H 271 19.96 42.59 13.71
C ALA H 271 20.18 41.73 14.95
N ALA H 272 19.68 42.18 16.11
CA ALA H 272 19.83 41.38 17.33
C ALA H 272 19.02 40.09 17.28
N ARG H 273 17.81 40.17 16.73
CA ARG H 273 16.97 38.97 16.61
C ARG H 273 17.64 37.91 15.76
N LEU H 274 18.13 38.37 14.61
CA LEU H 274 18.83 37.54 13.66
C LEU H 274 20.06 36.93 14.34
N ALA H 275 20.87 37.77 14.98
CA ALA H 275 22.05 37.31 15.73
C ALA H 275 21.74 36.24 16.78
N VAL H 276 20.62 36.41 17.50
CA VAL H 276 20.27 35.42 18.51
C VAL H 276 19.97 34.07 17.86
N PHE H 277 19.19 34.11 16.77
CA PHE H 277 18.89 32.88 16.02
C PHE H 277 20.18 32.25 15.52
N ALA H 278 20.95 33.03 14.77
CA ALA H 278 22.16 32.54 14.09
C ALA H 278 23.21 32.00 15.06
N SER H 279 23.44 32.71 16.16
CA SER H 279 24.47 32.31 17.13
C SER H 279 24.04 31.23 18.10
N LEU H 280 22.80 31.27 18.57
CA LEU H 280 22.44 30.24 19.55
C LEU H 280 21.53 29.09 19.14
N PHE H 281 20.98 29.12 17.92
CA PHE H 281 20.08 28.03 17.52
C PHE H 281 20.79 26.69 17.65
N HIS H 282 20.05 25.68 18.09
CA HIS H 282 20.63 24.40 18.50
C HIS H 282 21.82 24.60 19.45
N GLN H 283 21.68 25.54 20.38
CA GLN H 283 22.67 25.70 21.44
C GLN H 283 24.04 26.02 20.84
N GLY H 284 24.07 26.71 19.71
CA GLY H 284 25.34 27.00 19.03
C GLY H 284 26.04 25.77 18.45
N GLN H 285 25.30 24.69 18.33
CA GLN H 285 25.83 23.40 17.92
C GLN H 285 25.84 23.21 16.39
N ILE H 286 25.78 24.31 15.67
CA ILE H 286 25.88 24.28 14.21
C ILE H 286 27.29 24.65 13.69
N CYS H 287 27.74 23.94 12.66
CA CYS H 287 29.02 24.21 12.00
C CYS H 287 29.07 25.65 11.48
N THR H 288 27.95 26.09 10.92
CA THR H 288 27.79 27.42 10.37
C THR H 288 27.16 28.42 11.33
N SER H 289 27.07 28.05 12.61
CA SER H 289 26.60 28.96 13.66
C SER H 289 27.41 30.24 13.63
N ALA H 290 26.79 31.36 14.00
CA ALA H 290 27.52 32.62 13.95
C ALA H 290 28.24 32.67 15.29
N LYS H 291 29.53 32.36 15.26
CA LYS H 291 30.25 32.06 16.50
C LYS H 291 31.03 33.25 17.04
N ARG H 292 31.16 34.27 16.23
CA ARG H 292 31.84 35.48 16.65
C ARG H 292 31.02 36.64 16.11
N ILE H 293 30.45 37.44 17.00
CA ILE H 293 29.62 38.55 16.56
C ILE H 293 30.45 39.82 16.54
N ILE H 294 30.42 40.54 15.42
CA ILE H 294 31.26 41.70 15.21
C ILE H 294 30.38 42.91 14.90
N VAL H 295 30.34 43.89 15.80
CA VAL H 295 29.40 45.01 15.69
C VAL H 295 30.13 46.32 15.50
N HIS H 296 29.59 47.17 14.62
CA HIS H 296 30.13 48.52 14.41
C HIS H 296 29.82 49.35 15.65
N LYS H 297 30.82 50.10 16.13
CA LYS H 297 30.71 50.83 17.40
C LYS H 297 29.51 51.76 17.48
N ALA H 298 29.13 52.37 16.35
CA ALA H 298 27.99 53.29 16.33
C ALA H 298 26.68 52.65 16.81
N VAL H 299 26.51 51.37 16.55
CA VAL H 299 25.35 50.65 17.07
C VAL H 299 25.58 49.65 18.19
N ALA H 300 26.81 49.54 18.65
CA ALA H 300 27.17 48.49 19.59
C ALA H 300 26.33 48.45 20.88
N ASP H 301 26.20 49.56 21.59
CA ASP H 301 25.48 49.55 22.88
C ASP H 301 24.04 49.06 22.72
N LYS H 302 23.34 49.66 21.77
CA LYS H 302 22.00 49.23 21.36
C LYS H 302 22.01 47.75 21.04
N PHE H 303 22.95 47.34 20.20
CA PHE H 303 22.97 45.95 19.75
C PHE H 303 23.16 44.96 20.89
N ILE H 304 24.25 45.13 21.63
CA ILE H 304 24.58 44.27 22.75
C ILE H 304 23.42 44.22 23.72
N GLU H 305 22.82 45.36 23.99
CA GLU H 305 21.68 45.40 24.89
C GLU H 305 20.47 44.61 24.37
N ARG H 306 20.10 44.83 23.11
CA ARG H 306 18.93 44.17 22.55
C ARG H 306 19.14 42.67 22.38
N TYR H 307 20.35 42.31 21.97
CA TYR H 307 20.78 40.92 21.86
C TYR H 307 20.68 40.23 23.20
N VAL H 308 21.31 40.82 24.23
CA VAL H 308 21.27 40.25 25.58
C VAL H 308 19.83 40.08 26.04
N HIS H 309 19.02 41.10 25.80
CA HIS H 309 17.58 41.05 26.10
C HIS H 309 16.87 39.85 25.45
N TYR H 310 17.01 39.69 24.15
CA TYR H 310 16.44 38.51 23.50
C TYR H 310 17.01 37.18 24.01
N VAL H 311 18.31 37.15 24.31
CA VAL H 311 18.92 35.91 24.81
C VAL H 311 18.24 35.52 26.12
N LYS H 312 18.06 36.51 26.99
CA LYS H 312 17.41 36.30 28.29
C LYS H 312 16.03 35.64 28.11
N MET H 313 15.37 35.96 27.00
CA MET H 313 14.04 35.42 26.70
C MET H 313 14.02 33.94 26.28
N LEU H 314 15.19 33.37 26.02
CA LEU H 314 15.25 32.00 25.52
C LEU H 314 14.75 30.97 26.54
N ARG H 315 13.88 30.07 26.12
CA ARG H 315 13.41 29.02 27.01
C ARG H 315 14.31 27.80 26.89
N ILE H 316 15.01 27.51 27.96
CA ILE H 316 15.86 26.34 28.00
C ILE H 316 15.16 25.35 28.91
N ASP H 317 14.92 24.14 28.38
CA ASP H 317 14.10 23.18 29.09
C ASP H 317 14.21 21.84 28.41
N ASP H 318 13.52 20.84 28.95
CA ASP H 318 13.41 19.54 28.30
C ASP H 318 12.71 19.74 26.95
N PRO H 319 13.39 19.34 25.86
CA PRO H 319 12.87 19.56 24.49
C PRO H 319 11.62 18.73 24.13
N ARG H 320 11.31 17.68 24.89
CA ARG H 320 10.09 16.89 24.64
C ARG H 320 8.83 17.54 25.20
N LYS H 321 9.01 18.54 26.06
CA LYS H 321 7.89 19.12 26.79
C LYS H 321 6.83 19.79 25.92
N ASP H 322 7.26 20.69 25.04
CA ASP H 322 6.34 21.35 24.13
C ASP H 322 7.11 21.84 22.94
N GLU H 323 6.41 22.46 22.01
CA GLU H 323 7.00 22.83 20.74
C GLU H 323 7.66 24.21 20.80
N LYS H 324 7.50 24.89 21.92
CA LYS H 324 8.01 26.24 22.04
C LYS H 324 9.38 26.37 22.73
N VAL H 325 9.95 25.26 23.20
CA VAL H 325 11.28 25.27 23.80
C VAL H 325 12.31 25.80 22.81
N ASP H 326 13.08 26.81 23.21
CA ASP H 326 14.09 27.38 22.33
C ASP H 326 15.36 26.57 22.30
N LEU H 327 15.81 26.12 23.47
CA LEU H 327 17.06 25.39 23.58
C LEU H 327 16.89 24.15 24.42
N GLY H 328 17.42 23.04 23.92
CA GLY H 328 17.50 21.80 24.67
C GLY H 328 18.91 21.69 25.20
N PRO H 329 19.36 20.49 25.55
CA PRO H 329 20.66 20.40 26.22
C PRO H 329 21.79 20.21 25.22
N LEU H 330 23.01 20.22 25.72
CA LEU H 330 24.19 19.85 24.93
C LEU H 330 24.24 18.34 24.82
N ILE H 331 24.96 17.83 23.82
CA ILE H 331 24.95 16.39 23.53
C ILE H 331 25.47 15.50 24.67
N ASN H 332 26.49 15.97 25.40
CA ASN H 332 27.04 15.21 26.53
C ASN H 332 27.75 16.09 27.56
N GLU H 333 28.20 15.45 28.65
CA GLU H 333 28.86 16.15 29.76
C GLU H 333 30.14 16.84 29.31
N ARG H 334 30.84 16.20 28.38
CA ARG H 334 32.10 16.69 27.83
C ARG H 334 31.92 18.07 27.19
N GLN H 335 30.79 18.27 26.51
CA GLN H 335 30.52 19.56 25.89
C GLN H 335 30.38 20.64 26.97
N VAL H 336 29.59 20.34 27.99
CA VAL H 336 29.40 21.25 29.12
C VAL H 336 30.76 21.64 29.74
N ALA H 337 31.62 20.65 29.93
CA ALA H 337 32.94 20.90 30.52
C ALA H 337 33.75 21.82 29.63
N LEU H 338 33.72 21.54 28.33
CA LEU H 338 34.43 22.36 27.35
C LEU H 338 33.94 23.82 27.39
N MET H 339 32.63 24.00 27.47
CA MET H 339 32.07 25.33 27.50
C MET H 339 32.50 26.04 28.80
N LYS H 340 32.54 25.30 29.91
CA LYS H 340 33.05 25.84 31.16
C LYS H 340 34.50 26.30 31.01
N GLU H 341 35.30 25.55 30.24
CA GLU H 341 36.66 25.99 29.91
C GLU H 341 36.65 27.31 29.13
N PHE H 342 35.74 27.43 28.17
CA PHE H 342 35.65 28.66 27.38
C PHE H 342 35.29 29.86 28.27
N VAL H 343 34.35 29.63 29.18
CA VAL H 343 33.92 30.66 30.13
C VAL H 343 35.06 31.03 31.08
N ASP H 344 35.69 30.03 31.67
CA ASP H 344 36.82 30.21 32.57
C ASP H 344 37.89 31.06 31.90
N ASP H 345 38.28 30.67 30.69
CA ASP H 345 39.31 31.40 29.93
C ASP H 345 38.86 32.83 29.73
N ALA H 346 37.63 33.01 29.28
CA ALA H 346 37.12 34.36 28.99
C ALA H 346 37.10 35.29 30.21
N VAL H 347 36.63 34.78 31.35
CA VAL H 347 36.64 35.54 32.59
C VAL H 347 38.08 35.88 32.99
N SER H 348 38.92 34.85 32.98
CA SER H 348 40.34 34.99 33.27
C SER H 348 41.01 36.11 32.45
N ARG H 349 40.57 36.27 31.21
CA ARG H 349 41.19 37.25 30.30
C ARG H 349 40.52 38.62 30.31
N GLY H 350 39.54 38.80 31.20
CA GLY H 350 38.94 40.11 31.41
C GLY H 350 37.59 40.29 30.73
N GLY H 351 37.02 39.18 30.25
CA GLY H 351 35.73 39.24 29.59
C GLY H 351 34.66 39.63 30.61
N ARG H 352 33.73 40.47 30.18
CA ARG H 352 32.56 40.80 30.98
C ARG H 352 31.46 39.82 30.59
N LEU H 353 31.00 39.03 31.57
CA LEU H 353 29.97 38.03 31.28
C LEU H 353 28.62 38.68 31.50
N LEU H 354 27.92 38.98 30.41
CA LEU H 354 26.72 39.81 30.47
C LEU H 354 25.52 39.01 30.91
N ILE H 355 25.58 37.71 30.68
CA ILE H 355 24.52 36.78 31.01
C ILE H 355 24.96 35.35 30.69
N GLY H 356 24.29 34.38 31.31
CA GLY H 356 24.52 32.97 31.05
C GLY H 356 25.69 32.35 31.77
N GLY H 357 25.93 31.08 31.45
CA GLY H 357 26.98 30.30 32.08
C GLY H 357 26.43 29.25 33.03
N ARG H 358 25.19 29.44 33.48
CA ARG H 358 24.51 28.46 34.34
C ARG H 358 24.42 27.11 33.64
N SER H 359 24.69 26.03 34.37
CA SER H 359 24.62 24.70 33.78
C SER H 359 24.12 23.63 34.77
N TRP H 360 23.29 22.72 34.26
CA TRP H 360 22.82 21.58 35.03
C TRP H 360 22.66 20.39 34.10
N GLY H 361 23.21 19.26 34.48
CA GLY H 361 23.21 18.09 33.62
C GLY H 361 23.93 18.42 32.34
N ASN H 362 23.25 18.23 31.21
CA ASN H 362 23.82 18.59 29.92
C ASN H 362 23.33 19.95 29.46
N PHE H 363 22.52 20.59 30.29
CA PHE H 363 21.97 21.89 29.97
C PHE H 363 22.92 23.04 30.29
N PHE H 364 22.90 24.05 29.41
CA PHE H 364 23.75 25.22 29.53
C PHE H 364 22.96 26.45 29.10
N GLU H 365 23.04 27.52 29.88
CA GLU H 365 22.39 28.76 29.52
C GLU H 365 23.40 29.65 28.82
N PRO H 366 23.04 30.16 27.62
CA PRO H 366 24.05 30.83 26.77
C PRO H 366 24.82 31.93 27.48
N ALA H 367 26.13 31.81 27.44
CA ALA H 367 27.02 32.76 28.06
C ALA H 367 27.51 33.75 27.02
N ILE H 368 27.18 35.02 27.23
CA ILE H 368 27.59 36.06 26.29
C ILE H 368 28.71 36.93 26.91
N PHE H 369 29.79 37.16 26.17
CA PHE H 369 30.86 38.01 26.66
C PHE H 369 31.14 39.20 25.77
N VAL H 370 31.41 40.35 26.40
CA VAL H 370 32.02 41.49 25.73
C VAL H 370 33.34 41.78 26.45
N ASP H 371 34.08 42.79 25.99
CA ASP H 371 35.46 43.02 26.43
C ASP H 371 36.34 41.82 26.09
N VAL H 372 36.11 41.22 24.94
CA VAL H 372 36.96 40.12 24.47
C VAL H 372 38.00 40.67 23.50
N ASP H 373 39.18 40.05 23.51
CA ASP H 373 40.16 40.36 22.48
C ASP H 373 40.55 39.06 21.76
N ARG H 374 41.43 39.21 20.76
CA ARG H 374 41.80 38.09 19.89
C ARG H 374 42.46 36.92 20.60
N ASN H 375 42.94 37.13 21.83
CA ASN H 375 43.63 36.07 22.52
C ASN H 375 42.73 35.14 23.30
N PHE H 376 41.44 35.45 23.32
CA PHE H 376 40.44 34.63 23.99
C PHE H 376 40.25 33.36 23.21
N ARG H 377 40.21 32.23 23.92
CA ARG H 377 40.01 30.94 23.30
C ARG H 377 38.76 30.96 22.41
N ILE H 378 37.72 31.65 22.88
CA ILE H 378 36.49 31.74 22.13
C ILE H 378 36.54 32.69 20.93
N MET H 379 37.64 33.42 20.75
CA MET H 379 37.92 33.99 19.43
C MET H 379 38.91 33.15 18.60
N ARG H 380 39.64 32.25 19.27
CA ARG H 380 40.72 31.49 18.64
C ARG H 380 40.35 30.06 18.21
N GLU H 381 39.19 29.59 18.66
CA GLU H 381 38.85 28.19 18.52
C GLU H 381 37.39 28.08 18.11
N GLU H 382 37.00 26.91 17.61
CA GLU H 382 35.61 26.70 17.32
C GLU H 382 34.87 26.46 18.61
N VAL H 383 33.85 27.27 18.88
CA VAL H 383 33.05 27.03 20.07
C VAL H 383 31.73 26.42 19.65
N PHE H 384 31.62 25.10 19.82
CA PHE H 384 30.46 24.43 19.29
C PHE H 384 29.58 24.27 20.50
N GLY H 385 28.76 25.28 20.74
CA GLY H 385 28.04 25.40 21.99
C GLY H 385 27.70 26.84 22.31
N PRO H 386 26.92 27.05 23.39
CA PRO H 386 26.32 28.37 23.63
C PRO H 386 27.20 29.34 24.43
N VAL H 387 28.41 29.57 23.95
CA VAL H 387 29.24 30.67 24.45
C VAL H 387 29.66 31.61 23.31
N ARG H 388 29.15 32.84 23.33
CA ARG H 388 29.35 33.79 22.25
C ARG H 388 30.07 35.08 22.62
N PRO H 389 31.20 35.35 21.96
CA PRO H 389 31.80 36.69 22.03
C PRO H 389 31.07 37.68 21.13
N ILE H 390 30.87 38.88 21.66
CA ILE H 390 30.55 40.05 20.85
C ILE H 390 31.76 40.97 20.94
N VAL H 391 32.30 41.36 19.79
CA VAL H 391 33.45 42.25 19.70
C VAL H 391 33.03 43.52 18.95
N VAL H 392 33.46 44.67 19.45
CA VAL H 392 33.15 45.95 18.82
C VAL H 392 34.28 46.36 17.89
N VAL H 393 33.94 46.91 16.72
CA VAL H 393 34.95 47.43 15.80
C VAL H 393 34.60 48.83 15.35
N GLU H 394 35.62 49.57 14.96
CA GLU H 394 35.46 50.98 14.59
C GLU H 394 35.01 51.27 13.15
N ASN H 395 35.46 50.46 12.21
CA ASN H 395 35.17 50.69 10.79
C ASN H 395 35.08 49.35 10.03
N ASP H 396 34.78 49.40 8.74
CA ASP H 396 34.65 48.17 7.96
C ASP H 396 35.95 47.37 7.84
N ASP H 397 37.07 48.07 7.62
CA ASP H 397 38.39 47.45 7.57
C ASP H 397 38.64 46.57 8.78
N GLN H 398 38.29 47.09 9.95
CA GLN H 398 38.47 46.38 11.20
C GLN H 398 37.51 45.20 11.35
N ALA H 399 36.24 45.42 10.99
CA ALA H 399 35.28 44.32 10.93
C ALA H 399 35.83 43.14 10.08
N VAL H 400 36.49 43.46 8.97
CA VAL H 400 37.09 42.43 8.11
C VAL H 400 38.32 41.78 8.72
N GLU H 401 39.25 42.59 9.23
CA GLU H 401 40.41 42.06 9.92
C GLU H 401 40.00 41.10 11.05
N VAL H 402 39.01 41.48 11.84
CA VAL H 402 38.51 40.61 12.91
C VAL H 402 37.85 39.35 12.34
N ALA H 403 36.91 39.54 11.41
CA ALA H 403 36.21 38.42 10.75
C ALA H 403 37.19 37.37 10.25
N ASN H 404 38.33 37.84 9.72
CA ASN H 404 39.29 36.94 9.10
C ASN H 404 40.34 36.42 10.04
N ASP H 405 40.39 36.98 11.26
CA ASP H 405 41.48 36.54 12.12
C ASP H 405 40.96 35.34 12.87
N THR H 406 41.09 34.21 12.19
CA THR H 406 40.58 32.93 12.64
C THR H 406 41.25 31.89 11.75
N ASP H 407 41.27 30.63 12.17
CA ASP H 407 41.84 29.60 11.32
C ASP H 407 40.78 29.05 10.40
N TYR H 408 39.54 29.42 10.69
CA TYR H 408 38.39 28.81 10.08
C TYR H 408 37.94 29.57 8.85
N GLY H 409 37.42 28.82 7.89
CA GLY H 409 36.88 29.32 6.63
C GLY H 409 35.43 29.10 6.20
N LEU H 410 34.50 28.82 7.10
CA LEU H 410 33.27 28.18 6.61
C LEU H 410 32.24 29.11 5.96
N SER H 411 31.53 29.88 6.80
CA SER H 411 30.54 30.82 6.34
C SER H 411 30.79 32.16 7.00
N GLY H 412 29.85 33.08 6.85
CA GLY H 412 29.97 34.43 7.34
C GLY H 412 28.76 35.23 6.87
N ALA H 413 28.49 36.36 7.52
CA ALA H 413 27.38 37.19 7.10
C ALA H 413 27.64 38.68 7.39
N VAL H 414 27.08 39.53 6.55
CA VAL H 414 27.12 40.98 6.77
C VAL H 414 25.69 41.46 6.86
N LEU H 415 25.39 42.24 7.90
CA LEU H 415 24.11 42.93 7.99
C LEU H 415 24.36 44.40 7.70
N THR H 416 23.71 44.90 6.65
CA THR H 416 23.83 46.30 6.25
C THR H 416 22.90 46.55 5.07
N ASN H 417 22.53 47.81 4.88
CA ASN H 417 21.73 48.21 3.73
C ASN H 417 22.58 48.80 2.61
N ASN H 418 23.87 48.93 2.86
CA ASN H 418 24.75 49.54 1.89
C ASN H 418 25.35 48.50 0.93
N VAL H 419 25.05 48.66 -0.36
CA VAL H 419 25.47 47.68 -1.37
C VAL H 419 26.98 47.60 -1.45
N ASN H 420 27.62 48.77 -1.41
CA ASN H 420 29.07 48.83 -1.48
C ASN H 420 29.73 48.16 -0.31
N ARG H 421 29.26 48.48 0.89
CA ARG H 421 29.84 47.91 2.10
C ARG H 421 29.59 46.40 2.14
N ALA H 422 28.36 46.00 1.81
CA ALA H 422 27.99 44.59 1.75
C ALA H 422 28.92 43.81 0.82
N PHE H 423 29.14 44.35 -0.38
CA PHE H 423 29.93 43.66 -1.39
C PHE H 423 31.43 43.64 -1.07
N ARG H 424 31.97 44.78 -0.66
CA ARG H 424 33.37 44.84 -0.23
C ARG H 424 33.64 43.84 0.86
N ILE H 425 32.76 43.81 1.87
CA ILE H 425 32.99 42.93 3.01
C ILE H 425 32.84 41.46 2.61
N ALA H 426 31.81 41.16 1.80
CA ALA H 426 31.65 39.82 1.25
C ALA H 426 32.91 39.34 0.53
N GLU H 427 33.49 40.22 -0.29
CA GLU H 427 34.67 39.86 -1.07
C GLU H 427 35.85 39.64 -0.14
N ALA H 428 35.95 40.48 0.89
CA ALA H 428 37.15 40.48 1.71
C ALA H 428 37.16 39.32 2.71
N VAL H 429 35.99 38.91 3.20
CA VAL H 429 35.94 37.83 4.18
C VAL H 429 36.35 36.54 3.52
N GLU H 430 37.31 35.84 4.14
CA GLU H 430 37.80 34.61 3.58
C GLU H 430 36.99 33.44 4.14
N SER H 431 36.02 33.00 3.34
CA SER H 431 35.12 31.92 3.74
C SER H 431 34.58 31.24 2.50
N GLY H 432 34.21 29.97 2.64
CA GLY H 432 33.64 29.23 1.51
C GLY H 432 32.25 29.73 1.18
N MET H 433 31.58 30.31 2.17
CA MET H 433 30.20 30.77 2.01
C MET H 433 30.04 32.11 2.70
N PHE H 434 29.16 32.94 2.16
CA PHE H 434 28.89 34.24 2.74
C PHE H 434 27.46 34.68 2.45
N HIS H 435 26.83 35.34 3.42
CA HIS H 435 25.44 35.75 3.26
C HIS H 435 25.21 37.20 3.69
N ILE H 436 24.71 37.99 2.75
CA ILE H 436 24.37 39.37 3.00
C ILE H 436 22.93 39.48 3.50
N ASN H 437 22.77 40.11 4.66
CA ASN H 437 21.46 40.30 5.33
C ASN H 437 20.66 39.05 5.63
N ASP H 438 21.35 38.03 6.14
CA ASP H 438 20.70 36.81 6.56
C ASP H 438 21.66 36.08 7.50
N VAL H 439 21.21 34.96 8.05
CA VAL H 439 21.98 34.19 9.02
C VAL H 439 23.18 33.52 8.39
N THR H 440 24.15 33.14 9.23
CA THR H 440 25.37 32.49 8.76
C THR H 440 25.13 31.07 8.26
N PHE H 441 24.11 30.42 8.81
CA PHE H 441 23.82 29.02 8.54
C PHE H 441 22.84 28.71 7.42
N LEU H 442 22.50 29.69 6.58
CA LEU H 442 21.69 29.41 5.39
C LEU H 442 22.32 28.22 4.65
N GLU H 443 21.47 27.24 4.35
CA GLU H 443 21.90 26.09 3.58
C GLU H 443 20.78 25.61 2.67
N GLU H 444 21.11 25.32 1.41
CA GLU H 444 20.12 24.73 0.50
C GLU H 444 20.65 23.40 -0.03
N SER H 445 19.72 22.52 -0.43
CA SER H 445 20.05 21.17 -0.87
C SER H 445 21.06 21.08 -2.03
N HIS H 446 20.93 21.98 -2.99
CA HIS H 446 21.68 21.96 -4.25
C HIS H 446 22.83 22.96 -4.39
N VAL H 447 23.14 23.74 -3.35
CA VAL H 447 24.24 24.72 -3.40
C VAL H 447 25.55 24.09 -2.93
N PRO H 448 26.70 24.59 -3.43
CA PRO H 448 27.96 24.06 -2.87
C PRO H 448 28.23 24.50 -1.43
N PHE H 449 28.43 23.53 -0.55
CA PHE H 449 28.54 23.83 0.87
C PHE H 449 29.88 23.30 1.34
N GLY H 450 30.64 24.15 2.00
CA GLY H 450 31.98 23.78 2.43
C GLY H 450 32.78 25.05 2.57
N GLY H 451 34.03 24.93 3.00
CA GLY H 451 34.76 26.09 3.43
C GLY H 451 36.22 25.99 3.06
N ILE H 452 36.97 27.05 3.36
CA ILE H 452 38.39 27.11 3.06
C ILE H 452 39.14 27.09 4.39
N LYS H 453 40.46 27.24 4.34
CA LYS H 453 41.29 27.22 5.53
C LYS H 453 40.99 25.99 6.37
N ALA H 454 40.91 26.14 7.69
CA ALA H 454 40.79 24.96 8.55
C ALA H 454 39.40 24.32 8.45
N SER H 455 38.48 25.00 7.77
CA SER H 455 37.11 24.51 7.65
C SER H 455 37.00 23.27 6.75
N GLY H 456 38.10 22.88 6.13
CA GLY H 456 38.09 21.66 5.35
C GLY H 456 38.11 21.77 3.85
N VAL H 457 37.78 20.64 3.21
CA VAL H 457 38.04 20.40 1.79
C VAL H 457 36.81 19.87 1.06
N GLY H 458 36.53 20.45 -0.10
CA GLY H 458 35.42 19.96 -0.91
C GLY H 458 34.11 20.68 -0.69
N ARG H 459 33.11 20.31 -1.49
CA ARG H 459 31.81 20.97 -1.47
C ARG H 459 30.72 19.94 -1.54
N GLU H 460 29.65 20.16 -0.80
CA GLU H 460 28.56 19.21 -0.84
C GLU H 460 27.21 19.88 -1.07
N GLY H 461 26.27 19.05 -1.49
CA GLY H 461 24.95 19.44 -1.93
C GLY H 461 24.88 19.41 -3.43
N GLY H 462 23.74 18.92 -3.94
CA GLY H 462 23.53 18.81 -5.36
C GLY H 462 24.69 18.20 -6.15
N GLU H 463 24.90 18.82 -7.30
CA GLU H 463 25.93 18.40 -8.23
C GLU H 463 27.34 18.53 -7.67
N TRP H 464 27.51 19.27 -6.57
CA TRP H 464 28.81 19.39 -5.92
C TRP H 464 29.10 18.13 -5.12
N SER H 465 28.07 17.58 -4.49
CA SER H 465 28.18 16.23 -3.94
C SER H 465 28.49 15.25 -5.06
N PHE H 466 27.66 15.25 -6.12
CA PHE H 466 27.93 14.38 -7.28
C PHE H 466 29.39 14.51 -7.75
N HIS H 467 29.90 15.73 -7.72
CA HIS H 467 31.27 15.97 -8.12
C HIS H 467 32.30 15.29 -7.19
N GLU H 468 32.17 15.49 -5.87
CA GLU H 468 33.06 14.83 -4.88
C GLU H 468 33.17 13.31 -5.08
N THR H 469 32.05 12.70 -5.45
CA THR H 469 31.91 11.25 -5.62
C THR H 469 31.93 10.72 -7.06
N THR H 470 32.36 11.54 -8.01
CA THR H 470 32.56 11.03 -9.36
C THR H 470 33.91 11.43 -9.89
N TYR H 471 34.23 10.94 -11.08
CA TYR H 471 35.44 11.35 -11.74
C TYR H 471 35.21 11.50 -13.24
N ASP H 472 36.07 12.29 -13.86
CA ASP H 472 36.04 12.52 -15.29
C ASP H 472 36.83 11.46 -16.04
N ARG H 473 36.23 10.94 -17.10
CA ARG H 473 36.89 9.98 -17.94
C ARG H 473 36.99 10.50 -19.36
N TRP H 474 38.21 10.89 -19.75
CA TRP H 474 38.46 11.40 -21.09
C TRP H 474 38.59 10.25 -22.10
N VAL H 475 37.72 10.25 -23.10
CA VAL H 475 37.73 9.20 -24.09
C VAL H 475 37.81 9.83 -25.46
N THR H 476 38.67 9.27 -26.30
CA THR H 476 38.75 9.74 -27.67
C THR H 476 38.52 8.60 -28.65
N VAL H 477 38.16 8.98 -29.87
CA VAL H 477 38.04 8.04 -30.99
C VAL H 477 38.76 8.68 -32.18
N THR H 478 39.78 8.01 -32.68
CA THR H 478 40.53 8.55 -33.79
C THR H 478 40.12 7.87 -35.08
N LEU H 479 39.66 8.65 -36.04
CA LEU H 479 39.08 8.13 -37.28
C LEU H 479 40.03 8.12 -38.45
N ARG H 480 41.24 8.63 -38.25
CA ARG H 480 42.22 8.62 -39.32
C ARG H 480 43.43 7.85 -38.86
N THR H 481 44.20 7.40 -39.83
CA THR H 481 45.45 6.71 -39.61
C THR H 481 46.56 7.75 -39.61
N ARG H 482 47.55 7.60 -38.74
CA ARG H 482 48.60 8.61 -38.63
C ARG H 482 49.96 7.97 -38.88
N ARG H 483 50.96 8.79 -39.18
CA ARG H 483 52.33 8.32 -39.29
C ARG H 483 53.03 8.65 -37.97
N PHE H 484 54.00 7.83 -37.58
CA PHE H 484 54.64 7.98 -36.28
C PHE H 484 56.12 8.37 -36.40
N PRO H 485 56.64 9.14 -35.43
CA PRO H 485 58.02 9.64 -35.57
C PRO H 485 59.10 8.56 -35.44
N ILE H 486 58.81 7.45 -34.78
CA ILE H 486 59.78 6.35 -34.68
C ILE H 486 59.17 5.05 -35.20
N PRO H 487 60.00 4.18 -35.79
CA PRO H 487 61.42 4.44 -36.08
C PRO H 487 61.53 5.36 -37.29
N SER H 488 62.44 6.31 -37.22
CA SER H 488 62.54 7.36 -38.22
C SER H 488 62.97 6.86 -39.60
N ALA H 489 63.58 5.68 -39.66
CA ALA H 489 64.07 5.15 -40.93
C ALA H 489 62.92 4.59 -41.77
N LEU H 490 61.80 4.35 -41.10
CA LEU H 490 60.66 3.68 -41.68
C LEU H 490 59.76 4.63 -42.45
N LYS H 491 59.50 4.32 -43.72
CA LYS H 491 58.56 5.09 -44.52
C LYS H 491 57.47 4.18 -45.12
PA NDP I . -37.51 1.95 -4.33
O1A NDP I . -38.52 0.86 -4.20
O2A NDP I . -38.07 3.00 -5.22
O5B NDP I . -36.17 1.39 -4.95
C5B NDP I . -35.62 0.13 -4.62
C4B NDP I . -35.06 -0.67 -5.75
O4B NDP I . -36.08 -1.34 -6.43
C3B NDP I . -34.43 0.23 -6.73
O3B NDP I . -33.21 -0.35 -7.16
C2B NDP I . -35.38 0.32 -7.78
O2B NDP I . -34.77 0.59 -9.02
C1B NDP I . -36.02 -1.00 -7.78
N9A NDP I . -37.38 -1.09 -8.32
C8A NDP I . -38.37 -0.20 -8.51
N7A NDP I . -39.41 -0.87 -9.05
C5A NDP I . -39.08 -2.18 -9.18
C6A NDP I . -39.75 -3.32 -9.67
N6A NDP I . -41.15 -3.25 -10.17
N1A NDP I . -39.13 -4.52 -9.66
C2A NDP I . -37.86 -4.59 -9.20
N3A NDP I . -37.18 -3.54 -8.74
C4A NDP I . -37.77 -2.33 -8.71
O3 NDP I . -37.23 2.54 -2.88
PN NDP I . -36.06 3.62 -2.57
O1N NDP I . -36.45 4.95 -3.18
O2N NDP I . -34.74 3.15 -3.17
O5D NDP I . -35.92 3.78 -1.02
P2B NDP I . -35.03 1.97 -9.77
O1X NDP I . -36.42 2.08 -10.29
O2X NDP I . -34.73 3.06 -8.83
O3X NDP I . -34.11 2.03 -10.91
NI NI J . -37.16 -18.80 7.54
PA NDP K . -56.58 -27.80 -3.14
O1A NDP K . -55.81 -26.59 -3.54
O2A NDP K . -57.65 -28.09 -4.13
O5B NDP K . -57.23 -27.56 -1.74
C5B NDP K . -56.54 -26.87 -0.73
C4B NDP K . -57.30 -25.85 0.06
O4B NDP K . -57.28 -24.61 -0.59
C3B NDP K . -58.72 -26.23 0.18
O3B NDP K . -59.12 -26.05 1.52
C2B NDP K . -59.39 -25.34 -0.68
O2B NDP K . -60.69 -25.05 -0.21
C1B NDP K . -58.58 -24.13 -0.59
N9A NDP K . -58.76 -23.15 -1.66
C8A NDP K . -59.16 -23.18 -2.94
N7A NDP K . -59.11 -21.90 -3.39
C5A NDP K . -58.68 -21.08 -2.38
C6A NDP K . -58.43 -19.70 -2.22
N6A NDP K . -58.63 -18.71 -3.33
N1A NDP K . -58.01 -19.22 -1.04
C2A NDP K . -57.82 -20.05 -0.01
N3A NDP K . -58.05 -21.37 -0.10
C4A NDP K . -58.46 -21.89 -1.27
O3 NDP K . -55.59 -29.02 -3.06
PN NDP K . -56.16 -30.48 -2.69
O1N NDP K . -57.04 -30.96 -3.83
O2N NDP K . -56.97 -30.35 -1.42
O5D NDP K . -54.98 -31.45 -2.47
P2B NDP K . -61.88 -25.92 -0.79
O1X NDP K . -62.10 -25.60 -2.23
O2X NDP K . -61.52 -27.32 -0.59
O3X NDP K . -63.09 -25.60 -0.05
PA NDP L . 3.53 -36.93 27.78
O1A NDP L . 2.49 -37.24 28.79
O2A NDP L . 4.75 -37.75 28.02
O5B NDP L . 3.90 -35.42 27.91
C5B NDP L . 3.05 -34.40 27.47
C4B NDP L . 3.31 -33.16 28.26
O4B NDP L . 3.08 -33.44 29.60
C3B NDP L . 4.73 -32.86 28.14
O3B NDP L . 4.85 -31.49 27.80
C2B NDP L . 5.28 -33.20 29.41
O2B NDP L . 6.37 -32.40 29.79
C1B NDP L . 4.16 -32.96 30.32
N9A NDP L . 4.25 -33.61 31.63
C8A NDP L . 4.90 -34.68 32.11
N7A NDP L . 4.60 -34.79 33.42
C5A NDP L . 3.75 -33.78 33.76
C6A NDP L . 3.12 -33.39 34.95
N6A NDP L . 3.32 -34.16 36.21
N1A NDP L . 2.33 -32.31 34.96
C2A NDP L . 2.14 -31.61 33.81
N3A NDP L . 2.73 -31.93 32.67
C4A NDP L . 3.53 -33.02 32.61
O3 NDP L . 3.00 -37.20 26.31
PN NDP L . 3.92 -37.28 24.97
O1N NDP L . 5.05 -38.25 25.20
O2N NDP L . 4.49 -35.90 24.66
O5D NDP L . 3.03 -37.75 23.77
P2B NDP L . 7.85 -32.83 29.42
O1X NDP L . 8.22 -34.11 30.10
O2X NDP L . 7.95 -32.88 27.95
O3X NDP L . 8.77 -31.78 29.91
NI NI M . -19.12 -29.77 28.26
PA NDP N . -22.09 -34.44 51.44
O1A NDP N . -20.62 -34.33 51.60
O2A NDP N . -22.63 -35.30 52.52
O5B NDP N . -22.38 -35.11 50.05
C5B NDP N . -23.58 -35.81 49.82
C4B NDP N . -23.49 -37.22 49.31
O4B NDP N . -22.17 -37.63 49.16
C3B NDP N . -24.11 -38.13 50.29
O3B NDP N . -24.93 -39.03 49.57
C2B NDP N . -22.98 -38.72 50.89
O2B NDP N . -23.22 -39.94 51.58
C1B NDP N . -22.02 -38.86 49.80
N9A NDP N . -20.61 -39.07 50.19
C8A NDP N . -19.88 -38.80 51.28
N7A NDP N . -18.62 -39.22 51.06
C5A NDP N . -18.55 -39.76 49.81
C6A NDP N . -17.53 -40.35 49.04
N6A NDP N . -16.14 -40.48 49.56
N1A NDP N . -17.80 -40.81 47.80
C2A NDP N . -19.04 -40.69 47.31
N3A NDP N . -20.05 -40.14 48.00
C4A NDP N . -19.84 -39.66 49.25
O3 NDP N . -22.74 -33.00 51.55
PN NDP N . -24.29 -32.68 51.99
O1N NDP N . -24.32 -32.42 53.49
O2N NDP N . -25.22 -33.82 51.62
O5D NDP N . -24.80 -31.40 51.24
P2B NDP N . -23.41 -39.80 53.14
O1X NDP N . -22.87 -38.49 53.56
O2X NDP N . -24.86 -39.82 53.39
O3X NDP N . -22.70 -40.85 53.91
PA NDP O . 18.83 50.61 -40.04
O1A NDP O . 17.71 49.65 -39.76
O2A NDP O . 18.28 51.84 -40.64
O5B NDP O . 19.77 49.88 -41.06
C5B NDP O . 20.82 49.03 -40.62
C4B NDP O . 21.40 48.10 -41.64
O4B NDP O . 20.38 47.42 -42.31
C3B NDP O . 22.11 48.88 -42.68
O3B NDP O . 23.26 48.14 -43.03
C2B NDP O . 21.15 48.97 -43.72
O2B NDP O . 21.70 49.18 -45.01
C1B NDP O . 20.48 47.67 -43.67
N9A NDP O . 19.15 47.62 -44.28
C8A NDP O . 18.22 48.56 -44.53
N7A NDP O . 17.17 47.92 -45.09
C5A NDP O . 17.45 46.59 -45.20
C6A NDP O . 16.74 45.48 -45.70
N6A NDP O . 15.38 45.62 -46.27
N1A NDP O . 17.31 44.26 -45.66
C2A NDP O . 18.54 44.12 -45.13
N3A NDP O . 19.26 45.16 -44.66
C4A NDP O . 18.73 46.40 -44.68
O3 NDP O . 19.57 50.95 -38.66
PN NDP O . 20.65 52.15 -38.36
O1N NDP O . 20.09 53.51 -38.76
O2N NDP O . 21.89 51.86 -39.17
O5D NDP O . 21.01 52.22 -36.84
P2B NDP O . 21.64 50.62 -45.67
O1X NDP O . 20.23 51.12 -45.69
O2X NDP O . 22.52 51.49 -44.88
O3X NDP O . 22.10 50.55 -47.07
NI NI P . 19.07 29.76 -28.38
PA NDP Q . -0.33 21.24 -39.15
O1A NDP Q . 0.61 22.37 -39.37
O2A NDP Q . -1.48 21.38 -40.07
O5B NDP Q . -0.85 21.26 -37.66
C5B NDP Q . -0.20 22.02 -36.65
C4B NDP Q . -0.99 23.02 -35.88
O4B NDP Q . -0.96 24.26 -36.51
C3B NDP Q . -2.41 22.63 -35.82
O3B NDP Q . -2.82 22.73 -34.47
C2B NDP Q . -3.04 23.57 -36.67
O2B NDP Q . -4.38 23.85 -36.28
C1B NDP Q . -2.25 24.79 -36.54
N9A NDP Q . -2.36 25.76 -37.62
C8A NDP Q . -2.70 25.69 -38.93
N7A NDP Q . -2.62 26.95 -39.42
C5A NDP Q . -2.23 27.80 -38.43
C6A NDP Q . -1.99 29.18 -38.35
N6A NDP Q . -2.14 30.09 -39.53
N1A NDP Q . -1.62 29.73 -37.18
C2A NDP Q . -1.47 28.94 -36.10
N3A NDP Q . -1.70 27.62 -36.12
C4A NDP Q . -2.08 27.03 -37.27
O3 NDP Q . 0.45 19.88 -39.43
PN NDP Q . 0.03 18.44 -38.80
O1N NDP Q . -0.93 17.80 -39.78
O2N NDP Q . -0.61 18.62 -37.44
O5D NDP Q . 1.28 17.53 -38.63
P2B NDP Q . -5.52 23.07 -37.04
O1X NDP Q . -5.28 23.16 -38.50
O2X NDP Q . -5.46 21.67 -36.58
O3X NDP Q . -6.82 23.68 -36.73
PA NDP R . 60.01 11.20 -8.16
O1A NDP R . 59.10 10.78 -7.06
O2A NDP R . 61.34 10.57 -7.96
O5B NDP R . 60.19 12.76 -8.05
C5B NDP R . 59.30 13.73 -8.58
C4B NDP R . 59.44 15.06 -7.92
O4B NDP R . 59.21 14.91 -6.55
C3B NDP R . 60.84 15.56 -8.04
O3B NDP R . 60.82 16.95 -8.25
C2B NDP R . 61.41 15.20 -6.79
O2B NDP R . 62.54 15.99 -6.47
C1B NDP R . 60.30 15.39 -5.85
N9A NDP R . 60.41 14.70 -4.57
C8A NDP R . 61.04 13.59 -4.16
N7A NDP R . 60.78 13.43 -2.85
C5A NDP R . 59.97 14.44 -2.42
C6A NDP R . 59.38 14.79 -1.18
N6A NDP R . 59.60 13.95 0.04
N1A NDP R . 58.62 15.88 -1.08
C2A NDP R . 58.42 16.64 -2.18
N3A NDP R . 58.95 16.37 -3.37
C4A NDP R . 59.73 15.26 -3.52
O3 NDP R . 59.38 10.73 -9.56
PN NDP R . 60.12 10.79 -11.01
O1N NDP R . 61.42 9.99 -10.95
O2N NDP R . 60.39 12.25 -11.35
O5D NDP R . 59.21 10.21 -12.14
P2B NDP R . 64.03 15.40 -6.51
O1X NDP R . 64.23 14.43 -5.41
O2X NDP R . 64.28 14.83 -7.84
O3X NDP R . 64.97 16.51 -6.28
NI NI S . 37.08 18.72 -7.47
PA NDP T . 34.06 13.90 15.33
O1A NDP T . 35.53 14.00 15.37
O2A NDP T . 33.60 13.01 16.43
O5B NDP T . 33.65 13.28 13.94
C5B NDP T . 32.43 12.60 13.76
C4B NDP T . 32.51 11.18 13.31
O4B NDP T . 33.85 10.81 13.17
C3B NDP T . 31.94 10.30 14.35
O3B NDP T . 31.05 9.40 13.71
C2B NDP T . 33.09 9.68 14.91
O2B NDP T . 32.84 8.44 15.53
C1B NDP T . 34.02 9.58 13.79
N9A NDP T . 35.42 9.36 14.17
C8A NDP T . 36.14 9.66 15.27
N7A NDP T . 37.39 9.21 15.07
C5A NDP T . 37.47 8.64 13.84
C6A NDP T . 38.49 8.02 13.11
N6A NDP T . 39.86 7.90 13.69
N1A NDP T . 38.25 7.52 11.87
C2A NDP T . 37.02 7.65 11.36
N3A NDP T . 36.00 8.22 12.02
C4A NDP T . 36.19 8.73 13.25
O3 NDP T . 33.42 15.34 15.50
PN NDP T . 31.97 15.63 16.19
O1N NDP T . 32.20 16.00 17.65
O2N NDP T . 31.09 14.40 16.10
O5D NDP T . 31.25 16.80 15.46
P2B NDP T . 32.69 8.47 17.10
O1X NDP T . 33.78 9.30 17.68
O2X NDP T . 31.37 9.07 17.37
O3X NDP T . 32.81 7.11 17.68
#